data_8DUE
#
_entry.id   8DUE
#
_cell.length_a   1.00
_cell.length_b   1.00
_cell.length_c   1.00
_cell.angle_alpha   90.00
_cell.angle_beta   90.00
_cell.angle_gamma   90.00
#
_symmetry.space_group_name_H-M   'P 1'
#
loop_
_entity.id
_entity.type
_entity.pdbx_description
1 polymer 'DnaB-like replicative helicase'
2 polymer "DNA (5'-D(P*TP*TP*TP*TP*TP*TP*TP*TP*TP*T)-3')"
3 non-polymer 'PHOSPHOTHIOPHOSPHORIC ACID-ADENYLATE ESTER'
4 non-polymer 'MAGNESIUM ION'
#
loop_
_entity_poly.entity_id
_entity_poly.type
_entity_poly.pdbx_seq_one_letter_code
_entity_poly.pdbx_strand_id
1 'polypeptide(L)'
;MVEIILSHLIFDQAYFSKVWPYMDSEYFESGPAKNTFKLIKSHVNEYHSVPSINALNVALENSSFTETEYSGVKTLISKL
ADSPEDHSWLVKETEKYVQQRAMFNATSKIIEIQTNAELPPEKRNKKMPDVGAIPDIMRQALSISFDSYVGHDWMDDYEA
RWLSYMNKARKVPFKLRILNKITKGGAETGTLNVLMAGVNVGKSLGLCSLAADYLQLGHNVLYISMEMAEEVCAKRIDAN
MLDVSLDDIDDGHISYAEYKGKMEKWREKSTLGRLIVKQYPTGGADANTFRSLLNELKLKKNFVPTIIIVDYLGICKSCR
IRVYSENSYTTVKAIAEELRALAVETETVLWTAAQVGKQAWDSSDVNMSDIAESAGLPATADFMLAVIETEELAAAEQQL
IKQIKSRYGDKNKWNKFLMGVQKGNQKWVEIE
;
A,B,C,D,E,F
2 'polydeoxyribonucleotide' (DT)(DT)(DT)(DT)(DT)(DT)(DT)(DT)(DT)(DT) M
#
loop_
_chem_comp.id
_chem_comp.type
_chem_comp.name
_chem_comp.formula
AGS non-polymer 'PHOSPHOTHIOPHOSPHORIC ACID-ADENYLATE ESTER' 'C10 H16 N5 O12 P3 S'
DT DNA linking THYMIDINE-5'-MONOPHOSPHATE 'C10 H15 N2 O8 P'
MG non-polymer 'MAGNESIUM ION' 'Mg 2'
#
# COMPACT_ATOMS: atom_id res chain seq x y z
N MET A 1 -24.30 12.26 26.74
CA MET A 1 -23.19 13.19 26.90
C MET A 1 -23.68 14.53 27.43
N VAL A 2 -24.98 14.79 27.26
CA VAL A 2 -25.56 16.04 27.74
C VAL A 2 -25.56 16.11 29.26
N GLU A 3 -25.44 14.96 29.94
CA GLU A 3 -25.48 14.94 31.39
C GLU A 3 -24.32 15.72 31.99
N ILE A 4 -23.11 15.52 31.47
CA ILE A 4 -21.95 16.24 32.01
C ILE A 4 -22.06 17.73 31.70
N ILE A 5 -22.61 18.08 30.54
CA ILE A 5 -22.77 19.49 30.19
C ILE A 5 -23.75 20.16 31.15
N LEU A 6 -24.88 19.48 31.44
CA LEU A 6 -25.85 20.03 32.36
C LEU A 6 -25.27 20.14 33.77
N SER A 7 -24.49 19.14 34.19
CA SER A 7 -23.86 19.19 35.51
C SER A 7 -22.88 20.35 35.60
N HIS A 8 -22.09 20.57 34.55
CA HIS A 8 -21.18 21.71 34.54
C HIS A 8 -21.94 23.03 34.55
N LEU A 9 -23.09 23.09 33.88
CA LEU A 9 -23.94 24.27 33.99
C LEU A 9 -24.39 24.49 35.42
N ILE A 10 -24.77 23.41 36.11
CA ILE A 10 -25.19 23.51 37.50
C ILE A 10 -24.00 23.80 38.40
N PHE A 11 -22.88 23.11 38.19
CA PHE A 11 -21.75 23.14 39.12
C PHE A 11 -20.58 23.97 38.59
N ASP A 12 -20.87 25.05 37.88
CA ASP A 12 -19.84 26.00 37.48
C ASP A 12 -20.49 27.33 37.15
N GLN A 13 -19.70 28.39 37.27
CA GLN A 13 -20.12 29.74 36.94
C GLN A 13 -19.36 30.32 35.76
N ALA A 14 -18.07 29.98 35.62
CA ALA A 14 -17.30 30.46 34.48
C ALA A 14 -17.85 29.92 33.16
N TYR A 15 -18.20 28.62 33.12
CA TYR A 15 -18.74 28.05 31.91
C TYR A 15 -20.14 28.57 31.63
N PHE A 16 -20.94 28.79 32.67
CA PHE A 16 -22.27 29.37 32.50
C PHE A 16 -22.19 30.76 31.91
N SER A 17 -21.24 31.58 32.39
CA SER A 17 -21.13 32.96 31.95
C SER A 17 -20.48 33.08 30.57
N LYS A 18 -19.46 32.25 30.30
CA LYS A 18 -18.64 32.47 29.11
C LYS A 18 -19.44 32.26 27.83
N VAL A 19 -20.14 31.13 27.72
CA VAL A 19 -21.01 30.85 26.57
C VAL A 19 -22.37 30.43 27.11
N TRP A 20 -23.20 31.40 27.44
CA TRP A 20 -24.62 31.16 27.69
C TRP A 20 -25.46 31.24 26.42
N PRO A 21 -25.34 32.31 25.61
CA PRO A 21 -26.28 32.46 24.49
C PRO A 21 -26.14 31.40 23.42
N TYR A 22 -24.96 30.82 23.24
CA TYR A 22 -24.74 29.87 22.14
C TYR A 22 -25.23 28.47 22.50
N MET A 23 -26.48 28.40 22.97
CA MET A 23 -27.18 27.15 23.22
C MET A 23 -28.66 27.36 22.97
N ASP A 24 -29.37 26.27 22.73
CA ASP A 24 -30.79 26.33 22.42
C ASP A 24 -31.44 25.02 22.80
N SER A 25 -32.78 25.04 22.89
CA SER A 25 -33.52 23.85 23.31
C SER A 25 -33.34 22.70 22.34
N GLU A 26 -33.10 22.98 21.07
CA GLU A 26 -32.93 21.95 20.05
C GLU A 26 -31.46 21.58 19.83
N TYR A 27 -30.63 21.72 20.86
CA TYR A 27 -29.23 21.36 20.77
C TYR A 27 -28.86 20.17 21.65
N PHE A 28 -29.67 19.83 22.65
CA PHE A 28 -29.33 18.78 23.60
C PHE A 28 -30.03 17.46 23.28
N GLU A 29 -31.36 17.47 23.29
CA GLU A 29 -32.19 16.30 23.04
C GLU A 29 -33.64 16.75 23.07
N SER A 30 -34.51 15.94 22.48
CA SER A 30 -35.95 16.16 22.52
C SER A 30 -36.62 15.48 23.71
N GLY A 31 -35.85 14.81 24.56
CA GLY A 31 -36.40 14.10 25.70
C GLY A 31 -36.16 14.82 27.01
N PRO A 32 -35.56 14.10 27.98
CA PRO A 32 -35.33 14.71 29.29
C PRO A 32 -34.44 15.94 29.24
N ALA A 33 -33.48 15.98 28.33
CA ALA A 33 -32.60 17.16 28.22
C ALA A 33 -33.40 18.39 27.83
N LYS A 34 -34.41 18.23 26.96
CA LYS A 34 -35.24 19.35 26.57
C LYS A 34 -35.94 19.96 27.77
N ASN A 35 -36.58 19.13 28.59
CA ASN A 35 -37.29 19.63 29.77
C ASN A 35 -36.32 20.21 30.79
N THR A 36 -35.16 19.59 30.97
CA THR A 36 -34.18 20.13 31.90
C THR A 36 -33.70 21.52 31.45
N PHE A 37 -33.45 21.68 30.15
CA PHE A 37 -33.03 22.98 29.65
C PHE A 37 -34.15 24.01 29.74
N LYS A 38 -35.40 23.57 29.54
CA LYS A 38 -36.53 24.47 29.73
C LYS A 38 -36.60 24.97 31.17
N LEU A 39 -36.43 24.06 32.13
CA LEU A 39 -36.44 24.46 33.53
C LEU A 39 -35.29 25.40 33.84
N ILE A 40 -34.09 25.10 33.31
CA ILE A 40 -32.93 25.94 33.57
C ILE A 40 -33.14 27.34 32.99
N LYS A 41 -33.66 27.43 31.76
CA LYS A 41 -33.87 28.74 31.16
C LYS A 41 -34.96 29.52 31.87
N SER A 42 -36.02 28.85 32.31
CA SER A 42 -37.05 29.53 33.09
C SER A 42 -36.48 30.07 34.40
N HIS A 43 -35.67 29.25 35.07
CA HIS A 43 -35.08 29.69 36.35
C HIS A 43 -34.13 30.85 36.15
N VAL A 44 -33.32 30.84 35.09
CA VAL A 44 -32.39 31.94 34.87
C VAL A 44 -33.11 33.19 34.36
N ASN A 45 -34.27 33.03 33.71
CA ASN A 45 -35.06 34.20 33.35
C ASN A 45 -35.69 34.84 34.57
N GLU A 46 -36.28 34.02 35.46
CA GLU A 46 -36.88 34.56 36.68
C GLU A 46 -35.81 34.93 37.71
N TYR A 47 -34.62 34.33 37.62
CA TYR A 47 -33.57 34.52 38.59
C TYR A 47 -32.23 34.37 37.88
N HIS A 48 -31.60 35.50 37.56
CA HIS A 48 -30.43 35.52 36.67
C HIS A 48 -29.21 35.03 37.43
N SER A 49 -29.13 33.72 37.59
CA SER A 49 -27.98 33.07 38.19
C SER A 49 -28.01 31.58 37.86
N VAL A 50 -26.97 30.87 38.26
CA VAL A 50 -26.88 29.44 37.98
C VAL A 50 -27.93 28.69 38.79
N PRO A 51 -28.77 27.86 38.17
CA PRO A 51 -29.72 27.06 38.95
C PRO A 51 -29.02 26.06 39.84
N SER A 52 -29.63 25.79 40.99
CA SER A 52 -29.08 24.88 41.98
C SER A 52 -29.90 23.60 42.01
N ILE A 53 -29.40 22.62 42.78
CA ILE A 53 -30.08 21.33 42.88
C ILE A 53 -31.46 21.49 43.50
N ASN A 54 -31.55 22.27 44.58
CA ASN A 54 -32.85 22.51 45.21
C ASN A 54 -33.79 23.25 44.27
N ALA A 55 -33.27 24.27 43.59
CA ALA A 55 -34.09 24.98 42.60
C ALA A 55 -34.47 24.06 41.45
N LEU A 56 -33.57 23.18 41.05
CA LEU A 56 -33.88 22.20 40.01
C LEU A 56 -35.03 21.29 40.43
N ASN A 57 -35.00 20.81 41.67
CA ASN A 57 -36.08 19.96 42.15
C ASN A 57 -37.38 20.74 42.29
N VAL A 58 -37.31 22.01 42.69
CA VAL A 58 -38.50 22.84 42.79
C VAL A 58 -39.14 23.02 41.41
N ALA A 59 -38.32 23.30 40.41
CA ALA A 59 -38.83 23.40 39.04
C ALA A 59 -39.37 22.06 38.55
N LEU A 60 -38.73 20.95 38.97
CA LEU A 60 -39.23 19.63 38.61
C LEU A 60 -40.59 19.34 39.22
N GLU A 61 -40.86 19.91 40.41
CA GLU A 61 -42.16 19.71 41.04
C GLU A 61 -43.29 20.17 40.14
N ASN A 62 -43.10 21.27 39.41
CA ASN A 62 -44.07 21.74 38.41
C ASN A 62 -43.95 20.84 37.17
N SER A 63 -44.45 19.63 37.32
CA SER A 63 -44.32 18.59 36.28
C SER A 63 -45.55 18.65 35.38
N SER A 64 -45.41 19.38 34.27
CA SER A 64 -46.45 19.41 33.25
C SER A 64 -46.35 18.24 32.28
N PHE A 65 -45.32 17.41 32.41
CA PHE A 65 -45.14 16.26 31.53
C PHE A 65 -45.71 15.00 32.19
N THR A 66 -45.61 13.89 31.47
CA THR A 66 -46.17 12.63 31.93
C THR A 66 -45.30 12.00 33.01
N GLU A 67 -45.82 10.93 33.61
CA GLU A 67 -45.09 10.24 34.68
C GLU A 67 -43.81 9.60 34.15
N THR A 68 -43.85 9.01 32.95
CA THR A 68 -42.64 8.44 32.37
C THR A 68 -41.61 9.54 32.08
N GLU A 69 -42.06 10.68 31.56
CA GLU A 69 -41.16 11.80 31.34
C GLU A 69 -40.63 12.33 32.67
N TYR A 70 -41.47 12.35 33.70
CA TYR A 70 -41.03 12.77 35.03
C TYR A 70 -39.93 11.86 35.55
N SER A 71 -40.10 10.55 35.39
CA SER A 71 -39.06 9.61 35.81
C SER A 71 -37.79 9.80 34.99
N GLY A 72 -37.94 10.06 33.68
CA GLY A 72 -36.76 10.26 32.85
C GLY A 72 -35.96 11.48 33.27
N VAL A 73 -36.65 12.61 33.51
CA VAL A 73 -35.93 13.82 33.91
C VAL A 73 -35.37 13.65 35.32
N LYS A 74 -36.07 12.94 36.20
CA LYS A 74 -35.54 12.67 37.53
C LYS A 74 -34.26 11.86 37.46
N THR A 75 -34.23 10.83 36.60
CA THR A 75 -33.01 10.06 36.41
C THR A 75 -31.90 10.93 35.81
N LEU A 76 -32.27 11.82 34.88
CA LEU A 76 -31.27 12.69 34.26
C LEU A 76 -30.64 13.61 35.28
N ILE A 77 -31.43 14.15 36.21
CA ILE A 77 -30.91 15.09 37.20
C ILE A 77 -30.33 14.39 38.42
N SER A 78 -30.60 13.10 38.60
CA SER A 78 -30.03 12.37 39.74
C SER A 78 -28.57 12.01 39.55
N LYS A 79 -28.03 12.19 38.34
CA LYS A 79 -26.65 11.85 38.03
C LYS A 79 -25.83 13.11 37.71
N LEU A 80 -26.09 14.18 38.47
CA LEU A 80 -25.37 15.42 38.32
C LEU A 80 -24.32 15.54 39.43
N ALA A 81 -23.06 15.74 39.04
CA ALA A 81 -21.97 15.85 39.97
C ALA A 81 -21.08 17.03 39.59
N ASP A 82 -20.12 17.33 40.46
CA ASP A 82 -19.20 18.44 40.20
C ASP A 82 -18.42 18.22 38.91
N SER A 83 -17.62 17.16 38.85
CA SER A 83 -16.83 16.79 37.69
C SER A 83 -16.00 17.96 37.20
N PRO A 84 -14.96 18.36 37.93
CA PRO A 84 -14.17 19.54 37.52
C PRO A 84 -13.34 19.28 36.29
N GLU A 85 -14.00 19.20 35.13
CA GLU A 85 -13.30 18.98 33.88
C GLU A 85 -12.52 20.23 33.48
N ASP A 86 -11.55 20.03 32.58
CA ASP A 86 -10.72 21.13 32.12
C ASP A 86 -11.51 22.05 31.20
N HIS A 87 -10.90 23.19 30.88
CA HIS A 87 -11.59 24.23 30.12
C HIS A 87 -11.59 23.93 28.62
N SER A 88 -10.39 23.82 28.03
CA SER A 88 -10.29 23.71 26.57
C SER A 88 -10.93 22.43 26.06
N TRP A 89 -10.72 21.31 26.76
CA TRP A 89 -11.29 20.04 26.32
C TRP A 89 -12.80 20.09 26.34
N LEU A 90 -13.39 20.62 27.41
CA LEU A 90 -14.84 20.73 27.49
C LEU A 90 -15.37 21.69 26.42
N VAL A 91 -14.64 22.78 26.16
CA VAL A 91 -15.07 23.74 25.15
C VAL A 91 -15.11 23.08 23.78
N LYS A 92 -14.05 22.36 23.43
CA LYS A 92 -14.03 21.72 22.11
C LYS A 92 -15.05 20.59 22.02
N GLU A 93 -15.27 19.85 23.11
CA GLU A 93 -16.26 18.79 23.09
C GLU A 93 -17.67 19.34 22.89
N THR A 94 -18.02 20.41 23.62
CA THR A 94 -19.34 20.99 23.44
C THR A 94 -19.46 21.70 22.10
N GLU A 95 -18.36 22.22 21.56
CA GLU A 95 -18.38 22.77 20.21
C GLU A 95 -18.73 21.69 19.19
N LYS A 96 -18.04 20.54 19.26
CA LYS A 96 -18.34 19.45 18.34
C LYS A 96 -19.76 18.95 18.53
N TYR A 97 -20.21 18.88 19.78
CA TYR A 97 -21.57 18.40 20.06
C TYR A 97 -22.61 19.33 19.45
N VAL A 98 -22.46 20.64 19.66
CA VAL A 98 -23.44 21.57 19.11
C VAL A 98 -23.37 21.60 17.60
N GLN A 99 -22.17 21.45 17.02
CA GLN A 99 -22.04 21.39 15.57
C GLN A 99 -22.81 20.20 15.01
N GLN A 100 -22.58 19.01 15.56
CA GLN A 100 -23.24 17.82 15.03
C GLN A 100 -24.74 17.85 15.29
N ARG A 101 -25.16 18.38 16.45
CA ARG A 101 -26.59 18.48 16.72
C ARG A 101 -27.28 19.45 15.78
N ALA A 102 -26.65 20.59 15.50
CA ALA A 102 -27.23 21.53 14.55
C ALA A 102 -27.26 20.95 13.14
N MET A 103 -26.23 20.20 12.76
CA MET A 103 -26.25 19.53 11.47
C MET A 103 -27.39 18.51 11.38
N PHE A 104 -27.58 17.75 12.45
CA PHE A 104 -28.67 16.77 12.47
C PHE A 104 -30.03 17.45 12.39
N ASN A 105 -30.20 18.56 13.12
CA ASN A 105 -31.45 19.30 13.04
C ASN A 105 -31.67 19.88 11.65
N ALA A 106 -30.60 20.36 11.01
CA ALA A 106 -30.71 20.85 9.65
C ALA A 106 -31.13 19.73 8.69
N THR A 107 -30.55 18.54 8.86
CA THR A 107 -30.94 17.41 8.03
C THR A 107 -32.41 17.04 8.25
N SER A 108 -32.86 17.05 9.51
CA SER A 108 -34.27 16.76 9.78
C SER A 108 -35.18 17.79 9.15
N LYS A 109 -34.82 19.08 9.26
CA LYS A 109 -35.62 20.12 8.62
C LYS A 109 -35.64 19.96 7.11
N ILE A 110 -34.49 19.63 6.52
CA ILE A 110 -34.42 19.47 5.07
C ILE A 110 -35.30 18.32 4.61
N ILE A 111 -35.21 17.18 5.30
CA ILE A 111 -36.00 16.02 4.88
C ILE A 111 -37.48 16.27 5.11
N GLU A 112 -37.84 16.98 6.18
CA GLU A 112 -39.25 17.32 6.39
C GLU A 112 -39.78 18.23 5.30
N ILE A 113 -39.00 19.25 4.92
CA ILE A 113 -39.43 20.18 3.88
C ILE A 113 -39.54 19.45 2.54
N GLN A 114 -38.58 18.58 2.24
CA GLN A 114 -38.63 17.83 0.98
C GLN A 114 -39.83 16.90 0.95
N THR A 115 -40.13 16.24 2.07
CA THR A 115 -41.30 15.36 2.12
C THR A 115 -42.59 16.17 1.96
N ASN A 116 -42.66 17.34 2.58
CA ASN A 116 -43.85 18.18 2.42
C ASN A 116 -44.00 18.66 0.98
N ALA A 117 -42.88 19.02 0.34
CA ALA A 117 -42.95 19.55 -1.02
C ALA A 117 -43.30 18.46 -2.02
N GLU A 118 -42.74 17.26 -1.86
CA GLU A 118 -43.02 16.17 -2.79
C GLU A 118 -44.45 15.70 -2.72
N LEU A 119 -45.17 16.03 -1.64
CA LEU A 119 -46.59 15.72 -1.56
C LEU A 119 -47.36 16.50 -2.63
N PRO A 120 -48.47 15.96 -3.11
CA PRO A 120 -49.25 16.67 -4.11
C PRO A 120 -49.78 17.98 -3.55
N PRO A 121 -49.93 19.00 -4.40
CA PRO A 121 -50.38 20.30 -3.91
C PRO A 121 -51.83 20.29 -3.47
N GLU A 122 -52.15 19.47 -2.47
CA GLU A 122 -53.50 19.45 -1.91
C GLU A 122 -53.66 20.53 -0.85
N LYS A 123 -52.78 20.53 0.15
CA LYS A 123 -52.78 21.55 1.19
C LYS A 123 -51.43 21.51 1.89
N ARG A 124 -50.71 22.62 1.85
CA ARG A 124 -49.42 22.75 2.52
C ARG A 124 -49.48 23.89 3.53
N ASN A 125 -48.81 23.70 4.66
CA ASN A 125 -48.82 24.72 5.70
C ASN A 125 -48.16 26.00 5.21
N LYS A 126 -48.79 27.13 5.53
CA LYS A 126 -48.22 28.42 5.16
C LYS A 126 -46.88 28.64 5.86
N LYS A 127 -46.79 28.27 7.14
CA LYS A 127 -45.54 28.39 7.88
C LYS A 127 -44.50 27.36 7.44
N MET A 128 -44.90 26.34 6.69
CA MET A 128 -43.95 25.33 6.24
C MET A 128 -43.08 25.91 5.13
N PRO A 129 -41.76 25.90 5.27
CA PRO A 129 -40.90 26.48 4.23
C PRO A 129 -40.97 25.68 2.94
N ASP A 130 -40.75 26.39 1.83
CA ASP A 130 -40.74 25.78 0.51
C ASP A 130 -39.32 25.35 0.15
N VAL A 131 -39.11 24.99 -1.12
CA VAL A 131 -37.77 24.59 -1.57
C VAL A 131 -36.82 25.78 -1.61
N GLY A 132 -37.34 27.01 -1.57
CA GLY A 132 -36.47 28.17 -1.56
C GLY A 132 -35.71 28.38 -0.26
N ALA A 133 -36.21 27.79 0.83
CA ALA A 133 -35.53 27.87 2.12
C ALA A 133 -34.58 26.70 2.36
N ILE A 134 -34.42 25.81 1.39
CA ILE A 134 -33.44 24.73 1.52
C ILE A 134 -32.01 25.25 1.62
N PRO A 135 -31.54 26.14 0.73
CA PRO A 135 -30.11 26.49 0.76
C PRO A 135 -29.66 27.25 1.99
N ASP A 136 -30.39 28.31 2.39
CA ASP A 136 -29.87 29.23 3.39
C ASP A 136 -29.65 28.54 4.74
N ILE A 137 -30.46 27.53 5.06
CA ILE A 137 -30.27 26.85 6.34
C ILE A 137 -28.92 26.14 6.38
N MET A 138 -28.39 25.73 5.22
CA MET A 138 -27.05 25.18 5.19
C MET A 138 -26.01 26.20 5.63
N ARG A 139 -26.15 27.45 5.14
CA ARG A 139 -25.24 28.51 5.57
C ARG A 139 -25.42 28.78 7.07
N GLN A 140 -26.66 28.79 7.55
CA GLN A 140 -26.90 29.02 8.97
C GLN A 140 -26.25 27.94 9.82
N ALA A 141 -26.35 26.67 9.39
CA ALA A 141 -25.67 25.60 10.09
C ALA A 141 -24.16 25.76 10.04
N LEU A 142 -23.63 26.16 8.89
CA LEU A 142 -22.18 26.39 8.77
C LEU A 142 -21.70 27.57 9.60
N SER A 143 -22.61 28.46 10.01
CA SER A 143 -22.24 29.70 10.68
C SER A 143 -22.40 29.62 12.21
N ILE A 144 -22.11 28.48 12.82
CA ILE A 144 -22.20 28.32 14.26
C ILE A 144 -20.82 27.97 14.80
N SER A 145 -20.42 28.63 15.88
CA SER A 145 -19.16 28.38 16.58
C SER A 145 -19.15 29.25 17.84
N PHE A 146 -18.09 29.11 18.62
CA PHE A 146 -17.84 29.99 19.76
C PHE A 146 -16.76 30.99 19.41
N ASP A 147 -16.63 32.01 20.26
CA ASP A 147 -15.56 33.00 20.12
C ASP A 147 -14.33 32.41 20.78
N SER A 148 -13.62 31.56 20.04
CA SER A 148 -12.50 30.79 20.59
C SER A 148 -11.26 31.67 20.71
N TYR A 149 -11.36 32.67 21.59
CA TYR A 149 -10.25 33.57 21.93
C TYR A 149 -9.66 34.20 20.66
N VAL A 150 -10.49 35.06 20.07
CA VAL A 150 -10.12 35.74 18.82
C VAL A 150 -8.71 36.31 18.88
N GLY A 151 -8.36 36.93 19.99
CA GLY A 151 -7.02 37.47 20.16
C GLY A 151 -6.99 38.56 21.20
N HIS A 152 -5.80 39.12 21.39
CA HIS A 152 -5.55 40.18 22.35
C HIS A 152 -5.36 41.49 21.61
N ASP A 153 -6.33 42.38 21.73
CA ASP A 153 -6.28 43.68 21.10
C ASP A 153 -5.43 44.62 21.94
N TRP A 154 -4.44 45.25 21.31
CA TRP A 154 -3.55 46.13 22.04
C TRP A 154 -4.26 47.39 22.49
N MET A 155 -5.18 47.91 21.66
CA MET A 155 -5.85 49.15 22.00
C MET A 155 -6.76 48.98 23.21
N ASP A 156 -7.59 47.94 23.21
CA ASP A 156 -8.58 47.78 24.26
C ASP A 156 -7.98 47.27 25.57
N ASP A 157 -6.91 46.49 25.50
CA ASP A 157 -6.38 45.80 26.68
C ASP A 157 -5.15 46.49 27.25
N TYR A 158 -5.11 47.82 27.24
CA TYR A 158 -3.99 48.53 27.83
C TYR A 158 -4.04 48.47 29.35
N GLU A 159 -5.22 48.66 29.94
CA GLU A 159 -5.35 48.69 31.38
C GLU A 159 -5.09 47.33 32.00
N ALA A 160 -5.67 46.27 31.42
CA ALA A 160 -5.43 44.92 31.93
C ALA A 160 -3.97 44.55 31.80
N ARG A 161 -3.33 44.94 30.69
CA ARG A 161 -1.91 44.65 30.51
C ARG A 161 -1.07 45.40 31.53
N TRP A 162 -1.43 46.64 31.85
CA TRP A 162 -0.70 47.36 32.88
C TRP A 162 -0.90 46.71 34.24
N LEU A 163 -2.11 46.22 34.52
CA LEU A 163 -2.35 45.49 35.76
C LEU A 163 -1.47 44.24 35.84
N SER A 164 -1.34 43.53 34.72
CA SER A 164 -0.44 42.37 34.67
C SER A 164 1.01 42.79 34.87
N TYR A 165 1.39 43.96 34.34
CA TYR A 165 2.72 44.50 34.63
C TYR A 165 2.90 44.73 36.12
N MET A 166 1.88 45.29 36.77
CA MET A 166 1.98 45.64 38.19
C MET A 166 2.10 44.39 39.05
N ASN A 167 1.10 43.51 38.97
CA ASN A 167 1.10 42.35 39.86
C ASN A 167 2.01 41.22 39.38
N LYS A 168 2.58 41.33 38.18
CA LYS A 168 3.50 40.33 37.64
C LYS A 168 2.86 38.94 37.64
N ALA A 169 1.78 38.82 36.85
CA ALA A 169 1.04 37.57 36.80
C ALA A 169 1.87 36.42 36.23
N ARG A 170 2.95 36.72 35.52
CA ARG A 170 3.80 35.69 34.92
C ARG A 170 5.04 35.38 35.74
N LYS A 171 5.67 36.41 36.32
CA LYS A 171 6.92 36.23 37.04
C LYS A 171 6.73 35.39 38.29
N VAL A 172 7.67 34.50 38.55
CA VAL A 172 7.79 33.80 39.84
C VAL A 172 9.18 34.08 40.39
N PRO A 173 9.31 34.48 41.64
CA PRO A 173 10.61 34.96 42.13
C PRO A 173 11.62 33.83 42.30
N PHE A 174 12.89 34.24 42.34
CA PHE A 174 14.00 33.35 42.64
C PHE A 174 14.49 33.59 44.07
N LYS A 175 15.06 32.55 44.67
CA LYS A 175 15.62 32.71 46.00
C LYS A 175 16.94 33.48 45.96
N LEU A 176 17.78 33.19 44.97
CA LEU A 176 19.06 33.89 44.84
C LEU A 176 18.84 35.30 44.31
N ARG A 177 19.45 36.28 44.98
CA ARG A 177 19.24 37.68 44.61
C ARG A 177 19.77 37.98 43.22
N ILE A 178 20.96 37.46 42.89
CA ILE A 178 21.55 37.75 41.58
C ILE A 178 20.71 37.13 40.47
N LEU A 179 20.15 35.94 40.71
CA LEU A 179 19.25 35.35 39.73
C LEU A 179 18.00 36.21 39.55
N ASN A 180 17.49 36.77 40.64
CA ASN A 180 16.33 37.66 40.53
C ASN A 180 16.67 38.90 39.72
N LYS A 181 17.85 39.48 39.95
CA LYS A 181 18.20 40.72 39.25
C LYS A 181 18.51 40.48 37.78
N ILE A 182 19.07 39.32 37.43
CA ILE A 182 19.33 39.05 36.02
C ILE A 182 18.07 38.58 35.31
N THR A 183 17.14 37.95 36.03
CA THR A 183 15.87 37.55 35.45
C THR A 183 14.79 38.60 35.60
N LYS A 184 15.06 39.68 36.33
CA LYS A 184 14.10 40.76 36.54
C LYS A 184 12.79 40.24 37.12
N GLY A 185 12.90 39.33 38.09
CA GLY A 185 11.73 38.77 38.73
C GLY A 185 11.57 37.27 38.55
N GLY A 186 12.68 36.58 38.32
CA GLY A 186 12.64 35.15 38.13
C GLY A 186 12.14 34.77 36.74
N ALA A 187 11.85 33.48 36.60
CA ALA A 187 11.32 32.97 35.35
C ALA A 187 9.85 33.35 35.21
N GLU A 188 9.22 32.87 34.14
CA GLU A 188 7.83 33.18 33.84
C GLU A 188 7.09 31.91 33.47
N THR A 189 5.77 31.97 33.60
CA THR A 189 4.94 30.82 33.28
C THR A 189 5.05 30.47 31.79
N GLY A 190 5.18 29.17 31.51
CA GLY A 190 5.28 28.70 30.16
C GLY A 190 6.67 28.74 29.55
N THR A 191 7.68 29.21 30.29
CA THR A 191 9.02 29.32 29.76
C THR A 191 9.75 27.99 29.85
N LEU A 192 11.03 28.01 29.50
CA LEU A 192 11.84 26.80 29.49
C LEU A 192 13.30 27.22 29.65
N ASN A 193 13.88 26.95 30.82
CA ASN A 193 15.24 27.35 31.13
C ASN A 193 16.13 26.12 31.20
N VAL A 194 17.32 26.22 30.64
CA VAL A 194 18.25 25.11 30.53
C VAL A 194 19.59 25.52 31.13
N LEU A 195 20.16 24.65 31.96
CA LEU A 195 21.48 24.84 32.53
C LEU A 195 22.44 23.89 31.84
N MET A 196 23.32 24.42 31.00
CA MET A 196 24.30 23.61 30.28
C MET A 196 25.56 23.51 31.13
N ALA A 197 25.95 22.28 31.47
CA ALA A 197 27.04 22.03 32.40
C ALA A 197 28.21 21.40 31.67
N GLY A 198 29.42 21.83 32.01
CA GLY A 198 30.63 21.31 31.41
C GLY A 198 31.00 19.95 31.99
N VAL A 199 32.24 19.55 31.71
CA VAL A 199 32.73 18.27 32.19
C VAL A 199 32.90 18.32 33.71
N ASN A 200 32.73 17.16 34.35
CA ASN A 200 32.86 16.96 35.79
C ASN A 200 32.06 17.97 36.60
N VAL A 201 30.99 18.54 36.03
CA VAL A 201 30.13 19.49 36.73
C VAL A 201 28.95 18.78 37.38
N GLY A 202 28.29 17.90 36.65
CA GLY A 202 27.06 17.30 37.10
C GLY A 202 25.84 18.09 36.67
N LYS A 203 24.71 17.39 36.61
CA LYS A 203 23.47 18.00 36.11
C LYS A 203 22.38 17.93 37.18
N SER A 204 22.44 16.90 38.02
CA SER A 204 21.40 16.72 39.03
C SER A 204 21.51 17.74 40.15
N LEU A 205 22.73 18.13 40.52
CA LEU A 205 22.90 18.99 41.69
C LEU A 205 22.26 20.35 41.49
N GLY A 206 22.44 20.95 40.30
CA GLY A 206 21.88 22.27 40.06
C GLY A 206 20.36 22.25 40.08
N LEU A 207 19.76 21.27 39.40
CA LEU A 207 18.30 21.18 39.39
C LEU A 207 17.75 20.88 40.78
N CYS A 208 18.44 20.04 41.54
CA CYS A 208 18.00 19.77 42.91
C CYS A 208 18.08 21.02 43.78
N SER A 209 19.15 21.79 43.65
CA SER A 209 19.26 23.04 44.41
C SER A 209 18.16 24.01 44.03
N LEU A 210 17.88 24.15 42.73
CA LEU A 210 16.82 25.06 42.30
C LEU A 210 15.46 24.58 42.77
N ALA A 211 15.23 23.26 42.76
CA ALA A 211 13.97 22.73 43.26
C ALA A 211 13.80 23.00 44.75
N ALA A 212 14.88 22.84 45.51
CA ALA A 212 14.83 23.16 46.94
C ALA A 212 14.53 24.63 47.16
N ASP A 213 15.17 25.52 46.39
CA ASP A 213 14.90 26.95 46.51
C ASP A 213 13.46 27.27 46.16
N TYR A 214 12.92 26.62 45.12
CA TYR A 214 11.52 26.79 44.77
C TYR A 214 10.61 26.33 45.91
N LEU A 215 10.96 25.20 46.54
CA LEU A 215 10.18 24.72 47.67
C LEU A 215 10.19 25.72 48.82
N GLN A 216 11.34 26.37 49.05
CA GLN A 216 11.43 27.36 50.11
C GLN A 216 10.52 28.56 49.89
N LEU A 217 10.02 28.75 48.67
CA LEU A 217 9.03 29.78 48.38
C LEU A 217 7.60 29.25 48.43
N GLY A 218 7.43 28.00 48.82
CA GLY A 218 6.10 27.40 48.86
C GLY A 218 5.47 27.20 47.48
N HIS A 219 6.25 26.74 46.51
CA HIS A 219 5.76 26.45 45.18
C HIS A 219 5.83 24.96 44.89
N ASN A 220 4.79 24.44 44.24
CA ASN A 220 4.77 23.04 43.87
C ASN A 220 5.92 22.72 42.92
N VAL A 221 6.64 21.65 43.22
CA VAL A 221 7.78 21.21 42.42
C VAL A 221 7.55 19.78 41.97
N LEU A 222 7.73 19.53 40.68
CA LEU A 222 7.61 18.20 40.11
C LEU A 222 8.94 17.88 39.42
N TYR A 223 9.78 17.10 40.10
CA TYR A 223 11.08 16.71 39.57
C TYR A 223 10.94 15.33 38.95
N ILE A 224 11.11 15.25 37.64
CA ILE A 224 11.04 13.99 36.91
C ILE A 224 12.46 13.63 36.48
N SER A 225 12.97 12.52 36.99
CA SER A 225 14.31 12.06 36.69
C SER A 225 14.24 10.79 35.83
N MET A 226 14.88 10.83 34.67
CA MET A 226 14.85 9.69 33.76
C MET A 226 15.96 8.69 34.07
N GLU A 227 17.17 9.17 34.37
CA GLU A 227 18.31 8.31 34.62
C GLU A 227 18.49 7.92 36.08
N MET A 228 17.72 8.53 36.99
CA MET A 228 17.92 8.31 38.42
C MET A 228 16.58 8.01 39.09
N ALA A 229 16.64 7.20 40.13
CA ALA A 229 15.46 6.76 40.85
C ALA A 229 14.84 7.91 41.65
N GLU A 230 13.58 7.71 42.04
CA GLU A 230 12.88 8.72 42.83
C GLU A 230 13.56 8.94 44.17
N GLU A 231 13.98 7.85 44.82
CA GLU A 231 14.53 7.95 46.17
C GLU A 231 15.82 8.76 46.19
N VAL A 232 16.69 8.54 45.20
CA VAL A 232 17.97 9.24 45.17
C VAL A 232 17.77 10.74 44.98
N CYS A 233 16.93 11.12 44.01
CA CYS A 233 16.69 12.53 43.75
C CYS A 233 16.00 13.20 44.93
N ALA A 234 15.01 12.52 45.51
CA ALA A 234 14.31 13.07 46.66
C ALA A 234 15.26 13.26 47.84
N LYS A 235 16.15 12.30 48.07
CA LYS A 235 17.09 12.42 49.17
C LYS A 235 18.09 13.54 48.91
N ARG A 236 18.52 13.72 47.66
CA ARG A 236 19.41 14.83 47.33
C ARG A 236 18.73 16.17 47.59
N ILE A 237 17.47 16.31 47.19
CA ILE A 237 16.74 17.55 47.41
C ILE A 237 16.56 17.80 48.91
N ASP A 238 16.19 16.75 49.65
CA ASP A 238 15.98 16.91 51.08
C ASP A 238 17.28 17.16 51.83
N ALA A 239 18.40 16.67 51.31
CA ALA A 239 19.69 16.99 51.90
C ALA A 239 20.10 18.42 51.62
N ASN A 240 19.75 18.93 50.42
CA ASN A 240 19.96 20.34 50.15
C ASN A 240 19.14 21.21 51.09
N MET A 241 17.87 20.83 51.33
CA MET A 241 17.03 21.61 52.23
C MET A 241 17.50 21.49 53.69
N LEU A 242 17.89 20.29 54.11
CA LEU A 242 18.22 20.03 55.50
C LEU A 242 19.58 20.59 55.90
N ASP A 243 20.39 21.02 54.94
CA ASP A 243 21.76 21.48 55.21
C ASP A 243 22.57 20.38 55.91
N VAL A 244 22.47 19.16 55.38
CA VAL A 244 23.17 18.01 55.92
C VAL A 244 23.96 17.33 54.81
N SER A 245 25.02 16.63 55.21
CA SER A 245 25.90 15.98 54.24
C SER A 245 25.21 14.78 53.61
N LEU A 246 25.32 14.67 52.28
CA LEU A 246 24.72 13.56 51.56
C LEU A 246 25.53 12.27 51.72
N ASP A 247 26.85 12.37 51.81
CA ASP A 247 27.69 11.18 51.93
C ASP A 247 27.41 10.44 53.24
N ASP A 248 27.19 11.18 54.33
CA ASP A 248 26.86 10.54 55.59
C ASP A 248 25.55 9.76 55.50
N ILE A 249 24.57 10.33 54.80
CA ILE A 249 23.31 9.63 54.59
C ILE A 249 23.53 8.38 53.74
N ASP A 250 24.32 8.50 52.67
CA ASP A 250 24.51 7.38 51.76
C ASP A 250 25.33 6.27 52.39
N ASP A 251 26.14 6.58 53.41
CA ASP A 251 26.94 5.55 54.06
C ASP A 251 26.04 4.55 54.79
N GLY A 252 24.92 5.00 55.34
CA GLY A 252 24.01 4.12 56.05
C GLY A 252 23.52 4.69 57.36
N HIS A 253 23.91 5.95 57.65
CA HIS A 253 23.47 6.59 58.88
C HIS A 253 21.97 6.83 58.87
N ILE A 254 21.41 7.20 57.72
CA ILE A 254 19.98 7.42 57.55
C ILE A 254 19.42 6.26 56.74
N SER A 255 18.42 5.58 57.29
CA SER A 255 17.80 4.44 56.65
C SER A 255 16.47 4.82 56.00
N TYR A 256 15.82 3.83 55.41
CA TYR A 256 14.56 4.05 54.71
C TYR A 256 13.38 3.95 55.67
N ALA A 257 12.18 4.18 55.14
CA ALA A 257 10.92 4.09 55.87
C ALA A 257 10.81 5.09 57.01
N GLU A 258 11.76 6.03 57.13
CA GLU A 258 11.70 7.03 58.18
C GLU A 258 11.87 8.43 57.59
N TYR A 259 12.68 8.55 56.54
CA TYR A 259 12.89 9.86 55.92
C TYR A 259 11.64 10.32 55.20
N LYS A 260 10.88 9.39 54.61
CA LYS A 260 9.62 9.75 53.97
C LYS A 260 8.66 10.36 54.97
N GLY A 261 8.61 9.82 56.20
CA GLY A 261 7.80 10.42 57.23
C GLY A 261 8.27 11.83 57.58
N LYS A 262 9.59 12.04 57.61
CA LYS A 262 10.11 13.37 57.87
C LYS A 262 9.69 14.36 56.78
N MET A 263 9.75 13.93 55.52
CA MET A 263 9.34 14.81 54.43
C MET A 263 7.83 15.06 54.43
N GLU A 264 7.03 14.06 54.81
CA GLU A 264 5.60 14.28 54.96
C GLU A 264 5.32 15.29 56.08
N LYS A 265 6.03 15.17 57.20
CA LYS A 265 5.87 16.12 58.30
C LYS A 265 6.26 17.53 57.87
N TRP A 266 7.35 17.65 57.10
CA TRP A 266 7.75 18.95 56.59
C TRP A 266 6.73 19.50 55.60
N ARG A 267 6.08 18.62 54.83
CA ARG A 267 5.01 19.04 53.94
C ARG A 267 3.78 19.54 54.70
N GLU A 268 3.63 19.13 55.97
CA GLU A 268 2.54 19.65 56.78
C GLU A 268 2.75 21.12 57.13
N LYS A 269 3.96 21.64 56.97
CA LYS A 269 4.21 23.05 57.20
C LYS A 269 3.48 23.89 56.16
N SER A 270 2.88 25.00 56.61
CA SER A 270 2.17 25.88 55.70
C SER A 270 3.13 26.55 54.72
N THR A 271 4.32 26.94 55.19
CA THR A 271 5.30 27.65 54.37
C THR A 271 6.22 26.68 53.63
N LEU A 272 5.63 25.75 52.89
CA LEU A 272 6.41 24.79 52.10
C LEU A 272 5.49 24.14 51.08
N GLY A 273 5.91 24.13 49.82
CA GLY A 273 5.13 23.53 48.77
C GLY A 273 5.30 22.02 48.70
N ARG A 274 4.49 21.40 47.85
CA ARG A 274 4.50 19.95 47.68
C ARG A 274 5.51 19.58 46.58
N LEU A 275 6.46 18.72 46.93
CA LEU A 275 7.44 18.20 45.99
C LEU A 275 7.10 16.77 45.64
N ILE A 276 7.15 16.46 44.34
CA ILE A 276 6.90 15.10 43.85
C ILE A 276 8.03 14.72 42.91
N VAL A 277 8.70 13.62 43.20
CA VAL A 277 9.77 13.10 42.35
C VAL A 277 9.25 11.86 41.63
N LYS A 278 9.39 11.85 40.31
CA LYS A 278 8.85 10.79 39.47
C LYS A 278 9.95 10.18 38.61
N GLN A 279 9.97 8.85 38.54
CA GLN A 279 10.96 8.12 37.76
C GLN A 279 10.32 7.57 36.49
N TYR A 280 11.02 7.75 35.38
CA TYR A 280 10.64 7.17 34.10
C TYR A 280 11.85 6.52 33.47
N PRO A 281 11.66 5.45 32.71
CA PRO A 281 12.81 4.81 32.04
C PRO A 281 13.46 5.77 31.05
N THR A 282 14.77 5.60 30.89
CA THR A 282 15.53 6.45 29.97
C THR A 282 14.96 6.33 28.57
N GLY A 283 14.47 7.44 28.03
CA GLY A 283 13.82 7.42 26.74
C GLY A 283 12.52 6.65 26.72
N GLY A 284 11.69 6.84 27.72
CA GLY A 284 10.41 6.14 27.78
C GLY A 284 9.24 7.03 28.14
N ALA A 285 9.50 8.34 28.27
CA ALA A 285 8.47 9.31 28.62
C ALA A 285 8.64 10.54 27.72
N ASP A 286 7.65 10.79 26.87
CA ASP A 286 7.62 11.98 26.04
C ASP A 286 6.78 13.06 26.73
N ALA A 287 6.60 14.19 26.06
CA ALA A 287 5.74 15.24 26.60
C ALA A 287 4.29 15.00 26.22
N ASN A 288 3.84 13.77 26.39
CA ASN A 288 2.42 13.42 26.35
C ASN A 288 2.13 12.54 27.55
N THR A 289 3.13 11.75 27.95
CA THR A 289 3.05 11.05 29.23
C THR A 289 3.05 12.03 30.39
N PHE A 290 3.72 13.17 30.23
CA PHE A 290 3.68 14.20 31.25
C PHE A 290 2.27 14.76 31.40
N ARG A 291 1.56 14.94 30.29
CA ARG A 291 0.19 15.44 30.36
C ARG A 291 -0.73 14.46 31.07
N SER A 292 -0.60 13.16 30.77
CA SER A 292 -1.40 12.17 31.47
C SER A 292 -1.03 12.10 32.95
N LEU A 293 0.26 12.23 33.26
CA LEU A 293 0.69 12.27 34.64
C LEU A 293 0.08 13.45 35.38
N LEU A 294 0.05 14.62 34.75
CA LEU A 294 -0.57 15.79 35.37
C LEU A 294 -2.07 15.59 35.54
N ASN A 295 -2.73 14.99 34.54
CA ASN A 295 -4.16 14.74 34.65
C ASN A 295 -4.48 13.80 35.81
N GLU A 296 -3.68 12.75 35.98
CA GLU A 296 -3.90 11.81 37.06
C GLU A 296 -3.49 12.36 38.42
N LEU A 297 -2.50 13.26 38.47
CA LEU A 297 -2.17 13.96 39.70
C LEU A 297 -3.12 15.11 39.99
N LYS A 298 -4.00 15.45 39.04
CA LYS A 298 -5.02 16.46 39.25
C LYS A 298 -6.37 15.89 39.61
N LEU A 299 -6.72 14.71 39.09
CA LEU A 299 -8.06 14.16 39.28
C LEU A 299 -8.17 13.34 40.57
N LYS A 300 -7.39 12.27 40.69
CA LYS A 300 -7.60 11.36 41.82
C LYS A 300 -7.05 11.93 43.12
N LYS A 301 -5.89 12.58 43.08
CA LYS A 301 -5.28 13.21 44.25
C LYS A 301 -4.89 14.63 43.83
N ASN A 302 -5.84 15.56 43.98
CA ASN A 302 -5.70 16.90 43.42
C ASN A 302 -4.35 17.52 43.75
N PHE A 303 -3.58 17.84 42.70
CA PHE A 303 -2.25 18.41 42.86
C PHE A 303 -1.94 19.20 41.59
N VAL A 304 -1.89 20.52 41.70
CA VAL A 304 -1.57 21.40 40.59
C VAL A 304 -0.11 21.81 40.71
N PRO A 305 0.77 21.38 39.82
CA PRO A 305 2.17 21.78 39.90
C PRO A 305 2.42 23.11 39.22
N THR A 306 3.52 23.74 39.61
CA THR A 306 3.93 25.02 39.06
C THR A 306 5.34 25.02 38.51
N ILE A 307 6.27 24.30 39.15
CA ILE A 307 7.67 24.27 38.74
C ILE A 307 8.00 22.84 38.37
N ILE A 308 8.04 22.55 37.08
CA ILE A 308 8.40 21.23 36.57
C ILE A 308 9.87 21.24 36.18
N ILE A 309 10.61 20.26 36.66
CA ILE A 309 12.03 20.13 36.37
C ILE A 309 12.27 18.73 35.80
N VAL A 310 13.07 18.65 34.74
CA VAL A 310 13.46 17.39 34.14
C VAL A 310 14.98 17.28 34.22
N ASP A 311 15.47 16.13 34.69
CA ASP A 311 16.90 15.97 34.91
C ASP A 311 17.67 16.08 33.59
N TYR A 312 17.16 15.47 32.53
CA TYR A 312 17.84 15.44 31.25
C TYR A 312 16.84 15.61 30.13
N LEU A 313 17.18 16.43 29.14
CA LEU A 313 16.35 16.62 27.97
C LEU A 313 16.76 15.75 26.79
N GLY A 314 18.06 15.51 26.63
CA GLY A 314 18.52 14.67 25.52
C GLY A 314 18.02 13.24 25.61
N ILE A 315 17.97 12.68 26.82
CA ILE A 315 17.51 11.30 26.98
C ILE A 315 15.99 11.21 27.10
N CYS A 316 15.28 12.32 26.95
CA CYS A 316 13.83 12.28 26.90
C CYS A 316 13.38 11.76 25.53
N LYS A 317 12.06 11.59 25.39
CA LYS A 317 11.48 11.07 24.17
C LYS A 317 10.64 12.14 23.48
N SER A 318 10.67 12.16 22.15
CA SER A 318 9.81 13.03 21.37
C SER A 318 8.43 12.40 21.23
N CYS A 319 7.39 13.22 21.35
CA CYS A 319 6.02 12.73 21.27
C CYS A 319 5.46 12.73 19.86
N ARG A 320 6.20 13.27 18.89
CA ARG A 320 5.73 13.32 17.51
C ARG A 320 6.54 12.45 16.56
N ILE A 321 7.81 12.17 16.86
CA ILE A 321 8.62 11.36 15.98
C ILE A 321 8.16 9.90 16.01
N ARG A 322 7.80 9.40 17.19
CA ARG A 322 7.27 8.04 17.39
C ARG A 322 8.30 6.97 17.08
N VAL A 323 9.52 7.36 16.72
CA VAL A 323 10.62 6.43 16.47
C VAL A 323 11.83 6.92 17.24
N TYR A 324 12.34 6.10 18.14
CA TYR A 324 13.48 6.49 18.96
C TYR A 324 14.76 6.41 18.15
N SER A 325 15.55 7.47 18.20
CA SER A 325 16.83 7.51 17.50
C SER A 325 17.71 8.58 18.16
N GLU A 326 19.01 8.45 17.95
CA GLU A 326 19.98 9.42 18.48
C GLU A 326 20.25 10.50 17.43
N ASN A 327 19.23 11.32 17.21
CA ASN A 327 19.31 12.43 16.27
C ASN A 327 19.75 13.67 17.04
N SER A 328 21.01 14.08 16.83
CA SER A 328 21.55 15.22 17.57
C SER A 328 20.79 16.50 17.26
N TYR A 329 20.47 16.73 15.98
CA TYR A 329 19.86 17.99 15.56
C TYR A 329 18.37 17.85 15.22
N THR A 330 17.77 16.69 15.43
CA THR A 330 16.36 16.50 15.09
C THR A 330 15.51 16.11 16.29
N THR A 331 15.93 15.11 17.06
CA THR A 331 15.11 14.64 18.17
C THR A 331 15.01 15.69 19.27
N VAL A 332 16.15 16.28 19.65
CA VAL A 332 16.14 17.23 20.75
C VAL A 332 15.33 18.47 20.41
N LYS A 333 15.33 18.88 19.13
CA LYS A 333 14.52 20.02 18.74
C LYS A 333 13.04 19.75 18.96
N ALA A 334 12.56 18.59 18.53
CA ALA A 334 11.15 18.24 18.73
C ALA A 334 10.84 18.11 20.22
N ILE A 335 11.76 17.52 20.99
CA ILE A 335 11.53 17.38 22.43
C ILE A 335 11.43 18.74 23.09
N ALA A 336 12.32 19.67 22.75
CA ALA A 336 12.25 21.00 23.32
C ALA A 336 10.97 21.72 22.92
N GLU A 337 10.57 21.59 21.65
CA GLU A 337 9.36 22.26 21.20
C GLU A 337 8.13 21.72 21.94
N GLU A 338 8.03 20.40 22.09
CA GLU A 338 6.87 19.83 22.77
C GLU A 338 6.90 20.12 24.27
N LEU A 339 8.10 20.18 24.87
CA LEU A 339 8.20 20.56 26.27
C LEU A 339 7.74 22.01 26.48
N ARG A 340 8.14 22.91 25.59
CA ARG A 340 7.70 24.29 25.74
C ARG A 340 6.20 24.43 25.48
N ALA A 341 5.67 23.63 24.56
CA ALA A 341 4.22 23.62 24.35
C ALA A 341 3.49 23.14 25.60
N LEU A 342 4.02 22.10 26.25
CA LEU A 342 3.46 21.63 27.51
C LEU A 342 3.54 22.72 28.57
N ALA A 343 4.67 23.42 28.64
CA ALA A 343 4.82 24.47 29.63
C ALA A 343 3.82 25.59 29.42
N VAL A 344 3.64 26.03 28.17
CA VAL A 344 2.71 27.13 27.92
C VAL A 344 1.26 26.69 28.11
N GLU A 345 0.95 25.42 27.80
CA GLU A 345 -0.43 24.97 27.98
C GLU A 345 -0.76 24.71 29.44
N THR A 346 0.24 24.38 30.26
CA THR A 346 0.04 24.20 31.69
C THR A 346 0.40 25.44 32.49
N GLU A 347 0.96 26.47 31.87
CA GLU A 347 1.36 27.71 32.54
C GLU A 347 2.32 27.44 33.69
N THR A 348 3.27 26.54 33.45
CA THR A 348 4.21 26.10 34.48
C THR A 348 5.64 26.38 34.05
N VAL A 349 6.45 26.87 34.99
CA VAL A 349 7.87 27.11 34.74
C VAL A 349 8.57 25.77 34.61
N LEU A 350 9.24 25.55 33.48
CA LEU A 350 9.91 24.29 33.20
C LEU A 350 11.42 24.50 33.16
N TRP A 351 12.14 23.54 33.72
CA TRP A 351 13.60 23.59 33.80
C TRP A 351 14.20 22.27 33.34
N THR A 352 15.41 22.35 32.79
CA THR A 352 16.13 21.17 32.34
C THR A 352 17.61 21.49 32.32
N ALA A 353 18.41 20.48 31.99
CA ALA A 353 19.85 20.61 31.86
C ALA A 353 20.32 19.87 30.63
N ALA A 354 21.51 20.24 30.15
CA ALA A 354 22.07 19.64 28.94
C ALA A 354 23.59 19.66 29.03
N GLN A 355 24.22 18.83 28.20
CA GLN A 355 25.66 18.74 28.16
C GLN A 355 26.24 19.79 27.22
N VAL A 356 27.52 20.11 27.44
CA VAL A 356 28.26 21.00 26.55
C VAL A 356 28.74 20.19 25.36
N GLY A 357 29.24 20.89 24.34
CA GLY A 357 29.74 20.19 23.16
C GLY A 357 30.92 19.30 23.49
N LYS A 358 31.04 18.21 22.73
CA LYS A 358 32.11 17.25 22.96
C LYS A 358 33.48 17.87 22.76
N GLN A 359 33.64 18.70 21.71
CA GLN A 359 34.93 19.33 21.47
C GLN A 359 35.28 20.33 22.55
N ALA A 360 34.30 20.90 23.24
CA ALA A 360 34.53 21.86 24.30
C ALA A 360 34.57 21.16 25.66
N TRP A 361 35.40 20.12 25.74
CA TRP A 361 35.60 19.45 27.03
C TRP A 361 36.29 20.38 28.02
N ASP A 362 37.30 21.12 27.56
CA ASP A 362 37.96 22.12 28.39
C ASP A 362 37.09 23.38 28.38
N SER A 363 36.16 23.45 29.32
CA SER A 363 35.20 24.54 29.36
C SER A 363 35.79 25.78 30.01
N SER A 364 36.95 26.23 29.51
CA SER A 364 37.55 27.46 30.02
C SER A 364 36.67 28.67 29.70
N ASP A 365 36.10 28.71 28.50
CA ASP A 365 35.20 29.80 28.08
C ASP A 365 34.11 29.16 27.22
N VAL A 366 32.96 28.89 27.84
CA VAL A 366 31.86 28.26 27.13
C VAL A 366 31.21 29.27 26.18
N ASN A 367 31.02 28.86 24.93
CA ASN A 367 30.41 29.70 23.92
C ASN A 367 29.12 29.03 23.43
N MET A 368 28.25 29.85 22.81
CA MET A 368 26.97 29.35 22.36
C MET A 368 27.13 28.23 21.32
N SER A 369 28.13 28.35 20.45
CA SER A 369 28.36 27.34 19.42
C SER A 369 28.95 26.05 19.98
N ASP A 370 29.31 26.00 21.26
CA ASP A 370 29.96 24.84 21.87
C ASP A 370 28.99 23.97 22.65
N ILE A 371 27.76 23.84 22.18
CA ILE A 371 26.74 23.02 22.84
C ILE A 371 26.41 21.83 21.94
N ALA A 372 26.40 20.64 22.52
CA ALA A 372 25.98 19.45 21.79
C ALA A 372 24.47 19.48 21.57
N GLU A 373 24.00 18.61 20.67
CA GLU A 373 22.62 18.53 20.21
C GLU A 373 22.02 19.93 20.03
N SER A 374 22.78 20.82 19.39
CA SER A 374 22.42 22.23 19.34
C SER A 374 21.26 22.45 18.37
N ALA A 375 20.90 23.73 18.20
CA ALA A 375 19.92 24.22 17.24
C ALA A 375 18.50 23.86 17.64
N GLY A 376 18.33 23.09 18.72
CA GLY A 376 17.02 22.77 19.19
C GLY A 376 16.66 23.48 20.49
N LEU A 377 17.59 23.49 21.43
CA LEU A 377 17.36 24.14 22.72
C LEU A 377 17.47 25.66 22.60
N PRO A 378 18.59 26.22 22.08
CA PRO A 378 18.73 27.68 22.09
C PRO A 378 17.74 28.39 21.20
N ALA A 379 16.92 27.63 20.48
CA ALA A 379 15.81 28.20 19.73
C ALA A 379 14.52 28.25 20.52
N THR A 380 14.35 27.36 21.50
CA THR A 380 13.18 27.35 22.36
C THR A 380 13.48 27.62 23.83
N ALA A 381 14.73 27.47 24.27
CA ALA A 381 15.08 27.82 25.64
C ALA A 381 15.00 29.32 25.84
N ASP A 382 14.72 29.73 27.07
CA ASP A 382 14.51 31.13 27.39
C ASP A 382 15.64 31.76 28.18
N PHE A 383 16.28 31.03 29.09
CA PHE A 383 17.36 31.59 29.89
C PHE A 383 18.71 30.94 29.62
N MET A 384 18.79 29.62 29.73
CA MET A 384 19.93 28.84 29.22
C MET A 384 21.26 29.32 29.82
N LEU A 385 21.37 29.19 31.14
CA LEU A 385 22.63 29.50 31.80
C LEU A 385 23.69 28.46 31.49
N ALA A 386 24.95 28.85 31.64
CA ALA A 386 26.08 27.96 31.44
C ALA A 386 26.88 27.86 32.75
N VAL A 387 27.14 26.64 33.19
CA VAL A 387 27.87 26.38 34.43
C VAL A 387 29.28 25.93 34.08
N ILE A 388 30.26 26.56 34.71
CA ILE A 388 31.68 26.28 34.47
C ILE A 388 32.31 25.88 35.78
N GLU A 389 32.99 24.73 35.78
CA GLU A 389 33.70 24.23 36.95
C GLU A 389 35.12 23.88 36.54
N THR A 390 36.09 24.55 37.16
CA THR A 390 37.51 24.33 36.91
C THR A 390 38.20 23.88 38.20
N GLU A 391 39.50 23.66 38.11
CA GLU A 391 40.26 23.20 39.27
C GLU A 391 40.28 24.26 40.37
N GLU A 392 40.51 25.52 40.01
CA GLU A 392 40.50 26.58 41.02
C GLU A 392 39.11 26.79 41.58
N LEU A 393 38.08 26.70 40.73
CA LEU A 393 36.70 26.79 41.21
C LEU A 393 36.35 25.62 42.12
N ALA A 394 36.83 24.42 41.78
CA ALA A 394 36.60 23.27 42.64
C ALA A 394 37.28 23.45 44.00
N ALA A 395 38.50 23.99 43.99
CA ALA A 395 39.21 24.23 45.25
C ALA A 395 38.46 25.26 46.10
N ALA A 396 37.93 26.30 45.48
CA ALA A 396 37.19 27.34 46.18
C ALA A 396 35.73 26.98 46.43
N GLU A 397 35.28 25.81 45.98
CA GLU A 397 33.89 25.39 46.11
C GLU A 397 32.94 26.42 45.49
N GLN A 398 33.31 26.93 44.33
CA GLN A 398 32.49 27.88 43.59
C GLN A 398 32.39 27.43 42.14
N GLN A 399 31.46 28.04 41.42
CA GLN A 399 31.25 27.77 40.00
C GLN A 399 31.02 29.08 39.26
N LEU A 400 31.57 29.16 38.04
CA LEU A 400 31.30 30.29 37.18
C LEU A 400 29.96 30.10 36.48
N ILE A 401 29.20 31.18 36.35
CA ILE A 401 27.93 31.17 35.64
C ILE A 401 27.99 32.20 34.53
N LYS A 402 27.67 31.76 33.32
CA LYS A 402 27.64 32.61 32.14
C LYS A 402 26.21 32.71 31.62
N GLN A 403 25.81 33.93 31.28
CA GLN A 403 24.46 34.21 30.82
C GLN A 403 24.46 34.30 29.30
N ILE A 404 23.77 33.36 28.66
CA ILE A 404 23.66 33.30 27.21
C ILE A 404 22.25 32.83 26.85
N LYS A 405 21.70 33.40 25.78
CA LYS A 405 20.32 33.14 25.37
C LYS A 405 19.35 33.48 26.49
N SER A 406 19.36 34.75 26.88
CA SER A 406 18.49 35.27 27.93
C SER A 406 17.35 36.05 27.29
N ARG A 407 16.12 35.66 27.62
CA ARG A 407 14.93 36.32 27.09
C ARG A 407 14.29 37.27 28.09
N TYR A 408 14.35 36.97 29.39
CA TYR A 408 13.77 37.85 30.39
C TYR A 408 14.50 39.18 30.44
N GLY A 409 15.83 39.15 30.39
CA GLY A 409 16.64 40.36 30.52
C GLY A 409 17.78 40.37 29.52
N ASP A 410 18.51 41.48 29.54
CA ASP A 410 19.63 41.67 28.62
C ASP A 410 20.78 40.72 28.97
N LYS A 411 21.49 40.28 27.93
CA LYS A 411 22.56 39.31 28.11
C LYS A 411 23.83 39.91 28.69
N ASN A 412 24.18 41.13 28.27
CA ASN A 412 25.48 41.71 28.57
C ASN A 412 25.55 42.43 29.91
N LYS A 413 24.44 42.56 30.63
CA LYS A 413 24.46 43.29 31.90
C LYS A 413 25.29 42.53 32.94
N TRP A 414 25.01 41.25 33.13
CA TRP A 414 25.71 40.42 34.11
C TRP A 414 26.07 39.08 33.48
N ASN A 415 26.74 39.14 32.32
CA ASN A 415 26.99 37.94 31.53
C ASN A 415 27.75 36.88 32.33
N LYS A 416 28.81 37.29 33.04
CA LYS A 416 29.66 36.36 33.78
C LYS A 416 29.65 36.73 35.26
N PHE A 417 29.51 35.72 36.11
CA PHE A 417 29.66 35.93 37.55
C PHE A 417 30.02 34.60 38.21
N LEU A 418 30.11 34.61 39.54
CA LEU A 418 30.48 33.44 40.32
C LEU A 418 29.40 33.15 41.35
N MET A 419 29.35 31.88 41.77
CA MET A 419 28.35 31.45 42.75
C MET A 419 28.94 30.31 43.58
N GLY A 420 28.88 30.44 44.90
CA GLY A 420 29.50 29.45 45.76
C GLY A 420 28.69 28.16 45.75
N VAL A 421 29.37 27.03 45.69
CA VAL A 421 28.73 25.72 45.69
C VAL A 421 29.33 24.89 46.81
N GLN A 422 28.57 24.73 47.88
CA GLN A 422 28.96 23.85 48.99
C GLN A 422 28.66 22.43 48.54
N LYS A 423 29.60 21.84 47.79
CA LYS A 423 29.39 20.52 47.22
C LYS A 423 29.28 19.44 48.28
N GLY A 424 29.94 19.62 49.43
CA GLY A 424 29.78 18.69 50.52
C GLY A 424 28.34 18.61 51.02
N ASN A 425 27.69 19.76 51.12
CA ASN A 425 26.30 19.84 51.52
C ASN A 425 25.34 19.90 50.34
N GLN A 426 25.86 19.90 49.11
CA GLN A 426 25.05 20.00 47.90
C GLN A 426 24.16 21.24 47.93
N LYS A 427 24.77 22.37 48.27
CA LYS A 427 24.06 23.63 48.44
C LYS A 427 24.62 24.68 47.50
N TRP A 428 23.75 25.59 47.05
CA TRP A 428 24.15 26.73 46.25
C TRP A 428 23.93 28.01 47.03
N VAL A 429 24.98 28.82 47.14
CA VAL A 429 24.94 30.06 47.90
C VAL A 429 25.51 31.19 47.05
N GLU A 430 25.14 32.41 47.40
CA GLU A 430 25.59 33.59 46.68
C GLU A 430 27.04 33.91 47.05
N ILE A 431 27.55 35.00 46.50
CA ILE A 431 28.91 35.47 46.76
C ILE A 431 28.83 36.91 47.26
N GLU A 432 29.55 37.19 48.33
CA GLU A 432 29.55 38.54 48.90
C GLU A 432 30.65 39.40 48.30
N MET B 1 -34.88 22.32 -17.27
CA MET B 1 -34.85 22.60 -18.70
C MET B 1 -33.74 21.81 -19.38
N VAL B 2 -33.65 20.51 -19.05
CA VAL B 2 -32.57 19.68 -19.57
C VAL B 2 -32.62 19.62 -21.09
N GLU B 3 -33.82 19.70 -21.68
CA GLU B 3 -33.93 19.67 -23.13
C GLU B 3 -33.23 20.87 -23.76
N ILE B 4 -33.45 22.07 -23.19
CA ILE B 4 -32.78 23.26 -23.71
C ILE B 4 -31.28 23.17 -23.49
N ILE B 5 -30.87 22.67 -22.33
CA ILE B 5 -29.45 22.53 -22.02
C ILE B 5 -28.77 21.65 -23.05
N LEU B 6 -29.35 20.48 -23.32
CA LEU B 6 -28.75 19.55 -24.27
C LEU B 6 -28.81 20.09 -25.70
N SER B 7 -29.90 20.77 -26.04
CA SER B 7 -30.02 21.35 -27.38
C SER B 7 -28.93 22.36 -27.63
N HIS B 8 -28.68 23.25 -26.67
CA HIS B 8 -27.64 24.25 -26.84
C HIS B 8 -26.25 23.67 -26.68
N LEU B 9 -26.10 22.56 -25.96
CA LEU B 9 -24.83 21.85 -25.97
C LEU B 9 -24.52 21.30 -27.35
N ILE B 10 -25.52 20.68 -27.99
CA ILE B 10 -25.30 20.05 -29.29
C ILE B 10 -25.08 21.09 -30.38
N PHE B 11 -25.93 22.13 -30.40
CA PHE B 11 -25.98 23.04 -31.54
C PHE B 11 -25.19 24.33 -31.34
N ASP B 12 -25.24 24.92 -30.14
CA ASP B 12 -24.58 26.20 -29.90
C ASP B 12 -23.15 25.94 -29.44
N GLN B 13 -22.19 26.45 -30.22
CA GLN B 13 -20.79 26.27 -29.85
C GLN B 13 -20.40 27.18 -28.69
N ALA B 14 -20.87 28.42 -28.73
CA ALA B 14 -20.49 29.39 -27.67
C ALA B 14 -20.94 28.84 -26.32
N TYR B 15 -22.14 28.26 -26.28
CA TYR B 15 -22.69 27.74 -25.01
C TYR B 15 -21.78 26.63 -24.49
N PHE B 16 -21.36 25.73 -25.38
CA PHE B 16 -20.53 24.57 -24.97
C PHE B 16 -19.23 25.14 -24.40
N SER B 17 -18.79 26.28 -24.96
CA SER B 17 -17.52 26.88 -24.51
C SER B 17 -17.56 27.22 -23.03
N LYS B 18 -18.61 27.91 -22.58
CA LYS B 18 -18.63 28.41 -21.17
C LYS B 18 -19.39 27.48 -20.23
N VAL B 19 -19.97 26.38 -20.72
CA VAL B 19 -20.83 25.59 -19.78
C VAL B 19 -20.43 24.13 -19.70
N TRP B 20 -19.72 23.60 -20.69
CA TRP B 20 -19.50 22.15 -20.65
C TRP B 20 -18.55 21.70 -19.56
N PRO B 21 -17.37 22.30 -19.36
CA PRO B 21 -16.45 21.77 -18.34
C PRO B 21 -17.03 21.78 -16.93
N TYR B 22 -18.02 22.62 -16.67
CA TYR B 22 -18.68 22.66 -15.38
C TYR B 22 -19.89 21.73 -15.32
N MET B 23 -20.15 20.98 -16.39
CA MET B 23 -21.28 20.06 -16.44
C MET B 23 -20.81 18.67 -16.04
N ASP B 24 -21.74 17.88 -15.49
CA ASP B 24 -21.45 16.52 -15.06
C ASP B 24 -22.62 15.61 -15.39
N SER B 25 -22.36 14.30 -15.35
CA SER B 25 -23.36 13.32 -15.77
C SER B 25 -24.59 13.33 -14.86
N GLU B 26 -24.38 13.43 -13.55
CA GLU B 26 -25.45 13.29 -12.57
C GLU B 26 -26.17 14.62 -12.29
N TYR B 27 -26.11 15.57 -13.22
CA TYR B 27 -26.68 16.89 -13.00
C TYR B 27 -28.03 17.08 -13.65
N PHE B 28 -28.60 16.06 -14.29
CA PHE B 28 -29.89 16.21 -14.95
C PHE B 28 -30.98 15.35 -14.32
N GLU B 29 -30.84 14.04 -14.34
CA GLU B 29 -31.77 13.11 -13.70
C GLU B 29 -31.16 11.71 -13.84
N SER B 30 -31.90 10.70 -13.41
CA SER B 30 -31.51 9.31 -13.59
C SER B 30 -32.21 8.64 -14.77
N GLY B 31 -32.99 9.40 -15.55
CA GLY B 31 -33.71 8.84 -16.66
C GLY B 31 -32.96 8.96 -17.97
N PRO B 32 -33.68 9.25 -19.06
CA PRO B 32 -33.03 9.36 -20.38
C PRO B 32 -31.95 10.42 -20.44
N ALA B 33 -32.10 11.51 -19.68
CA ALA B 33 -31.13 12.60 -19.76
C ALA B 33 -29.74 12.16 -19.34
N LYS B 34 -29.66 11.33 -18.30
CA LYS B 34 -28.36 10.81 -17.87
C LYS B 34 -27.70 9.99 -18.96
N ASN B 35 -28.47 9.13 -19.64
CA ASN B 35 -27.92 8.32 -20.71
C ASN B 35 -27.47 9.18 -21.88
N THR B 36 -28.26 10.20 -22.24
CA THR B 36 -27.86 11.08 -23.33
C THR B 36 -26.57 11.81 -23.00
N PHE B 37 -26.45 12.33 -21.78
CA PHE B 37 -25.22 13.02 -21.41
C PHE B 37 -24.05 12.06 -21.30
N LYS B 38 -24.31 10.81 -20.93
CA LYS B 38 -23.24 9.81 -20.93
C LYS B 38 -22.74 9.55 -22.35
N LEU B 39 -23.65 9.45 -23.31
CA LEU B 39 -23.24 9.30 -24.71
C LEU B 39 -22.43 10.51 -25.16
N ILE B 40 -22.89 11.71 -24.81
CA ILE B 40 -22.15 12.92 -25.18
C ILE B 40 -20.77 12.92 -24.55
N LYS B 41 -20.68 12.52 -23.28
CA LYS B 41 -19.41 12.47 -22.58
C LYS B 41 -18.46 11.49 -23.26
N SER B 42 -18.97 10.31 -23.61
CA SER B 42 -18.12 9.34 -24.29
C SER B 42 -17.62 9.87 -25.62
N HIS B 43 -18.51 10.50 -26.40
CA HIS B 43 -18.09 11.01 -27.70
C HIS B 43 -17.05 12.11 -27.57
N VAL B 44 -17.26 13.04 -26.64
CA VAL B 44 -16.33 14.16 -26.51
C VAL B 44 -15.00 13.68 -25.94
N ASN B 45 -15.03 12.73 -25.00
CA ASN B 45 -13.78 12.21 -24.47
C ASN B 45 -13.07 11.30 -25.47
N GLU B 46 -13.77 10.83 -26.50
CA GLU B 46 -13.15 10.02 -27.52
C GLU B 46 -12.67 10.82 -28.73
N TYR B 47 -13.23 12.00 -28.96
CA TYR B 47 -12.88 12.78 -30.14
C TYR B 47 -12.63 14.25 -29.88
N HIS B 48 -12.78 14.72 -28.64
CA HIS B 48 -12.47 16.11 -28.26
C HIS B 48 -13.27 17.10 -29.10
N SER B 49 -14.51 16.74 -29.42
CA SER B 49 -15.39 17.61 -30.17
C SER B 49 -16.84 17.25 -29.87
N VAL B 50 -17.71 18.23 -29.98
CA VAL B 50 -19.14 17.99 -29.69
C VAL B 50 -19.73 17.10 -30.77
N PRO B 51 -20.39 16.00 -30.42
CA PRO B 51 -20.98 15.13 -31.44
C PRO B 51 -22.12 15.83 -32.17
N SER B 52 -22.27 15.46 -33.44
CA SER B 52 -23.44 15.89 -34.19
C SER B 52 -24.65 15.05 -33.79
N ILE B 53 -25.81 15.41 -34.33
CA ILE B 53 -27.01 14.62 -34.07
C ILE B 53 -26.86 13.23 -34.65
N ASN B 54 -26.33 13.13 -35.87
CA ASN B 54 -26.07 11.82 -36.47
C ASN B 54 -25.02 11.06 -35.67
N ALA B 55 -23.95 11.73 -35.26
CA ALA B 55 -22.91 11.07 -34.46
C ALA B 55 -23.42 10.62 -33.11
N LEU B 56 -24.57 11.13 -32.67
CA LEU B 56 -25.15 10.77 -31.38
C LEU B 56 -26.17 9.66 -31.50
N ASN B 57 -27.14 9.79 -32.40
CA ASN B 57 -28.23 8.84 -32.49
C ASN B 57 -27.95 7.66 -33.42
N VAL B 58 -26.84 7.67 -34.14
CA VAL B 58 -26.55 6.59 -35.08
C VAL B 58 -25.34 5.79 -34.61
N ALA B 59 -24.19 6.46 -34.51
CA ALA B 59 -22.99 5.78 -34.04
C ALA B 59 -23.18 5.28 -32.61
N LEU B 60 -23.58 6.16 -31.72
CA LEU B 60 -24.03 5.78 -30.39
C LEU B 60 -25.53 5.55 -30.44
N GLU B 61 -26.15 5.43 -29.27
CA GLU B 61 -27.57 5.13 -29.12
C GLU B 61 -27.83 3.68 -29.49
N ASN B 62 -26.80 2.99 -29.99
CA ASN B 62 -26.86 1.56 -30.28
C ASN B 62 -26.02 0.77 -29.29
N SER B 63 -25.94 1.23 -28.04
CA SER B 63 -25.22 0.53 -26.99
C SER B 63 -26.17 -0.42 -26.28
N SER B 64 -25.73 -0.99 -25.16
CA SER B 64 -26.53 -1.94 -24.40
C SER B 64 -27.50 -1.18 -23.51
N PHE B 65 -28.60 -0.73 -24.11
CA PHE B 65 -29.66 -0.02 -23.41
C PHE B 65 -30.95 -0.83 -23.52
N THR B 66 -31.69 -0.89 -22.42
CA THR B 66 -32.98 -1.54 -22.44
C THR B 66 -33.97 -0.74 -23.29
N GLU B 67 -34.98 -1.43 -23.80
CA GLU B 67 -35.91 -0.82 -24.74
C GLU B 67 -36.64 0.37 -24.11
N THR B 68 -37.03 0.24 -22.84
CA THR B 68 -37.78 1.30 -22.18
C THR B 68 -36.97 2.60 -22.08
N GLU B 69 -35.68 2.50 -21.79
CA GLU B 69 -34.84 3.69 -21.72
C GLU B 69 -34.28 4.08 -23.09
N TYR B 70 -34.06 3.11 -23.98
CA TYR B 70 -33.61 3.43 -25.33
C TYR B 70 -34.65 4.25 -26.07
N SER B 71 -35.93 3.90 -25.94
CA SER B 71 -36.98 4.69 -26.55
C SER B 71 -37.01 6.11 -26.00
N GLY B 72 -36.85 6.25 -24.69
CA GLY B 72 -36.82 7.58 -24.10
C GLY B 72 -35.63 8.40 -24.58
N VAL B 73 -34.47 7.75 -24.71
CA VAL B 73 -33.29 8.46 -25.19
C VAL B 73 -33.49 8.92 -26.63
N LYS B 74 -34.05 8.05 -27.48
CA LYS B 74 -34.29 8.48 -28.85
C LYS B 74 -35.35 9.57 -28.93
N THR B 75 -36.34 9.53 -28.03
CA THR B 75 -37.32 10.61 -27.97
C THR B 75 -36.66 11.92 -27.59
N LEU B 76 -35.76 11.89 -26.60
CA LEU B 76 -35.04 13.09 -26.20
C LEU B 76 -34.19 13.62 -27.36
N ILE B 77 -33.50 12.73 -28.06
CA ILE B 77 -32.66 13.16 -29.18
C ILE B 77 -33.52 13.78 -30.28
N SER B 78 -34.72 13.23 -30.50
CA SER B 78 -35.61 13.79 -31.51
C SER B 78 -36.01 15.22 -31.17
N LYS B 79 -36.30 15.50 -29.90
CA LYS B 79 -36.76 16.82 -29.49
C LYS B 79 -35.58 17.71 -29.06
N LEU B 80 -34.61 17.83 -29.97
CA LEU B 80 -33.47 18.72 -29.78
C LEU B 80 -33.39 19.65 -30.98
N ALA B 81 -33.37 20.96 -30.71
CA ALA B 81 -33.28 21.95 -31.77
C ALA B 81 -32.71 23.24 -31.19
N ASP B 82 -32.08 24.02 -32.05
CA ASP B 82 -31.49 25.28 -31.62
C ASP B 82 -32.57 26.29 -31.27
N SER B 83 -32.29 27.10 -30.25
CA SER B 83 -33.22 28.14 -29.80
C SER B 83 -32.53 29.49 -29.91
N PRO B 84 -33.01 30.40 -30.77
CA PRO B 84 -32.32 31.69 -30.96
C PRO B 84 -32.54 32.62 -29.78
N GLU B 85 -31.48 32.83 -28.99
CA GLU B 85 -31.51 33.78 -27.89
C GLU B 85 -30.07 34.10 -27.50
N ASP B 86 -29.92 35.08 -26.60
CA ASP B 86 -28.61 35.59 -26.24
C ASP B 86 -27.80 34.56 -25.46
N HIS B 87 -26.49 34.67 -25.57
CA HIS B 87 -25.57 33.85 -24.76
C HIS B 87 -25.16 34.58 -23.48
N SER B 88 -26.16 35.12 -22.79
CA SER B 88 -25.99 35.66 -21.44
C SER B 88 -27.05 35.17 -20.48
N TRP B 89 -28.29 35.04 -20.93
CA TRP B 89 -29.39 34.59 -20.07
C TRP B 89 -29.48 33.07 -20.04
N LEU B 90 -29.13 32.42 -21.15
CA LEU B 90 -29.03 30.97 -21.15
C LEU B 90 -27.98 30.50 -20.15
N VAL B 91 -26.83 31.16 -20.12
CA VAL B 91 -25.79 30.80 -19.17
C VAL B 91 -26.28 31.01 -17.74
N LYS B 92 -26.99 32.11 -17.49
CA LYS B 92 -27.52 32.37 -16.17
C LYS B 92 -28.47 31.25 -15.72
N GLU B 93 -29.45 30.93 -16.56
CA GLU B 93 -30.43 29.91 -16.20
C GLU B 93 -29.77 28.55 -16.03
N THR B 94 -28.82 28.21 -16.91
CA THR B 94 -28.16 26.91 -16.81
C THR B 94 -27.31 26.83 -15.55
N GLU B 95 -26.64 27.92 -15.17
CA GLU B 95 -25.89 27.90 -13.91
C GLU B 95 -26.82 27.77 -12.72
N LYS B 96 -27.97 28.44 -12.77
CA LYS B 96 -28.96 28.28 -11.70
C LYS B 96 -29.40 26.83 -11.59
N TYR B 97 -29.70 26.20 -12.73
CA TYR B 97 -30.11 24.81 -12.72
C TYR B 97 -29.00 23.89 -12.23
N VAL B 98 -27.75 24.18 -12.62
CA VAL B 98 -26.63 23.36 -12.17
C VAL B 98 -26.46 23.46 -10.67
N GLN B 99 -26.55 24.67 -10.11
CA GLN B 99 -26.45 24.83 -8.66
C GLN B 99 -27.59 24.12 -7.95
N GLN B 100 -28.82 24.23 -8.49
CA GLN B 100 -29.97 23.58 -7.88
C GLN B 100 -29.81 22.06 -7.89
N ARG B 101 -29.36 21.50 -9.01
CA ARG B 101 -29.16 20.06 -9.07
C ARG B 101 -28.01 19.61 -8.18
N ALA B 102 -26.96 20.43 -8.07
CA ALA B 102 -25.85 20.10 -7.20
C ALA B 102 -26.27 20.06 -5.74
N MET B 103 -27.05 21.06 -5.31
CA MET B 103 -27.53 21.04 -3.94
C MET B 103 -28.56 19.93 -3.71
N PHE B 104 -29.34 19.58 -4.74
CA PHE B 104 -30.23 18.43 -4.64
C PHE B 104 -29.43 17.15 -4.41
N ASN B 105 -28.35 16.96 -5.18
CA ASN B 105 -27.52 15.77 -5.00
C ASN B 105 -26.86 15.77 -3.63
N ALA B 106 -26.39 16.93 -3.18
CA ALA B 106 -25.78 17.02 -1.85
C ALA B 106 -26.79 16.68 -0.76
N THR B 107 -28.01 17.18 -0.87
CA THR B 107 -29.04 16.85 0.11
C THR B 107 -29.37 15.37 0.08
N SER B 108 -29.45 14.78 -1.11
CA SER B 108 -29.71 13.34 -1.19
C SER B 108 -28.60 12.53 -0.54
N LYS B 109 -27.34 12.91 -0.80
CA LYS B 109 -26.22 12.21 -0.18
C LYS B 109 -26.24 12.36 1.33
N ILE B 110 -26.54 13.56 1.83
CA ILE B 110 -26.57 13.79 3.28
C ILE B 110 -27.71 13.01 3.92
N ILE B 111 -28.86 12.95 3.26
CA ILE B 111 -29.99 12.19 3.79
C ILE B 111 -29.65 10.70 3.83
N GLU B 112 -29.00 10.19 2.79
CA GLU B 112 -28.59 8.79 2.79
C GLU B 112 -27.59 8.51 3.90
N ILE B 113 -26.64 9.44 4.12
CA ILE B 113 -25.67 9.28 5.19
C ILE B 113 -26.36 9.28 6.55
N GLN B 114 -27.31 10.19 6.74
CA GLN B 114 -28.05 10.24 8.01
C GLN B 114 -28.83 8.96 8.24
N THR B 115 -29.48 8.44 7.19
CA THR B 115 -30.24 7.20 7.33
C THR B 115 -29.31 6.04 7.66
N ASN B 116 -28.14 5.98 7.02
CA ASN B 116 -27.19 4.92 7.33
C ASN B 116 -26.69 5.02 8.76
N ALA B 117 -26.44 6.24 9.24
CA ALA B 117 -26.04 6.42 10.63
C ALA B 117 -27.15 6.02 11.59
N GLU B 118 -28.41 6.28 11.21
CA GLU B 118 -29.53 5.86 12.03
C GLU B 118 -29.61 4.34 12.15
N LEU B 119 -29.20 3.62 11.11
CA LEU B 119 -29.20 2.17 11.16
C LEU B 119 -28.17 1.68 12.17
N PRO B 120 -28.44 0.55 12.83
CA PRO B 120 -27.49 0.01 13.81
C PRO B 120 -26.23 -0.50 13.12
N PRO B 121 -25.16 -0.76 13.89
CA PRO B 121 -23.91 -1.22 13.26
C PRO B 121 -24.02 -2.58 12.60
N GLU B 122 -22.90 -3.05 12.04
CA GLU B 122 -22.74 -4.27 11.25
C GLU B 122 -23.36 -4.15 9.86
N LYS B 123 -24.06 -3.04 9.57
CA LYS B 123 -24.53 -2.75 8.22
C LYS B 123 -24.35 -1.27 7.89
N ARG B 124 -23.29 -0.66 8.43
CA ARG B 124 -23.06 0.77 8.28
C ARG B 124 -22.51 1.15 6.91
N ASN B 125 -22.22 0.17 6.06
CA ASN B 125 -21.70 0.42 4.71
C ASN B 125 -20.39 1.22 4.77
N LYS B 126 -19.38 0.54 5.31
CA LYS B 126 -18.08 1.15 5.56
C LYS B 126 -17.48 1.71 4.27
N LYS B 127 -16.40 2.48 4.45
CA LYS B 127 -15.77 3.25 3.36
C LYS B 127 -16.77 4.23 2.75
N MET B 128 -17.61 4.81 3.60
CA MET B 128 -18.57 5.83 3.21
C MET B 128 -18.60 6.83 4.34
N PRO B 129 -18.45 8.13 4.06
CA PRO B 129 -18.40 9.13 5.15
C PRO B 129 -19.69 9.14 5.95
N ASP B 130 -19.55 9.28 7.26
CA ASP B 130 -20.68 9.29 8.17
C ASP B 130 -21.14 10.73 8.41
N VAL B 131 -22.05 10.91 9.37
CA VAL B 131 -22.63 12.22 9.64
C VAL B 131 -21.61 13.22 10.19
N GLY B 132 -20.39 12.77 10.50
CA GLY B 132 -19.38 13.71 10.95
C GLY B 132 -18.97 14.69 9.88
N ALA B 133 -18.73 14.20 8.66
CA ALA B 133 -18.31 15.06 7.55
C ALA B 133 -19.51 15.51 6.72
N ILE B 134 -20.51 16.05 7.42
CA ILE B 134 -21.66 16.67 6.77
C ILE B 134 -21.38 18.11 6.35
N PRO B 135 -20.85 18.98 7.23
CA PRO B 135 -20.74 20.40 6.84
C PRO B 135 -19.81 20.64 5.67
N ASP B 136 -18.65 19.96 5.63
CA ASP B 136 -17.71 20.18 4.52
C ASP B 136 -18.34 19.82 3.19
N ILE B 137 -19.11 18.73 3.15
CA ILE B 137 -19.89 18.42 1.95
C ILE B 137 -20.83 19.58 1.63
N MET B 138 -21.57 20.06 2.63
CA MET B 138 -22.36 21.27 2.44
C MET B 138 -21.49 22.39 1.91
N ARG B 139 -20.28 22.51 2.43
CA ARG B 139 -19.33 23.50 1.91
C ARG B 139 -19.14 23.34 0.41
N GLN B 140 -18.81 22.13 -0.04
CA GLN B 140 -18.62 21.92 -1.47
C GLN B 140 -19.94 21.95 -2.22
N ALA B 141 -21.07 21.94 -1.51
CA ALA B 141 -22.36 22.17 -2.17
C ALA B 141 -22.53 23.64 -2.56
N LEU B 142 -21.72 24.54 -2.00
CA LEU B 142 -21.83 25.96 -2.31
C LEU B 142 -20.81 26.42 -3.33
N SER B 143 -19.64 25.80 -3.37
CA SER B 143 -18.55 26.23 -4.26
C SER B 143 -18.62 25.55 -5.62
N ILE B 144 -19.76 25.68 -6.30
CA ILE B 144 -19.93 25.07 -7.61
C ILE B 144 -20.37 26.15 -8.60
N SER B 145 -19.96 27.39 -8.35
CA SER B 145 -20.26 28.46 -9.27
C SER B 145 -19.40 28.34 -10.53
N PHE B 146 -19.80 29.08 -11.57
CA PHE B 146 -19.08 29.08 -12.84
C PHE B 146 -17.88 30.03 -12.75
N ASP B 147 -16.91 29.64 -11.93
CA ASP B 147 -15.71 30.44 -11.73
C ASP B 147 -14.80 30.26 -12.94
N SER B 148 -14.80 31.24 -13.83
CA SER B 148 -14.01 31.20 -15.06
C SER B 148 -13.13 32.45 -15.11
N TYR B 149 -11.87 32.30 -14.71
CA TYR B 149 -10.90 33.38 -14.76
C TYR B 149 -9.68 32.94 -15.58
N VAL B 150 -9.21 33.85 -16.44
CA VAL B 150 -8.01 33.63 -17.24
C VAL B 150 -7.10 34.83 -17.04
N GLY B 151 -5.81 34.60 -17.26
CA GLY B 151 -4.84 35.66 -17.06
C GLY B 151 -5.05 36.82 -18.02
N HIS B 152 -4.72 38.01 -17.55
CA HIS B 152 -4.87 39.20 -18.36
C HIS B 152 -3.76 39.26 -19.41
N ASP B 153 -4.09 39.82 -20.56
CA ASP B 153 -3.14 39.92 -21.67
C ASP B 153 -2.25 41.14 -21.51
N TRP B 154 -1.07 41.06 -22.11
CA TRP B 154 -0.06 42.09 -21.90
C TRP B 154 -0.42 43.39 -22.61
N MET B 155 -1.24 43.32 -23.66
CA MET B 155 -1.58 44.50 -24.46
C MET B 155 -3.04 44.89 -24.36
N ASP B 156 -3.95 43.90 -24.22
CA ASP B 156 -5.37 44.21 -24.25
C ASP B 156 -5.77 45.11 -23.09
N ASP B 157 -5.25 44.84 -21.89
CA ASP B 157 -5.66 45.55 -20.68
C ASP B 157 -4.50 46.33 -20.07
N TYR B 158 -3.71 47.02 -20.90
CA TYR B 158 -2.55 47.73 -20.38
C TYR B 158 -2.93 49.01 -19.65
N GLU B 159 -4.13 49.54 -19.90
CA GLU B 159 -4.57 50.72 -19.16
C GLU B 159 -4.72 50.42 -17.68
N ALA B 160 -5.30 49.27 -17.34
CA ALA B 160 -5.42 48.88 -15.94
C ALA B 160 -4.04 48.66 -15.32
N ARG B 161 -3.12 48.07 -16.08
CA ARG B 161 -1.76 47.88 -15.57
C ARG B 161 -1.09 49.22 -15.29
N TRP B 162 -1.29 50.20 -16.15
CA TRP B 162 -0.73 51.53 -15.88
C TRP B 162 -1.41 52.19 -14.69
N LEU B 163 -2.71 51.96 -14.52
CA LEU B 163 -3.39 52.45 -13.32
C LEU B 163 -2.73 51.86 -12.08
N SER B 164 -2.42 50.57 -12.12
CA SER B 164 -1.73 49.93 -11.00
C SER B 164 -0.34 50.53 -10.79
N TYR B 165 0.39 50.80 -11.87
CA TYR B 165 1.71 51.40 -11.74
C TYR B 165 1.63 52.79 -11.10
N MET B 166 0.66 53.59 -11.54
CA MET B 166 0.55 54.97 -11.07
C MET B 166 0.04 55.05 -9.65
N ASN B 167 -1.00 54.28 -9.31
CA ASN B 167 -1.52 54.28 -7.95
C ASN B 167 -0.59 53.54 -6.99
N LYS B 168 0.32 52.71 -7.50
CA LYS B 168 1.14 51.83 -6.69
C LYS B 168 0.27 50.99 -5.77
N ALA B 169 -0.85 50.50 -6.31
CA ALA B 169 -1.83 49.81 -5.47
C ALA B 169 -1.41 48.37 -5.22
N ARG B 170 -0.15 48.18 -4.84
CA ARG B 170 0.34 46.95 -4.25
C ARG B 170 1.31 47.19 -3.12
N LYS B 171 1.86 48.39 -2.99
CA LYS B 171 2.94 48.67 -2.05
C LYS B 171 2.40 49.04 -0.68
N VAL B 172 3.19 48.71 0.34
CA VAL B 172 2.93 49.11 1.73
C VAL B 172 4.21 49.73 2.27
N PRO B 173 4.34 51.05 2.23
CA PRO B 173 5.61 51.67 2.61
C PRO B 173 5.95 51.48 4.08
N PHE B 174 7.24 51.43 4.36
CA PHE B 174 7.71 51.43 5.74
C PHE B 174 7.76 52.85 6.28
N LYS B 175 7.83 52.97 7.60
CA LYS B 175 8.18 54.24 8.22
C LYS B 175 9.68 54.48 8.18
N LEU B 176 10.47 53.48 7.81
CA LEU B 176 11.92 53.59 7.72
C LEU B 176 12.30 53.93 6.28
N ARG B 177 13.14 54.96 6.13
CA ARG B 177 13.43 55.47 4.78
C ARG B 177 14.38 54.55 4.03
N ILE B 178 15.38 53.99 4.70
CA ILE B 178 16.34 53.15 3.99
C ILE B 178 15.67 51.89 3.45
N LEU B 179 14.71 51.34 4.20
CA LEU B 179 13.94 50.21 3.69
C LEU B 179 13.12 50.62 2.47
N ASN B 180 12.54 51.82 2.49
CA ASN B 180 11.79 52.29 1.33
C ASN B 180 12.69 52.45 0.11
N LYS B 181 13.93 52.92 0.32
CA LYS B 181 14.81 53.16 -0.82
C LYS B 181 15.37 51.85 -1.37
N ILE B 182 15.63 50.86 -0.51
CA ILE B 182 16.08 49.56 -1.02
C ILE B 182 14.93 48.67 -1.44
N THR B 183 13.68 49.07 -1.20
CA THR B 183 12.52 48.33 -1.68
C THR B 183 11.68 49.12 -2.67
N LYS B 184 12.02 50.38 -2.93
CA LYS B 184 11.29 51.23 -3.89
C LYS B 184 9.81 51.29 -3.56
N GLY B 185 9.48 51.43 -2.28
CA GLY B 185 8.11 51.57 -1.87
C GLY B 185 7.61 50.48 -0.94
N GLY B 186 8.54 49.78 -0.28
CA GLY B 186 8.15 48.77 0.67
C GLY B 186 7.77 47.45 0.04
N ALA B 187 7.27 46.56 0.88
CA ALA B 187 6.82 45.25 0.41
C ALA B 187 5.50 45.39 -0.34
N GLU B 188 4.98 44.26 -0.81
CA GLU B 188 3.83 44.25 -1.70
C GLU B 188 2.76 43.32 -1.14
N THR B 189 1.51 43.62 -1.50
CA THR B 189 0.36 42.83 -1.05
C THR B 189 0.44 41.44 -1.65
N GLY B 190 0.72 40.44 -0.83
CA GLY B 190 0.83 39.08 -1.30
C GLY B 190 2.26 38.59 -1.31
N THR B 191 3.11 39.22 -0.52
CA THR B 191 4.52 38.88 -0.48
C THR B 191 4.91 38.45 0.93
N LEU B 192 6.06 37.78 1.01
CA LEU B 192 6.59 37.22 2.24
C LEU B 192 8.01 37.73 2.44
N ASN B 193 8.30 38.22 3.64
CA ASN B 193 9.60 38.80 3.96
C ASN B 193 10.16 38.10 5.20
N VAL B 194 11.48 38.05 5.28
CA VAL B 194 12.15 37.21 6.28
C VAL B 194 13.35 37.95 6.84
N LEU B 195 13.58 37.78 8.15
CA LEU B 195 14.81 38.20 8.82
C LEU B 195 15.62 36.97 9.20
N MET B 196 16.90 37.19 9.49
CA MET B 196 17.81 36.09 9.80
C MET B 196 18.91 36.61 10.70
N ALA B 197 18.85 36.30 12.00
CA ALA B 197 19.85 36.77 12.95
C ALA B 197 20.59 35.63 13.63
N GLY B 198 19.88 34.69 14.25
CA GLY B 198 20.53 33.67 15.05
C GLY B 198 19.83 33.45 16.38
N VAL B 199 20.60 33.46 17.47
CA VAL B 199 20.07 33.25 18.81
C VAL B 199 20.25 34.54 19.62
N ASN B 200 19.13 35.08 20.11
CA ASN B 200 19.14 36.28 20.96
C ASN B 200 19.87 37.43 20.30
N VAL B 201 19.62 37.64 19.01
CA VAL B 201 20.16 38.76 18.26
C VAL B 201 19.05 39.67 17.74
N GLY B 202 17.97 39.09 17.24
CA GLY B 202 16.86 39.86 16.72
C GLY B 202 15.69 38.96 16.37
N LYS B 203 15.09 39.22 15.20
CA LYS B 203 14.04 38.39 14.60
C LYS B 203 12.71 38.53 15.33
N SER B 204 12.71 39.17 16.48
CA SER B 204 11.48 39.53 17.17
C SER B 204 11.49 40.99 17.60
N LEU B 205 12.63 41.50 18.04
CA LEU B 205 12.77 42.94 18.25
C LEU B 205 12.63 43.68 16.92
N GLY B 206 13.23 43.15 15.87
CA GLY B 206 13.03 43.72 14.54
C GLY B 206 11.60 43.56 14.06
N LEU B 207 11.00 42.39 14.29
CA LEU B 207 9.62 42.18 13.87
C LEU B 207 8.66 43.07 14.66
N CYS B 208 8.91 43.23 15.97
CA CYS B 208 8.09 44.13 16.77
C CYS B 208 8.27 45.57 16.30
N SER B 209 9.49 45.95 15.94
CA SER B 209 9.72 47.29 15.39
C SER B 209 8.94 47.49 14.11
N LEU B 210 8.95 46.50 13.23
CA LEU B 210 8.17 46.58 12.00
C LEU B 210 6.68 46.69 12.29
N ALA B 211 6.19 45.92 13.26
CA ALA B 211 4.77 45.97 13.60
C ALA B 211 4.40 47.34 14.15
N ALA B 212 5.25 47.90 15.01
CA ALA B 212 4.98 49.23 15.56
C ALA B 212 5.01 50.30 14.46
N ASP B 213 5.97 50.21 13.54
CA ASP B 213 6.04 51.18 12.46
C ASP B 213 4.82 51.08 11.55
N TYR B 214 4.36 49.86 11.27
CA TYR B 214 3.12 49.69 10.52
C TYR B 214 1.93 50.27 11.27
N LEU B 215 1.91 50.07 12.60
CA LEU B 215 0.81 50.58 13.41
C LEU B 215 0.75 52.10 13.37
N GLN B 216 1.92 52.75 13.43
CA GLN B 216 1.96 54.20 13.35
C GLN B 216 1.42 54.73 12.03
N LEU B 217 1.38 53.90 10.99
CA LEU B 217 0.94 54.31 9.67
C LEU B 217 -0.53 53.98 9.39
N GLY B 218 -1.26 53.53 10.39
CA GLY B 218 -2.67 53.21 10.19
C GLY B 218 -2.93 51.90 9.49
N HIS B 219 -2.18 50.86 9.82
CA HIS B 219 -2.33 49.54 9.23
C HIS B 219 -2.84 48.57 10.30
N ASN B 220 -3.86 47.79 9.96
CA ASN B 220 -4.38 46.77 10.85
C ASN B 220 -3.37 45.63 10.92
N VAL B 221 -2.59 45.60 11.99
CA VAL B 221 -1.50 44.64 12.15
C VAL B 221 -2.01 43.43 12.91
N LEU B 222 -1.73 42.24 12.39
CA LEU B 222 -2.02 40.98 13.07
C LEU B 222 -0.70 40.30 13.37
N TYR B 223 -0.26 40.38 14.62
CA TYR B 223 0.97 39.75 15.08
C TYR B 223 0.64 38.38 15.63
N ILE B 224 1.36 37.37 15.16
CA ILE B 224 1.26 36.01 15.68
C ILE B 224 2.64 35.61 16.19
N SER B 225 2.71 35.18 17.44
CA SER B 225 3.96 34.74 18.04
C SER B 225 3.79 33.34 18.61
N MET B 226 4.88 32.58 18.58
CA MET B 226 4.90 31.25 19.17
C MET B 226 6.05 31.02 20.13
N GLU B 227 7.04 31.92 20.17
CA GLU B 227 8.14 31.83 21.11
C GLU B 227 7.94 32.68 22.36
N MET B 228 6.85 33.44 22.43
CA MET B 228 6.59 34.29 23.59
C MET B 228 5.11 34.62 23.63
N ALA B 229 4.63 34.91 24.84
CA ALA B 229 3.21 35.11 25.06
C ALA B 229 2.78 36.50 24.56
N GLU B 230 1.46 36.72 24.56
CA GLU B 230 0.91 37.98 24.09
C GLU B 230 1.42 39.15 24.90
N GLU B 231 1.53 38.98 26.22
CA GLU B 231 1.97 40.08 27.08
C GLU B 231 3.39 40.52 26.73
N VAL B 232 4.28 39.57 26.44
CA VAL B 232 5.66 39.93 26.11
C VAL B 232 5.71 40.72 24.80
N CYS B 233 4.98 40.26 23.78
CA CYS B 233 4.97 40.94 22.50
C CYS B 233 4.41 42.35 22.64
N ALA B 234 3.26 42.47 23.31
CA ALA B 234 2.65 43.78 23.49
C ALA B 234 3.53 44.69 24.34
N LYS B 235 4.27 44.12 25.29
CA LYS B 235 5.21 44.92 26.07
C LYS B 235 6.34 45.44 25.19
N ARG B 236 6.85 44.60 24.29
CA ARG B 236 7.85 45.07 23.34
C ARG B 236 7.32 46.21 22.49
N ILE B 237 6.10 46.07 21.99
CA ILE B 237 5.53 47.11 21.14
C ILE B 237 5.30 48.39 21.93
N ASP B 238 4.84 48.27 23.18
CA ASP B 238 4.65 49.45 24.02
C ASP B 238 5.97 50.15 24.30
N ALA B 239 7.02 49.39 24.63
CA ALA B 239 8.33 50.01 24.80
C ALA B 239 8.81 50.65 23.52
N ASN B 240 8.39 50.13 22.36
CA ASN B 240 8.71 50.78 21.10
C ASN B 240 8.04 52.13 20.99
N MET B 241 6.72 52.18 21.22
CA MET B 241 5.96 53.38 20.91
C MET B 241 5.76 54.32 22.09
N LEU B 242 5.94 53.86 23.32
CA LEU B 242 5.84 54.74 24.48
C LEU B 242 7.20 55.29 24.92
N ASP B 243 8.27 54.94 24.22
CA ASP B 243 9.62 55.46 24.48
C ASP B 243 10.10 55.18 25.90
N VAL B 244 9.50 54.20 26.57
CA VAL B 244 9.93 53.77 27.89
C VAL B 244 10.74 52.50 27.74
N SER B 245 11.87 52.43 28.42
CA SER B 245 12.77 51.29 28.29
C SER B 245 12.08 50.02 28.79
N LEU B 246 12.46 48.88 28.19
CA LEU B 246 11.91 47.61 28.61
C LEU B 246 12.30 47.30 30.05
N ASP B 247 13.50 47.71 30.45
CA ASP B 247 13.89 47.63 31.86
C ASP B 247 13.01 48.53 32.73
N ASP B 248 12.44 49.57 32.14
CA ASP B 248 11.62 50.52 32.90
C ASP B 248 10.18 50.05 33.03
N ILE B 249 9.68 49.27 32.06
CA ILE B 249 8.27 48.87 32.09
C ILE B 249 7.98 48.01 33.32
N ASP B 250 8.84 47.03 33.59
CA ASP B 250 8.67 46.20 34.77
C ASP B 250 9.26 46.93 35.98
N ASP B 251 9.29 46.23 37.12
CA ASP B 251 9.72 46.74 38.41
C ASP B 251 9.21 48.16 38.67
N GLY B 252 7.95 48.41 38.34
CA GLY B 252 7.38 49.73 38.53
C GLY B 252 8.08 50.75 37.66
N HIS B 253 8.52 51.84 38.30
CA HIS B 253 9.28 52.94 37.71
C HIS B 253 8.48 53.74 36.69
N ILE B 254 7.24 53.37 36.41
CA ILE B 254 6.34 54.12 35.53
C ILE B 254 4.99 54.22 36.22
N SER B 255 4.49 55.44 36.36
CA SER B 255 3.19 55.65 36.98
C SER B 255 2.07 55.25 36.03
N TYR B 256 0.94 54.84 36.60
CA TYR B 256 -0.24 54.56 35.78
C TYR B 256 -0.77 55.81 35.08
N ALA B 257 -0.50 56.99 35.63
CA ALA B 257 -1.02 58.22 35.05
C ALA B 257 -0.42 58.47 33.67
N GLU B 258 0.92 58.37 33.56
CA GLU B 258 1.55 58.61 32.27
C GLU B 258 1.19 57.53 31.25
N TYR B 259 1.08 56.26 31.68
CA TYR B 259 0.66 55.20 30.78
C TYR B 259 -0.75 55.47 30.25
N LYS B 260 -1.67 55.85 31.14
CA LYS B 260 -3.03 56.15 30.71
C LYS B 260 -3.06 57.35 29.78
N GLY B 261 -2.28 58.39 30.09
CA GLY B 261 -2.26 59.57 29.23
C GLY B 261 -1.72 59.28 27.84
N LYS B 262 -0.64 58.50 27.77
CA LYS B 262 -0.09 58.13 26.47
C LYS B 262 -1.08 57.26 25.69
N MET B 263 -1.76 56.33 26.36
CA MET B 263 -2.76 55.53 25.68
C MET B 263 -3.91 56.39 25.17
N GLU B 264 -4.34 57.36 25.97
CA GLU B 264 -5.41 58.26 25.55
C GLU B 264 -5.00 59.08 24.33
N LYS B 265 -3.78 59.64 24.36
CA LYS B 265 -3.36 60.51 23.26
C LYS B 265 -3.12 59.71 21.99
N TRP B 266 -2.60 58.49 22.10
CA TRP B 266 -2.45 57.64 20.92
C TRP B 266 -3.81 57.21 20.39
N ARG B 267 -4.75 56.90 21.28
CA ARG B 267 -6.07 56.45 20.84
C ARG B 267 -6.81 57.53 20.07
N GLU B 268 -6.71 58.78 20.53
CA GLU B 268 -7.40 59.88 19.87
C GLU B 268 -6.87 60.18 18.48
N LYS B 269 -5.65 59.75 18.16
CA LYS B 269 -5.13 59.93 16.81
C LYS B 269 -5.86 59.03 15.83
N SER B 270 -6.31 59.62 14.73
CA SER B 270 -6.97 58.84 13.68
C SER B 270 -5.98 58.16 12.75
N THR B 271 -4.70 58.52 12.83
CA THR B 271 -3.66 57.91 12.00
C THR B 271 -3.00 56.74 12.75
N LEU B 272 -3.83 55.79 13.16
CA LEU B 272 -3.36 54.64 13.90
C LEU B 272 -4.29 53.47 13.64
N GLY B 273 -3.72 52.31 13.31
CA GLY B 273 -4.49 51.12 13.05
C GLY B 273 -4.78 50.33 14.31
N ARG B 274 -5.37 49.15 14.11
CA ARG B 274 -5.70 48.23 15.19
C ARG B 274 -4.69 47.10 15.19
N LEU B 275 -3.97 46.93 16.28
CA LEU B 275 -2.96 45.89 16.42
C LEU B 275 -3.52 44.77 17.29
N ILE B 276 -3.38 43.54 16.82
CA ILE B 276 -3.88 42.37 17.55
C ILE B 276 -2.76 41.35 17.64
N VAL B 277 -2.37 41.01 18.86
CA VAL B 277 -1.33 40.03 19.12
C VAL B 277 -1.97 38.72 19.55
N LYS B 278 -1.52 37.62 18.97
CA LYS B 278 -1.99 36.29 19.33
C LYS B 278 -0.80 35.37 19.57
N GLN B 279 -0.79 34.70 20.71
CA GLN B 279 0.26 33.77 21.08
C GLN B 279 -0.20 32.35 20.79
N TYR B 280 0.69 31.54 20.24
CA TYR B 280 0.41 30.15 19.91
C TYR B 280 1.46 29.24 20.50
N PRO B 281 1.09 28.00 20.84
CA PRO B 281 2.10 27.03 21.26
C PRO B 281 3.04 26.69 20.12
N THR B 282 4.27 26.36 20.47
CA THR B 282 5.29 26.04 19.48
C THR B 282 4.85 24.85 18.63
N GLY B 283 4.53 25.10 17.36
CA GLY B 283 4.05 24.06 16.49
C GLY B 283 2.58 23.74 16.61
N GLY B 284 1.78 24.68 17.11
CA GLY B 284 0.36 24.44 17.36
C GLY B 284 -0.61 25.08 16.39
N ALA B 285 -0.16 25.62 15.27
CA ALA B 285 -1.06 26.26 14.32
C ALA B 285 -0.51 26.10 12.92
N ASP B 286 -1.38 26.33 11.93
CA ASP B 286 -1.01 26.22 10.53
C ASP B 286 -1.77 27.27 9.73
N ALA B 287 -1.74 27.15 8.41
CA ALA B 287 -2.43 28.11 7.56
C ALA B 287 -3.95 28.03 7.73
N ASN B 288 -4.48 26.82 7.90
CA ASN B 288 -5.93 26.68 8.12
C ASN B 288 -6.34 27.37 9.41
N THR B 289 -5.55 27.23 10.47
CA THR B 289 -5.83 27.92 11.71
C THR B 289 -5.79 29.43 11.51
N PHE B 290 -4.84 29.92 10.73
CA PHE B 290 -4.77 31.36 10.48
C PHE B 290 -5.97 31.85 9.68
N ARG B 291 -6.41 31.07 8.69
CA ARG B 291 -7.60 31.44 7.93
C ARG B 291 -8.84 31.47 8.83
N SER B 292 -8.97 30.48 9.71
CA SER B 292 -10.08 30.47 10.66
C SER B 292 -10.00 31.67 11.60
N LEU B 293 -8.79 32.02 12.03
CA LEU B 293 -8.60 33.18 12.89
C LEU B 293 -9.02 34.46 12.18
N LEU B 294 -8.65 34.60 10.91
CA LEU B 294 -9.06 35.77 10.13
C LEU B 294 -10.57 35.82 9.99
N ASN B 295 -11.19 34.67 9.73
CA ASN B 295 -12.64 34.62 9.62
C ASN B 295 -13.32 35.03 10.92
N GLU B 296 -12.81 34.52 12.05
CA GLU B 296 -13.38 34.86 13.34
C GLU B 296 -13.21 36.36 13.62
N LEU B 297 -12.05 36.91 13.31
CA LEU B 297 -11.82 38.33 13.55
C LEU B 297 -12.75 39.18 12.71
N LYS B 298 -12.91 38.83 11.42
CA LYS B 298 -13.81 39.61 10.57
C LYS B 298 -15.27 39.45 10.98
N LEU B 299 -15.62 38.31 11.56
CA LEU B 299 -16.99 38.12 12.02
C LEU B 299 -17.26 38.91 13.30
N LYS B 300 -16.31 38.94 14.22
CA LYS B 300 -16.54 39.51 15.55
C LYS B 300 -16.21 40.99 15.61
N LYS B 301 -14.95 41.35 15.30
CA LYS B 301 -14.49 42.72 15.44
C LYS B 301 -14.22 43.38 14.09
N ASN B 302 -14.84 42.87 13.02
CA ASN B 302 -14.69 43.39 11.65
C ASN B 302 -13.23 43.67 11.33
N PHE B 303 -12.32 42.84 11.86
CA PHE B 303 -10.90 43.07 11.68
C PHE B 303 -10.44 42.48 10.35
N VAL B 304 -9.99 43.35 9.46
CA VAL B 304 -9.47 42.92 8.17
C VAL B 304 -8.03 43.42 8.07
N PRO B 305 -7.06 42.65 8.54
CA PRO B 305 -5.67 43.13 8.56
C PRO B 305 -5.11 43.29 7.16
N THR B 306 -4.22 44.27 7.03
CA THR B 306 -3.41 44.42 5.83
C THR B 306 -1.99 43.94 6.04
N ILE B 307 -1.59 43.68 7.28
CA ILE B 307 -0.26 43.18 7.61
C ILE B 307 -0.40 41.98 8.52
N ILE B 308 0.29 40.89 8.16
CA ILE B 308 0.38 39.71 9.01
C ILE B 308 1.85 39.50 9.33
N ILE B 309 2.16 39.37 10.62
CA ILE B 309 3.55 39.26 11.07
C ILE B 309 3.64 38.07 12.00
N VAL B 310 4.09 36.94 11.49
CA VAL B 310 4.28 35.74 12.30
C VAL B 310 5.70 35.77 12.84
N ASP B 311 5.83 35.65 14.17
CA ASP B 311 7.14 35.79 14.80
C ASP B 311 8.11 34.72 14.36
N TYR B 312 7.61 33.57 13.91
CA TYR B 312 8.51 32.46 13.57
C TYR B 312 7.72 31.43 12.76
N LEU B 313 8.34 30.92 11.70
CA LEU B 313 7.76 29.87 10.89
C LEU B 313 8.43 28.52 11.08
N GLY B 314 9.70 28.50 11.48
CA GLY B 314 10.38 27.25 11.76
C GLY B 314 9.80 26.49 12.95
N ILE B 315 9.02 27.14 13.79
CA ILE B 315 8.39 26.49 14.93
C ILE B 315 6.90 26.38 14.67
N CYS B 316 6.53 26.35 13.40
CA CYS B 316 5.15 26.16 12.97
C CYS B 316 5.00 24.75 12.42
N LYS B 317 3.79 24.43 11.95
CA LYS B 317 3.50 23.12 11.37
C LYS B 317 2.92 23.28 9.98
N SER B 318 3.21 22.32 9.11
CA SER B 318 2.72 22.38 7.74
C SER B 318 1.22 22.12 7.68
N CYS B 319 0.53 22.90 6.85
CA CYS B 319 -0.90 22.72 6.70
C CYS B 319 -1.24 21.41 6.00
N ARG B 320 -0.42 20.99 5.04
CA ARG B 320 -0.73 19.82 4.24
C ARG B 320 0.01 18.56 4.69
N ILE B 321 1.21 18.69 5.23
CA ILE B 321 1.93 17.53 5.73
C ILE B 321 1.22 17.02 6.98
N ARG B 322 0.85 15.73 6.98
CA ARG B 322 0.02 15.18 8.03
C ARG B 322 0.81 14.55 9.17
N VAL B 323 2.09 14.26 8.96
CA VAL B 323 2.93 13.64 9.99
C VAL B 323 4.21 14.45 10.12
N TYR B 324 4.59 14.72 11.37
CA TYR B 324 5.86 15.40 11.63
C TYR B 324 7.01 14.55 11.09
N SER B 325 7.90 15.20 10.35
CA SER B 325 9.00 14.50 9.68
C SER B 325 10.33 14.98 10.23
N GLU B 326 11.27 14.05 10.37
CA GLU B 326 12.61 14.41 10.82
C GLU B 326 13.29 15.34 9.83
N ASN B 327 12.95 15.22 8.55
CA ASN B 327 13.53 16.06 7.50
C ASN B 327 12.97 17.48 7.63
N SER B 328 13.76 18.38 8.20
CA SER B 328 13.31 19.75 8.37
C SER B 328 13.14 20.46 7.03
N TYR B 329 13.91 20.06 6.01
CA TYR B 329 13.90 20.77 4.74
C TYR B 329 12.51 20.77 4.12
N THR B 330 11.90 19.59 3.96
CA THR B 330 10.60 19.51 3.31
C THR B 330 9.51 20.19 4.13
N THR B 331 9.50 19.97 5.44
CA THR B 331 8.48 20.55 6.28
C THR B 331 8.54 22.08 6.26
N VAL B 332 9.75 22.63 6.38
CA VAL B 332 9.90 24.08 6.41
C VAL B 332 9.59 24.68 5.05
N LYS B 333 9.99 24.00 3.97
CA LYS B 333 9.64 24.49 2.65
C LYS B 333 8.13 24.52 2.46
N ALA B 334 7.44 23.46 2.90
CA ALA B 334 5.99 23.44 2.79
C ALA B 334 5.35 24.54 3.63
N ILE B 335 5.90 24.79 4.82
CA ILE B 335 5.38 25.86 5.66
C ILE B 335 5.55 27.22 4.99
N ALA B 336 6.73 27.46 4.41
CA ALA B 336 6.98 28.73 3.75
C ALA B 336 6.07 28.92 2.54
N GLU B 337 5.90 27.86 1.75
CA GLU B 337 5.01 27.95 0.59
C GLU B 337 3.57 28.20 1.03
N GLU B 338 3.14 27.55 2.10
CA GLU B 338 1.79 27.75 2.59
C GLU B 338 1.60 29.16 3.13
N LEU B 339 2.61 29.70 3.81
CA LEU B 339 2.54 31.07 4.29
C LEU B 339 2.46 32.06 3.14
N ARG B 340 3.25 31.85 2.09
CA ARG B 340 3.19 32.75 0.96
C ARG B 340 1.86 32.63 0.23
N ALA B 341 1.31 31.42 0.15
CA ALA B 341 -0.02 31.24 -0.43
C ALA B 341 -1.07 31.98 0.39
N LEU B 342 -0.97 31.91 1.71
CA LEU B 342 -1.88 32.65 2.57
C LEU B 342 -1.75 34.15 2.33
N ALA B 343 -0.52 34.65 2.21
CA ALA B 343 -0.30 36.07 1.99
C ALA B 343 -0.89 36.51 0.65
N VAL B 344 -0.69 35.71 -0.40
CA VAL B 344 -1.18 36.11 -1.71
C VAL B 344 -2.71 36.00 -1.79
N GLU B 345 -3.30 35.03 -1.09
CA GLU B 345 -4.75 34.90 -1.13
C GLU B 345 -5.43 35.96 -0.27
N THR B 346 -4.79 36.40 0.81
CA THR B 346 -5.34 37.46 1.64
C THR B 346 -4.91 38.85 1.20
N GLU B 347 -4.03 38.94 0.21
CA GLU B 347 -3.54 40.23 -0.31
C GLU B 347 -2.94 41.07 0.81
N THR B 348 -2.11 40.45 1.65
CA THR B 348 -1.50 41.11 2.78
C THR B 348 0.00 40.86 2.79
N VAL B 349 0.74 41.86 3.22
CA VAL B 349 2.19 41.71 3.42
C VAL B 349 2.41 40.81 4.63
N LEU B 350 3.24 39.79 4.46
CA LEU B 350 3.52 38.83 5.52
C LEU B 350 5.00 38.93 5.88
N TRP B 351 5.27 38.94 7.18
CA TRP B 351 6.62 39.02 7.69
C TRP B 351 6.88 37.84 8.62
N THR B 352 8.13 37.38 8.63
CA THR B 352 8.52 36.22 9.43
C THR B 352 9.99 36.37 9.81
N ALA B 353 10.53 35.33 10.44
CA ALA B 353 11.93 35.28 10.79
C ALA B 353 12.34 33.82 10.90
N ALA B 354 13.61 33.52 10.65
CA ALA B 354 14.11 32.16 10.71
C ALA B 354 15.51 32.11 11.30
N GLN B 355 15.87 30.93 11.79
CA GLN B 355 17.17 30.73 12.43
C GLN B 355 18.28 30.65 11.39
N VAL B 356 19.47 31.09 11.79
CA VAL B 356 20.66 30.91 10.96
C VAL B 356 21.39 29.67 11.48
N GLY B 357 22.30 29.13 10.65
CA GLY B 357 22.94 27.88 10.98
C GLY B 357 23.96 27.99 12.10
N LYS B 358 24.44 26.82 12.54
CA LYS B 358 25.47 26.77 13.57
C LYS B 358 26.72 27.50 13.16
N GLN B 359 27.04 27.49 11.86
CA GLN B 359 28.25 28.15 11.39
C GLN B 359 28.19 29.66 11.61
N ALA B 360 27.00 30.25 11.46
CA ALA B 360 26.86 31.69 11.52
C ALA B 360 26.52 32.21 12.91
N TRP B 361 26.39 31.34 13.91
CA TRP B 361 26.11 31.81 15.26
C TRP B 361 27.28 32.58 15.86
N ASP B 362 28.50 32.32 15.40
CA ASP B 362 29.68 33.04 15.84
C ASP B 362 30.49 33.48 14.62
N SER B 363 29.79 34.03 13.63
CA SER B 363 30.42 34.47 12.40
C SER B 363 30.04 35.93 12.14
N SER B 364 31.02 36.69 11.65
CA SER B 364 30.79 38.11 11.38
C SER B 364 29.94 38.33 10.13
N ASP B 365 30.06 37.44 9.15
CA ASP B 365 29.30 37.54 7.90
C ASP B 365 28.51 36.26 7.68
N VAL B 366 27.28 36.42 7.21
CA VAL B 366 26.40 35.29 6.93
C VAL B 366 25.88 35.43 5.49
N ASN B 367 26.02 34.38 4.71
CA ASN B 367 25.47 34.34 3.36
C ASN B 367 24.20 33.50 3.34
N MET B 368 23.54 33.49 2.18
CA MET B 368 22.26 32.77 2.06
C MET B 368 22.43 31.28 2.31
N SER B 369 23.62 30.74 2.06
CA SER B 369 23.87 29.32 2.29
C SER B 369 23.87 28.94 3.77
N ASP B 370 23.86 29.92 4.67
CA ASP B 370 23.89 29.66 6.10
C ASP B 370 22.50 29.55 6.72
N ILE B 371 21.44 29.58 5.91
CA ILE B 371 20.10 29.35 6.44
C ILE B 371 20.08 27.95 7.07
N ALA B 372 19.46 27.86 8.25
CA ALA B 372 19.70 26.71 9.12
C ALA B 372 18.87 25.51 8.70
N GLU B 373 17.55 25.62 8.73
CA GLU B 373 16.67 24.47 8.71
C GLU B 373 16.30 23.99 7.32
N SER B 374 16.33 24.86 6.32
CA SER B 374 15.88 24.48 4.98
C SER B 374 16.46 25.43 3.95
N ALA B 375 17.02 24.86 2.88
CA ALA B 375 17.45 25.66 1.74
C ALA B 375 16.29 26.04 0.84
N GLY B 376 15.12 25.43 1.02
CA GLY B 376 13.95 25.79 0.26
C GLY B 376 13.19 26.99 0.77
N LEU B 377 13.63 27.56 1.88
CA LEU B 377 13.02 28.76 2.44
C LEU B 377 13.45 30.02 1.68
N PRO B 378 14.75 30.23 1.41
CA PRO B 378 15.12 31.43 0.62
C PRO B 378 14.50 31.46 -0.75
N ALA B 379 14.13 30.31 -1.31
CA ALA B 379 13.49 30.29 -2.62
C ALA B 379 12.10 30.91 -2.57
N THR B 380 11.32 30.59 -1.55
CA THR B 380 9.95 31.08 -1.44
C THR B 380 9.88 32.54 -0.99
N ALA B 381 10.89 33.03 -0.29
CA ALA B 381 10.85 34.39 0.23
C ALA B 381 10.94 35.41 -0.90
N ASP B 382 10.35 36.58 -0.67
CA ASP B 382 10.49 37.71 -1.58
C ASP B 382 11.44 38.76 -1.03
N PHE B 383 11.95 38.58 0.19
CA PHE B 383 12.90 39.50 0.79
C PHE B 383 13.51 38.86 2.02
N MET B 384 14.83 38.86 2.12
CA MET B 384 15.52 38.29 3.26
C MET B 384 16.53 39.29 3.79
N LEU B 385 16.66 39.33 5.11
CA LEU B 385 17.61 40.24 5.76
C LEU B 385 18.41 39.46 6.79
N ALA B 386 19.71 39.73 6.83
CA ALA B 386 20.64 39.03 7.71
C ALA B 386 21.09 39.97 8.80
N VAL B 387 20.35 39.99 9.90
CA VAL B 387 20.70 40.83 11.04
C VAL B 387 21.91 40.24 11.73
N ILE B 388 22.97 41.05 11.86
CA ILE B 388 24.25 40.59 12.40
C ILE B 388 24.63 41.46 13.58
N GLU B 389 25.15 40.81 14.63
CA GLU B 389 25.66 41.50 15.82
C GLU B 389 27.02 40.92 16.18
N THR B 390 28.08 41.68 15.91
CA THR B 390 29.42 41.33 16.35
C THR B 390 29.73 42.08 17.64
N GLU B 391 30.99 41.99 18.09
CA GLU B 391 31.38 42.65 19.32
C GLU B 391 31.31 44.18 19.19
N GLU B 392 31.81 44.71 18.08
CA GLU B 392 31.90 46.16 17.94
C GLU B 392 30.54 46.78 17.66
N LEU B 393 29.71 46.13 16.85
CA LEU B 393 28.38 46.66 16.57
C LEU B 393 27.52 46.68 17.82
N ALA B 394 27.63 45.65 18.66
CA ALA B 394 26.92 45.64 19.93
C ALA B 394 27.38 46.79 20.83
N ALA B 395 28.69 47.04 20.86
CA ALA B 395 29.20 48.18 21.63
C ALA B 395 28.67 49.50 21.08
N ALA B 396 28.58 49.61 19.75
CA ALA B 396 28.04 50.80 19.12
C ALA B 396 26.51 50.79 19.04
N GLU B 397 25.87 49.73 19.52
CA GLU B 397 24.41 49.59 19.49
C GLU B 397 23.89 49.68 18.05
N GLN B 398 24.62 49.07 17.13
CA GLN B 398 24.25 49.03 15.72
C GLN B 398 24.05 47.60 15.27
N GLN B 399 23.21 47.41 14.26
CA GLN B 399 22.99 46.10 13.67
C GLN B 399 23.26 46.17 12.17
N LEU B 400 24.09 45.26 11.68
CA LEU B 400 24.41 45.20 10.26
C LEU B 400 23.38 44.31 9.58
N ILE B 401 22.66 44.86 8.61
CA ILE B 401 21.61 44.16 7.88
C ILE B 401 22.11 43.91 6.46
N LYS B 402 22.01 42.67 6.00
CA LYS B 402 22.43 42.28 4.66
C LYS B 402 21.21 41.98 3.82
N GLN B 403 21.18 42.52 2.60
CA GLN B 403 20.01 42.42 1.72
C GLN B 403 20.22 41.26 0.75
N ILE B 404 20.14 40.06 1.28
CA ILE B 404 20.19 38.86 0.46
C ILE B 404 18.78 38.50 0.02
N LYS B 405 18.67 37.89 -1.15
CA LYS B 405 17.39 37.44 -1.71
C LYS B 405 16.38 38.60 -1.72
N SER B 406 16.68 39.58 -2.56
CA SER B 406 15.82 40.74 -2.76
C SER B 406 15.08 40.60 -4.08
N ARG B 407 13.75 40.80 -4.03
CA ARG B 407 12.92 40.73 -5.21
C ARG B 407 12.37 42.09 -5.65
N TYR B 408 12.24 43.04 -4.72
CA TYR B 408 11.77 44.37 -5.10
C TYR B 408 12.84 45.16 -5.82
N GLY B 409 14.07 45.09 -5.35
CA GLY B 409 15.17 45.86 -5.91
C GLY B 409 16.34 44.96 -6.25
N ASP B 410 17.54 45.48 -6.03
CA ASP B 410 18.78 44.79 -6.34
C ASP B 410 19.49 44.41 -5.05
N LYS B 411 19.94 43.16 -4.97
CA LYS B 411 20.63 42.67 -3.78
C LYS B 411 21.93 43.41 -3.52
N ASN B 412 22.63 43.83 -4.56
CA ASN B 412 23.95 44.43 -4.40
C ASN B 412 23.97 45.92 -4.61
N LYS B 413 22.81 46.54 -4.91
CA LYS B 413 22.79 47.99 -5.08
C LYS B 413 23.14 48.71 -3.78
N TRP B 414 22.63 48.23 -2.67
CA TRP B 414 23.03 48.73 -1.35
C TRP B 414 23.55 47.63 -0.44
N ASN B 415 22.92 46.45 -0.43
CA ASN B 415 23.41 45.26 0.26
C ASN B 415 23.56 45.57 1.74
N LYS B 416 24.75 45.45 2.34
CA LYS B 416 24.92 45.67 3.76
C LYS B 416 24.69 47.13 4.12
N PHE B 417 23.98 47.35 5.23
CA PHE B 417 23.84 48.69 5.77
C PHE B 417 23.65 48.60 7.29
N LEU B 418 24.13 49.63 7.98
CA LEU B 418 23.98 49.72 9.43
C LEU B 418 22.59 50.25 9.78
N MET B 419 22.05 49.76 10.88
CA MET B 419 20.75 50.19 11.37
C MET B 419 20.85 50.46 12.87
N GLY B 420 20.13 51.47 13.32
CA GLY B 420 20.14 51.87 14.71
C GLY B 420 19.22 51.05 15.57
N VAL B 421 19.64 49.82 15.90
CA VAL B 421 18.88 48.99 16.82
C VAL B 421 19.05 49.53 18.23
N GLN B 422 17.96 49.64 18.96
CA GLN B 422 18.02 49.98 20.38
C GLN B 422 17.24 48.94 21.16
N LYS B 423 17.96 48.13 21.94
CA LYS B 423 17.32 47.20 22.86
C LYS B 423 16.48 47.95 23.88
N GLY B 424 17.02 49.04 24.42
CA GLY B 424 16.19 49.98 25.14
C GLY B 424 15.14 50.53 24.19
N ASN B 425 13.88 50.41 24.58
CA ASN B 425 12.69 50.70 23.78
C ASN B 425 12.46 49.65 22.70
N GLN B 426 13.39 48.72 22.49
CA GLN B 426 13.22 47.60 21.56
C GLN B 426 12.69 48.06 20.20
N LYS B 427 13.49 48.84 19.49
CA LYS B 427 13.02 49.37 18.21
C LYS B 427 14.21 49.66 17.30
N TRP B 428 13.88 50.11 16.08
CA TRP B 428 14.84 50.44 15.04
C TRP B 428 14.69 51.91 14.68
N VAL B 429 15.82 52.63 14.61
CA VAL B 429 15.86 54.01 14.15
C VAL B 429 16.99 54.13 13.13
N GLU B 430 16.90 55.17 12.30
CA GLU B 430 17.85 55.37 11.23
C GLU B 430 19.20 55.84 11.79
N ILE B 431 20.15 56.07 10.87
CA ILE B 431 21.48 56.55 11.22
C ILE B 431 21.74 57.95 10.70
N GLU B 432 21.01 58.39 9.67
CA GLU B 432 21.20 59.72 9.10
C GLU B 432 21.03 60.83 10.12
N MET C 1 -25.35 2.79 -39.89
CA MET C 1 -24.83 4.07 -40.38
C MET C 1 -24.61 4.02 -41.89
N VAL C 2 -25.57 3.42 -42.60
CA VAL C 2 -25.47 3.35 -44.06
C VAL C 2 -25.52 4.75 -44.67
N GLU C 3 -26.42 5.59 -44.17
CA GLU C 3 -26.59 6.92 -44.75
C GLU C 3 -25.33 7.75 -44.62
N ILE C 4 -24.69 7.72 -43.45
CA ILE C 4 -23.47 8.49 -43.24
C ILE C 4 -22.37 8.01 -44.17
N ILE C 5 -22.21 6.68 -44.30
CA ILE C 5 -21.16 6.13 -45.15
C ILE C 5 -21.38 6.53 -46.60
N LEU C 6 -22.62 6.37 -47.09
CA LEU C 6 -22.90 6.73 -48.47
C LEU C 6 -22.69 8.22 -48.71
N SER C 7 -23.15 9.06 -47.78
CA SER C 7 -23.02 10.50 -47.93
C SER C 7 -21.55 10.90 -48.01
N HIS C 8 -20.75 10.46 -47.04
CA HIS C 8 -19.35 10.87 -47.00
C HIS C 8 -18.51 10.18 -48.07
N LEU C 9 -19.00 9.08 -48.66
CA LEU C 9 -18.35 8.56 -49.85
C LEU C 9 -18.66 9.42 -51.06
N ILE C 10 -19.90 9.87 -51.19
CA ILE C 10 -20.28 10.68 -52.35
C ILE C 10 -19.62 12.06 -52.29
N PHE C 11 -19.65 12.70 -51.13
CA PHE C 11 -19.19 14.09 -51.04
C PHE C 11 -17.72 14.20 -50.65
N ASP C 12 -17.36 13.65 -49.49
CA ASP C 12 -16.01 13.82 -48.98
C ASP C 12 -15.01 13.08 -49.84
N GLN C 13 -13.79 13.62 -49.92
CA GLN C 13 -12.68 13.02 -50.65
C GLN C 13 -11.64 12.39 -49.75
N ALA C 14 -11.32 13.04 -48.63
CA ALA C 14 -10.40 12.44 -47.67
C ALA C 14 -10.95 11.13 -47.12
N TYR C 15 -12.25 11.11 -46.80
CA TYR C 15 -12.88 9.87 -46.36
C TYR C 15 -12.90 8.84 -47.48
N PHE C 16 -13.19 9.27 -48.70
CA PHE C 16 -13.19 8.35 -49.84
C PHE C 16 -11.80 7.79 -50.08
N SER C 17 -10.78 8.64 -50.06
CA SER C 17 -9.42 8.19 -50.33
C SER C 17 -8.88 7.31 -49.21
N LYS C 18 -9.25 7.63 -47.97
CA LYS C 18 -8.75 6.85 -46.83
C LYS C 18 -9.23 5.41 -46.90
N VAL C 19 -10.53 5.20 -47.04
CA VAL C 19 -11.03 3.84 -47.22
C VAL C 19 -11.99 3.76 -48.40
N TRP C 20 -11.45 3.63 -49.61
CA TRP C 20 -12.19 3.05 -50.72
C TRP C 20 -12.05 1.53 -50.80
N PRO C 21 -10.81 0.99 -50.75
CA PRO C 21 -10.66 -0.45 -51.03
C PRO C 21 -11.38 -1.36 -50.05
N TYR C 22 -11.49 -0.98 -48.78
CA TYR C 22 -12.17 -1.82 -47.81
C TYR C 22 -13.67 -1.64 -47.93
N MET C 23 -14.21 -1.85 -49.12
CA MET C 23 -15.64 -1.67 -49.38
C MET C 23 -16.09 -2.75 -50.35
N ASP C 24 -17.03 -3.58 -49.91
CA ASP C 24 -17.57 -4.65 -50.72
C ASP C 24 -19.06 -4.44 -50.93
N SER C 25 -19.56 -4.90 -52.08
CA SER C 25 -20.96 -4.74 -52.40
C SER C 25 -21.89 -5.51 -51.47
N GLU C 26 -21.38 -6.55 -50.81
CA GLU C 26 -22.20 -7.35 -49.91
C GLU C 26 -22.14 -6.87 -48.46
N TYR C 27 -21.41 -5.80 -48.17
CA TYR C 27 -21.31 -5.29 -46.81
C TYR C 27 -22.55 -4.55 -46.35
N PHE C 28 -23.38 -4.06 -47.27
CA PHE C 28 -24.37 -3.06 -46.87
C PHE C 28 -25.73 -3.67 -46.50
N GLU C 29 -26.38 -4.32 -47.45
CA GLU C 29 -27.75 -4.77 -47.24
C GLU C 29 -28.25 -5.57 -48.44
N SER C 30 -29.45 -6.12 -48.34
CA SER C 30 -30.12 -6.76 -49.46
C SER C 30 -31.09 -5.82 -50.18
N GLY C 31 -31.20 -4.58 -49.74
CA GLY C 31 -32.17 -3.66 -50.27
C GLY C 31 -31.55 -2.51 -51.04
N PRO C 32 -31.91 -1.28 -50.67
CA PRO C 32 -31.49 -0.12 -51.45
C PRO C 32 -30.03 0.26 -51.25
N ALA C 33 -29.49 -0.03 -50.05
CA ALA C 33 -28.11 0.32 -49.77
C ALA C 33 -27.14 -0.37 -50.72
N LYS C 34 -27.36 -1.67 -50.94
CA LYS C 34 -26.50 -2.40 -51.87
C LYS C 34 -26.61 -1.86 -53.28
N ASN C 35 -27.81 -1.52 -53.72
CA ASN C 35 -27.98 -0.98 -55.07
C ASN C 35 -27.28 0.37 -55.22
N THR C 36 -27.40 1.24 -54.22
CA THR C 36 -26.74 2.54 -54.30
C THR C 36 -25.23 2.38 -54.29
N PHE C 37 -24.71 1.46 -53.47
CA PHE C 37 -23.27 1.23 -53.48
C PHE C 37 -22.82 0.61 -54.79
N LYS C 38 -23.64 -0.24 -55.40
CA LYS C 38 -23.33 -0.78 -56.72
C LYS C 38 -23.24 0.34 -57.75
N LEU C 39 -24.18 1.28 -57.71
CA LEU C 39 -24.13 2.42 -58.63
C LEU C 39 -22.86 3.24 -58.40
N ILE C 40 -22.51 3.49 -57.14
CA ILE C 40 -21.30 4.26 -56.84
C ILE C 40 -20.07 3.55 -57.37
N LYS C 41 -19.97 2.25 -57.11
CA LYS C 41 -18.81 1.48 -57.56
C LYS C 41 -18.75 1.43 -59.09
N SER C 42 -19.89 1.28 -59.75
CA SER C 42 -19.93 1.27 -61.20
C SER C 42 -19.44 2.60 -61.75
N HIS C 43 -19.90 3.71 -61.18
CA HIS C 43 -19.46 5.02 -61.64
C HIS C 43 -17.95 5.18 -61.43
N VAL C 44 -17.44 4.73 -60.29
CA VAL C 44 -16.01 4.84 -60.03
C VAL C 44 -15.22 4.02 -61.05
N ASN C 45 -15.72 2.82 -61.38
CA ASN C 45 -15.04 1.98 -62.36
C ASN C 45 -15.05 2.61 -63.74
N GLU C 46 -16.19 3.16 -64.17
CA GLU C 46 -16.26 3.78 -65.48
C GLU C 46 -15.41 5.04 -65.55
N TYR C 47 -15.53 5.90 -64.55
CA TYR C 47 -14.76 7.14 -64.46
C TYR C 47 -14.05 7.16 -63.11
N HIS C 48 -12.73 7.28 -63.13
CA HIS C 48 -11.93 7.22 -61.91
C HIS C 48 -12.05 8.53 -61.12
N SER C 49 -13.28 8.84 -60.72
CA SER C 49 -13.56 10.01 -59.92
C SER C 49 -14.79 9.74 -59.08
N VAL C 50 -14.88 10.42 -57.94
CA VAL C 50 -16.01 10.28 -57.04
C VAL C 50 -17.24 10.89 -57.69
N PRO C 51 -18.35 10.15 -57.81
CA PRO C 51 -19.53 10.68 -58.49
C PRO C 51 -20.19 11.79 -57.69
N SER C 52 -21.27 12.32 -58.28
CA SER C 52 -22.08 13.36 -57.67
C SER C 52 -23.53 12.93 -57.62
N ILE C 53 -24.36 13.75 -56.98
CA ILE C 53 -25.76 13.39 -56.78
C ILE C 53 -26.48 13.25 -58.10
N ASN C 54 -26.26 14.20 -59.02
CA ASN C 54 -26.91 14.12 -60.32
C ASN C 54 -26.42 12.91 -61.11
N ALA C 55 -25.15 12.55 -60.97
CA ALA C 55 -24.64 11.35 -61.62
C ALA C 55 -25.34 10.10 -61.08
N LEU C 56 -25.53 10.03 -59.75
CA LEU C 56 -26.27 8.91 -59.18
C LEU C 56 -27.71 8.89 -59.68
N ASN C 57 -28.34 10.07 -59.77
CA ASN C 57 -29.71 10.12 -60.25
C ASN C 57 -29.84 9.60 -61.68
N VAL C 58 -28.94 10.05 -62.56
CA VAL C 58 -29.03 9.63 -63.96
C VAL C 58 -28.68 8.15 -64.10
N ALA C 59 -27.73 7.66 -63.31
CA ALA C 59 -27.42 6.24 -63.31
C ALA C 59 -28.61 5.42 -62.86
N LEU C 60 -29.34 5.92 -61.85
CA LEU C 60 -30.58 5.27 -61.44
C LEU C 60 -31.61 5.29 -62.56
N GLU C 61 -31.68 6.39 -63.30
CA GLU C 61 -32.65 6.49 -64.39
C GLU C 61 -32.35 5.47 -65.49
N ASN C 62 -31.08 5.33 -65.86
CA ASN C 62 -30.74 4.35 -66.90
C ASN C 62 -30.63 2.93 -66.37
N SER C 63 -30.70 2.73 -65.06
CA SER C 63 -30.74 1.38 -64.51
C SER C 63 -32.14 0.80 -64.65
N SER C 64 -32.23 -0.52 -64.52
CA SER C 64 -33.49 -1.23 -64.71
C SER C 64 -33.63 -2.31 -63.65
N PHE C 65 -34.65 -2.18 -62.80
CA PHE C 65 -35.03 -3.22 -61.85
C PHE C 65 -36.49 -3.01 -61.49
N THR C 66 -36.95 -3.68 -60.44
CA THR C 66 -38.35 -3.60 -60.05
C THR C 66 -38.72 -2.19 -59.61
N GLU C 67 -39.98 -1.82 -59.85
CA GLU C 67 -40.43 -0.48 -59.51
C GLU C 67 -40.35 -0.22 -58.01
N THR C 68 -40.62 -1.24 -57.19
CA THR C 68 -40.49 -1.07 -55.76
C THR C 68 -39.04 -0.78 -55.36
N GLU C 69 -38.09 -1.52 -55.93
CA GLU C 69 -36.69 -1.25 -55.67
C GLU C 69 -36.28 0.10 -56.25
N TYR C 70 -36.85 0.48 -57.40
CA TYR C 70 -36.57 1.78 -57.98
C TYR C 70 -36.98 2.89 -57.02
N SER C 71 -38.19 2.80 -56.49
CA SER C 71 -38.66 3.79 -55.52
C SER C 71 -37.80 3.78 -54.27
N GLY C 72 -37.43 2.58 -53.80
CA GLY C 72 -36.62 2.50 -52.59
C GLY C 72 -35.27 3.16 -52.75
N VAL C 73 -34.59 2.89 -53.86
CA VAL C 73 -33.29 3.50 -54.07
C VAL C 73 -33.42 4.99 -54.34
N LYS C 74 -34.47 5.41 -55.04
CA LYS C 74 -34.67 6.84 -55.28
C LYS C 74 -34.89 7.59 -53.97
N THR C 75 -35.68 7.01 -53.06
CA THR C 75 -35.82 7.59 -51.74
C THR C 75 -34.50 7.55 -50.98
N LEU C 76 -33.72 6.49 -51.18
CA LEU C 76 -32.42 6.41 -50.50
C LEU C 76 -31.50 7.53 -50.96
N ILE C 77 -31.47 7.82 -52.26
CA ILE C 77 -30.77 9.02 -52.67
C ILE C 77 -31.79 10.16 -52.63
N SER C 78 -32.12 10.58 -51.42
CA SER C 78 -32.78 11.85 -51.17
C SER C 78 -32.33 12.44 -49.85
N LYS C 79 -31.41 11.79 -49.14
CA LYS C 79 -31.03 12.18 -47.79
C LYS C 79 -29.53 12.34 -47.62
N LEU C 80 -28.74 12.03 -48.64
CA LEU C 80 -27.29 12.16 -48.52
C LEU C 80 -26.90 13.62 -48.50
N ALA C 81 -26.74 14.18 -47.30
CA ALA C 81 -26.33 15.56 -47.11
C ALA C 81 -24.83 15.62 -46.84
N ASP C 82 -24.29 16.84 -46.85
CA ASP C 82 -22.86 17.03 -46.59
C ASP C 82 -22.51 16.57 -45.18
N SER C 83 -23.05 17.26 -44.16
CA SER C 83 -22.92 16.91 -42.75
C SER C 83 -21.46 16.63 -42.38
N PRO C 84 -20.61 17.65 -42.32
CA PRO C 84 -19.18 17.41 -42.13
C PRO C 84 -18.82 16.92 -40.73
N GLU C 85 -18.96 15.62 -40.49
CA GLU C 85 -18.54 15.03 -39.23
C GLU C 85 -17.03 14.88 -39.20
N ASP C 86 -16.51 14.54 -38.01
CA ASP C 86 -15.08 14.36 -37.84
C ASP C 86 -14.58 13.18 -38.65
N HIS C 87 -13.37 13.32 -39.20
CA HIS C 87 -12.84 12.28 -40.07
C HIS C 87 -12.38 11.06 -39.29
N SER C 88 -11.73 11.26 -38.14
CA SER C 88 -11.29 10.14 -37.32
C SER C 88 -12.47 9.32 -36.82
N TRP C 89 -13.49 10.00 -36.30
CA TRP C 89 -14.71 9.31 -35.91
C TRP C 89 -15.34 8.61 -37.10
N LEU C 90 -15.31 9.26 -38.27
CA LEU C 90 -15.88 8.67 -39.47
C LEU C 90 -15.22 7.34 -39.79
N VAL C 91 -13.89 7.33 -39.85
CA VAL C 91 -13.19 6.10 -40.24
C VAL C 91 -13.32 5.04 -39.16
N LYS C 92 -13.29 5.44 -37.88
CA LYS C 92 -13.43 4.46 -36.82
C LYS C 92 -14.80 3.80 -36.84
N GLU C 93 -15.87 4.60 -36.98
CA GLU C 93 -17.21 4.02 -37.00
C GLU C 93 -17.46 3.24 -38.28
N THR C 94 -16.86 3.67 -39.40
CA THR C 94 -16.97 2.89 -40.62
C THR C 94 -16.29 1.54 -40.47
N GLU C 95 -15.13 1.51 -39.83
CA GLU C 95 -14.46 0.24 -39.57
C GLU C 95 -15.33 -0.64 -38.68
N LYS C 96 -15.94 -0.06 -37.64
CA LYS C 96 -16.81 -0.83 -36.77
C LYS C 96 -17.99 -1.42 -37.54
N TYR C 97 -18.62 -0.61 -38.38
CA TYR C 97 -19.76 -1.08 -39.15
C TYR C 97 -19.34 -2.17 -40.14
N VAL C 98 -18.19 -1.99 -40.79
CA VAL C 98 -17.72 -2.98 -41.74
C VAL C 98 -17.43 -4.30 -41.05
N GLN C 99 -16.79 -4.25 -39.88
CA GLN C 99 -16.51 -5.47 -39.14
C GLN C 99 -17.80 -6.15 -38.71
N GLN C 100 -18.78 -5.37 -38.24
CA GLN C 100 -20.06 -5.97 -37.83
C GLN C 100 -20.76 -6.61 -39.02
N ARG C 101 -20.74 -5.95 -40.18
CA ARG C 101 -21.44 -6.51 -41.34
C ARG C 101 -20.72 -7.74 -41.87
N ALA C 102 -19.39 -7.74 -41.84
CA ALA C 102 -18.64 -8.93 -42.22
C ALA C 102 -18.94 -10.08 -41.28
N MET C 103 -19.03 -9.80 -39.98
CA MET C 103 -19.40 -10.82 -39.02
C MET C 103 -20.79 -11.37 -39.29
N PHE C 104 -21.73 -10.48 -39.64
CA PHE C 104 -23.08 -10.92 -39.96
C PHE C 104 -23.11 -11.80 -41.20
N ASN C 105 -22.36 -11.42 -42.24
CA ASN C 105 -22.31 -12.23 -43.45
C ASN C 105 -21.67 -13.58 -43.19
N ALA C 106 -20.58 -13.61 -42.42
CA ALA C 106 -19.94 -14.87 -42.09
C ALA C 106 -20.87 -15.75 -41.27
N THR C 107 -21.60 -15.16 -40.33
CA THR C 107 -22.56 -15.92 -39.54
C THR C 107 -23.65 -16.50 -40.42
N SER C 108 -24.16 -15.71 -41.37
CA SER C 108 -25.20 -16.20 -42.27
C SER C 108 -24.67 -17.36 -43.11
N LYS C 109 -23.46 -17.23 -43.65
CA LYS C 109 -22.88 -18.31 -44.43
C LYS C 109 -22.68 -19.56 -43.59
N ILE C 110 -22.26 -19.39 -42.33
CA ILE C 110 -22.08 -20.52 -41.43
C ILE C 110 -23.42 -21.21 -41.18
N ILE C 111 -24.48 -20.44 -40.96
CA ILE C 111 -25.79 -21.03 -40.74
C ILE C 111 -26.23 -21.80 -41.97
N GLU C 112 -26.01 -21.23 -43.16
CA GLU C 112 -26.39 -21.90 -44.40
C GLU C 112 -25.64 -23.21 -44.56
N ILE C 113 -24.32 -23.19 -44.31
CA ILE C 113 -23.51 -24.39 -44.46
C ILE C 113 -23.95 -25.46 -43.47
N GLN C 114 -24.19 -25.06 -42.22
CA GLN C 114 -24.61 -26.04 -41.21
C GLN C 114 -25.97 -26.63 -41.56
N THR C 115 -26.89 -25.80 -42.03
CA THR C 115 -28.21 -26.30 -42.43
C THR C 115 -28.09 -27.28 -43.60
N ASN C 116 -27.24 -26.95 -44.57
CA ASN C 116 -27.03 -27.87 -45.68
C ASN C 116 -26.41 -29.18 -45.22
N ALA C 117 -25.50 -29.11 -44.24
CA ALA C 117 -24.87 -30.32 -43.71
C ALA C 117 -25.90 -31.21 -43.03
N GLU C 118 -26.82 -30.63 -42.28
CA GLU C 118 -27.84 -31.40 -41.56
C GLU C 118 -29.02 -31.74 -42.48
N LEU C 119 -28.71 -32.34 -43.63
CA LEU C 119 -29.67 -32.77 -44.62
C LEU C 119 -29.25 -34.12 -45.15
N PRO C 120 -30.19 -34.90 -45.68
CA PRO C 120 -29.81 -36.15 -46.38
C PRO C 120 -28.89 -35.84 -47.55
N PRO C 121 -27.92 -36.72 -47.82
CA PRO C 121 -26.96 -36.43 -48.90
C PRO C 121 -27.60 -36.26 -50.26
N GLU C 122 -28.76 -36.88 -50.49
CA GLU C 122 -29.44 -36.72 -51.77
C GLU C 122 -29.90 -35.29 -51.99
N LYS C 123 -30.49 -34.67 -50.96
CA LYS C 123 -31.01 -33.31 -51.08
C LYS C 123 -29.99 -32.31 -50.56
N ARG C 124 -28.86 -32.25 -51.27
CA ARG C 124 -27.81 -31.29 -50.99
C ARG C 124 -27.28 -30.73 -52.31
N ASN C 125 -26.76 -29.51 -52.26
CA ASN C 125 -26.15 -28.88 -53.42
C ASN C 125 -24.63 -28.97 -53.29
N LYS C 126 -23.98 -29.49 -54.33
CA LYS C 126 -22.53 -29.63 -54.30
C LYS C 126 -21.80 -28.30 -54.37
N LYS C 127 -22.48 -27.24 -54.84
CA LYS C 127 -21.87 -25.92 -54.84
C LYS C 127 -21.65 -25.41 -53.43
N MET C 128 -22.41 -25.90 -52.46
CA MET C 128 -22.26 -25.49 -51.09
C MET C 128 -20.92 -25.97 -50.53
N PRO C 129 -20.22 -25.15 -49.74
CA PRO C 129 -18.98 -25.60 -49.12
C PRO C 129 -19.24 -26.67 -48.07
N ASP C 130 -18.21 -27.47 -47.82
CA ASP C 130 -18.29 -28.52 -46.81
C ASP C 130 -18.12 -27.91 -45.42
N VAL C 131 -18.37 -28.75 -44.40
CA VAL C 131 -18.23 -28.31 -43.02
C VAL C 131 -16.79 -27.89 -42.74
N GLY C 132 -15.83 -28.61 -43.32
CA GLY C 132 -14.43 -28.30 -43.11
C GLY C 132 -14.00 -26.94 -43.62
N ALA C 133 -14.80 -26.32 -44.50
CA ALA C 133 -14.53 -24.96 -44.95
C ALA C 133 -15.00 -23.90 -43.97
N ILE C 134 -15.75 -24.29 -42.94
CA ILE C 134 -16.25 -23.31 -41.97
C ILE C 134 -15.12 -22.59 -41.24
N PRO C 135 -14.09 -23.26 -40.72
CA PRO C 135 -13.08 -22.53 -39.94
C PRO C 135 -12.41 -21.39 -40.70
N ASP C 136 -12.01 -21.62 -41.94
CA ASP C 136 -11.24 -20.60 -42.66
C ASP C 136 -12.05 -19.33 -42.87
N ILE C 137 -13.33 -19.45 -43.21
CA ILE C 137 -14.16 -18.26 -43.37
C ILE C 137 -14.24 -17.51 -42.06
N MET C 138 -14.17 -18.22 -40.92
CA MET C 138 -14.15 -17.52 -39.64
C MET C 138 -12.96 -16.59 -39.57
N ARG C 139 -11.79 -17.03 -40.03
CA ARG C 139 -10.65 -16.14 -40.11
C ARG C 139 -10.95 -14.94 -41.00
N GLN C 140 -11.63 -15.17 -42.12
CA GLN C 140 -12.01 -14.07 -43.00
C GLN C 140 -12.93 -13.09 -42.28
N ALA C 141 -13.71 -13.58 -41.29
CA ALA C 141 -14.51 -12.68 -40.48
C ALA C 141 -13.64 -11.89 -39.50
N LEU C 142 -12.59 -12.51 -38.97
CA LEU C 142 -11.74 -11.84 -37.99
C LEU C 142 -10.62 -11.04 -38.64
N SER C 143 -10.19 -11.41 -39.85
CA SER C 143 -9.09 -10.72 -40.51
C SER C 143 -9.58 -9.59 -41.40
N ILE C 144 -10.38 -8.68 -40.83
CA ILE C 144 -10.86 -7.51 -41.53
C ILE C 144 -10.66 -6.30 -40.65
N SER C 145 -9.90 -5.32 -41.12
CA SER C 145 -9.60 -4.10 -40.39
C SER C 145 -8.93 -3.12 -41.33
N PHE C 146 -9.22 -1.84 -41.14
CA PHE C 146 -8.56 -0.80 -41.92
C PHE C 146 -7.09 -0.71 -41.52
N ASP C 147 -6.23 -0.52 -42.51
CA ASP C 147 -4.81 -0.31 -42.21
C ASP C 147 -4.66 1.01 -41.48
N SER C 148 -3.91 0.99 -40.39
CA SER C 148 -3.74 2.17 -39.54
C SER C 148 -2.25 2.40 -39.31
N TYR C 149 -1.92 3.65 -39.00
CA TYR C 149 -0.55 4.02 -38.70
C TYR C 149 -0.18 3.48 -37.33
N VAL C 150 0.51 2.34 -37.31
CA VAL C 150 0.89 1.71 -36.05
C VAL C 150 2.16 2.35 -35.50
N GLY C 151 3.24 2.27 -36.27
CA GLY C 151 4.50 2.89 -35.88
C GLY C 151 5.08 3.70 -37.03
N HIS C 152 6.33 4.11 -36.89
CA HIS C 152 7.03 4.87 -37.93
C HIS C 152 8.07 3.94 -38.57
N ASP C 153 7.72 3.34 -39.70
CA ASP C 153 8.65 2.49 -40.41
C ASP C 153 9.82 3.31 -40.94
N TRP C 154 11.02 2.76 -40.80
CA TRP C 154 12.22 3.49 -41.17
C TRP C 154 12.45 3.54 -42.68
N MET C 155 11.86 2.62 -43.44
CA MET C 155 12.11 2.53 -44.87
C MET C 155 10.97 3.07 -45.71
N ASP C 156 9.76 2.56 -45.53
CA ASP C 156 8.64 2.99 -46.36
C ASP C 156 8.02 4.30 -45.91
N ASP C 157 8.66 5.00 -44.97
CA ASP C 157 8.21 6.33 -44.55
C ASP C 157 9.35 7.34 -44.67
N TYR C 158 10.33 7.08 -45.55
CA TYR C 158 11.50 7.94 -45.61
C TYR C 158 11.20 9.27 -46.29
N GLU C 159 10.25 9.29 -47.23
CA GLU C 159 9.94 10.54 -47.93
C GLU C 159 9.29 11.55 -47.00
N ALA C 160 8.30 11.11 -46.22
CA ALA C 160 7.68 12.00 -45.24
C ALA C 160 8.69 12.45 -44.19
N ARG C 161 9.60 11.56 -43.80
CA ARG C 161 10.62 11.93 -42.82
C ARG C 161 11.57 12.98 -43.39
N TRP C 162 11.90 12.86 -44.67
CA TRP C 162 12.70 13.91 -45.31
C TRP C 162 11.92 15.22 -45.42
N LEU C 163 10.62 15.13 -45.68
CA LEU C 163 9.78 16.31 -45.62
C LEU C 163 9.92 17.00 -44.27
N SER C 164 9.88 16.20 -43.19
CA SER C 164 10.12 16.75 -41.86
C SER C 164 11.56 17.21 -41.67
N TYR C 165 12.47 16.82 -42.57
CA TYR C 165 13.86 17.26 -42.46
C TYR C 165 14.07 18.61 -43.12
N MET C 166 13.75 18.72 -44.40
CA MET C 166 13.97 19.97 -45.12
C MET C 166 13.08 21.08 -44.54
N ASN C 167 11.81 20.77 -44.30
CA ASN C 167 11.00 21.67 -43.47
C ASN C 167 11.49 21.59 -42.03
N LYS C 168 11.71 22.76 -41.44
CA LYS C 168 12.18 22.79 -40.05
C LYS C 168 11.01 22.55 -39.12
N ALA C 169 10.31 21.43 -39.30
CA ALA C 169 9.19 21.10 -38.45
C ALA C 169 9.66 20.89 -37.02
N ARG C 170 8.78 21.22 -36.06
CA ARG C 170 9.09 21.12 -34.64
C ARG C 170 10.33 21.95 -34.31
N LYS C 171 10.35 23.19 -34.78
CA LYS C 171 11.44 24.11 -34.48
C LYS C 171 10.88 25.51 -34.28
N VAL C 172 11.39 26.19 -33.25
CA VAL C 172 10.95 27.53 -32.90
C VAL C 172 12.18 28.41 -32.68
N PRO C 173 12.47 29.35 -33.58
CA PRO C 173 13.68 30.18 -33.44
C PRO C 173 13.66 31.00 -32.15
N PHE C 174 14.85 31.50 -31.79
CA PHE C 174 15.05 32.16 -30.51
C PHE C 174 15.32 33.65 -30.60
N LYS C 175 15.62 34.17 -31.78
CA LYS C 175 16.02 35.57 -31.95
C LYS C 175 17.25 35.90 -31.10
N LEU C 176 18.14 34.91 -30.95
CA LEU C 176 19.39 35.12 -30.24
C LEU C 176 20.44 34.25 -30.90
N ARG C 177 21.62 34.82 -31.16
CA ARG C 177 22.62 34.14 -31.98
C ARG C 177 23.06 32.83 -31.32
N ILE C 178 23.48 32.90 -30.06
CA ILE C 178 24.05 31.72 -29.41
C ILE C 178 22.99 30.65 -29.18
N LEU C 179 21.76 31.06 -28.87
CA LEU C 179 20.71 30.08 -28.60
C LEU C 179 20.36 29.28 -29.86
N ASN C 180 20.10 29.96 -30.96
CA ASN C 180 19.83 29.25 -32.22
C ASN C 180 21.05 28.47 -32.68
N LYS C 181 22.25 29.02 -32.45
CA LYS C 181 23.47 28.33 -32.83
C LYS C 181 23.63 27.01 -32.07
N ILE C 182 23.32 27.02 -30.78
CA ILE C 182 23.55 25.83 -29.96
C ILE C 182 22.40 24.85 -30.06
N THR C 183 21.19 25.31 -30.36
CA THR C 183 20.05 24.41 -30.52
C THR C 183 19.83 23.98 -31.95
N LYS C 184 20.69 24.41 -32.87
CA LYS C 184 20.59 24.07 -34.29
C LYS C 184 19.20 24.40 -34.83
N GLY C 185 18.79 25.64 -34.62
CA GLY C 185 17.53 26.13 -35.11
C GLY C 185 16.39 26.16 -34.12
N GLY C 186 16.65 26.51 -32.87
CA GLY C 186 15.61 26.66 -31.88
C GLY C 186 15.23 25.34 -31.22
N ALA C 187 14.44 25.46 -30.16
CA ALA C 187 13.97 24.30 -29.43
C ALA C 187 12.87 23.59 -30.23
N GLU C 188 12.61 22.35 -29.85
CA GLU C 188 11.62 21.53 -30.54
C GLU C 188 10.30 21.54 -29.79
N THR C 189 9.21 21.45 -30.55
CA THR C 189 7.88 21.42 -29.96
C THR C 189 7.64 20.09 -29.28
N GLY C 190 7.35 20.13 -27.98
CA GLY C 190 7.12 18.92 -27.22
C GLY C 190 8.36 18.47 -26.48
N THR C 191 9.08 19.43 -25.90
CA THR C 191 10.31 19.15 -25.17
C THR C 191 10.28 19.89 -23.84
N LEU C 192 11.33 19.71 -23.06
CA LEU C 192 11.49 20.38 -21.77
C LEU C 192 12.80 21.17 -21.79
N ASN C 193 12.71 22.47 -21.56
CA ASN C 193 13.86 23.33 -21.47
C ASN C 193 13.86 24.01 -20.11
N VAL C 194 15.00 23.97 -19.44
CA VAL C 194 15.08 24.30 -18.02
C VAL C 194 16.26 25.23 -17.80
N LEU C 195 16.08 26.19 -16.90
CA LEU C 195 17.17 27.04 -16.43
C LEU C 195 17.46 26.69 -14.98
N MET C 196 18.69 26.28 -14.70
CA MET C 196 19.13 25.93 -13.36
C MET C 196 20.00 27.07 -12.82
N ALA C 197 19.57 27.66 -11.72
CA ALA C 197 20.34 28.73 -11.09
C ALA C 197 20.02 28.76 -9.61
N GLY C 198 20.92 29.37 -8.85
CA GLY C 198 20.70 29.52 -7.42
C GLY C 198 19.51 30.43 -7.14
N VAL C 199 19.32 30.69 -5.86
CA VAL C 199 18.20 31.53 -5.42
C VAL C 199 18.51 32.97 -5.76
N ASN C 200 17.57 33.62 -6.47
CA ASN C 200 17.72 35.01 -6.92
C ASN C 200 18.96 35.17 -7.79
N VAL C 201 18.93 34.49 -8.94
CA VAL C 201 19.98 34.63 -9.93
C VAL C 201 19.48 35.13 -11.28
N GLY C 202 18.19 34.97 -11.59
CA GLY C 202 17.66 35.42 -12.86
C GLY C 202 16.84 34.38 -13.61
N LYS C 203 16.38 33.35 -12.90
CA LYS C 203 15.54 32.35 -13.53
C LYS C 203 14.25 32.97 -14.08
N SER C 204 13.52 33.70 -13.24
CA SER C 204 12.33 34.39 -13.73
C SER C 204 12.71 35.47 -14.73
N LEU C 205 13.84 36.15 -14.51
CA LEU C 205 14.34 37.11 -15.48
C LEU C 205 14.56 36.43 -16.84
N GLY C 206 15.22 35.26 -16.83
CA GLY C 206 15.46 34.56 -18.08
C GLY C 206 14.17 34.11 -18.75
N LEU C 207 13.22 33.59 -17.97
CA LEU C 207 11.97 33.14 -18.55
C LEU C 207 11.19 34.31 -19.14
N CYS C 208 11.17 35.45 -18.45
CA CYS C 208 10.49 36.63 -18.99
C CYS C 208 11.19 37.13 -20.25
N SER C 209 12.52 37.09 -20.27
CA SER C 209 13.25 37.49 -21.47
C SER C 209 12.91 36.59 -22.65
N LEU C 210 12.86 35.27 -22.42
CA LEU C 210 12.48 34.36 -23.49
C LEU C 210 11.04 34.59 -23.93
N ALA C 211 10.15 34.86 -22.98
CA ALA C 211 8.76 35.14 -23.33
C ALA C 211 8.65 36.38 -24.20
N ALA C 212 9.42 37.43 -23.87
CA ALA C 212 9.41 38.64 -24.67
C ALA C 212 9.99 38.39 -26.06
N ASP C 213 11.09 37.62 -26.14
CA ASP C 213 11.68 37.32 -27.44
C ASP C 213 10.71 36.54 -28.31
N TYR C 214 9.98 35.58 -27.74
CA TYR C 214 8.95 34.88 -28.48
C TYR C 214 7.83 35.84 -28.87
N LEU C 215 7.47 36.75 -27.98
CA LEU C 215 6.39 37.70 -28.25
C LEU C 215 6.72 38.58 -29.43
N GLN C 216 7.99 38.96 -29.57
CA GLN C 216 8.39 39.77 -30.72
C GLN C 216 8.19 39.01 -32.02
N LEU C 217 8.49 37.71 -32.04
CA LEU C 217 8.42 36.92 -33.27
C LEU C 217 7.07 36.22 -33.43
N GLY C 218 5.99 36.97 -33.26
CA GLY C 218 4.67 36.44 -33.60
C GLY C 218 4.32 35.14 -32.93
N HIS C 219 4.66 34.99 -31.65
CA HIS C 219 4.40 33.76 -30.92
C HIS C 219 3.41 34.02 -29.79
N ASN C 220 2.50 33.07 -29.59
CA ASN C 220 1.59 33.10 -28.46
C ASN C 220 2.24 32.39 -27.28
N VAL C 221 2.28 33.09 -26.14
CA VAL C 221 2.98 32.62 -24.95
C VAL C 221 1.98 32.42 -23.83
N LEU C 222 1.95 31.21 -23.27
CA LEU C 222 1.15 30.90 -22.09
C LEU C 222 2.10 30.92 -20.90
N TYR C 223 2.13 32.05 -20.20
CA TYR C 223 2.97 32.18 -19.02
C TYR C 223 2.18 31.71 -17.80
N ILE C 224 2.82 30.88 -16.98
CA ILE C 224 2.20 30.31 -15.79
C ILE C 224 3.14 30.62 -14.63
N SER C 225 2.83 31.66 -13.87
CA SER C 225 3.67 32.09 -12.77
C SER C 225 3.20 31.43 -11.48
N MET C 226 4.10 30.72 -10.81
CA MET C 226 3.80 30.08 -9.56
C MET C 226 4.20 30.91 -8.35
N GLU C 227 5.13 31.84 -8.51
CA GLU C 227 5.65 32.64 -7.41
C GLU C 227 5.16 34.07 -7.44
N MET C 228 5.17 34.72 -8.60
CA MET C 228 4.85 36.13 -8.69
C MET C 228 3.48 36.34 -9.31
N ALA C 229 2.85 37.45 -8.96
CA ALA C 229 1.50 37.75 -9.44
C ALA C 229 1.53 38.14 -10.91
N GLU C 230 0.34 38.20 -11.51
CA GLU C 230 0.22 38.54 -12.91
C GLU C 230 0.74 39.95 -13.19
N GLU C 231 0.46 40.88 -12.28
CA GLU C 231 0.93 42.25 -12.48
C GLU C 231 2.45 42.32 -12.49
N VAL C 232 3.11 41.54 -11.63
CA VAL C 232 4.56 41.56 -11.58
C VAL C 232 5.16 41.02 -12.87
N CYS C 233 4.61 39.92 -13.40
CA CYS C 233 5.11 39.37 -14.65
C CYS C 233 4.87 40.33 -15.80
N ALA C 234 3.68 40.94 -15.86
CA ALA C 234 3.43 41.96 -16.88
C ALA C 234 4.42 43.11 -16.75
N LYS C 235 4.77 43.48 -15.52
CA LYS C 235 5.75 44.55 -15.32
C LYS C 235 7.13 44.15 -15.83
N ARG C 236 7.54 42.91 -15.60
CA ARG C 236 8.83 42.46 -16.11
C ARG C 236 8.83 42.43 -17.64
N ILE C 237 7.71 42.02 -18.24
CA ILE C 237 7.59 42.05 -19.71
C ILE C 237 7.67 43.48 -20.21
N ASP C 238 7.01 44.42 -19.52
CA ASP C 238 7.11 45.83 -19.91
C ASP C 238 8.53 46.34 -19.81
N ALA C 239 9.24 45.98 -18.74
CA ALA C 239 10.61 46.44 -18.58
C ALA C 239 11.52 45.88 -19.66
N ASN C 240 11.28 44.65 -20.10
CA ASN C 240 12.09 44.10 -21.18
C ASN C 240 11.75 44.73 -22.53
N MET C 241 10.45 44.88 -22.82
CA MET C 241 10.04 45.35 -24.14
C MET C 241 10.36 46.84 -24.34
N LEU C 242 10.01 47.67 -23.36
CA LEU C 242 10.07 49.12 -23.53
C LEU C 242 11.42 49.73 -23.16
N ASP C 243 12.40 48.90 -22.77
CA ASP C 243 13.74 49.37 -22.42
C ASP C 243 13.67 50.39 -21.27
N VAL C 244 12.66 50.25 -20.42
CA VAL C 244 12.52 51.06 -19.22
C VAL C 244 13.05 50.27 -18.04
N SER C 245 13.98 50.86 -17.30
CA SER C 245 14.57 50.16 -16.16
C SER C 245 13.53 49.93 -15.08
N LEU C 246 13.74 48.89 -14.28
CA LEU C 246 12.80 48.58 -13.21
C LEU C 246 12.69 49.70 -12.19
N ASP C 247 13.75 50.48 -12.03
CA ASP C 247 13.67 51.65 -11.15
C ASP C 247 12.67 52.66 -11.70
N ASP C 248 12.70 52.92 -13.00
CA ASP C 248 11.89 54.00 -13.57
C ASP C 248 10.42 53.62 -13.64
N ILE C 249 10.10 52.33 -13.65
CA ILE C 249 8.70 51.92 -13.75
C ILE C 249 7.95 52.24 -12.47
N ASP C 250 8.55 51.93 -11.32
CA ASP C 250 7.88 52.18 -10.04
C ASP C 250 8.30 53.47 -9.37
N ASP C 251 9.31 54.18 -9.91
CA ASP C 251 9.69 55.48 -9.38
C ASP C 251 8.97 56.63 -10.08
N GLY C 252 8.09 56.33 -11.03
CA GLY C 252 7.34 57.37 -11.71
C GLY C 252 8.07 58.09 -12.81
N HIS C 253 9.32 57.69 -13.12
CA HIS C 253 10.03 58.32 -14.22
C HIS C 253 9.35 58.04 -15.56
N ILE C 254 8.66 56.91 -15.68
CA ILE C 254 7.89 56.61 -16.88
C ILE C 254 6.59 57.40 -16.85
N SER C 255 6.31 58.11 -17.93
CA SER C 255 5.11 58.91 -18.04
C SER C 255 4.06 58.17 -18.88
N TYR C 256 2.79 58.50 -18.61
CA TYR C 256 1.71 57.84 -19.35
C TYR C 256 1.78 58.16 -20.84
N ALA C 257 2.31 59.33 -21.20
CA ALA C 257 2.47 59.66 -22.61
C ALA C 257 3.44 58.71 -23.29
N GLU C 258 4.63 58.55 -22.71
CA GLU C 258 5.62 57.64 -23.28
C GLU C 258 5.13 56.20 -23.26
N TYR C 259 4.49 55.79 -22.16
CA TYR C 259 3.99 54.42 -22.06
C TYR C 259 2.94 54.14 -23.12
N LYS C 260 1.99 55.07 -23.29
CA LYS C 260 0.96 54.91 -24.32
C LYS C 260 1.58 54.89 -25.71
N GLY C 261 2.55 55.78 -25.96
CA GLY C 261 3.18 55.82 -27.27
C GLY C 261 3.90 54.54 -27.61
N LYS C 262 4.68 54.02 -26.67
CA LYS C 262 5.40 52.77 -26.91
C LYS C 262 4.45 51.59 -27.04
N MET C 263 3.39 51.57 -26.23
CA MET C 263 2.41 50.50 -26.34
C MET C 263 1.76 50.49 -27.72
N GLU C 264 1.35 51.66 -28.20
CA GLU C 264 0.74 51.73 -29.53
C GLU C 264 1.75 51.41 -30.62
N LYS C 265 3.02 51.81 -30.43
CA LYS C 265 4.06 51.49 -31.39
C LYS C 265 4.23 49.98 -31.53
N TRP C 266 4.26 49.27 -30.40
CA TRP C 266 4.32 47.82 -30.46
C TRP C 266 3.02 47.22 -31.00
N ARG C 267 1.89 47.90 -30.78
CA ARG C 267 0.62 47.43 -31.34
C ARG C 267 0.64 47.45 -32.86
N GLU C 268 1.21 48.51 -33.45
CA GLU C 268 1.22 48.61 -34.90
C GLU C 268 2.10 47.54 -35.55
N LYS C 269 3.08 47.02 -34.82
CA LYS C 269 3.91 45.93 -35.32
C LYS C 269 3.05 44.69 -35.50
N SER C 270 2.77 44.33 -36.75
CA SER C 270 2.02 43.10 -37.01
C SER C 270 2.80 41.85 -36.63
N THR C 271 4.13 41.96 -36.51
CA THR C 271 4.94 40.83 -36.07
C THR C 271 4.81 40.55 -34.59
N LEU C 272 4.22 41.45 -33.82
CA LEU C 272 4.10 41.25 -32.38
C LEU C 272 3.14 40.12 -32.08
N GLY C 273 3.48 39.30 -31.08
CA GLY C 273 2.67 38.18 -30.68
C GLY C 273 1.63 38.55 -29.64
N ARG C 274 1.09 37.54 -28.98
CA ARG C 274 0.10 37.71 -27.92
C ARG C 274 0.60 37.03 -26.67
N LEU C 275 0.52 37.72 -25.54
CA LEU C 275 1.02 37.23 -24.27
C LEU C 275 -0.07 37.28 -23.22
N ILE C 276 -0.16 36.22 -22.42
CA ILE C 276 -1.03 36.19 -21.25
C ILE C 276 -0.21 35.72 -20.07
N VAL C 277 -0.67 36.06 -18.87
CA VAL C 277 0.00 35.66 -17.63
C VAL C 277 -1.04 35.13 -16.67
N LYS C 278 -1.01 33.83 -16.41
CA LYS C 278 -1.89 33.19 -15.44
C LYS C 278 -1.09 32.85 -14.19
N GLN C 279 -1.56 33.33 -13.05
CA GLN C 279 -0.91 33.07 -11.78
C GLN C 279 -1.67 32.00 -11.01
N TYR C 280 -0.92 31.11 -10.35
CA TYR C 280 -1.50 30.08 -9.52
C TYR C 280 -0.80 30.08 -8.17
N PRO C 281 -1.51 29.67 -7.11
CA PRO C 281 -0.87 29.60 -5.80
C PRO C 281 0.29 28.63 -5.79
N THR C 282 1.31 28.95 -5.00
CA THR C 282 2.52 28.14 -4.92
C THR C 282 2.18 26.70 -4.57
N GLY C 283 2.46 25.78 -5.48
CA GLY C 283 2.11 24.39 -5.27
C GLY C 283 0.64 24.08 -5.43
N GLY C 284 -0.06 24.78 -6.33
CA GLY C 284 -1.48 24.55 -6.51
C GLY C 284 -1.93 24.56 -7.96
N ALA C 285 -1.03 24.22 -8.87
CA ALA C 285 -1.32 24.18 -10.29
C ALA C 285 -1.22 22.74 -10.80
N ASP C 286 -2.18 22.34 -11.62
CA ASP C 286 -2.29 20.97 -12.07
C ASP C 286 -2.31 20.90 -13.58
N ALA C 287 -1.91 19.74 -14.12
CA ALA C 287 -1.92 19.53 -15.56
C ALA C 287 -3.34 19.60 -16.11
N ASN C 288 -4.30 19.00 -15.40
CA ASN C 288 -5.69 19.07 -15.84
C ASN C 288 -6.19 20.50 -15.80
N THR C 289 -5.79 21.27 -14.78
CA THR C 289 -6.11 22.69 -14.76
C THR C 289 -5.48 23.42 -15.93
N PHE C 290 -4.29 23.01 -16.34
CA PHE C 290 -3.74 23.66 -17.55
C PHE C 290 -4.75 23.52 -18.70
N ARG C 291 -5.10 22.29 -19.05
CA ARG C 291 -5.97 22.05 -20.23
C ARG C 291 -7.34 22.74 -20.07
N SER C 292 -8.00 22.60 -18.92
CA SER C 292 -9.38 23.13 -18.72
C SER C 292 -9.55 24.60 -19.15
N LEU C 293 -8.88 25.52 -18.46
CA LEU C 293 -9.08 26.96 -18.74
C LEU C 293 -8.67 27.28 -20.18
N LEU C 294 -7.57 26.70 -20.66
CA LEU C 294 -7.18 26.92 -22.08
C LEU C 294 -8.31 26.40 -22.98
N ASN C 295 -8.80 25.21 -22.70
CA ASN C 295 -9.83 24.60 -23.59
C ASN C 295 -10.99 25.58 -23.73
N GLU C 296 -11.70 25.88 -22.63
CA GLU C 296 -12.90 26.76 -22.72
C GLU C 296 -12.50 28.16 -23.20
N LEU C 297 -11.36 28.69 -22.72
CA LEU C 297 -10.96 30.07 -23.08
C LEU C 297 -10.35 30.06 -24.49
N LYS C 298 -9.88 28.90 -24.95
CA LYS C 298 -9.38 28.86 -26.34
C LYS C 298 -10.56 29.19 -27.22
N LEU C 299 -11.72 28.60 -26.90
CA LEU C 299 -12.94 28.99 -27.65
C LEU C 299 -13.23 30.45 -27.36
N LYS C 300 -13.13 30.86 -26.10
CA LYS C 300 -13.47 32.26 -25.71
C LYS C 300 -12.46 33.29 -26.26
N LYS C 301 -11.16 33.00 -26.22
CA LYS C 301 -10.15 34.02 -26.63
C LYS C 301 -9.39 33.64 -27.90
N ASN C 302 -9.75 32.55 -28.58
CA ASN C 302 -9.09 32.20 -29.86
C ASN C 302 -7.58 32.43 -29.72
N PHE C 303 -7.01 32.12 -28.56
CA PHE C 303 -5.54 32.26 -28.34
C PHE C 303 -4.94 30.86 -28.10
N VAL C 304 -4.00 30.44 -28.95
CA VAL C 304 -3.30 29.14 -28.74
C VAL C 304 -1.81 29.45 -28.68
N PRO C 305 -1.06 29.00 -27.65
CA PRO C 305 0.33 29.38 -27.50
C PRO C 305 1.40 28.48 -28.13
N THR C 306 2.32 29.07 -28.90
CA THR C 306 3.47 28.31 -29.44
C THR C 306 4.43 27.98 -28.30
N ILE C 307 4.55 28.86 -27.30
CA ILE C 307 5.52 28.64 -26.19
C ILE C 307 4.82 28.68 -24.84
N ILE C 308 4.83 27.56 -24.10
CA ILE C 308 4.28 27.49 -22.75
C ILE C 308 5.43 27.59 -21.76
N ILE C 309 5.32 28.51 -20.82
CA ILE C 309 6.34 28.75 -19.81
C ILE C 309 5.72 28.51 -18.44
N VAL C 310 6.41 27.76 -17.59
CA VAL C 310 5.96 27.50 -16.23
C VAL C 310 7.09 27.94 -15.32
N ASP C 311 6.92 29.08 -14.67
CA ASP C 311 7.97 29.60 -13.79
C ASP C 311 8.15 28.70 -12.59
N TYR C 312 9.41 28.41 -12.26
CA TYR C 312 9.79 27.66 -11.06
C TYR C 312 9.13 26.27 -11.05
N LEU C 313 9.59 25.45 -12.00
CA LEU C 313 9.14 24.07 -12.10
C LEU C 313 9.14 23.37 -10.74
N GLY C 314 10.10 23.69 -9.87
CA GLY C 314 10.27 22.99 -8.62
C GLY C 314 9.13 23.14 -7.63
N ILE C 315 8.21 24.08 -7.84
CA ILE C 315 7.15 24.35 -6.88
C ILE C 315 5.78 24.12 -7.50
N CYS C 316 5.68 23.17 -8.42
CA CYS C 316 4.42 22.85 -9.05
C CYS C 316 3.72 21.71 -8.31
N LYS C 317 2.54 21.31 -8.79
CA LYS C 317 1.76 20.24 -8.20
C LYS C 317 1.53 19.14 -9.23
N SER C 318 1.63 17.89 -8.78
CA SER C 318 1.49 16.74 -9.66
C SER C 318 0.02 16.42 -9.92
N CYS C 319 -0.26 15.89 -11.11
CA CYS C 319 -1.60 15.47 -11.49
C CYS C 319 -1.83 13.99 -11.27
N ARG C 320 -0.80 13.23 -10.93
CA ARG C 320 -0.92 11.80 -10.65
C ARG C 320 -0.74 11.46 -9.18
N ILE C 321 0.22 12.07 -8.50
CA ILE C 321 0.42 11.86 -7.07
C ILE C 321 -0.67 12.66 -6.35
N ARG C 322 -1.73 11.97 -5.94
CA ARG C 322 -2.91 12.66 -5.42
C ARG C 322 -2.61 13.40 -4.11
N VAL C 323 -1.86 12.77 -3.22
CA VAL C 323 -1.59 13.34 -1.91
C VAL C 323 -0.19 13.94 -1.90
N TYR C 324 0.02 14.90 -1.01
CA TYR C 324 1.34 15.48 -0.83
C TYR C 324 2.30 14.42 -0.33
N SER C 325 3.53 14.44 -0.86
CA SER C 325 4.55 13.48 -0.48
C SER C 325 5.82 14.22 -0.08
N GLU C 326 6.41 13.81 1.04
CA GLU C 326 7.68 14.38 1.46
C GLU C 326 8.81 14.03 0.50
N ASN C 327 8.69 12.93 -0.24
CA ASN C 327 9.74 12.52 -1.16
C ASN C 327 9.84 13.52 -2.30
N SER C 328 10.90 14.33 -2.29
CA SER C 328 11.07 15.33 -3.34
C SER C 328 11.32 14.67 -4.70
N TYR C 329 12.13 13.62 -4.72
CA TYR C 329 12.56 13.01 -5.98
C TYR C 329 11.36 12.52 -6.79
N THR C 330 10.51 11.70 -6.17
CA THR C 330 9.38 11.11 -6.90
C THR C 330 8.40 12.19 -7.36
N THR C 331 8.05 13.11 -6.49
CA THR C 331 7.07 14.14 -6.83
C THR C 331 7.58 15.03 -7.96
N VAL C 332 8.85 15.46 -7.87
CA VAL C 332 9.39 16.35 -8.89
C VAL C 332 9.55 15.62 -10.21
N LYS C 333 9.98 14.36 -10.18
CA LYS C 333 10.05 13.59 -11.41
C LYS C 333 8.68 13.43 -12.05
N ALA C 334 7.66 13.15 -11.24
CA ALA C 334 6.31 12.99 -11.79
C ALA C 334 5.82 14.31 -12.40
N ILE C 335 6.11 15.43 -11.74
CA ILE C 335 5.70 16.72 -12.27
C ILE C 335 6.42 17.02 -13.58
N ALA C 336 7.72 16.72 -13.65
CA ALA C 336 8.47 16.95 -14.88
C ALA C 336 7.91 16.09 -16.02
N GLU C 337 7.61 14.83 -15.72
CA GLU C 337 7.03 13.96 -16.74
C GLU C 337 5.67 14.47 -17.20
N GLU C 338 4.86 14.96 -16.25
CA GLU C 338 3.56 15.52 -16.61
C GLU C 338 3.70 16.74 -17.50
N LEU C 339 4.66 17.61 -17.18
CA LEU C 339 4.89 18.80 -17.99
C LEU C 339 5.34 18.42 -19.39
N ARG C 340 6.29 17.49 -19.50
CA ARG C 340 6.78 17.06 -20.81
C ARG C 340 5.65 16.42 -21.62
N ALA C 341 4.83 15.60 -20.98
CA ALA C 341 3.71 14.97 -21.68
C ALA C 341 2.72 16.01 -22.16
N LEU C 342 2.41 17.00 -21.32
CA LEU C 342 1.50 18.06 -21.74
C LEU C 342 2.06 18.82 -22.93
N ALA C 343 3.37 19.13 -22.88
CA ALA C 343 4.00 19.85 -23.98
C ALA C 343 3.96 19.06 -25.28
N VAL C 344 4.24 17.75 -25.22
CA VAL C 344 4.23 16.96 -26.43
C VAL C 344 2.81 16.79 -26.96
N GLU C 345 1.82 16.66 -26.06
CA GLU C 345 0.44 16.55 -26.51
C GLU C 345 -0.01 17.83 -27.19
N THR C 346 0.35 18.98 -26.64
CA THR C 346 0.00 20.24 -27.29
C THR C 346 0.99 20.63 -28.38
N GLU C 347 2.12 19.92 -28.49
CA GLU C 347 3.14 20.19 -29.50
C GLU C 347 3.62 21.64 -29.42
N THR C 348 4.19 21.97 -28.26
CA THR C 348 4.57 23.34 -27.96
C THR C 348 5.78 23.33 -27.04
N VAL C 349 6.75 24.19 -27.35
CA VAL C 349 7.96 24.28 -26.54
C VAL C 349 7.60 24.69 -25.12
N LEU C 350 8.08 23.93 -24.15
CA LEU C 350 7.82 24.19 -22.73
C LEU C 350 9.12 24.64 -22.06
N TRP C 351 9.05 25.75 -21.35
CA TRP C 351 10.19 26.30 -20.63
C TRP C 351 9.89 26.32 -19.15
N THR C 352 10.92 26.14 -18.33
CA THR C 352 10.78 26.12 -16.88
C THR C 352 12.06 26.66 -16.25
N ALA C 353 12.15 26.55 -14.93
CA ALA C 353 13.34 26.89 -14.18
C ALA C 353 13.50 25.90 -13.04
N ALA C 354 14.74 25.72 -12.58
CA ALA C 354 15.03 24.73 -11.57
C ALA C 354 16.00 25.28 -10.54
N GLN C 355 15.98 24.69 -9.37
CA GLN C 355 16.81 25.11 -8.25
C GLN C 355 18.03 24.22 -8.14
N VAL C 356 19.20 24.84 -8.03
CA VAL C 356 20.43 24.12 -7.76
C VAL C 356 20.45 23.77 -6.28
N GLY C 357 21.38 22.89 -5.89
CA GLY C 357 21.47 22.50 -4.51
C GLY C 357 22.07 23.59 -3.64
N LYS C 358 21.93 23.39 -2.33
CA LYS C 358 22.47 24.35 -1.37
C LYS C 358 23.99 24.44 -1.47
N GLN C 359 24.65 23.40 -1.97
CA GLN C 359 26.09 23.41 -2.12
C GLN C 359 26.57 24.16 -3.35
N ALA C 360 25.67 24.46 -4.29
CA ALA C 360 26.02 25.17 -5.52
C ALA C 360 25.78 26.67 -5.43
N TRP C 361 25.24 27.17 -4.31
CA TRP C 361 24.96 28.59 -4.19
C TRP C 361 26.25 29.41 -4.14
N ASP C 362 27.29 28.88 -3.49
CA ASP C 362 28.56 29.57 -3.35
C ASP C 362 29.61 29.03 -4.32
N SER C 363 29.21 28.26 -5.31
CA SER C 363 30.11 27.62 -6.24
C SER C 363 30.17 28.40 -7.56
N SER C 364 31.37 28.54 -8.10
CA SER C 364 31.55 29.19 -9.39
C SER C 364 31.22 28.28 -10.57
N ASP C 365 31.01 26.99 -10.32
CA ASP C 365 30.60 26.05 -11.35
C ASP C 365 29.44 25.20 -10.83
N VAL C 366 28.57 24.79 -11.73
CA VAL C 366 27.40 23.99 -11.38
C VAL C 366 27.43 22.72 -12.22
N ASN C 367 27.39 21.57 -11.56
CA ASN C 367 27.30 20.28 -12.22
C ASN C 367 25.84 19.82 -12.24
N MET C 368 25.58 18.76 -13.00
CA MET C 368 24.22 18.22 -13.04
C MET C 368 23.87 17.55 -11.71
N SER C 369 24.84 16.96 -11.03
CA SER C 369 24.60 16.38 -9.72
C SER C 369 24.23 17.44 -8.68
N ASP C 370 24.62 18.69 -8.90
CA ASP C 370 24.34 19.77 -7.96
C ASP C 370 22.91 20.29 -8.08
N ILE C 371 22.07 19.68 -8.93
CA ILE C 371 20.67 20.05 -8.98
C ILE C 371 20.03 19.65 -7.65
N ALA C 372 18.88 20.22 -7.34
CA ALA C 372 18.20 19.96 -6.09
C ALA C 372 16.85 19.36 -6.35
N GLU C 373 16.24 18.80 -5.29
CA GLU C 373 14.82 18.42 -5.22
C GLU C 373 14.48 17.18 -6.04
N SER C 374 15.39 16.70 -6.88
CA SER C 374 15.20 15.45 -7.61
C SER C 374 16.43 15.17 -8.46
N ALA C 375 16.49 13.95 -8.99
CA ALA C 375 17.36 13.60 -10.10
C ALA C 375 16.58 13.15 -11.32
N GLY C 376 15.26 13.02 -11.20
CA GLY C 376 14.45 12.64 -12.36
C GLY C 376 14.28 13.80 -13.33
N LEU C 377 14.40 15.03 -12.84
CA LEU C 377 14.31 16.19 -13.73
C LEU C 377 15.44 16.24 -14.75
N PRO C 378 16.73 16.08 -14.40
CA PRO C 378 17.76 16.07 -15.45
C PRO C 378 17.57 14.96 -16.46
N ALA C 379 16.88 13.88 -16.09
CA ALA C 379 16.61 12.81 -17.05
C ALA C 379 15.49 13.19 -18.01
N THR C 380 14.51 13.95 -17.54
CA THR C 380 13.34 14.31 -18.33
C THR C 380 13.52 15.60 -19.12
N ALA C 381 14.66 16.28 -18.95
CA ALA C 381 14.86 17.59 -19.54
C ALA C 381 15.63 17.48 -20.85
N ASP C 382 15.00 17.94 -21.93
CA ASP C 382 15.64 17.95 -23.25
C ASP C 382 16.73 19.00 -23.36
N PHE C 383 16.69 20.03 -22.53
CA PHE C 383 17.67 21.11 -22.61
C PHE C 383 17.78 21.74 -21.23
N MET C 384 19.01 21.92 -20.74
CA MET C 384 19.24 22.54 -19.43
C MET C 384 20.37 23.54 -19.56
N LEU C 385 20.10 24.78 -19.15
CA LEU C 385 21.11 25.84 -19.11
C LEU C 385 21.33 26.25 -17.67
N ALA C 386 22.57 26.16 -17.18
CA ALA C 386 22.94 26.65 -15.88
C ALA C 386 23.31 28.12 -15.99
N VAL C 387 22.61 28.96 -15.24
CA VAL C 387 22.88 30.40 -15.19
C VAL C 387 23.77 30.62 -13.99
N ILE C 388 25.07 30.53 -14.21
CA ILE C 388 26.06 30.66 -13.15
C ILE C 388 26.35 32.14 -12.90
N GLU C 389 26.34 32.52 -11.63
CA GLU C 389 26.58 33.89 -11.20
C GLU C 389 27.68 33.91 -10.15
N THR C 390 28.58 34.88 -10.27
CA THR C 390 29.62 35.11 -9.28
C THR C 390 29.86 36.62 -9.19
N GLU C 391 30.55 37.02 -8.12
CA GLU C 391 30.69 38.45 -7.82
C GLU C 391 31.43 39.17 -8.93
N GLU C 392 32.51 38.58 -9.46
CA GLU C 392 33.26 39.25 -10.52
C GLU C 392 32.44 39.36 -11.79
N LEU C 393 31.68 38.32 -12.13
CA LEU C 393 30.81 38.39 -13.30
C LEU C 393 29.65 39.34 -13.06
N ALA C 394 29.13 39.38 -11.83
CA ALA C 394 28.06 40.32 -11.52
C ALA C 394 28.53 41.77 -11.66
N ALA C 395 29.77 42.03 -11.25
CA ALA C 395 30.35 43.36 -11.44
C ALA C 395 30.47 43.68 -12.92
N ALA C 396 30.86 42.71 -13.74
CA ALA C 396 31.00 42.90 -15.16
C ALA C 396 29.67 42.85 -15.90
N GLU C 397 28.56 42.72 -15.19
CA GLU C 397 27.22 42.67 -15.79
C GLU C 397 27.12 41.50 -16.77
N GLN C 398 27.68 40.37 -16.39
CA GLN C 398 27.68 39.17 -17.20
C GLN C 398 27.28 37.97 -16.34
N GLN C 399 26.55 37.04 -16.95
CA GLN C 399 26.24 35.77 -16.30
C GLN C 399 26.71 34.64 -17.18
N LEU C 400 27.39 33.66 -16.59
CA LEU C 400 27.83 32.51 -17.37
C LEU C 400 26.64 31.62 -17.67
N ILE C 401 26.57 31.08 -18.87
CA ILE C 401 25.57 30.09 -19.23
C ILE C 401 26.31 28.82 -19.64
N LYS C 402 25.98 27.72 -18.98
CA LYS C 402 26.63 26.44 -19.22
C LYS C 402 25.57 25.41 -19.56
N GLN C 403 25.57 24.93 -20.80
CA GLN C 403 24.58 23.95 -21.22
C GLN C 403 24.88 22.63 -20.52
N ILE C 404 24.18 22.37 -19.43
CA ILE C 404 24.42 21.16 -18.65
C ILE C 404 23.97 19.94 -19.44
N LYS C 405 22.89 20.07 -20.21
CA LYS C 405 22.36 18.95 -20.96
C LYS C 405 21.69 19.48 -22.22
N SER C 406 21.95 18.82 -23.35
CA SER C 406 21.37 19.25 -24.62
C SER C 406 21.13 18.03 -25.49
N ARG C 407 19.88 17.83 -25.89
CA ARG C 407 19.52 16.82 -26.86
C ARG C 407 19.37 17.39 -28.26
N TYR C 408 19.67 18.68 -28.42
CA TYR C 408 19.67 19.31 -29.74
C TYR C 408 21.03 19.30 -30.39
N GLY C 409 22.10 19.39 -29.60
CA GLY C 409 23.45 19.39 -30.13
C GLY C 409 24.44 18.84 -29.14
N ASP C 410 25.72 19.07 -29.40
CA ASP C 410 26.79 18.61 -28.52
C ASP C 410 27.02 19.64 -27.44
N LYS C 411 26.89 19.22 -26.18
CA LYS C 411 27.04 20.13 -25.06
C LYS C 411 28.49 20.41 -24.71
N ASN C 412 29.44 19.74 -25.34
CA ASN C 412 30.86 19.98 -25.11
C ASN C 412 31.48 20.88 -26.17
N LYS C 413 30.70 21.35 -27.14
CA LYS C 413 31.25 22.19 -28.20
C LYS C 413 31.33 23.65 -27.76
N TRP C 414 30.25 24.16 -27.18
CA TRP C 414 30.17 25.53 -26.67
C TRP C 414 29.64 25.52 -25.24
N ASN C 415 30.29 24.70 -24.41
CA ASN C 415 29.75 24.38 -23.09
C ASN C 415 29.55 25.63 -22.24
N LYS C 416 30.52 26.53 -22.22
CA LYS C 416 30.47 27.73 -21.39
C LYS C 416 30.46 28.97 -22.29
N PHE C 417 29.51 29.88 -22.05
CA PHE C 417 29.52 31.14 -22.78
C PHE C 417 28.89 32.24 -21.93
N LEU C 418 29.51 33.41 -21.95
CA LEU C 418 29.00 34.53 -21.17
C LEU C 418 27.82 35.18 -21.90
N MET C 419 26.80 35.54 -21.13
CA MET C 419 25.62 36.22 -21.65
C MET C 419 25.40 37.47 -20.82
N GLY C 420 25.31 38.61 -21.50
CA GLY C 420 25.07 39.85 -20.78
C GLY C 420 23.63 39.93 -20.31
N VAL C 421 23.45 40.42 -19.08
CA VAL C 421 22.14 40.52 -18.47
C VAL C 421 21.90 41.98 -18.09
N GLN C 422 20.73 42.49 -18.45
CA GLN C 422 20.30 43.82 -18.01
C GLN C 422 19.18 43.60 -17.01
N LYS C 423 19.57 43.50 -15.73
CA LYS C 423 18.60 43.24 -14.67
C LYS C 423 17.61 44.40 -14.56
N GLY C 424 18.09 45.64 -14.67
CA GLY C 424 17.18 46.76 -14.70
C GLY C 424 16.21 46.69 -15.87
N ASN C 425 16.73 46.35 -17.05
CA ASN C 425 15.88 46.15 -18.21
C ASN C 425 15.25 44.76 -18.26
N GLN C 426 15.73 43.83 -17.43
CA GLN C 426 15.25 42.44 -17.44
C GLN C 426 15.38 41.82 -18.82
N LYS C 427 16.56 41.97 -19.42
CA LYS C 427 16.77 41.55 -20.79
C LYS C 427 18.05 40.75 -20.93
N TRP C 428 18.08 39.90 -21.95
CA TRP C 428 19.24 39.10 -22.30
C TRP C 428 19.91 39.70 -23.54
N VAL C 429 21.22 39.87 -23.48
CA VAL C 429 21.99 40.34 -24.63
C VAL C 429 23.17 39.40 -24.83
N GLU C 430 23.63 39.31 -26.08
CA GLU C 430 24.69 38.39 -26.46
C GLU C 430 26.00 39.15 -26.58
N ILE C 431 27.02 38.66 -25.89
CA ILE C 431 28.34 39.30 -25.90
C ILE C 431 29.05 38.94 -27.19
N GLU C 432 29.54 39.96 -27.90
CA GLU C 432 30.28 39.75 -29.14
C GLU C 432 31.76 40.06 -28.96
N MET D 1 -14.71 -41.74 -33.53
CA MET D 1 -13.61 -42.58 -33.12
C MET D 1 -13.20 -42.28 -31.69
N VAL D 2 -14.17 -41.91 -30.86
CA VAL D 2 -13.91 -41.60 -29.46
C VAL D 2 -13.47 -42.84 -28.69
N GLU D 3 -13.93 -44.02 -29.11
CA GLU D 3 -13.56 -45.24 -28.40
C GLU D 3 -12.06 -45.49 -28.49
N ILE D 4 -11.46 -45.26 -29.66
CA ILE D 4 -10.01 -45.35 -29.80
C ILE D 4 -9.33 -44.35 -28.87
N ILE D 5 -9.88 -43.13 -28.82
CA ILE D 5 -9.30 -42.08 -27.98
C ILE D 5 -9.25 -42.53 -26.53
N LEU D 6 -10.38 -43.01 -26.00
CA LEU D 6 -10.44 -43.42 -24.60
C LEU D 6 -9.58 -44.65 -24.35
N SER D 7 -9.59 -45.62 -25.27
CA SER D 7 -8.81 -46.83 -25.08
C SER D 7 -7.33 -46.52 -25.01
N HIS D 8 -6.85 -45.62 -25.87
CA HIS D 8 -5.45 -45.23 -25.80
C HIS D 8 -5.17 -44.31 -24.64
N LEU D 9 -6.17 -43.56 -24.16
CA LEU D 9 -5.97 -42.78 -22.93
C LEU D 9 -5.72 -43.71 -21.75
N ILE D 10 -6.46 -44.81 -21.67
CA ILE D 10 -6.32 -45.71 -20.53
C ILE D 10 -5.11 -46.61 -20.68
N PHE D 11 -5.04 -47.35 -21.80
CA PHE D 11 -4.03 -48.40 -21.92
C PHE D 11 -2.67 -47.90 -22.38
N ASP D 12 -2.58 -46.67 -22.91
CA ASP D 12 -1.33 -46.12 -23.38
C ASP D 12 -0.95 -44.94 -22.50
N GLN D 13 0.36 -44.79 -22.26
CA GLN D 13 0.88 -43.74 -21.41
C GLN D 13 1.48 -42.59 -22.20
N ALA D 14 2.26 -42.88 -23.24
CA ALA D 14 2.79 -41.81 -24.09
C ALA D 14 1.67 -41.06 -24.79
N TYR D 15 0.63 -41.79 -25.21
CA TYR D 15 -0.53 -41.15 -25.85
C TYR D 15 -1.23 -40.21 -24.88
N PHE D 16 -1.47 -40.66 -23.65
CA PHE D 16 -2.10 -39.81 -22.64
C PHE D 16 -1.22 -38.60 -22.35
N SER D 17 0.09 -38.81 -22.25
CA SER D 17 1.01 -37.72 -21.99
C SER D 17 0.96 -36.68 -23.10
N LYS D 18 0.91 -37.13 -24.35
CA LYS D 18 0.96 -36.20 -25.47
C LYS D 18 -0.27 -35.31 -25.49
N VAL D 19 -1.46 -35.91 -25.45
CA VAL D 19 -2.67 -35.09 -25.49
C VAL D 19 -3.60 -35.40 -24.32
N TRP D 20 -3.29 -34.85 -23.15
CA TRP D 20 -4.29 -34.68 -22.09
C TRP D 20 -4.97 -33.31 -22.15
N PRO D 21 -4.24 -32.20 -22.19
CA PRO D 21 -4.86 -30.89 -21.92
C PRO D 21 -5.88 -30.46 -22.97
N TYR D 22 -5.88 -31.08 -24.14
CA TYR D 22 -6.84 -30.76 -25.18
C TYR D 22 -8.04 -31.69 -25.16
N MET D 23 -8.18 -32.50 -24.11
CA MET D 23 -9.32 -33.39 -23.95
C MET D 23 -10.30 -32.70 -23.01
N ASP D 24 -11.53 -32.49 -23.49
CA ASP D 24 -12.56 -31.82 -22.72
C ASP D 24 -13.87 -32.58 -22.88
N SER D 25 -14.72 -32.51 -21.86
CA SER D 25 -15.97 -33.26 -21.86
C SER D 25 -16.89 -32.86 -23.01
N GLU D 26 -16.73 -31.66 -23.55
CA GLU D 26 -17.55 -31.18 -24.66
C GLU D 26 -17.05 -31.64 -26.01
N TYR D 27 -16.25 -32.70 -26.07
CA TYR D 27 -15.64 -33.13 -27.32
C TYR D 27 -16.07 -34.51 -27.79
N PHE D 28 -16.91 -35.23 -27.04
CA PHE D 28 -17.22 -36.61 -27.38
C PHE D 28 -18.67 -36.80 -27.79
N GLU D 29 -19.61 -36.52 -26.89
CA GLU D 29 -21.03 -36.78 -27.10
C GLU D 29 -21.80 -36.32 -25.88
N SER D 30 -23.12 -36.39 -25.92
CA SER D 30 -23.94 -36.22 -24.73
C SER D 30 -24.31 -37.53 -24.06
N GLY D 31 -23.80 -38.65 -24.58
CA GLY D 31 -24.17 -39.95 -24.09
C GLY D 31 -23.07 -40.63 -23.28
N PRO D 32 -22.89 -41.94 -23.53
CA PRO D 32 -21.93 -42.70 -22.71
C PRO D 32 -20.50 -42.19 -22.78
N ALA D 33 -20.08 -41.65 -23.93
CA ALA D 33 -18.71 -41.19 -24.07
C ALA D 33 -18.39 -40.06 -23.10
N LYS D 34 -19.29 -39.09 -22.99
CA LYS D 34 -19.05 -38.00 -22.04
C LYS D 34 -19.04 -38.51 -20.61
N ASN D 35 -19.91 -39.47 -20.30
CA ASN D 35 -19.96 -39.99 -18.94
C ASN D 35 -18.66 -40.71 -18.57
N THR D 36 -18.17 -41.58 -19.45
CA THR D 36 -16.94 -42.28 -19.14
C THR D 36 -15.75 -41.34 -19.14
N PHE D 37 -15.76 -40.30 -19.98
CA PHE D 37 -14.69 -39.31 -19.90
C PHE D 37 -14.77 -38.51 -18.61
N LYS D 38 -15.98 -38.23 -18.12
CA LYS D 38 -16.11 -37.59 -16.82
C LYS D 38 -15.56 -38.47 -15.71
N LEU D 39 -15.83 -39.78 -15.79
CA LEU D 39 -15.25 -40.71 -14.83
C LEU D 39 -13.73 -40.65 -14.87
N ILE D 40 -13.16 -40.70 -16.07
CA ILE D 40 -11.71 -40.67 -16.22
C ILE D 40 -11.16 -39.36 -15.66
N LYS D 41 -11.80 -38.24 -15.97
CA LYS D 41 -11.30 -36.94 -15.52
C LYS D 41 -11.42 -36.79 -14.01
N SER D 42 -12.50 -37.31 -13.43
CA SER D 42 -12.64 -37.25 -11.98
C SER D 42 -11.54 -38.06 -11.29
N HIS D 43 -11.31 -39.28 -11.78
CA HIS D 43 -10.23 -40.09 -11.21
C HIS D 43 -8.88 -39.41 -11.39
N VAL D 44 -8.66 -38.80 -12.55
CA VAL D 44 -7.38 -38.14 -12.83
C VAL D 44 -7.17 -36.97 -11.89
N ASN D 45 -8.18 -36.12 -11.74
CA ASN D 45 -8.04 -34.95 -10.88
C ASN D 45 -8.07 -35.31 -9.40
N GLU D 46 -8.53 -36.50 -9.05
CA GLU D 46 -8.55 -36.89 -7.65
C GLU D 46 -7.27 -37.60 -7.22
N TYR D 47 -6.80 -38.56 -8.02
CA TYR D 47 -5.65 -39.37 -7.64
C TYR D 47 -4.38 -39.06 -8.43
N HIS D 48 -4.46 -38.20 -9.45
CA HIS D 48 -3.31 -37.83 -10.25
C HIS D 48 -2.63 -39.05 -10.87
N SER D 49 -3.43 -39.90 -11.50
CA SER D 49 -2.91 -41.09 -12.16
C SER D 49 -3.95 -41.59 -13.14
N VAL D 50 -3.47 -42.20 -14.22
CA VAL D 50 -4.36 -42.75 -15.25
C VAL D 50 -5.13 -43.92 -14.64
N PRO D 51 -6.46 -43.88 -14.66
CA PRO D 51 -7.23 -44.99 -14.07
C PRO D 51 -7.11 -46.26 -14.90
N SER D 52 -7.20 -47.39 -14.20
CA SER D 52 -7.25 -48.68 -14.86
C SER D 52 -8.70 -49.12 -15.05
N ILE D 53 -8.89 -50.29 -15.65
CA ILE D 53 -10.24 -50.79 -15.87
C ILE D 53 -10.93 -51.04 -14.54
N ASN D 54 -10.22 -51.64 -13.58
CA ASN D 54 -10.80 -51.86 -12.27
C ASN D 54 -11.16 -50.55 -11.58
N ALA D 55 -10.28 -49.54 -11.70
CA ALA D 55 -10.58 -48.25 -11.11
C ALA D 55 -11.81 -47.61 -11.74
N LEU D 56 -11.93 -47.72 -13.06
CA LEU D 56 -13.11 -47.19 -13.74
C LEU D 56 -14.38 -47.90 -13.29
N ASN D 57 -14.31 -49.23 -13.16
CA ASN D 57 -15.47 -49.97 -12.68
C ASN D 57 -15.85 -49.56 -11.27
N VAL D 58 -14.86 -49.40 -10.39
CA VAL D 58 -15.14 -49.00 -9.01
C VAL D 58 -15.78 -47.62 -8.98
N ALA D 59 -15.25 -46.69 -9.78
CA ALA D 59 -15.86 -45.37 -9.86
C ALA D 59 -17.27 -45.45 -10.40
N LEU D 60 -17.51 -46.37 -11.33
CA LEU D 60 -18.86 -46.56 -11.87
C LEU D 60 -19.83 -47.02 -10.78
N GLU D 61 -19.38 -47.94 -9.92
CA GLU D 61 -20.29 -48.50 -8.92
C GLU D 61 -20.79 -47.42 -7.96
N ASN D 62 -19.89 -46.57 -7.47
CA ASN D 62 -20.28 -45.48 -6.58
C ASN D 62 -20.51 -44.19 -7.34
N SER D 63 -21.39 -44.24 -8.35
CA SER D 63 -21.75 -43.10 -9.16
C SER D 63 -23.25 -42.82 -9.02
N SER D 64 -23.70 -41.75 -9.68
CA SER D 64 -25.09 -41.32 -9.63
C SER D 64 -25.77 -41.44 -10.99
N PHE D 65 -25.36 -42.44 -11.77
CA PHE D 65 -25.94 -42.65 -13.09
C PHE D 65 -27.21 -43.46 -13.00
N THR D 66 -28.14 -43.18 -13.91
CA THR D 66 -29.35 -43.98 -14.02
C THR D 66 -29.04 -45.31 -14.70
N GLU D 67 -30.08 -46.11 -14.93
CA GLU D 67 -29.89 -47.43 -15.51
C GLU D 67 -29.32 -47.34 -16.93
N THR D 68 -29.83 -46.42 -17.73
CA THR D 68 -29.37 -46.29 -19.11
C THR D 68 -27.91 -45.85 -19.17
N GLU D 69 -27.56 -44.81 -18.41
CA GLU D 69 -26.18 -44.35 -18.37
C GLU D 69 -25.25 -45.41 -17.79
N TYR D 70 -25.71 -46.11 -16.74
CA TYR D 70 -24.91 -47.17 -16.16
C TYR D 70 -24.61 -48.25 -17.19
N SER D 71 -25.64 -48.68 -17.92
CA SER D 71 -25.44 -49.71 -18.94
C SER D 71 -24.51 -49.22 -20.04
N GLY D 72 -24.69 -47.98 -20.49
CA GLY D 72 -23.83 -47.46 -21.55
C GLY D 72 -22.38 -47.37 -21.13
N VAL D 73 -22.13 -46.86 -19.93
CA VAL D 73 -20.76 -46.74 -19.45
C VAL D 73 -20.14 -48.12 -19.25
N LYS D 74 -20.90 -49.06 -18.70
CA LYS D 74 -20.37 -50.40 -18.50
C LYS D 74 -20.01 -51.05 -19.83
N THR D 75 -20.88 -50.93 -20.82
CA THR D 75 -20.59 -51.49 -22.13
C THR D 75 -19.37 -50.84 -22.75
N LEU D 76 -19.28 -49.51 -22.66
CA LEU D 76 -18.14 -48.80 -23.25
C LEU D 76 -16.83 -49.22 -22.57
N ILE D 77 -16.85 -49.37 -21.25
CA ILE D 77 -15.65 -49.80 -20.54
C ILE D 77 -15.29 -51.23 -20.94
N SER D 78 -16.30 -52.07 -21.13
CA SER D 78 -16.03 -53.43 -21.60
C SER D 78 -15.38 -53.41 -22.98
N LYS D 79 -15.84 -52.53 -23.86
CA LYS D 79 -15.25 -52.41 -25.19
C LYS D 79 -13.81 -51.93 -25.17
N LEU D 80 -13.38 -51.30 -24.08
CA LEU D 80 -12.03 -50.71 -24.00
C LEU D 80 -11.00 -51.83 -24.02
N ALA D 81 -10.32 -52.00 -25.16
CA ALA D 81 -9.25 -52.97 -25.30
C ALA D 81 -8.11 -52.32 -26.06
N ASP D 82 -6.88 -52.53 -25.59
CA ASP D 82 -5.72 -51.91 -26.22
C ASP D 82 -5.50 -52.48 -27.61
N SER D 83 -5.11 -51.60 -28.53
CA SER D 83 -4.79 -51.99 -29.91
C SER D 83 -3.52 -51.27 -30.34
N PRO D 84 -2.74 -51.88 -31.23
CA PRO D 84 -1.51 -51.21 -31.69
C PRO D 84 -1.77 -50.25 -32.84
N GLU D 85 -1.40 -48.98 -32.65
CA GLU D 85 -1.53 -47.96 -33.69
C GLU D 85 -0.30 -47.07 -33.67
N ASP D 86 -0.09 -46.37 -34.78
CA ASP D 86 1.02 -45.44 -34.87
C ASP D 86 0.83 -44.29 -33.90
N HIS D 87 1.91 -43.94 -33.19
CA HIS D 87 1.82 -42.87 -32.20
C HIS D 87 1.57 -41.52 -32.86
N SER D 88 2.36 -41.18 -33.89
CA SER D 88 2.19 -39.91 -34.58
C SER D 88 0.84 -39.84 -35.28
N TRP D 89 0.43 -40.94 -35.91
CA TRP D 89 -0.89 -40.98 -36.54
C TRP D 89 -2.00 -40.79 -35.52
N LEU D 90 -1.87 -41.43 -34.35
CA LEU D 90 -2.87 -41.25 -33.29
C LEU D 90 -2.93 -39.79 -32.85
N VAL D 91 -1.76 -39.16 -32.66
CA VAL D 91 -1.74 -37.76 -32.23
C VAL D 91 -2.40 -36.88 -33.28
N LYS D 92 -2.07 -37.10 -34.56
CA LYS D 92 -2.65 -36.28 -35.62
C LYS D 92 -4.17 -36.46 -35.69
N GLU D 93 -4.64 -37.69 -35.55
CA GLU D 93 -6.08 -37.92 -35.58
C GLU D 93 -6.78 -37.30 -34.37
N THR D 94 -6.12 -37.31 -33.21
CA THR D 94 -6.68 -36.63 -32.05
C THR D 94 -6.79 -35.13 -32.30
N GLU D 95 -5.75 -34.53 -32.89
CA GLU D 95 -5.82 -33.12 -33.21
C GLU D 95 -6.96 -32.82 -34.17
N LYS D 96 -7.11 -33.67 -35.20
CA LYS D 96 -8.18 -33.49 -36.17
C LYS D 96 -9.55 -33.56 -35.49
N TYR D 97 -9.75 -34.58 -34.66
CA TYR D 97 -11.05 -34.75 -34.02
C TYR D 97 -11.35 -33.62 -33.05
N VAL D 98 -10.36 -33.18 -32.27
CA VAL D 98 -10.57 -32.08 -31.33
C VAL D 98 -10.91 -30.80 -32.08
N GLN D 99 -10.18 -30.53 -33.17
CA GLN D 99 -10.46 -29.33 -33.96
C GLN D 99 -11.87 -29.38 -34.52
N GLN D 100 -12.26 -30.51 -35.11
CA GLN D 100 -13.59 -30.62 -35.71
C GLN D 100 -14.67 -30.47 -34.65
N ARG D 101 -14.49 -31.08 -33.48
CA ARG D 101 -15.53 -31.01 -32.46
C ARG D 101 -15.63 -29.61 -31.87
N ALA D 102 -14.50 -28.92 -31.69
CA ALA D 102 -14.55 -27.55 -31.24
C ALA D 102 -15.27 -26.66 -32.25
N MET D 103 -15.00 -26.88 -33.54
CA MET D 103 -15.70 -26.11 -34.57
C MET D 103 -17.19 -26.41 -34.55
N PHE D 104 -17.56 -27.67 -34.34
CA PHE D 104 -18.98 -28.02 -34.28
C PHE D 104 -19.68 -27.37 -33.10
N ASN D 105 -19.03 -27.37 -31.93
CA ASN D 105 -19.61 -26.68 -30.77
C ASN D 105 -19.75 -25.19 -31.05
N ALA D 106 -18.73 -24.59 -31.65
CA ALA D 106 -18.78 -23.17 -31.96
C ALA D 106 -19.93 -22.85 -32.89
N THR D 107 -20.09 -23.62 -33.97
CA THR D 107 -21.14 -23.32 -34.94
C THR D 107 -22.52 -23.61 -34.36
N SER D 108 -22.65 -24.60 -33.48
CA SER D 108 -23.93 -24.82 -32.81
C SER D 108 -24.29 -23.64 -31.93
N LYS D 109 -23.33 -23.11 -31.19
CA LYS D 109 -23.58 -21.92 -30.38
C LYS D 109 -23.94 -20.73 -31.26
N ILE D 110 -23.28 -20.61 -32.42
CA ILE D 110 -23.59 -19.55 -33.36
C ILE D 110 -25.02 -19.65 -33.83
N ILE D 111 -25.45 -20.87 -34.18
CA ILE D 111 -26.82 -21.09 -34.62
C ILE D 111 -27.80 -20.67 -33.54
N GLU D 112 -27.53 -21.10 -32.30
CA GLU D 112 -28.43 -20.76 -31.20
C GLU D 112 -28.53 -19.24 -31.02
N ILE D 113 -27.37 -18.55 -31.01
CA ILE D 113 -27.37 -17.11 -30.78
C ILE D 113 -28.11 -16.39 -31.89
N GLN D 114 -27.82 -16.75 -33.14
CA GLN D 114 -28.47 -16.08 -34.26
C GLN D 114 -29.98 -16.31 -34.25
N THR D 115 -30.40 -17.56 -34.02
CA THR D 115 -31.83 -17.87 -34.04
C THR D 115 -32.56 -17.15 -32.91
N ASN D 116 -31.98 -17.12 -31.70
CA ASN D 116 -32.65 -16.46 -30.60
C ASN D 116 -32.68 -14.94 -30.80
N ALA D 117 -31.61 -14.37 -31.37
CA ALA D 117 -31.61 -12.94 -31.64
C ALA D 117 -32.61 -12.58 -32.73
N GLU D 118 -32.87 -13.50 -33.66
CA GLU D 118 -33.87 -13.25 -34.68
C GLU D 118 -35.26 -13.08 -34.08
N LEU D 119 -35.51 -13.67 -32.91
CA LEU D 119 -36.81 -13.59 -32.28
C LEU D 119 -37.11 -12.16 -31.82
N PRO D 120 -38.38 -11.81 -31.69
CA PRO D 120 -38.75 -10.50 -31.13
C PRO D 120 -38.23 -10.36 -29.71
N PRO D 121 -38.04 -9.12 -29.23
CA PRO D 121 -37.44 -8.95 -27.89
C PRO D 121 -38.21 -9.64 -26.78
N GLU D 122 -39.55 -9.70 -26.89
CA GLU D 122 -40.32 -10.43 -25.89
C GLU D 122 -40.11 -11.93 -26.02
N LYS D 123 -40.03 -12.43 -27.26
CA LYS D 123 -39.90 -13.87 -27.46
C LYS D 123 -38.50 -14.38 -27.16
N ARG D 124 -37.48 -13.54 -27.38
CA ARG D 124 -36.11 -13.98 -27.13
C ARG D 124 -35.85 -14.09 -25.64
N ASN D 125 -34.73 -14.75 -25.31
CA ASN D 125 -34.37 -15.04 -23.93
C ASN D 125 -33.12 -14.28 -23.54
N LYS D 126 -33.11 -13.79 -22.30
CA LYS D 126 -31.95 -13.08 -21.77
C LYS D 126 -30.88 -14.03 -21.25
N LYS D 127 -31.17 -15.32 -21.15
CA LYS D 127 -30.20 -16.28 -20.63
C LYS D 127 -29.06 -16.51 -21.62
N MET D 128 -29.27 -16.11 -22.86
CA MET D 128 -28.33 -16.39 -23.94
C MET D 128 -27.72 -15.08 -24.46
N PRO D 129 -26.40 -15.03 -24.63
CA PRO D 129 -25.76 -13.77 -25.01
C PRO D 129 -26.19 -13.29 -26.40
N ASP D 130 -26.15 -11.97 -26.56
CA ASP D 130 -26.55 -11.33 -27.80
C ASP D 130 -25.50 -11.59 -28.89
N VAL D 131 -25.77 -11.08 -30.10
CA VAL D 131 -24.85 -11.24 -31.21
C VAL D 131 -23.53 -10.54 -30.96
N GLY D 132 -23.50 -9.58 -30.04
CA GLY D 132 -22.27 -8.84 -29.81
C GLY D 132 -21.10 -9.73 -29.42
N ALA D 133 -21.37 -10.76 -28.61
CA ALA D 133 -20.34 -11.73 -28.28
C ALA D 133 -20.39 -12.94 -29.21
N ILE D 134 -20.46 -12.69 -30.52
CA ILE D 134 -20.23 -13.73 -31.52
C ILE D 134 -18.73 -13.91 -31.79
N PRO D 135 -17.97 -12.84 -32.09
CA PRO D 135 -16.58 -13.06 -32.52
C PRO D 135 -15.70 -13.77 -31.49
N ASP D 136 -15.90 -13.49 -30.21
CA ASP D 136 -15.04 -14.11 -29.19
C ASP D 136 -15.19 -15.63 -29.20
N ILE D 137 -16.43 -16.12 -29.13
CA ILE D 137 -16.64 -17.56 -29.27
C ILE D 137 -16.25 -18.02 -30.66
N MET D 138 -16.22 -17.12 -31.64
CA MET D 138 -15.72 -17.46 -32.96
C MET D 138 -14.20 -17.60 -32.97
N ARG D 139 -13.50 -16.84 -32.13
CA ARG D 139 -12.05 -16.90 -32.09
C ARG D 139 -11.52 -17.85 -31.03
N GLN D 140 -12.33 -18.20 -30.03
CA GLN D 140 -11.90 -19.21 -29.07
C GLN D 140 -11.87 -20.59 -29.71
N ALA D 141 -12.69 -20.83 -30.74
CA ALA D 141 -12.66 -22.09 -31.47
C ALA D 141 -11.40 -22.25 -32.30
N LEU D 142 -10.61 -21.20 -32.47
CA LEU D 142 -9.37 -21.26 -33.23
C LEU D 142 -8.14 -21.01 -32.37
N SER D 143 -8.31 -20.88 -31.06
CA SER D 143 -7.21 -20.59 -30.14
C SER D 143 -6.88 -21.79 -29.26
N ILE D 144 -6.96 -22.99 -29.82
CA ILE D 144 -6.62 -24.20 -29.09
C ILE D 144 -5.12 -24.41 -29.20
N SER D 145 -4.47 -24.63 -28.06
CA SER D 145 -3.01 -24.68 -28.02
C SER D 145 -2.46 -25.82 -28.86
N PHE D 146 -2.93 -27.04 -28.60
CA PHE D 146 -2.52 -28.28 -29.25
C PHE D 146 -1.06 -28.65 -28.96
N ASP D 147 -0.34 -27.86 -28.17
CA ASP D 147 1.03 -28.18 -27.80
C ASP D 147 1.25 -27.84 -26.34
N SER D 148 1.73 -28.81 -25.56
CA SER D 148 1.95 -28.62 -24.14
C SER D 148 3.31 -29.20 -23.77
N TYR D 149 4.19 -28.36 -23.24
CA TYR D 149 5.51 -28.76 -22.79
C TYR D 149 5.53 -28.74 -21.27
N VAL D 150 5.73 -29.91 -20.66
CA VAL D 150 5.66 -30.00 -19.21
C VAL D 150 7.03 -29.76 -18.56
N GLY D 151 8.11 -30.03 -19.26
CA GLY D 151 9.43 -29.80 -18.72
C GLY D 151 10.49 -30.38 -19.61
N HIS D 152 11.73 -30.09 -19.27
CA HIS D 152 12.89 -30.53 -20.03
C HIS D 152 13.59 -31.62 -19.22
N ASP D 153 13.22 -32.86 -19.51
CA ASP D 153 13.87 -34.00 -18.87
C ASP D 153 15.33 -34.03 -19.27
N TRP D 154 16.22 -34.04 -18.27
CA TRP D 154 17.64 -33.91 -18.54
C TRP D 154 18.18 -35.09 -19.33
N MET D 155 17.74 -36.30 -18.99
CA MET D 155 18.23 -37.49 -19.66
C MET D 155 17.44 -37.84 -20.91
N ASP D 156 16.13 -37.63 -20.90
CA ASP D 156 15.30 -38.03 -22.03
C ASP D 156 15.36 -37.04 -23.20
N ASP D 157 15.84 -35.82 -22.97
CA ASP D 157 15.85 -34.79 -24.00
C ASP D 157 17.24 -34.19 -24.15
N TYR D 158 18.26 -35.05 -24.20
CA TYR D 158 19.61 -34.57 -24.44
C TYR D 158 19.90 -34.38 -25.93
N GLU D 159 19.15 -35.04 -26.81
CA GLU D 159 19.31 -34.84 -28.24
C GLU D 159 18.94 -33.42 -28.64
N ALA D 160 17.77 -32.95 -28.20
CA ALA D 160 17.36 -31.58 -28.50
C ALA D 160 18.30 -30.58 -27.85
N ARG D 161 18.79 -30.89 -26.65
CA ARG D 161 19.72 -29.98 -26.00
C ARG D 161 21.02 -29.86 -26.79
N TRP D 162 21.54 -30.97 -27.30
CA TRP D 162 22.74 -30.89 -28.13
C TRP D 162 22.46 -30.19 -29.46
N LEU D 163 21.27 -30.40 -30.03
CA LEU D 163 20.92 -29.67 -31.25
C LEU D 163 20.91 -28.18 -31.01
N SER D 164 20.39 -27.75 -29.86
CA SER D 164 20.45 -26.34 -29.51
C SER D 164 21.88 -25.87 -29.26
N TYR D 165 22.72 -26.74 -28.67
CA TYR D 165 24.11 -26.37 -28.43
C TYR D 165 24.84 -26.09 -29.74
N MET D 166 24.78 -27.04 -30.68
CA MET D 166 25.55 -26.89 -31.91
C MET D 166 24.89 -25.90 -32.85
N ASN D 167 23.56 -25.87 -32.90
CA ASN D 167 22.84 -24.96 -33.77
C ASN D 167 22.86 -23.53 -33.27
N LYS D 168 23.09 -23.33 -31.97
CA LYS D 168 23.05 -22.01 -31.35
C LYS D 168 21.72 -21.31 -31.64
N ALA D 169 20.63 -22.03 -31.38
CA ALA D 169 19.30 -21.49 -31.63
C ALA D 169 18.93 -20.34 -30.71
N ARG D 170 19.70 -20.12 -29.63
CA ARG D 170 19.42 -19.05 -28.69
C ARG D 170 20.23 -17.80 -28.96
N LYS D 171 21.51 -17.93 -29.31
CA LYS D 171 22.37 -16.78 -29.48
C LYS D 171 21.94 -15.94 -30.69
N VAL D 172 22.02 -14.63 -30.52
CA VAL D 172 21.79 -13.68 -31.61
C VAL D 172 23.05 -12.84 -31.76
N PRO D 173 23.83 -13.02 -32.82
CA PRO D 173 25.13 -12.36 -32.90
C PRO D 173 25.02 -10.86 -33.03
N PHE D 174 26.05 -10.17 -32.56
CA PHE D 174 26.16 -8.72 -32.74
C PHE D 174 26.86 -8.42 -34.06
N LYS D 175 27.20 -7.16 -34.27
CA LYS D 175 28.12 -6.77 -35.34
C LYS D 175 29.47 -6.33 -34.82
N LEU D 176 29.64 -6.25 -33.50
CA LEU D 176 30.92 -5.89 -32.90
C LEU D 176 31.60 -7.14 -32.38
N ARG D 177 32.88 -7.29 -32.73
CA ARG D 177 33.60 -8.51 -32.38
C ARG D 177 33.79 -8.62 -30.88
N ILE D 178 34.04 -7.50 -30.19
CA ILE D 178 34.27 -7.54 -28.76
C ILE D 178 33.02 -7.99 -28.01
N LEU D 179 31.85 -7.51 -28.42
CA LEU D 179 30.61 -7.93 -27.78
C LEU D 179 30.37 -9.42 -27.97
N ASN D 180 30.63 -9.92 -29.18
CA ASN D 180 30.46 -11.35 -29.44
C ASN D 180 31.44 -12.18 -28.62
N LYS D 181 32.68 -11.71 -28.49
CA LYS D 181 33.67 -12.49 -27.76
C LYS D 181 33.44 -12.46 -26.26
N ILE D 182 32.83 -11.39 -25.73
CA ILE D 182 32.52 -11.38 -24.31
C ILE D 182 31.18 -12.01 -23.99
N THR D 183 30.26 -12.10 -24.96
CA THR D 183 28.98 -12.74 -24.75
C THR D 183 28.92 -14.15 -25.32
N LYS D 184 30.03 -14.68 -25.82
CA LYS D 184 30.10 -16.04 -26.36
C LYS D 184 29.06 -16.26 -27.45
N GLY D 185 29.08 -15.39 -28.46
CA GLY D 185 28.20 -15.54 -29.60
C GLY D 185 26.97 -14.66 -29.60
N GLY D 186 26.93 -13.62 -28.77
CA GLY D 186 25.81 -12.69 -28.80
C GLY D 186 24.90 -12.83 -27.59
N ALA D 187 23.73 -12.22 -27.73
CA ALA D 187 22.72 -12.26 -26.69
C ALA D 187 21.66 -13.28 -27.02
N GLU D 188 21.15 -13.95 -25.97
CA GLU D 188 20.18 -15.02 -26.17
C GLU D 188 18.80 -14.43 -26.45
N THR D 189 17.86 -15.32 -26.79
CA THR D 189 16.54 -14.89 -27.23
C THR D 189 15.77 -14.25 -26.08
N GLY D 190 15.45 -15.03 -25.05
CA GLY D 190 14.66 -14.53 -23.96
C GLY D 190 15.50 -13.90 -22.87
N THR D 191 16.10 -12.75 -23.16
CA THR D 191 17.02 -12.11 -22.22
C THR D 191 16.74 -10.62 -22.18
N LEU D 192 17.19 -9.99 -21.10
CA LEU D 192 17.12 -8.55 -20.91
C LEU D 192 18.53 -8.04 -20.66
N ASN D 193 18.99 -7.14 -21.53
CA ASN D 193 20.33 -6.59 -21.45
C ASN D 193 20.24 -5.09 -21.16
N VAL D 194 21.24 -4.57 -20.45
CA VAL D 194 21.18 -3.23 -19.91
C VAL D 194 22.48 -2.50 -20.20
N LEU D 195 22.36 -1.26 -20.68
CA LEU D 195 23.46 -0.32 -20.73
C LEU D 195 23.32 0.64 -19.56
N MET D 196 24.30 0.64 -18.66
CA MET D 196 24.27 1.48 -17.48
C MET D 196 25.20 2.66 -17.69
N ALA D 197 24.68 3.87 -17.54
CA ALA D 197 25.46 5.08 -17.80
C ALA D 197 24.71 6.27 -17.22
N GLY D 198 25.45 7.37 -17.04
CA GLY D 198 24.89 8.58 -16.50
C GLY D 198 24.03 9.32 -17.51
N VAL D 199 23.69 10.56 -17.16
CA VAL D 199 22.81 11.38 -17.97
C VAL D 199 23.58 12.03 -19.10
N ASN D 200 23.02 11.95 -20.31
CA ASN D 200 23.57 12.58 -21.50
C ASN D 200 25.03 12.19 -21.71
N VAL D 201 25.26 10.88 -21.75
CA VAL D 201 26.59 10.33 -21.93
C VAL D 201 26.65 9.24 -22.98
N GLY D 202 25.52 8.87 -23.59
CA GLY D 202 25.53 7.92 -24.68
C GLY D 202 24.73 6.66 -24.48
N LYS D 203 23.66 6.73 -23.68
CA LYS D 203 22.78 5.57 -23.53
C LYS D 203 21.95 5.35 -24.79
N SER D 204 21.11 6.32 -25.13
CA SER D 204 20.29 6.20 -26.33
C SER D 204 21.14 6.12 -27.58
N LEU D 205 22.32 6.74 -27.60
CA LEU D 205 23.24 6.56 -28.72
C LEU D 205 23.63 5.10 -28.88
N GLY D 206 24.01 4.45 -27.78
CA GLY D 206 24.37 3.05 -27.84
C GLY D 206 23.20 2.16 -28.26
N LEU D 207 22.02 2.45 -27.74
CA LEU D 207 20.86 1.66 -28.11
C LEU D 207 20.51 1.83 -29.59
N CYS D 208 20.62 3.05 -30.10
CA CYS D 208 20.39 3.28 -31.53
C CYS D 208 21.43 2.56 -32.38
N SER D 209 22.69 2.56 -31.92
CA SER D 209 23.72 1.84 -32.64
C SER D 209 23.43 0.34 -32.68
N LEU D 210 23.02 -0.22 -31.55
CA LEU D 210 22.66 -1.63 -31.52
C LEU D 210 21.48 -1.92 -32.43
N ALA D 211 20.47 -1.04 -32.43
CA ALA D 211 19.33 -1.23 -33.30
C ALA D 211 19.73 -1.18 -34.77
N ALA D 212 20.63 -0.25 -35.12
CA ALA D 212 21.10 -0.15 -36.48
C ALA D 212 21.85 -1.40 -36.91
N ASP D 213 22.71 -1.92 -36.02
CA ASP D 213 23.43 -3.15 -36.36
C ASP D 213 22.49 -4.32 -36.53
N TYR D 214 21.51 -4.46 -35.63
CA TYR D 214 20.53 -5.54 -35.76
C TYR D 214 19.74 -5.41 -37.05
N LEU D 215 19.38 -4.18 -37.43
CA LEU D 215 18.67 -3.97 -38.68
C LEU D 215 19.55 -4.32 -39.88
N GLN D 216 20.84 -4.02 -39.79
CA GLN D 216 21.77 -4.44 -40.84
C GLN D 216 21.85 -5.95 -40.92
N LEU D 217 21.70 -6.64 -39.81
CA LEU D 217 21.74 -8.11 -39.84
C LEU D 217 20.35 -8.72 -40.04
N GLY D 218 19.61 -8.18 -41.02
CA GLY D 218 18.37 -8.82 -41.46
C GLY D 218 17.38 -9.13 -40.36
N HIS D 219 17.27 -8.25 -39.37
CA HIS D 219 16.38 -8.47 -38.23
C HIS D 219 15.24 -7.48 -38.22
N ASN D 220 14.05 -7.95 -37.88
CA ASN D 220 12.92 -7.06 -37.61
C ASN D 220 13.12 -6.43 -36.24
N VAL D 221 13.38 -5.13 -36.21
CA VAL D 221 13.70 -4.41 -34.99
C VAL D 221 12.53 -3.51 -34.64
N LEU D 222 12.17 -3.50 -33.36
CA LEU D 222 11.10 -2.63 -32.86
C LEU D 222 11.69 -1.73 -31.78
N TYR D 223 12.03 -0.50 -32.17
CA TYR D 223 12.60 0.46 -31.23
C TYR D 223 11.46 1.15 -30.50
N ILE D 224 11.43 1.01 -29.18
CA ILE D 224 10.39 1.66 -28.38
C ILE D 224 11.01 2.82 -27.60
N SER D 225 10.94 4.00 -28.18
CA SER D 225 11.50 5.19 -27.56
C SER D 225 10.53 5.77 -26.54
N MET D 226 11.07 6.14 -25.38
CA MET D 226 10.26 6.70 -24.31
C MET D 226 10.57 8.17 -24.01
N GLU D 227 11.72 8.67 -24.45
CA GLU D 227 12.13 10.03 -24.12
C GLU D 227 12.12 10.98 -25.30
N MET D 228 12.20 10.48 -26.53
CA MET D 228 12.28 11.33 -27.70
C MET D 228 11.32 10.83 -28.78
N ALA D 229 10.89 11.75 -29.63
CA ALA D 229 9.86 11.46 -30.62
C ALA D 229 10.35 10.43 -31.63
N GLU D 230 9.39 9.93 -32.43
CA GLU D 230 9.73 8.94 -33.45
C GLU D 230 10.71 9.51 -34.46
N GLU D 231 10.51 10.75 -34.88
CA GLU D 231 11.39 11.35 -35.88
C GLU D 231 12.81 11.50 -35.37
N VAL D 232 13.00 11.76 -34.07
CA VAL D 232 14.35 11.94 -33.54
C VAL D 232 15.13 10.62 -33.58
N CYS D 233 14.50 9.54 -33.11
CA CYS D 233 15.17 8.25 -33.15
C CYS D 233 15.38 7.77 -34.58
N ALA D 234 14.39 7.99 -35.45
CA ALA D 234 14.56 7.64 -36.85
C ALA D 234 15.68 8.45 -37.49
N LYS D 235 15.86 9.70 -37.05
CA LYS D 235 16.96 10.52 -37.55
C LYS D 235 18.31 9.99 -37.06
N ARG D 236 18.37 9.56 -35.80
CA ARG D 236 19.60 8.93 -35.31
C ARG D 236 19.93 7.68 -36.11
N ILE D 237 18.92 6.86 -36.41
CA ILE D 237 19.16 5.64 -37.18
C ILE D 237 19.54 5.97 -38.61
N ASP D 238 18.96 7.03 -39.18
CA ASP D 238 19.37 7.48 -40.51
C ASP D 238 20.83 7.91 -40.51
N ALA D 239 21.24 8.65 -39.47
CA ALA D 239 22.63 9.07 -39.36
C ALA D 239 23.55 7.86 -39.23
N ASN D 240 23.10 6.84 -38.52
CA ASN D 240 23.91 5.64 -38.32
C ASN D 240 24.06 4.86 -39.63
N MET D 241 22.95 4.64 -40.33
CA MET D 241 22.95 3.81 -41.53
C MET D 241 23.59 4.55 -42.71
N LEU D 242 23.03 5.70 -43.08
CA LEU D 242 23.47 6.46 -44.24
C LEU D 242 24.82 7.15 -44.02
N ASP D 243 25.43 6.99 -42.85
CA ASP D 243 26.72 7.62 -42.52
C ASP D 243 26.67 9.13 -42.64
N VAL D 244 25.48 9.73 -42.61
CA VAL D 244 25.34 11.18 -42.62
C VAL D 244 25.50 11.70 -41.21
N SER D 245 26.36 12.70 -41.03
CA SER D 245 26.53 13.29 -39.71
C SER D 245 25.22 13.93 -39.25
N LEU D 246 24.97 13.84 -37.94
CA LEU D 246 23.71 14.34 -37.40
C LEU D 246 23.58 15.85 -37.58
N ASP D 247 24.70 16.58 -37.48
CA ASP D 247 24.66 18.02 -37.73
C ASP D 247 24.31 18.33 -39.18
N ASP D 248 24.66 17.43 -40.11
CA ASP D 248 24.43 17.72 -41.52
C ASP D 248 22.96 17.78 -41.86
N ILE D 249 22.15 16.89 -41.26
CA ILE D 249 20.71 16.91 -41.52
C ILE D 249 20.10 18.22 -41.03
N ASP D 250 20.54 18.70 -39.86
CA ASP D 250 20.06 19.97 -39.35
C ASP D 250 20.49 21.13 -40.24
N ASP D 251 21.75 21.12 -40.68
CA ASP D 251 22.31 22.21 -41.48
C ASP D 251 22.02 22.05 -42.96
N GLY D 252 21.37 20.98 -43.38
CA GLY D 252 21.07 20.80 -44.79
C GLY D 252 22.29 20.67 -45.66
N HIS D 253 23.34 20.03 -45.14
CA HIS D 253 24.54 19.77 -45.93
C HIS D 253 24.40 18.54 -46.82
N ILE D 254 23.28 17.83 -46.74
CA ILE D 254 23.01 16.69 -47.59
C ILE D 254 21.84 17.05 -48.50
N SER D 255 22.05 16.91 -49.80
CA SER D 255 20.98 17.16 -50.76
C SER D 255 20.01 15.98 -50.76
N TYR D 256 18.77 16.26 -51.13
CA TYR D 256 17.78 15.19 -51.25
C TYR D 256 18.23 14.13 -52.25
N ALA D 257 19.01 14.54 -53.26
CA ALA D 257 19.46 13.58 -54.27
C ALA D 257 20.36 12.52 -53.64
N GLU D 258 21.39 12.93 -52.91
CA GLU D 258 22.32 11.96 -52.34
C GLU D 258 21.69 11.16 -51.21
N TYR D 259 20.86 11.82 -50.39
CA TYR D 259 20.11 11.11 -49.35
C TYR D 259 19.25 10.01 -49.96
N LYS D 260 18.48 10.35 -51.00
CA LYS D 260 17.67 9.35 -51.66
C LYS D 260 18.52 8.29 -52.33
N GLY D 261 19.69 8.66 -52.86
CA GLY D 261 20.55 7.69 -53.51
C GLY D 261 21.04 6.63 -52.55
N LYS D 262 21.54 7.05 -51.38
CA LYS D 262 21.99 6.05 -50.42
C LYS D 262 20.82 5.32 -49.77
N MET D 263 19.66 5.97 -49.67
CA MET D 263 18.47 5.26 -49.20
C MET D 263 18.10 4.13 -50.16
N GLU D 264 18.17 4.39 -51.47
CA GLU D 264 17.92 3.35 -52.46
C GLU D 264 18.98 2.26 -52.39
N LYS D 265 20.26 2.66 -52.26
CA LYS D 265 21.32 1.66 -52.21
C LYS D 265 21.25 0.83 -50.94
N TRP D 266 20.58 1.31 -49.90
CA TRP D 266 20.33 0.47 -48.72
C TRP D 266 19.09 -0.39 -48.91
N ARG D 267 18.04 0.15 -49.52
CA ARG D 267 16.80 -0.60 -49.65
C ARG D 267 16.90 -1.75 -50.65
N GLU D 268 17.88 -1.71 -51.56
CA GLU D 268 18.01 -2.78 -52.54
C GLU D 268 18.55 -4.07 -51.93
N LYS D 269 19.33 -3.97 -50.86
CA LYS D 269 19.91 -5.16 -50.24
C LYS D 269 18.82 -6.02 -49.62
N SER D 270 18.95 -7.34 -49.78
CA SER D 270 18.06 -8.28 -49.10
C SER D 270 18.48 -8.52 -47.66
N THR D 271 19.71 -8.16 -47.30
CA THR D 271 20.19 -8.28 -45.93
C THR D 271 19.81 -7.05 -45.11
N LEU D 272 18.53 -6.70 -45.12
CA LEU D 272 18.03 -5.53 -44.41
C LEU D 272 16.67 -5.85 -43.82
N GLY D 273 16.53 -5.67 -42.51
CA GLY D 273 15.28 -5.94 -41.83
C GLY D 273 14.33 -4.76 -41.92
N ARG D 274 13.28 -4.84 -41.10
CA ARG D 274 12.29 -3.77 -40.99
C ARG D 274 12.36 -3.17 -39.60
N LEU D 275 12.46 -1.85 -39.53
CA LEU D 275 12.57 -1.12 -38.28
C LEU D 275 11.31 -0.28 -38.08
N ILE D 276 10.66 -0.48 -36.94
CA ILE D 276 9.45 0.26 -36.60
C ILE D 276 9.71 0.99 -35.29
N VAL D 277 9.75 2.32 -35.35
CA VAL D 277 9.95 3.15 -34.18
C VAL D 277 8.59 3.58 -33.67
N LYS D 278 8.35 3.39 -32.38
CA LYS D 278 7.06 3.67 -31.77
C LYS D 278 7.29 4.38 -30.44
N GLN D 279 7.22 5.71 -30.45
CA GLN D 279 7.38 6.47 -29.22
C GLN D 279 6.09 6.44 -28.43
N TYR D 280 6.22 6.35 -27.11
CA TYR D 280 5.08 6.44 -26.21
C TYR D 280 5.28 7.61 -25.25
N PRO D 281 4.20 8.22 -24.79
CA PRO D 281 4.33 9.31 -23.81
C PRO D 281 5.03 8.83 -22.56
N THR D 282 5.86 9.71 -22.00
CA THR D 282 6.69 9.37 -20.85
C THR D 282 5.86 8.79 -19.72
N GLY D 283 6.13 7.53 -19.39
CA GLY D 283 5.38 6.84 -18.36
C GLY D 283 3.92 6.63 -18.70
N GLY D 284 3.63 6.23 -19.93
CA GLY D 284 2.25 6.08 -20.36
C GLY D 284 1.96 4.82 -21.14
N ALA D 285 2.89 3.88 -21.17
CA ALA D 285 2.71 2.61 -21.86
C ALA D 285 3.14 1.47 -20.94
N ASP D 286 2.46 0.33 -21.08
CA ASP D 286 2.71 -0.84 -20.25
C ASP D 286 2.95 -2.05 -21.15
N ALA D 287 3.25 -3.19 -20.52
CA ALA D 287 3.55 -4.40 -21.27
C ALA D 287 2.35 -4.88 -22.07
N ASN D 288 1.13 -4.68 -21.53
CA ASN D 288 -0.06 -5.02 -22.30
C ASN D 288 -0.18 -4.17 -23.55
N THR D 289 0.13 -2.88 -23.46
CA THR D 289 0.16 -2.05 -24.66
C THR D 289 1.21 -2.54 -25.64
N PHE D 290 2.36 -3.00 -25.13
CA PHE D 290 3.39 -3.54 -26.01
C PHE D 290 2.88 -4.79 -26.73
N ARG D 291 2.19 -5.68 -26.02
CA ARG D 291 1.64 -6.87 -26.65
C ARG D 291 0.59 -6.51 -27.69
N SER D 292 -0.28 -5.54 -27.38
CA SER D 292 -1.26 -5.08 -28.37
C SER D 292 -0.57 -4.47 -29.58
N LEU D 293 0.53 -3.75 -29.35
CA LEU D 293 1.31 -3.18 -30.45
C LEU D 293 1.85 -4.28 -31.34
N LEU D 294 2.40 -5.34 -30.73
CA LEU D 294 2.90 -6.47 -31.50
C LEU D 294 1.78 -7.11 -32.31
N ASN D 295 0.62 -7.29 -31.68
CA ASN D 295 -0.50 -7.92 -32.37
C ASN D 295 -0.96 -7.08 -33.56
N GLU D 296 -1.08 -5.77 -33.36
CA GLU D 296 -1.50 -4.88 -34.45
C GLU D 296 -0.47 -4.86 -35.58
N LEU D 297 0.83 -4.84 -35.23
CA LEU D 297 1.87 -4.87 -36.25
C LEU D 297 1.78 -6.16 -37.07
N LYS D 298 1.58 -7.28 -36.39
CA LYS D 298 1.47 -8.56 -37.10
C LYS D 298 0.23 -8.60 -37.99
N LEU D 299 -0.91 -8.13 -37.48
CA LEU D 299 -2.15 -8.24 -38.23
C LEU D 299 -2.18 -7.28 -39.41
N LYS D 300 -1.81 -6.03 -39.20
CA LYS D 300 -1.91 -5.02 -40.25
C LYS D 300 -0.68 -4.90 -41.11
N LYS D 301 0.50 -4.85 -40.50
CA LYS D 301 1.74 -4.65 -41.25
C LYS D 301 2.54 -5.93 -41.45
N ASN D 302 2.11 -7.05 -40.89
CA ASN D 302 2.81 -8.33 -40.98
C ASN D 302 4.25 -8.18 -40.48
N PHE D 303 4.36 -7.81 -39.21
CA PHE D 303 5.65 -7.48 -38.61
C PHE D 303 5.75 -8.18 -37.26
N VAL D 304 6.69 -9.12 -37.15
CA VAL D 304 6.97 -9.80 -35.90
C VAL D 304 8.44 -9.58 -35.56
N PRO D 305 8.75 -8.68 -34.63
CA PRO D 305 10.15 -8.35 -34.37
C PRO D 305 10.91 -9.50 -33.73
N THR D 306 12.20 -9.54 -33.99
CA THR D 306 13.11 -10.43 -33.27
C THR D 306 13.94 -9.71 -32.23
N ILE D 307 14.11 -8.40 -32.35
CA ILE D 307 14.79 -7.58 -31.36
C ILE D 307 13.85 -6.44 -30.98
N ILE D 308 13.66 -6.23 -29.69
CA ILE D 308 12.85 -5.13 -29.18
C ILE D 308 13.72 -4.33 -28.22
N ILE D 309 13.96 -3.07 -28.57
CA ILE D 309 14.80 -2.18 -27.76
C ILE D 309 13.91 -1.14 -27.12
N VAL D 310 14.00 -1.03 -25.79
CA VAL D 310 13.20 -0.08 -25.03
C VAL D 310 14.15 0.90 -24.35
N ASP D 311 14.24 2.10 -24.90
CA ASP D 311 15.08 3.14 -24.32
C ASP D 311 14.37 3.76 -23.12
N TYR D 312 15.07 3.81 -21.99
CA TYR D 312 14.51 4.33 -20.73
C TYR D 312 13.25 3.53 -20.36
N LEU D 313 13.49 2.26 -20.03
CA LEU D 313 12.41 1.39 -19.58
C LEU D 313 11.69 1.92 -18.35
N GLY D 314 12.36 2.76 -17.55
CA GLY D 314 11.80 3.17 -16.27
C GLY D 314 10.46 3.86 -16.40
N ILE D 315 10.28 4.66 -17.45
CA ILE D 315 9.06 5.47 -17.61
C ILE D 315 8.04 4.59 -18.33
N CYS D 316 7.37 3.75 -17.56
CA CYS D 316 6.30 2.88 -18.04
C CYS D 316 5.30 2.68 -16.92
N LYS D 317 4.27 1.87 -17.19
CA LYS D 317 3.33 1.44 -16.17
C LYS D 317 3.47 -0.07 -15.99
N SER D 318 3.37 -0.52 -14.74
CA SER D 318 3.61 -1.93 -14.43
C SER D 318 2.54 -2.85 -14.98
N CYS D 319 1.39 -2.31 -15.37
CA CYS D 319 0.25 -3.06 -15.91
C CYS D 319 -0.39 -3.95 -14.85
N ARG D 320 0.19 -3.99 -13.65
CA ARG D 320 -0.44 -4.69 -12.54
C ARG D 320 -0.91 -3.75 -11.44
N ILE D 321 -0.35 -2.54 -11.37
CA ILE D 321 -0.63 -1.60 -10.29
C ILE D 321 -0.91 -0.23 -10.90
N ARG D 322 -1.53 0.63 -10.10
CA ARG D 322 -1.78 2.00 -10.52
C ARG D 322 -0.46 2.76 -10.66
N VAL D 323 -0.44 3.72 -11.58
CA VAL D 323 0.78 4.47 -11.85
C VAL D 323 1.16 5.32 -10.64
N TYR D 324 2.43 5.22 -10.23
CA TYR D 324 2.96 5.90 -9.06
C TYR D 324 2.29 5.47 -7.76
N SER D 325 1.52 4.37 -7.80
CA SER D 325 0.90 3.86 -6.58
C SER D 325 1.95 3.38 -5.59
N GLU D 326 3.01 2.74 -6.09
CA GLU D 326 4.06 2.19 -5.24
C GLU D 326 5.28 3.10 -5.29
N ASN D 327 6.34 2.66 -4.60
CA ASN D 327 7.61 3.36 -4.65
C ASN D 327 8.35 3.00 -5.94
N SER D 328 9.49 3.65 -6.14
CA SER D 328 10.27 3.41 -7.36
C SER D 328 10.72 1.96 -7.45
N TYR D 329 11.20 1.39 -6.34
CA TYR D 329 11.72 0.03 -6.35
C TYR D 329 10.66 -0.96 -6.82
N THR D 330 9.48 -0.92 -6.22
CA THR D 330 8.45 -1.92 -6.52
C THR D 330 7.96 -1.78 -7.96
N THR D 331 7.61 -0.55 -8.38
CA THR D 331 7.07 -0.38 -9.72
C THR D 331 8.11 -0.68 -10.79
N VAL D 332 9.37 -0.32 -10.55
CA VAL D 332 10.41 -0.60 -11.54
C VAL D 332 10.69 -2.09 -11.60
N LYS D 333 10.73 -2.77 -10.45
CA LYS D 333 10.91 -4.22 -10.47
C LYS D 333 9.77 -4.90 -11.22
N ALA D 334 8.54 -4.45 -11.01
CA ALA D 334 7.41 -5.04 -11.71
C ALA D 334 7.49 -4.78 -13.21
N ILE D 335 7.87 -3.57 -13.61
CA ILE D 335 8.01 -3.26 -15.03
C ILE D 335 9.11 -4.11 -15.66
N ALA D 336 10.24 -4.26 -14.97
CA ALA D 336 11.33 -5.08 -15.49
C ALA D 336 10.92 -6.54 -15.62
N GLU D 337 10.18 -7.05 -14.63
CA GLU D 337 9.70 -8.42 -14.70
C GLU D 337 8.75 -8.60 -15.87
N GLU D 338 7.86 -7.63 -16.10
CA GLU D 338 6.97 -7.71 -17.25
C GLU D 338 7.73 -7.65 -18.56
N LEU D 339 8.76 -6.81 -18.63
CA LEU D 339 9.56 -6.72 -19.84
C LEU D 339 10.28 -8.02 -20.13
N ARG D 340 10.88 -8.63 -19.11
CA ARG D 340 11.56 -9.91 -19.32
C ARG D 340 10.57 -11.02 -19.63
N ALA D 341 9.37 -10.95 -19.05
CA ALA D 341 8.33 -11.92 -19.41
C ALA D 341 7.94 -11.78 -20.88
N LEU D 342 7.83 -10.53 -21.36
CA LEU D 342 7.56 -10.31 -22.78
C LEU D 342 8.71 -10.84 -23.64
N ALA D 343 9.95 -10.63 -23.20
CA ALA D 343 11.10 -11.10 -23.95
C ALA D 343 11.12 -12.62 -24.05
N VAL D 344 10.84 -13.31 -22.95
CA VAL D 344 10.83 -14.77 -23.00
C VAL D 344 9.61 -15.27 -23.76
N GLU D 345 8.49 -14.55 -23.69
CA GLU D 345 7.29 -14.99 -24.39
C GLU D 345 7.44 -14.89 -25.90
N THR D 346 7.97 -13.78 -26.39
CA THR D 346 8.17 -13.60 -27.82
C THR D 346 9.53 -14.06 -28.29
N GLU D 347 10.38 -14.54 -27.37
CA GLU D 347 11.73 -15.01 -27.70
C GLU D 347 12.54 -13.92 -28.40
N THR D 348 12.35 -12.68 -27.98
CA THR D 348 12.99 -11.52 -28.60
C THR D 348 14.03 -10.94 -27.66
N VAL D 349 15.22 -10.65 -28.19
CA VAL D 349 16.24 -10.00 -27.39
C VAL D 349 15.75 -8.61 -27.01
N LEU D 350 15.87 -8.28 -25.72
CA LEU D 350 15.34 -7.02 -25.19
C LEU D 350 16.48 -6.21 -24.60
N TRP D 351 16.85 -5.13 -25.28
CA TRP D 351 17.87 -4.22 -24.80
C TRP D 351 17.23 -2.99 -24.16
N THR D 352 17.93 -2.42 -23.19
CA THR D 352 17.44 -1.21 -22.54
C THR D 352 18.63 -0.48 -21.92
N ALA D 353 18.34 0.70 -21.36
CA ALA D 353 19.33 1.50 -20.69
C ALA D 353 18.82 1.85 -19.29
N ALA D 354 19.75 1.99 -18.35
CA ALA D 354 19.42 2.20 -16.95
C ALA D 354 19.96 3.53 -16.47
N GLN D 355 19.14 4.25 -15.72
CA GLN D 355 19.58 5.48 -15.10
C GLN D 355 20.49 5.19 -13.91
N VAL D 356 21.36 6.14 -13.61
CA VAL D 356 22.33 6.01 -12.53
C VAL D 356 22.12 7.15 -11.55
N GLY D 357 22.19 6.84 -10.25
CA GLY D 357 22.01 7.85 -9.23
C GLY D 357 23.12 8.88 -9.25
N LYS D 358 22.83 10.04 -8.64
CA LYS D 358 23.76 11.16 -8.67
C LYS D 358 25.09 10.83 -8.02
N GLN D 359 25.15 9.78 -7.18
CA GLN D 359 26.39 9.44 -6.51
C GLN D 359 27.45 8.94 -7.48
N ALA D 360 27.06 8.55 -8.70
CA ALA D 360 28.00 8.06 -9.68
C ALA D 360 28.10 8.92 -10.93
N TRP D 361 27.33 10.00 -11.02
CA TRP D 361 27.50 10.95 -12.11
C TRP D 361 28.88 11.59 -12.01
N ASP D 362 29.54 11.76 -13.15
CA ASP D 362 30.89 12.33 -13.22
C ASP D 362 31.86 11.54 -12.35
N SER D 363 31.71 10.21 -12.35
CA SER D 363 32.59 9.32 -11.61
C SER D 363 33.25 8.34 -12.58
N SER D 364 34.55 8.11 -12.38
CA SER D 364 35.30 7.26 -13.29
C SER D 364 34.94 5.78 -13.15
N ASP D 365 34.31 5.38 -12.05
CA ASP D 365 33.96 3.99 -11.81
C ASP D 365 32.49 3.89 -11.44
N VAL D 366 31.81 2.87 -11.99
CA VAL D 366 30.40 2.65 -11.76
C VAL D 366 30.21 1.20 -11.31
N ASN D 367 29.46 1.01 -10.23
CA ASN D 367 29.14 -0.31 -9.71
C ASN D 367 27.65 -0.60 -9.91
N MET D 368 27.27 -1.84 -9.64
CA MET D 368 25.87 -2.22 -9.78
C MET D 368 25.02 -1.60 -8.68
N SER D 369 25.59 -1.35 -7.50
CA SER D 369 24.88 -0.67 -6.43
C SER D 369 24.60 0.78 -6.76
N ASP D 370 25.20 1.33 -7.81
CA ASP D 370 24.98 2.71 -8.22
C ASP D 370 23.73 2.87 -9.09
N ILE D 371 23.03 1.79 -9.41
CA ILE D 371 21.79 1.92 -10.16
C ILE D 371 20.79 2.71 -9.33
N ALA D 372 19.99 3.53 -10.01
CA ALA D 372 19.16 4.51 -9.30
C ALA D 372 17.76 3.99 -9.02
N GLU D 373 17.02 3.65 -10.07
CA GLU D 373 15.57 3.55 -9.94
C GLU D 373 15.15 2.37 -9.05
N SER D 374 15.89 1.26 -9.08
CA SER D 374 15.51 0.11 -8.28
C SER D 374 16.66 -0.88 -8.23
N ALA D 375 16.56 -1.80 -7.26
CA ALA D 375 17.42 -2.98 -7.21
C ALA D 375 16.75 -4.22 -7.81
N GLY D 376 15.47 -4.13 -8.17
CA GLY D 376 14.83 -5.24 -8.83
C GLY D 376 15.20 -5.35 -10.30
N LEU D 377 15.79 -4.29 -10.86
CA LEU D 377 16.26 -4.36 -12.24
C LEU D 377 17.53 -5.19 -12.38
N PRO D 378 18.62 -4.93 -11.65
CA PRO D 378 19.83 -5.73 -11.86
C PRO D 378 19.61 -7.22 -11.61
N ALA D 379 18.74 -7.59 -10.68
CA ALA D 379 18.42 -9.00 -10.48
C ALA D 379 17.74 -9.58 -11.72
N THR D 380 16.84 -8.82 -12.34
CA THR D 380 16.16 -9.27 -13.55
C THR D 380 17.02 -9.14 -14.80
N ALA D 381 18.20 -8.54 -14.70
CA ALA D 381 19.04 -8.26 -15.85
C ALA D 381 19.98 -9.43 -16.12
N ASP D 382 20.12 -9.79 -17.40
CA ASP D 382 21.02 -10.85 -17.82
C ASP D 382 22.38 -10.33 -18.26
N PHE D 383 22.51 -9.02 -18.49
CA PHE D 383 23.75 -8.47 -19.01
C PHE D 383 23.72 -6.97 -18.78
N MET D 384 24.75 -6.45 -18.11
CA MET D 384 24.83 -5.02 -17.84
C MET D 384 26.20 -4.50 -18.26
N LEU D 385 26.21 -3.35 -18.92
CA LEU D 385 27.44 -2.69 -19.32
C LEU D 385 27.44 -1.27 -18.78
N ALA D 386 28.53 -0.90 -18.11
CA ALA D 386 28.77 0.48 -17.72
C ALA D 386 29.41 1.21 -18.90
N VAL D 387 28.92 2.41 -19.18
CA VAL D 387 29.29 3.15 -20.38
C VAL D 387 30.05 4.40 -19.95
N ILE D 388 30.87 4.27 -18.91
CA ILE D 388 31.51 5.39 -18.24
C ILE D 388 32.26 6.27 -19.24
N GLU D 389 32.30 7.57 -18.98
CA GLU D 389 33.06 8.50 -19.82
C GLU D 389 33.50 9.65 -18.95
N THR D 390 34.82 9.84 -18.82
CA THR D 390 35.38 10.97 -18.13
C THR D 390 35.74 12.06 -19.14
N GLU D 391 36.24 13.19 -18.64
CA GLU D 391 36.64 14.28 -19.51
C GLU D 391 37.77 13.85 -20.43
N GLU D 392 38.78 13.15 -19.88
CA GLU D 392 39.89 12.69 -20.70
C GLU D 392 39.43 11.68 -21.74
N LEU D 393 38.56 10.75 -21.34
CA LEU D 393 38.04 9.77 -22.29
C LEU D 393 37.22 10.44 -23.38
N ALA D 394 36.38 11.41 -23.01
CA ALA D 394 35.61 12.14 -24.01
C ALA D 394 36.51 12.93 -24.94
N ALA D 395 37.65 13.41 -24.44
CA ALA D 395 38.61 14.11 -25.29
C ALA D 395 39.15 13.18 -26.38
N ALA D 396 39.42 11.93 -26.02
CA ALA D 396 39.95 10.94 -26.96
C ALA D 396 38.86 10.30 -27.81
N GLU D 397 37.61 10.74 -27.67
CA GLU D 397 36.48 10.25 -28.45
C GLU D 397 36.28 8.75 -28.21
N GLN D 398 36.15 8.40 -26.94
CA GLN D 398 36.01 7.00 -26.53
C GLN D 398 35.19 6.93 -25.26
N GLN D 399 34.70 5.72 -24.96
CA GLN D 399 34.01 5.44 -23.72
C GLN D 399 34.57 4.16 -23.11
N LEU D 400 34.57 4.11 -21.79
CA LEU D 400 35.03 2.94 -21.05
C LEU D 400 33.83 2.08 -20.71
N ILE D 401 33.75 0.91 -21.33
CA ILE D 401 32.68 -0.05 -21.07
C ILE D 401 33.19 -1.07 -20.07
N LYS D 402 32.45 -1.23 -18.98
CA LYS D 402 32.77 -2.14 -17.89
C LYS D 402 31.71 -3.23 -17.82
N GLN D 403 32.16 -4.48 -17.71
CA GLN D 403 31.24 -5.62 -17.64
C GLN D 403 30.88 -5.84 -16.17
N ILE D 404 29.92 -5.04 -15.70
CA ILE D 404 29.56 -5.06 -14.28
C ILE D 404 28.70 -6.28 -13.96
N LYS D 405 28.06 -6.87 -14.96
CA LYS D 405 27.11 -7.95 -14.73
C LYS D 405 26.98 -8.75 -16.02
N SER D 406 27.44 -10.00 -16.00
CA SER D 406 27.41 -10.85 -17.18
C SER D 406 26.88 -12.24 -16.80
N ARG D 407 25.79 -12.63 -17.44
CA ARG D 407 25.26 -13.98 -17.27
C ARG D 407 25.66 -14.90 -18.42
N TYR D 408 26.13 -14.35 -19.53
CA TYR D 408 26.59 -15.15 -20.65
C TYR D 408 28.02 -15.65 -20.46
N GLY D 409 28.73 -15.14 -19.46
CA GLY D 409 30.11 -15.54 -19.26
C GLY D 409 30.69 -14.86 -18.04
N ASP D 410 31.95 -15.15 -17.79
CA ASP D 410 32.64 -14.58 -16.64
C ASP D 410 32.91 -13.09 -16.88
N LYS D 411 32.49 -12.25 -15.94
CA LYS D 411 32.64 -10.82 -16.06
C LYS D 411 33.98 -10.32 -15.49
N ASN D 412 34.96 -11.20 -15.36
CA ASN D 412 36.29 -10.82 -14.89
C ASN D 412 37.39 -11.12 -15.90
N LYS D 413 37.02 -11.42 -17.15
CA LYS D 413 38.01 -11.71 -18.19
C LYS D 413 38.40 -10.46 -18.96
N TRP D 414 37.42 -9.73 -19.47
CA TRP D 414 37.62 -8.48 -20.21
C TRP D 414 36.78 -7.37 -19.60
N ASN D 415 36.91 -7.22 -18.28
CA ASN D 415 36.03 -6.34 -17.53
C ASN D 415 36.06 -4.91 -18.08
N LYS D 416 37.24 -4.41 -18.43
CA LYS D 416 37.41 -3.07 -18.97
C LYS D 416 37.69 -3.15 -20.46
N PHE D 417 36.98 -2.35 -21.27
CA PHE D 417 37.38 -2.20 -22.65
C PHE D 417 36.87 -0.88 -23.20
N LEU D 418 37.67 -0.28 -24.09
CA LEU D 418 37.34 1.01 -24.66
C LEU D 418 36.56 0.84 -25.96
N MET D 419 35.64 1.77 -26.21
CA MET D 419 34.81 1.75 -27.41
C MET D 419 34.89 3.12 -28.07
N GLY D 420 35.14 3.12 -29.38
CA GLY D 420 35.24 4.34 -30.14
C GLY D 420 33.89 4.88 -30.56
N VAL D 421 33.20 5.55 -29.65
CA VAL D 421 31.89 6.13 -29.94
C VAL D 421 32.07 7.43 -30.70
N GLN D 422 31.41 7.55 -31.85
CA GLN D 422 31.38 8.78 -32.62
C GLN D 422 30.11 9.53 -32.20
N LYS D 423 30.27 10.57 -31.38
CA LYS D 423 29.13 11.30 -30.86
C LYS D 423 28.28 11.87 -31.99
N GLY D 424 28.92 12.44 -33.01
CA GLY D 424 28.18 13.07 -34.08
C GLY D 424 27.38 12.08 -34.90
N ASN D 425 27.95 10.92 -35.18
CA ASN D 425 27.32 9.97 -36.10
C ASN D 425 26.37 9.00 -35.39
N GLN D 426 26.26 9.05 -34.07
CA GLN D 426 25.38 8.18 -33.30
C GLN D 426 25.66 6.70 -33.60
N LYS D 427 26.90 6.29 -33.36
CA LYS D 427 27.36 4.95 -33.65
C LYS D 427 28.70 4.75 -32.98
N TRP D 428 28.94 3.56 -32.46
CA TRP D 428 30.24 3.27 -31.85
C TRP D 428 30.90 2.11 -32.58
N VAL D 429 32.23 2.15 -32.60
CA VAL D 429 33.03 1.15 -33.29
C VAL D 429 34.01 0.54 -32.30
N GLU D 430 34.59 -0.59 -32.70
CA GLU D 430 35.56 -1.28 -31.87
C GLU D 430 36.94 -0.68 -32.07
N ILE D 431 37.71 -0.61 -30.99
CA ILE D 431 39.06 -0.06 -31.08
C ILE D 431 39.98 -0.94 -31.90
N GLU D 432 39.71 -2.24 -31.97
CA GLU D 432 40.56 -3.17 -32.70
C GLU D 432 40.28 -3.08 -34.20
N MET E 1 -16.59 -53.76 -4.48
CA MET E 1 -15.19 -53.89 -4.85
C MET E 1 -14.46 -54.87 -3.94
N VAL E 2 -15.20 -55.85 -3.42
CA VAL E 2 -14.62 -56.81 -2.48
C VAL E 2 -13.54 -57.63 -3.16
N GLU E 3 -13.72 -57.96 -4.44
CA GLU E 3 -12.73 -58.77 -5.15
C GLU E 3 -11.38 -58.07 -5.21
N ILE E 4 -11.38 -56.76 -5.48
CA ILE E 4 -10.12 -56.04 -5.62
C ILE E 4 -9.36 -56.00 -4.30
N ILE E 5 -10.06 -55.66 -3.22
CA ILE E 5 -9.39 -55.57 -1.92
C ILE E 5 -8.89 -56.94 -1.47
N LEU E 6 -9.69 -57.98 -1.69
CA LEU E 6 -9.24 -59.32 -1.35
C LEU E 6 -8.01 -59.71 -2.16
N SER E 7 -8.02 -59.42 -3.46
CA SER E 7 -6.89 -59.77 -4.31
C SER E 7 -5.63 -59.05 -3.88
N HIS E 8 -5.74 -57.76 -3.57
CA HIS E 8 -4.56 -57.01 -3.18
C HIS E 8 -4.08 -57.37 -1.77
N LEU E 9 -4.98 -57.76 -0.88
CA LEU E 9 -4.55 -58.28 0.42
C LEU E 9 -3.79 -59.60 0.24
N ILE E 10 -4.27 -60.46 -0.67
CA ILE E 10 -3.59 -61.73 -0.88
C ILE E 10 -2.24 -61.53 -1.56
N PHE E 11 -2.18 -60.65 -2.56
CA PHE E 11 -1.00 -60.53 -3.41
C PHE E 11 -0.08 -59.39 -3.02
N ASP E 12 -0.61 -58.17 -2.87
CA ASP E 12 0.22 -57.00 -2.65
C ASP E 12 0.78 -57.04 -1.23
N GLN E 13 2.06 -57.41 -1.10
CA GLN E 13 2.71 -57.42 0.20
C GLN E 13 2.81 -56.00 0.76
N ALA E 14 3.10 -55.02 -0.09
CA ALA E 14 3.14 -53.64 0.36
C ALA E 14 1.78 -53.19 0.87
N TYR E 15 0.70 -53.60 0.20
CA TYR E 15 -0.64 -53.33 0.69
C TYR E 15 -1.17 -54.52 1.50
N PHE E 16 -0.43 -54.85 2.55
CA PHE E 16 -0.97 -55.71 3.59
C PHE E 16 -0.69 -55.08 4.95
N SER E 17 0.41 -54.35 5.03
CA SER E 17 0.80 -53.67 6.26
C SER E 17 0.20 -52.28 6.39
N LYS E 18 -0.27 -51.68 5.29
CA LYS E 18 -0.87 -50.36 5.37
C LYS E 18 -2.12 -50.40 6.22
N VAL E 19 -3.15 -51.13 5.78
CA VAL E 19 -4.34 -51.37 6.59
C VAL E 19 -4.61 -52.88 6.58
N TRP E 20 -4.00 -53.58 7.51
CA TRP E 20 -4.53 -54.84 8.01
C TRP E 20 -5.49 -54.65 9.18
N PRO E 21 -5.13 -53.85 10.20
CA PRO E 21 -5.97 -53.81 11.41
C PRO E 21 -7.40 -53.35 11.17
N TYR E 22 -7.62 -52.40 10.27
CA TYR E 22 -8.97 -51.88 10.06
C TYR E 22 -9.77 -52.77 9.12
N MET E 23 -9.79 -54.07 9.40
CA MET E 23 -10.55 -55.03 8.61
C MET E 23 -11.28 -55.96 9.56
N ASP E 24 -12.60 -56.09 9.37
CA ASP E 24 -13.40 -56.95 10.23
C ASP E 24 -14.38 -57.74 9.36
N SER E 25 -14.83 -58.87 9.91
CA SER E 25 -15.67 -59.78 9.14
C SER E 25 -17.00 -59.15 8.76
N GLU E 26 -17.64 -58.44 9.69
CA GLU E 26 -18.94 -57.85 9.41
C GLU E 26 -18.88 -56.76 8.35
N TYR E 27 -17.69 -56.21 8.08
CA TYR E 27 -17.56 -55.18 7.06
C TYR E 27 -17.87 -55.72 5.67
N PHE E 28 -17.38 -56.92 5.36
CA PHE E 28 -17.28 -57.35 3.96
C PHE E 28 -18.65 -57.54 3.32
N GLU E 29 -19.41 -58.52 3.81
CA GLU E 29 -20.67 -58.89 3.16
C GLU E 29 -21.34 -59.95 4.03
N SER E 30 -22.54 -60.37 3.62
CA SER E 30 -23.22 -61.50 4.22
C SER E 30 -23.10 -62.77 3.38
N GLY E 31 -22.51 -62.69 2.19
CA GLY E 31 -22.40 -63.82 1.30
C GLY E 31 -21.02 -64.45 1.33
N PRO E 32 -20.58 -64.99 0.19
CA PRO E 32 -19.29 -65.68 0.14
C PRO E 32 -18.10 -64.79 0.47
N ALA E 33 -18.23 -63.47 0.34
CA ALA E 33 -17.12 -62.58 0.66
C ALA E 33 -16.73 -62.68 2.14
N LYS E 34 -17.74 -62.72 3.02
CA LYS E 34 -17.46 -62.88 4.44
C LYS E 34 -16.78 -64.22 4.72
N ASN E 35 -17.23 -65.28 4.05
CA ASN E 35 -16.60 -66.59 4.23
C ASN E 35 -15.15 -66.57 3.78
N THR E 36 -14.87 -65.93 2.64
CA THR E 36 -13.49 -65.86 2.16
C THR E 36 -12.62 -65.05 3.11
N PHE E 37 -13.16 -63.95 3.64
CA PHE E 37 -12.38 -63.16 4.60
C PHE E 37 -12.12 -63.95 5.87
N LYS E 38 -13.11 -64.71 6.34
CA LYS E 38 -12.89 -65.55 7.50
C LYS E 38 -11.81 -66.59 7.23
N LEU E 39 -11.83 -67.17 6.02
CA LEU E 39 -10.82 -68.16 5.66
C LEU E 39 -9.42 -67.55 5.67
N ILE E 40 -9.27 -66.39 5.04
CA ILE E 40 -7.94 -65.78 4.96
C ILE E 40 -7.48 -65.31 6.34
N LYS E 41 -8.41 -64.82 7.16
CA LYS E 41 -8.06 -64.41 8.52
C LYS E 41 -7.61 -65.60 9.35
N SER E 42 -8.33 -66.72 9.25
CA SER E 42 -7.91 -67.93 9.97
C SER E 42 -6.55 -68.40 9.48
N HIS E 43 -6.33 -68.34 8.16
CA HIS E 43 -5.04 -68.77 7.61
C HIS E 43 -3.90 -67.90 8.11
N VAL E 44 -4.11 -66.58 8.14
CA VAL E 44 -3.04 -65.69 8.60
C VAL E 44 -2.84 -65.81 10.10
N ASN E 45 -3.89 -66.19 10.83
CA ASN E 45 -3.74 -66.44 12.26
C ASN E 45 -2.93 -67.70 12.52
N GLU E 46 -3.25 -68.80 11.82
CA GLU E 46 -2.50 -70.03 12.03
C GLU E 46 -1.12 -69.97 11.38
N TYR E 47 -1.00 -69.25 10.26
CA TYR E 47 0.26 -69.09 9.56
C TYR E 47 0.34 -67.65 9.08
N HIS E 48 1.22 -66.85 9.70
CA HIS E 48 1.26 -65.41 9.45
C HIS E 48 1.53 -65.08 7.98
N SER E 49 2.12 -66.00 7.23
CA SER E 49 2.30 -65.78 5.79
C SER E 49 0.96 -65.73 5.09
N VAL E 50 0.83 -64.81 4.15
CA VAL E 50 -0.43 -64.64 3.41
C VAL E 50 -0.67 -65.87 2.55
N PRO E 51 -1.83 -66.51 2.63
CA PRO E 51 -2.07 -67.71 1.81
C PRO E 51 -2.00 -67.41 0.32
N SER E 52 -1.45 -68.35 -0.42
CA SER E 52 -1.43 -68.28 -1.88
C SER E 52 -2.72 -68.89 -2.43
N ILE E 53 -2.86 -68.87 -3.75
CA ILE E 53 -4.07 -69.40 -4.38
C ILE E 53 -4.22 -70.89 -4.09
N ASN E 54 -3.14 -71.65 -4.29
CA ASN E 54 -3.18 -73.08 -3.99
C ASN E 54 -3.44 -73.31 -2.51
N ALA E 55 -2.76 -72.56 -1.65
CA ALA E 55 -2.99 -72.69 -0.21
C ALA E 55 -4.43 -72.29 0.14
N LEU E 56 -4.95 -71.26 -0.52
CA LEU E 56 -6.31 -70.82 -0.23
C LEU E 56 -7.32 -71.91 -0.56
N ASN E 57 -7.20 -72.53 -1.75
CA ASN E 57 -8.16 -73.56 -2.10
C ASN E 57 -7.94 -74.83 -1.28
N VAL E 58 -6.70 -75.11 -0.86
CA VAL E 58 -6.46 -76.24 0.02
C VAL E 58 -7.15 -76.03 1.37
N ALA E 59 -7.02 -74.82 1.92
CA ALA E 59 -7.72 -74.51 3.17
C ALA E 59 -9.23 -74.54 2.98
N LEU E 60 -9.71 -74.12 1.81
CA LEU E 60 -11.14 -74.21 1.52
C LEU E 60 -11.62 -75.66 1.52
N GLU E 61 -10.83 -76.55 0.91
CA GLU E 61 -11.15 -77.97 0.94
C GLU E 61 -10.99 -78.57 2.33
N ASN E 62 -10.17 -77.96 3.19
CA ASN E 62 -9.95 -78.51 4.52
C ASN E 62 -11.22 -78.46 5.37
N SER E 63 -11.88 -77.31 5.41
CA SER E 63 -13.05 -77.13 6.26
C SER E 63 -14.32 -77.57 5.52
N SER E 64 -15.44 -77.56 6.24
CA SER E 64 -16.73 -77.97 5.69
C SER E 64 -17.59 -76.72 5.48
N PHE E 65 -18.25 -76.66 4.33
CA PHE E 65 -19.05 -75.50 3.97
C PHE E 65 -20.36 -75.98 3.34
N THR E 66 -21.37 -75.11 3.41
CA THR E 66 -22.62 -75.36 2.72
C THR E 66 -22.37 -75.43 1.22
N GLU E 67 -22.97 -76.41 0.55
CA GLU E 67 -22.62 -76.71 -0.84
C GLU E 67 -22.85 -75.50 -1.73
N THR E 68 -23.98 -74.81 -1.58
CA THR E 68 -24.20 -73.59 -2.34
C THR E 68 -23.14 -72.54 -1.99
N GLU E 69 -22.92 -72.32 -0.70
CA GLU E 69 -21.87 -71.40 -0.27
C GLU E 69 -20.48 -71.92 -0.63
N TYR E 70 -20.29 -73.23 -0.59
CA TYR E 70 -19.02 -73.82 -1.01
C TYR E 70 -18.71 -73.45 -2.46
N SER E 71 -19.67 -73.68 -3.36
CA SER E 71 -19.48 -73.34 -4.77
C SER E 71 -19.32 -71.84 -4.96
N GLY E 72 -20.10 -71.04 -4.22
CA GLY E 72 -19.97 -69.60 -4.34
C GLY E 72 -18.59 -69.11 -3.95
N VAL E 73 -18.04 -69.64 -2.85
CA VAL E 73 -16.69 -69.27 -2.44
C VAL E 73 -15.67 -69.76 -3.45
N LYS E 74 -15.81 -70.99 -3.93
CA LYS E 74 -14.85 -71.53 -4.90
C LYS E 74 -14.82 -70.71 -6.17
N THR E 75 -16.00 -70.31 -6.68
CA THR E 75 -16.04 -69.43 -7.83
C THR E 75 -15.52 -68.04 -7.49
N LEU E 76 -15.72 -67.60 -6.25
CA LEU E 76 -15.22 -66.29 -5.84
C LEU E 76 -13.71 -66.23 -5.91
N ILE E 77 -13.02 -67.27 -5.45
CA ILE E 77 -11.57 -67.36 -5.64
C ILE E 77 -11.37 -68.10 -6.96
N SER E 78 -11.55 -67.35 -8.04
CA SER E 78 -11.14 -67.82 -9.36
C SER E 78 -10.63 -66.69 -10.25
N LYS E 79 -10.57 -65.45 -9.75
CA LYS E 79 -10.20 -64.31 -10.56
C LYS E 79 -9.26 -63.35 -9.84
N LEU E 80 -8.83 -63.66 -8.62
CA LEU E 80 -7.99 -62.75 -7.84
C LEU E 80 -6.59 -62.72 -8.45
N ALA E 81 -6.35 -61.75 -9.33
CA ALA E 81 -5.06 -61.56 -9.96
C ALA E 81 -4.32 -60.42 -9.30
N ASP E 82 -3.01 -60.33 -9.58
CA ASP E 82 -2.18 -59.29 -9.01
C ASP E 82 -2.64 -57.92 -9.46
N SER E 83 -2.54 -57.64 -10.76
CA SER E 83 -3.01 -56.40 -11.37
C SER E 83 -2.50 -55.18 -10.61
N PRO E 84 -1.21 -54.85 -10.75
CA PRO E 84 -0.67 -53.70 -9.99
C PRO E 84 -1.42 -52.41 -10.30
N GLU E 85 -1.67 -51.62 -9.25
CA GLU E 85 -2.45 -50.42 -9.36
C GLU E 85 -1.86 -49.35 -8.45
N ASP E 86 -2.38 -48.13 -8.58
CA ASP E 86 -1.90 -47.02 -7.75
C ASP E 86 -2.17 -47.31 -6.28
N HIS E 87 -1.14 -47.11 -5.45
CA HIS E 87 -1.27 -47.41 -4.04
C HIS E 87 -2.21 -46.42 -3.34
N SER E 88 -2.06 -45.13 -3.65
CA SER E 88 -2.89 -44.12 -2.98
C SER E 88 -4.36 -44.32 -3.30
N TRP E 89 -4.68 -44.54 -4.58
CA TRP E 89 -6.08 -44.79 -4.95
C TRP E 89 -6.60 -46.05 -4.27
N LEU E 90 -5.79 -47.10 -4.22
CA LEU E 90 -6.21 -48.34 -3.61
C LEU E 90 -6.55 -48.15 -2.14
N VAL E 91 -5.65 -47.51 -1.39
CA VAL E 91 -5.89 -47.35 0.04
C VAL E 91 -7.06 -46.41 0.29
N LYS E 92 -7.19 -45.34 -0.50
CA LYS E 92 -8.30 -44.42 -0.28
C LYS E 92 -9.64 -45.08 -0.60
N GLU E 93 -9.71 -45.83 -1.70
CA GLU E 93 -10.95 -46.51 -2.04
C GLU E 93 -11.32 -47.57 -1.03
N THR E 94 -10.32 -48.31 -0.53
CA THR E 94 -10.62 -49.30 0.50
C THR E 94 -11.08 -48.63 1.79
N GLU E 95 -10.49 -47.48 2.15
CA GLU E 95 -10.97 -46.74 3.30
C GLU E 95 -12.40 -46.29 3.12
N LYS E 96 -12.74 -45.79 1.93
CA LYS E 96 -14.11 -45.37 1.67
C LYS E 96 -15.08 -46.55 1.75
N TYR E 97 -14.70 -47.69 1.20
CA TYR E 97 -15.55 -48.87 1.27
C TYR E 97 -15.73 -49.34 2.71
N VAL E 98 -14.66 -49.33 3.50
CA VAL E 98 -14.74 -49.74 4.90
C VAL E 98 -15.66 -48.81 5.67
N GLN E 99 -15.54 -47.50 5.44
CA GLN E 99 -16.40 -46.54 6.13
C GLN E 99 -17.86 -46.72 5.71
N GLN E 100 -18.10 -46.97 4.41
CA GLN E 100 -19.46 -47.19 3.94
C GLN E 100 -20.06 -48.45 4.57
N ARG E 101 -19.28 -49.52 4.68
CA ARG E 101 -19.79 -50.74 5.29
C ARG E 101 -20.01 -50.56 6.79
N ALA E 102 -19.16 -49.77 7.44
CA ALA E 102 -19.38 -49.45 8.85
C ALA E 102 -20.70 -48.71 9.03
N MET E 103 -20.97 -47.74 8.15
CA MET E 103 -22.24 -47.04 8.19
C MET E 103 -23.39 -48.01 7.92
N PHE E 104 -23.20 -48.96 7.00
CA PHE E 104 -24.25 -49.93 6.68
C PHE E 104 -24.60 -50.77 7.90
N ASN E 105 -23.59 -51.33 8.57
CA ASN E 105 -23.89 -52.18 9.72
C ASN E 105 -24.39 -51.35 10.91
N ALA E 106 -23.94 -50.11 11.05
CA ALA E 106 -24.51 -49.24 12.07
C ALA E 106 -25.99 -48.98 11.80
N THR E 107 -26.35 -48.76 10.53
CA THR E 107 -27.76 -48.59 10.18
C THR E 107 -28.55 -49.86 10.47
N SER E 108 -27.98 -51.03 10.19
CA SER E 108 -28.67 -52.27 10.52
C SER E 108 -28.90 -52.38 12.02
N LYS E 109 -27.89 -52.03 12.82
CA LYS E 109 -28.03 -52.08 14.27
C LYS E 109 -29.13 -51.14 14.74
N ILE E 110 -29.15 -49.90 14.22
CA ILE E 110 -30.12 -48.94 14.71
C ILE E 110 -31.53 -49.32 14.26
N ILE E 111 -31.68 -49.84 13.04
CA ILE E 111 -33.02 -50.25 12.61
C ILE E 111 -33.51 -51.42 13.46
N GLU E 112 -32.63 -52.38 13.77
CA GLU E 112 -33.10 -53.52 14.56
C GLU E 112 -33.45 -53.11 15.98
N ILE E 113 -32.66 -52.22 16.59
CA ILE E 113 -32.99 -51.80 17.95
C ILE E 113 -34.26 -50.96 17.96
N GLN E 114 -34.45 -50.10 16.95
CA GLN E 114 -35.68 -49.30 16.89
C GLN E 114 -36.90 -50.17 16.71
N THR E 115 -36.81 -51.19 15.84
CA THR E 115 -37.93 -52.11 15.66
C THR E 115 -38.22 -52.89 16.94
N ASN E 116 -37.17 -53.33 17.64
CA ASN E 116 -37.38 -54.02 18.91
C ASN E 116 -37.90 -53.09 20.00
N ALA E 117 -37.73 -51.78 19.84
CA ALA E 117 -38.21 -50.85 20.84
C ALA E 117 -39.74 -50.84 20.91
N GLU E 118 -40.42 -50.90 19.76
CA GLU E 118 -41.86 -50.70 19.75
C GLU E 118 -42.62 -51.91 20.28
N LEU E 119 -42.08 -53.12 20.12
CA LEU E 119 -42.79 -54.31 20.53
C LEU E 119 -42.88 -54.37 22.06
N PRO E 120 -43.87 -55.10 22.58
CA PRO E 120 -44.11 -55.08 24.03
C PRO E 120 -42.91 -55.60 24.79
N PRO E 121 -42.72 -55.16 26.04
CA PRO E 121 -41.55 -55.60 26.81
C PRO E 121 -41.46 -57.10 26.99
N GLU E 122 -42.59 -57.81 27.03
CA GLU E 122 -42.53 -59.26 27.13
C GLU E 122 -41.84 -59.88 25.92
N LYS E 123 -41.96 -59.25 24.75
CA LYS E 123 -41.34 -59.73 23.54
C LYS E 123 -39.94 -59.17 23.32
N ARG E 124 -39.47 -58.29 24.18
CA ARG E 124 -38.13 -57.73 24.04
C ARG E 124 -37.07 -58.79 24.35
N ASN E 125 -35.90 -58.62 23.75
CA ASN E 125 -34.76 -59.48 23.98
C ASN E 125 -33.73 -58.75 24.81
N LYS E 126 -33.28 -59.38 25.90
CA LYS E 126 -32.29 -58.76 26.77
C LYS E 126 -30.95 -58.55 26.07
N LYS E 127 -30.67 -59.31 25.02
CA LYS E 127 -29.44 -59.13 24.27
C LYS E 127 -29.42 -57.76 23.57
N MET E 128 -30.57 -57.32 23.09
CA MET E 128 -30.65 -56.04 22.39
C MET E 128 -30.37 -54.89 23.35
N PRO E 129 -29.37 -54.05 23.08
CA PRO E 129 -29.10 -52.92 23.96
C PRO E 129 -30.24 -51.90 23.92
N ASP E 130 -30.36 -51.15 25.01
CA ASP E 130 -31.42 -50.14 25.11
C ASP E 130 -31.19 -49.03 24.10
N VAL E 131 -32.26 -48.26 23.85
CA VAL E 131 -32.20 -47.18 22.86
C VAL E 131 -31.26 -46.08 23.28
N GLY E 132 -30.85 -46.05 24.54
CA GLY E 132 -29.90 -45.06 25.01
C GLY E 132 -28.45 -45.35 24.70
N ALA E 133 -28.17 -46.50 24.10
CA ALA E 133 -26.81 -46.88 23.74
C ALA E 133 -26.49 -46.63 22.26
N ILE E 134 -27.38 -45.94 21.55
CA ILE E 134 -27.18 -45.66 20.14
C ILE E 134 -25.97 -44.75 19.85
N PRO E 135 -25.76 -43.63 20.59
CA PRO E 135 -24.83 -42.62 20.04
C PRO E 135 -23.40 -43.09 19.91
N ASP E 136 -22.81 -43.61 20.99
CA ASP E 136 -21.40 -43.98 20.96
C ASP E 136 -21.11 -44.99 19.84
N ILE E 137 -21.93 -46.04 19.74
CA ILE E 137 -21.78 -46.99 18.65
C ILE E 137 -21.93 -46.27 17.32
N MET E 138 -22.96 -45.44 17.19
CA MET E 138 -23.09 -44.62 15.98
C MET E 138 -21.89 -43.69 15.84
N ARG E 139 -21.38 -43.16 16.95
CA ARG E 139 -20.14 -42.40 16.91
C ARG E 139 -19.00 -43.26 16.40
N GLN E 140 -18.95 -44.53 16.85
CA GLN E 140 -17.97 -45.46 16.31
C GLN E 140 -18.15 -45.67 14.82
N ALA E 141 -19.36 -45.48 14.29
CA ALA E 141 -19.57 -45.52 12.85
C ALA E 141 -18.78 -44.42 12.16
N LEU E 142 -18.74 -43.23 12.76
CA LEU E 142 -17.96 -42.13 12.21
C LEU E 142 -16.53 -42.10 12.72
N SER E 143 -16.14 -43.06 13.56
CA SER E 143 -14.80 -43.15 14.10
C SER E 143 -13.89 -44.06 13.28
N ILE E 144 -14.35 -44.56 12.15
CA ILE E 144 -13.57 -45.49 11.33
C ILE E 144 -12.74 -44.68 10.36
N SER E 145 -11.42 -44.74 10.51
CA SER E 145 -10.50 -44.02 9.63
C SER E 145 -9.15 -44.72 9.66
N PHE E 146 -8.34 -44.42 8.65
CA PHE E 146 -7.03 -45.06 8.49
C PHE E 146 -5.88 -44.19 8.96
N ASP E 147 -6.15 -43.02 9.50
CA ASP E 147 -5.10 -42.07 9.88
C ASP E 147 -5.24 -41.69 11.34
N SER E 148 -4.09 -41.44 11.98
CA SER E 148 -4.02 -41.02 13.38
C SER E 148 -3.54 -39.57 13.39
N TYR E 149 -4.49 -38.65 13.28
CA TYR E 149 -4.20 -37.22 13.24
C TYR E 149 -4.29 -36.56 14.61
N VAL E 150 -4.47 -37.36 15.67
CA VAL E 150 -4.59 -36.79 17.00
C VAL E 150 -3.29 -36.10 17.41
N GLY E 151 -2.15 -36.66 17.01
CA GLY E 151 -0.87 -36.06 17.30
C GLY E 151 0.14 -37.13 17.69
N HIS E 152 1.35 -36.68 18.00
CA HIS E 152 2.43 -37.57 18.41
C HIS E 152 2.53 -37.49 19.93
N ASP E 153 1.82 -38.41 20.60
CA ASP E 153 1.77 -38.40 22.05
C ASP E 153 3.12 -38.81 22.63
N TRP E 154 3.75 -37.90 23.37
CA TRP E 154 4.98 -38.23 24.07
C TRP E 154 4.71 -39.29 25.13
N MET E 155 5.70 -40.16 25.34
CA MET E 155 5.68 -41.28 26.28
C MET E 155 4.78 -42.42 25.82
N ASP E 156 4.04 -42.25 24.72
CA ASP E 156 3.25 -43.33 24.15
C ASP E 156 3.75 -43.82 22.80
N ASP E 157 4.48 -42.99 22.07
CA ASP E 157 5.00 -43.36 20.75
C ASP E 157 6.52 -43.24 20.70
N TYR E 158 7.18 -43.42 21.84
CA TYR E 158 8.63 -43.24 21.88
C TYR E 158 9.35 -44.27 21.01
N GLU E 159 8.76 -45.45 20.84
CA GLU E 159 9.36 -46.45 19.96
C GLU E 159 9.42 -45.95 18.52
N ALA E 160 8.33 -45.33 18.05
CA ALA E 160 8.28 -44.85 16.68
C ALA E 160 9.35 -43.78 16.44
N ARG E 161 9.44 -42.80 17.34
CA ARG E 161 10.43 -41.75 17.13
C ARG E 161 11.85 -42.23 17.39
N TRP E 162 12.03 -43.31 18.17
CA TRP E 162 13.36 -43.92 18.23
C TRP E 162 13.72 -44.60 16.92
N LEU E 163 12.78 -45.34 16.33
CA LEU E 163 13.02 -45.89 15.01
C LEU E 163 13.28 -44.79 13.99
N SER E 164 12.73 -43.60 14.22
CA SER E 164 13.06 -42.45 13.39
C SER E 164 14.44 -41.88 13.71
N TYR E 165 14.93 -42.04 14.95
CA TYR E 165 16.25 -41.53 15.29
C TYR E 165 17.33 -42.29 14.55
N MET E 166 17.44 -43.59 14.79
CA MET E 166 18.28 -44.41 13.94
C MET E 166 17.63 -44.56 12.57
N ASN E 167 18.43 -45.02 11.60
CA ASN E 167 18.03 -45.04 10.18
C ASN E 167 17.26 -43.77 9.82
N LYS E 168 17.93 -42.63 10.02
CA LYS E 168 17.30 -41.32 10.00
C LYS E 168 16.39 -41.14 8.80
N ALA E 169 15.09 -41.00 9.06
CA ALA E 169 14.12 -40.94 7.98
C ALA E 169 14.08 -39.57 7.32
N ARG E 170 14.18 -38.51 8.12
CA ARG E 170 14.04 -37.16 7.58
C ARG E 170 15.29 -36.72 6.81
N LYS E 171 16.45 -37.13 7.29
CA LYS E 171 17.71 -36.64 6.73
C LYS E 171 17.89 -37.08 5.28
N VAL E 172 18.47 -36.20 4.47
CA VAL E 172 18.85 -36.50 3.10
C VAL E 172 20.30 -36.04 2.91
N PRO E 173 21.24 -36.94 2.67
CA PRO E 173 22.66 -36.56 2.64
C PRO E 173 22.97 -35.57 1.53
N PHE E 174 24.16 -34.97 1.63
CA PHE E 174 24.56 -33.87 0.76
C PHE E 174 25.50 -34.27 -0.36
N LYS E 175 26.34 -35.29 -0.14
CA LYS E 175 27.44 -35.74 -0.98
C LYS E 175 28.66 -34.82 -0.81
N LEU E 176 28.55 -33.75 -0.04
CA LEU E 176 29.70 -32.95 0.37
C LEU E 176 29.92 -33.16 1.86
N ARG E 177 31.12 -33.62 2.22
CA ARG E 177 31.36 -34.03 3.60
C ARG E 177 31.26 -32.86 4.57
N ILE E 178 31.64 -31.67 4.14
CA ILE E 178 31.59 -30.52 5.04
C ILE E 178 30.15 -30.12 5.32
N LEU E 179 29.27 -30.17 4.30
CA LEU E 179 27.87 -29.85 4.52
C LEU E 179 27.20 -30.87 5.43
N ASN E 180 27.52 -32.16 5.24
CA ASN E 180 26.99 -33.18 6.15
C ASN E 180 27.52 -32.97 7.56
N LYS E 181 28.79 -32.57 7.69
CA LYS E 181 29.36 -32.29 9.00
C LYS E 181 28.60 -31.18 9.71
N ILE E 182 28.39 -30.06 9.02
CA ILE E 182 27.72 -28.93 9.64
C ILE E 182 26.23 -29.17 9.81
N THR E 183 25.66 -30.13 9.08
CA THR E 183 24.24 -30.41 9.14
C THR E 183 23.90 -31.70 9.86
N LYS E 184 24.89 -32.55 10.15
CA LYS E 184 24.67 -33.81 10.85
C LYS E 184 23.68 -34.70 10.09
N GLY E 185 24.09 -35.09 8.88
CA GLY E 185 23.29 -35.97 8.05
C GLY E 185 22.55 -35.30 6.90
N GLY E 186 22.88 -34.06 6.57
CA GLY E 186 22.25 -33.39 5.45
C GLY E 186 20.93 -32.76 5.81
N ALA E 187 20.32 -32.13 4.80
CA ALA E 187 19.06 -31.47 4.99
C ALA E 187 17.96 -32.50 5.26
N GLU E 188 16.82 -32.01 5.76
CA GLU E 188 15.73 -32.87 6.17
C GLU E 188 14.54 -32.70 5.25
N THR E 189 13.74 -33.75 5.14
CA THR E 189 12.55 -33.71 4.31
C THR E 189 11.55 -32.70 4.86
N GLY E 190 10.82 -32.06 3.95
CA GLY E 190 9.86 -31.05 4.35
C GLY E 190 10.48 -29.83 4.98
N THR E 191 11.62 -29.39 4.47
CA THR E 191 12.29 -28.20 4.98
C THR E 191 12.72 -27.31 3.82
N LEU E 192 12.64 -26.00 4.05
CA LEU E 192 13.03 -25.00 3.07
C LEU E 192 14.38 -24.41 3.45
N ASN E 193 15.36 -24.61 2.60
CA ASN E 193 16.70 -24.07 2.78
C ASN E 193 16.96 -22.99 1.73
N VAL E 194 17.78 -22.01 2.09
CA VAL E 194 17.97 -20.83 1.27
C VAL E 194 19.46 -20.51 1.16
N LEU E 195 19.90 -20.29 -0.08
CA LEU E 195 21.18 -19.68 -0.36
C LEU E 195 20.94 -18.20 -0.67
N MET E 196 21.68 -17.32 -0.01
CA MET E 196 21.53 -15.89 -0.20
C MET E 196 22.88 -15.28 -0.57
N ALA E 197 22.87 -14.36 -1.53
CA ALA E 197 24.06 -13.64 -1.94
C ALA E 197 23.63 -12.45 -2.77
N GLY E 198 24.61 -11.68 -3.22
CA GLY E 198 24.36 -10.55 -4.09
C GLY E 198 23.97 -10.98 -5.49
N VAL E 199 24.15 -10.06 -6.43
CA VAL E 199 23.89 -10.34 -7.83
C VAL E 199 25.19 -10.78 -8.50
N ASN E 200 25.12 -11.83 -9.30
CA ASN E 200 26.29 -12.41 -9.98
C ASN E 200 27.35 -12.84 -8.97
N VAL E 201 26.91 -13.50 -7.91
CA VAL E 201 27.83 -14.05 -6.91
C VAL E 201 27.93 -15.58 -7.00
N GLY E 202 26.90 -16.26 -7.49
CA GLY E 202 26.94 -17.71 -7.60
C GLY E 202 25.83 -18.42 -6.86
N LYS E 203 24.68 -17.77 -6.72
CA LYS E 203 23.52 -18.43 -6.13
C LYS E 203 23.06 -19.59 -7.00
N SER E 204 22.74 -19.30 -8.27
CA SER E 204 22.28 -20.36 -9.16
C SER E 204 23.37 -21.38 -9.43
N LEU E 205 24.64 -20.98 -9.35
CA LEU E 205 25.72 -21.94 -9.43
C LEU E 205 25.64 -22.96 -8.29
N GLY E 206 25.45 -22.46 -7.07
CA GLY E 206 25.31 -23.37 -5.94
C GLY E 206 24.08 -24.24 -6.03
N LEU E 207 22.97 -23.67 -6.49
CA LEU E 207 21.76 -24.46 -6.66
C LEU E 207 21.96 -25.57 -7.68
N CYS E 208 22.62 -25.27 -8.80
CA CYS E 208 22.88 -26.29 -9.80
C CYS E 208 23.83 -27.35 -9.27
N SER E 209 24.83 -26.94 -8.48
CA SER E 209 25.74 -27.92 -7.89
C SER E 209 24.99 -28.87 -6.95
N LEU E 210 24.13 -28.31 -6.11
CA LEU E 210 23.33 -29.15 -5.21
C LEU E 210 22.41 -30.07 -6.00
N ALA E 211 21.80 -29.55 -7.07
CA ALA E 211 20.95 -30.39 -7.90
C ALA E 211 21.72 -31.53 -8.53
N ALA E 212 22.92 -31.25 -9.04
CA ALA E 212 23.75 -32.30 -9.61
C ALA E 212 24.13 -33.35 -8.57
N ASP E 213 24.49 -32.91 -7.36
CA ASP E 213 24.84 -33.86 -6.32
C ASP E 213 23.65 -34.74 -5.94
N TYR E 214 22.47 -34.13 -5.76
CA TYR E 214 21.29 -34.89 -5.42
C TYR E 214 20.91 -35.86 -6.53
N LEU E 215 21.08 -35.43 -7.79
CA LEU E 215 20.80 -36.31 -8.92
C LEU E 215 21.75 -37.50 -8.93
N GLN E 216 23.03 -37.26 -8.64
CA GLN E 216 23.98 -38.36 -8.55
C GLN E 216 23.68 -39.28 -7.39
N LEU E 217 23.08 -38.76 -6.32
CA LEU E 217 22.72 -39.60 -5.18
C LEU E 217 21.48 -40.43 -5.43
N GLY E 218 20.76 -40.21 -6.53
CA GLY E 218 19.64 -41.04 -6.92
C GLY E 218 18.27 -40.42 -6.75
N HIS E 219 18.17 -39.28 -6.08
CA HIS E 219 16.86 -38.66 -5.86
C HIS E 219 16.31 -38.08 -7.15
N ASN E 220 14.98 -38.00 -7.21
CA ASN E 220 14.34 -37.23 -8.26
C ASN E 220 14.45 -35.75 -7.93
N VAL E 221 14.91 -34.96 -8.89
CA VAL E 221 15.18 -33.54 -8.69
C VAL E 221 14.33 -32.75 -9.67
N LEU E 222 13.63 -31.74 -9.16
CA LEU E 222 12.84 -30.83 -9.97
C LEU E 222 13.40 -29.43 -9.81
N TYR E 223 13.95 -28.89 -10.89
CA TYR E 223 14.54 -27.56 -10.91
C TYR E 223 13.52 -26.64 -11.57
N ILE E 224 12.80 -25.88 -10.76
CA ILE E 224 11.85 -24.88 -11.24
C ILE E 224 12.59 -23.54 -11.26
N SER E 225 12.86 -23.04 -12.46
CA SER E 225 13.61 -21.80 -12.62
C SER E 225 12.67 -20.70 -13.06
N MET E 226 12.77 -19.53 -12.43
CA MET E 226 12.00 -18.37 -12.90
C MET E 226 12.93 -17.44 -13.72
N GLU E 227 14.24 -17.52 -13.50
CA GLU E 227 15.20 -16.59 -14.16
C GLU E 227 15.94 -17.21 -15.36
N MET E 228 16.67 -18.32 -15.15
CA MET E 228 17.48 -18.86 -16.26
C MET E 228 16.61 -19.77 -17.12
N ALA E 229 17.02 -20.04 -18.37
CA ALA E 229 16.24 -20.90 -19.30
C ALA E 229 16.46 -22.38 -18.99
N GLU E 230 15.56 -23.23 -19.46
CA GLU E 230 15.69 -24.69 -19.23
C GLU E 230 16.97 -25.20 -19.90
N GLU E 231 17.25 -24.74 -21.11
CA GLU E 231 18.51 -25.13 -21.79
C GLU E 231 19.72 -24.55 -21.03
N VAL E 232 19.62 -23.29 -20.58
CA VAL E 232 20.76 -22.63 -19.87
C VAL E 232 21.01 -23.33 -18.54
N CYS E 233 19.95 -23.64 -17.79
CA CYS E 233 20.09 -24.34 -16.49
C CYS E 233 20.62 -25.76 -16.73
N ALA E 234 20.12 -26.42 -17.77
CA ALA E 234 20.57 -27.79 -18.11
C ALA E 234 22.05 -27.77 -18.46
N LYS E 235 22.49 -26.72 -19.16
CA LYS E 235 23.93 -26.58 -19.52
C LYS E 235 24.78 -26.59 -18.25
N ARG E 236 24.42 -25.81 -17.22
CA ARG E 236 25.21 -25.89 -16.00
C ARG E 236 25.24 -27.31 -15.45
N ILE E 237 24.10 -28.00 -15.48
CA ILE E 237 24.05 -29.39 -15.04
C ILE E 237 24.92 -30.26 -15.93
N ASP E 238 24.89 -30.01 -17.23
CA ASP E 238 25.76 -30.76 -18.14
C ASP E 238 27.22 -30.52 -17.82
N ALA E 239 27.59 -29.26 -17.53
CA ALA E 239 28.97 -28.96 -17.18
C ALA E 239 29.38 -29.65 -15.88
N ASN E 240 28.46 -29.71 -14.91
CA ASN E 240 28.78 -30.35 -13.64
C ASN E 240 28.93 -31.86 -13.80
N MET E 241 27.99 -32.50 -14.49
CA MET E 241 27.97 -33.96 -14.58
C MET E 241 29.02 -34.49 -15.54
N LEU E 242 29.24 -33.78 -16.65
CA LEU E 242 30.14 -34.26 -17.70
C LEU E 242 31.57 -33.75 -17.54
N ASP E 243 31.85 -32.98 -16.48
CA ASP E 243 33.20 -32.47 -16.20
C ASP E 243 33.76 -31.68 -17.37
N VAL E 244 32.89 -30.90 -18.02
CA VAL E 244 33.34 -30.00 -19.08
C VAL E 244 33.08 -28.57 -18.62
N SER E 245 33.51 -27.60 -19.43
CA SER E 245 33.38 -26.20 -19.08
C SER E 245 32.28 -25.55 -19.91
N LEU E 246 31.80 -24.40 -19.42
CA LEU E 246 30.75 -23.67 -20.12
C LEU E 246 31.23 -23.17 -21.48
N ASP E 247 32.44 -22.61 -21.52
CA ASP E 247 32.95 -22.10 -22.78
C ASP E 247 33.24 -23.21 -23.78
N ASP E 248 33.59 -24.40 -23.30
CA ASP E 248 33.78 -25.53 -24.20
C ASP E 248 32.49 -25.88 -24.91
N ILE E 249 31.38 -25.88 -24.18
CA ILE E 249 30.09 -26.15 -24.81
C ILE E 249 29.69 -25.00 -25.72
N ASP E 250 29.98 -23.77 -25.32
CA ASP E 250 29.60 -22.61 -26.11
C ASP E 250 30.34 -22.58 -27.45
N ASP E 251 31.62 -22.94 -27.44
CA ASP E 251 32.46 -22.85 -28.63
C ASP E 251 32.49 -24.15 -29.43
N GLY E 252 31.70 -25.15 -29.04
CA GLY E 252 31.67 -26.39 -29.79
C GLY E 252 32.91 -27.24 -29.67
N HIS E 253 33.71 -27.05 -28.62
CA HIS E 253 34.91 -27.86 -28.42
C HIS E 253 34.59 -29.30 -28.07
N ILE E 254 33.34 -29.61 -27.76
CA ILE E 254 32.94 -30.97 -27.40
C ILE E 254 32.34 -31.64 -28.63
N SER E 255 32.79 -32.86 -28.91
CA SER E 255 32.29 -33.64 -30.02
C SER E 255 30.99 -34.34 -29.63
N TYR E 256 30.04 -34.38 -30.56
CA TYR E 256 28.76 -35.01 -30.28
C TYR E 256 28.91 -36.48 -29.90
N ALA E 257 29.92 -37.15 -30.46
CA ALA E 257 30.13 -38.55 -30.12
C ALA E 257 30.43 -38.73 -28.64
N GLU E 258 31.34 -37.91 -28.10
CA GLU E 258 31.68 -38.06 -26.69
C GLU E 258 30.57 -37.54 -25.78
N TYR E 259 29.82 -36.55 -26.23
CA TYR E 259 28.65 -36.11 -25.46
C TYR E 259 27.63 -37.22 -25.34
N LYS E 260 27.33 -37.88 -26.46
CA LYS E 260 26.42 -39.03 -26.43
C LYS E 260 26.98 -40.15 -25.57
N GLY E 261 28.28 -40.39 -25.67
CA GLY E 261 28.90 -41.43 -24.85
C GLY E 261 28.77 -41.16 -23.37
N LYS E 262 29.03 -39.92 -22.96
CA LYS E 262 28.91 -39.56 -21.54
C LYS E 262 27.45 -39.64 -21.08
N MET E 263 26.51 -39.19 -21.91
CA MET E 263 25.11 -39.25 -21.52
C MET E 263 24.67 -40.71 -21.36
N GLU E 264 25.06 -41.58 -22.28
CA GLU E 264 24.68 -42.98 -22.17
C GLU E 264 25.40 -43.66 -21.00
N LYS E 265 26.64 -43.25 -20.73
CA LYS E 265 27.35 -43.77 -19.57
C LYS E 265 26.62 -43.42 -18.28
N TRP E 266 26.16 -42.18 -18.16
CA TRP E 266 25.39 -41.78 -16.98
C TRP E 266 24.07 -42.54 -16.93
N ARG E 267 23.42 -42.75 -18.07
CA ARG E 267 22.19 -43.52 -18.09
C ARG E 267 22.41 -44.95 -17.64
N GLU E 268 23.57 -45.53 -17.96
CA GLU E 268 23.86 -46.90 -17.53
C GLU E 268 23.86 -47.03 -16.02
N LYS E 269 24.27 -45.99 -15.30
CA LYS E 269 24.30 -46.03 -13.84
C LYS E 269 22.91 -46.28 -13.28
N SER E 270 22.82 -47.19 -12.32
CA SER E 270 21.59 -47.39 -11.57
C SER E 270 21.46 -46.44 -10.39
N THR E 271 22.53 -45.72 -10.05
CA THR E 271 22.52 -44.76 -8.96
C THR E 271 22.03 -43.38 -9.39
N LEU E 272 21.69 -43.21 -10.67
CA LEU E 272 21.27 -41.91 -11.18
C LEU E 272 19.75 -41.76 -11.06
N GLY E 273 19.32 -40.63 -10.54
CA GLY E 273 17.91 -40.30 -10.43
C GLY E 273 17.36 -39.71 -11.70
N ARG E 274 16.39 -38.81 -11.54
CA ARG E 274 15.81 -38.08 -12.66
C ARG E 274 15.87 -36.60 -12.37
N LEU E 275 16.12 -35.81 -13.40
CA LEU E 275 16.15 -34.35 -13.30
C LEU E 275 15.15 -33.77 -14.28
N ILE E 276 14.22 -32.97 -13.78
CA ILE E 276 13.24 -32.29 -14.62
C ILE E 276 13.42 -30.80 -14.43
N VAL E 277 13.71 -30.09 -15.51
CA VAL E 277 13.91 -28.65 -15.48
C VAL E 277 12.70 -27.98 -16.10
N LYS E 278 12.05 -27.11 -15.35
CA LYS E 278 10.87 -26.41 -15.81
C LYS E 278 11.05 -24.91 -15.58
N GLN E 279 10.85 -24.12 -16.62
CA GLN E 279 10.99 -22.68 -16.54
C GLN E 279 9.63 -22.01 -16.50
N TYR E 280 9.49 -21.04 -15.61
CA TYR E 280 8.26 -20.29 -15.47
C TYR E 280 8.48 -18.81 -15.73
N PRO E 281 7.48 -18.12 -16.27
CA PRO E 281 7.62 -16.66 -16.46
C PRO E 281 7.87 -15.97 -15.14
N THR E 282 8.71 -14.94 -15.17
CA THR E 282 9.06 -14.21 -13.95
C THR E 282 7.82 -13.54 -13.39
N GLY E 283 7.29 -14.09 -12.29
CA GLY E 283 6.07 -13.60 -11.67
C GLY E 283 4.85 -14.44 -11.96
N GLY E 284 4.92 -15.36 -12.92
CA GLY E 284 3.75 -16.11 -13.30
C GLY E 284 3.47 -17.32 -12.42
N ALA E 285 4.53 -17.89 -11.85
CA ALA E 285 4.37 -19.13 -11.09
C ALA E 285 3.86 -18.83 -9.67
N ASP E 286 3.33 -19.87 -9.04
CA ASP E 286 2.67 -19.74 -7.74
C ASP E 286 2.84 -21.07 -7.00
N ALA E 287 2.72 -20.99 -5.66
CA ALA E 287 2.79 -22.20 -4.85
C ALA E 287 1.69 -23.19 -5.25
N ASN E 288 0.48 -22.70 -5.49
CA ASN E 288 -0.55 -23.56 -6.04
C ASN E 288 -0.18 -24.00 -7.46
N THR E 289 0.44 -23.10 -8.23
CA THR E 289 0.96 -23.50 -9.53
C THR E 289 2.05 -24.56 -9.39
N PHE E 290 2.89 -24.42 -8.37
CA PHE E 290 3.90 -25.45 -8.10
C PHE E 290 3.23 -26.79 -7.78
N ARG E 291 2.17 -26.77 -6.98
CA ARG E 291 1.46 -28.01 -6.68
C ARG E 291 0.84 -28.61 -7.93
N SER E 292 0.28 -27.77 -8.79
CA SER E 292 -0.28 -28.26 -10.04
C SER E 292 0.81 -28.85 -10.93
N LEU E 293 1.99 -28.24 -10.93
CA LEU E 293 3.12 -28.80 -11.66
C LEU E 293 3.53 -30.15 -11.12
N LEU E 294 3.55 -30.29 -9.79
CA LEU E 294 3.86 -31.59 -9.19
C LEU E 294 2.83 -32.63 -9.59
N ASN E 295 1.56 -32.27 -9.58
CA ASN E 295 0.51 -33.21 -9.99
C ASN E 295 0.65 -33.58 -11.45
N GLU E 296 1.00 -32.60 -12.30
CA GLU E 296 1.20 -32.88 -13.72
C GLU E 296 2.39 -33.79 -13.93
N LEU E 297 3.46 -33.61 -13.18
CA LEU E 297 4.62 -34.47 -13.30
C LEU E 297 4.33 -35.88 -12.78
N LYS E 298 3.42 -36.00 -11.82
CA LYS E 298 2.99 -37.32 -11.35
C LYS E 298 2.06 -37.99 -12.34
N LEU E 299 1.27 -37.21 -13.08
CA LEU E 299 0.31 -37.76 -14.03
C LEU E 299 0.96 -38.10 -15.36
N LYS E 300 1.50 -37.09 -16.03
CA LYS E 300 2.05 -37.25 -17.37
C LYS E 300 3.21 -38.24 -17.37
N LYS E 301 4.10 -38.11 -16.40
CA LYS E 301 5.21 -39.02 -16.22
C LYS E 301 5.10 -39.68 -14.85
N ASN E 302 5.95 -40.66 -14.59
CA ASN E 302 6.00 -41.27 -13.27
C ASN E 302 7.05 -40.58 -12.40
N PHE E 303 6.93 -39.26 -12.29
CA PHE E 303 7.91 -38.43 -11.60
C PHE E 303 7.28 -37.86 -10.33
N VAL E 304 7.86 -38.22 -9.19
CA VAL E 304 7.49 -37.63 -7.91
C VAL E 304 8.77 -37.12 -7.26
N PRO E 305 8.99 -35.80 -7.24
CA PRO E 305 10.29 -35.29 -6.83
C PRO E 305 10.55 -35.49 -5.34
N THR E 306 11.82 -35.70 -5.03
CA THR E 306 12.29 -35.70 -3.65
C THR E 306 13.02 -34.43 -3.28
N ILE E 307 13.65 -33.78 -4.26
CA ILE E 307 14.31 -32.50 -4.08
C ILE E 307 13.69 -31.51 -5.06
N ILE E 308 13.32 -30.34 -4.56
CA ILE E 308 12.79 -29.26 -5.39
C ILE E 308 13.67 -28.04 -5.20
N ILE E 309 14.19 -27.51 -6.31
CA ILE E 309 15.12 -26.39 -6.28
C ILE E 309 14.53 -25.26 -7.11
N VAL E 310 14.39 -24.09 -6.50
CA VAL E 310 13.85 -22.90 -7.14
C VAL E 310 14.92 -21.83 -7.17
N ASP E 311 15.08 -21.19 -8.33
CA ASP E 311 16.16 -20.21 -8.48
C ASP E 311 15.97 -19.00 -7.56
N TYR E 312 14.74 -18.52 -7.43
CA TYR E 312 14.47 -17.43 -6.50
C TYR E 312 13.01 -17.50 -6.05
N LEU E 313 12.80 -17.26 -4.76
CA LEU E 313 11.47 -17.39 -4.18
C LEU E 313 10.58 -16.19 -4.52
N GLY E 314 11.08 -14.99 -4.26
CA GLY E 314 10.26 -13.78 -4.32
C GLY E 314 9.69 -13.47 -5.68
N ILE E 315 10.20 -14.10 -6.74
CA ILE E 315 9.64 -13.87 -8.08
C ILE E 315 8.22 -14.38 -8.16
N CYS E 316 7.91 -15.48 -7.46
CA CYS E 316 6.62 -16.15 -7.58
C CYS E 316 5.46 -15.26 -7.14
N LYS E 317 4.24 -15.78 -7.26
CA LYS E 317 3.02 -15.07 -6.90
C LYS E 317 2.30 -15.83 -5.78
N SER E 318 1.82 -15.09 -4.79
CA SER E 318 1.06 -15.70 -3.70
C SER E 318 -0.25 -16.25 -4.21
N CYS E 319 -0.64 -17.40 -3.65
CA CYS E 319 -1.93 -18.00 -4.03
C CYS E 319 -3.10 -17.40 -3.26
N ARG E 320 -2.81 -16.65 -2.20
CA ARG E 320 -3.85 -16.06 -1.38
C ARG E 320 -4.03 -14.56 -1.65
N ILE E 321 -2.94 -13.82 -1.73
CA ILE E 321 -3.00 -12.42 -2.14
C ILE E 321 -3.35 -12.35 -3.63
N ARG E 322 -4.29 -11.48 -3.97
CA ARG E 322 -4.77 -11.44 -5.35
C ARG E 322 -3.67 -11.08 -6.34
N VAL E 323 -3.18 -9.83 -6.29
CA VAL E 323 -2.00 -9.49 -7.08
C VAL E 323 -0.94 -8.83 -6.21
N TYR E 324 -1.24 -7.65 -5.68
CA TYR E 324 -0.35 -6.91 -4.78
C TYR E 324 -1.17 -6.22 -3.70
N SER E 325 -2.13 -6.96 -3.11
CA SER E 325 -3.02 -6.35 -2.14
C SER E 325 -2.28 -5.72 -0.96
N GLU E 326 -1.07 -6.19 -0.66
CA GLU E 326 -0.29 -5.62 0.42
C GLU E 326 1.14 -5.38 -0.08
N ASN E 327 2.04 -5.05 0.85
CA ASN E 327 3.39 -4.64 0.52
C ASN E 327 4.30 -5.84 0.35
N SER E 328 5.62 -5.59 0.28
CA SER E 328 6.58 -6.66 0.04
C SER E 328 6.63 -7.65 1.20
N TYR E 329 6.69 -7.14 2.43
CA TYR E 329 6.62 -8.03 3.59
C TYR E 329 5.18 -8.39 3.94
N THR E 330 4.40 -8.72 2.92
CA THR E 330 3.20 -9.52 3.06
C THR E 330 3.06 -10.53 1.94
N THR E 331 3.69 -10.30 0.79
CA THR E 331 3.69 -11.23 -0.33
C THR E 331 4.92 -12.13 -0.34
N VAL E 332 6.11 -11.56 -0.09
CA VAL E 332 7.32 -12.39 -0.07
C VAL E 332 7.26 -13.39 1.09
N LYS E 333 6.86 -12.91 2.27
CA LYS E 333 6.73 -13.81 3.41
C LYS E 333 5.63 -14.83 3.19
N ALA E 334 4.52 -14.42 2.58
CA ALA E 334 3.45 -15.36 2.29
C ALA E 334 3.92 -16.45 1.33
N ILE E 335 4.67 -16.08 0.31
CA ILE E 335 5.21 -17.07 -0.63
C ILE E 335 6.20 -17.99 0.07
N ALA E 336 7.03 -17.44 0.95
CA ALA E 336 7.97 -18.29 1.69
C ALA E 336 7.22 -19.30 2.56
N GLU E 337 6.18 -18.84 3.25
CA GLU E 337 5.40 -19.76 4.07
C GLU E 337 4.67 -20.79 3.22
N GLU E 338 4.17 -20.38 2.05
CA GLU E 338 3.50 -21.32 1.16
C GLU E 338 4.47 -22.36 0.63
N LEU E 339 5.70 -21.95 0.32
CA LEU E 339 6.70 -22.90 -0.16
C LEU E 339 7.11 -23.87 0.94
N ARG E 340 7.28 -23.39 2.17
CA ARG E 340 7.59 -24.31 3.25
C ARG E 340 6.41 -25.25 3.51
N ALA E 341 5.18 -24.74 3.38
CA ALA E 341 4.01 -25.61 3.48
C ALA E 341 4.01 -26.67 2.38
N LEU E 342 4.42 -26.28 1.17
CA LEU E 342 4.54 -27.22 0.08
C LEU E 342 5.58 -28.30 0.39
N ALA E 343 6.72 -27.89 0.94
CA ALA E 343 7.75 -28.86 1.33
C ALA E 343 7.23 -29.83 2.38
N VAL E 344 6.54 -29.31 3.40
CA VAL E 344 6.00 -30.17 4.44
C VAL E 344 4.96 -31.12 3.86
N GLU E 345 4.08 -30.61 3.01
CA GLU E 345 2.99 -31.41 2.47
C GLU E 345 3.51 -32.52 1.56
N THR E 346 4.50 -32.21 0.72
CA THR E 346 5.03 -33.20 -0.21
C THR E 346 6.25 -33.95 0.33
N GLU E 347 6.70 -33.61 1.53
CA GLU E 347 7.86 -34.25 2.16
C GLU E 347 9.08 -34.20 1.23
N THR E 348 9.43 -32.99 0.84
CA THR E 348 10.56 -32.77 -0.07
C THR E 348 11.49 -31.73 0.54
N VAL E 349 12.77 -31.84 0.19
CA VAL E 349 13.74 -30.82 0.55
C VAL E 349 13.68 -29.73 -0.50
N LEU E 350 13.37 -28.51 -0.09
CA LEU E 350 13.13 -27.42 -1.02
C LEU E 350 14.23 -26.38 -0.85
N TRP E 351 15.14 -26.35 -1.81
CA TRP E 351 16.19 -25.34 -1.84
C TRP E 351 15.76 -24.16 -2.69
N THR E 352 16.16 -22.97 -2.27
CA THR E 352 15.85 -21.76 -3.01
C THR E 352 16.90 -20.71 -2.69
N ALA E 353 17.09 -19.79 -3.62
CA ALA E 353 17.96 -18.64 -3.38
C ALA E 353 17.14 -17.41 -3.11
N ALA E 354 17.74 -16.48 -2.36
CA ALA E 354 17.09 -15.24 -1.97
C ALA E 354 18.02 -14.07 -2.23
N GLN E 355 17.43 -12.94 -2.60
CA GLN E 355 18.19 -11.75 -2.92
C GLN E 355 18.71 -11.08 -1.65
N VAL E 356 19.84 -10.39 -1.79
CA VAL E 356 20.44 -9.61 -0.72
C VAL E 356 20.37 -8.15 -1.12
N GLY E 357 19.95 -7.29 -0.20
CA GLY E 357 19.77 -5.88 -0.50
C GLY E 357 21.06 -5.20 -0.90
N LYS E 358 20.90 -3.99 -1.44
CA LYS E 358 22.04 -3.24 -1.98
C LYS E 358 23.10 -2.94 -0.93
N GLN E 359 22.74 -2.96 0.36
CA GLN E 359 23.69 -2.64 1.40
C GLN E 359 24.83 -3.65 1.50
N ALA E 360 24.65 -4.86 0.96
CA ALA E 360 25.66 -5.91 1.06
C ALA E 360 26.05 -6.48 -0.29
N TRP E 361 25.73 -5.79 -1.40
CA TRP E 361 26.13 -6.28 -2.70
C TRP E 361 27.64 -6.29 -2.89
N ASP E 362 28.37 -5.48 -2.12
CA ASP E 362 29.83 -5.46 -2.18
C ASP E 362 30.48 -5.69 -0.83
N SER E 363 29.69 -5.94 0.22
CA SER E 363 30.26 -6.09 1.55
C SER E 363 30.97 -7.43 1.69
N SER E 364 32.09 -7.42 2.41
CA SER E 364 32.83 -8.65 2.68
C SER E 364 32.13 -9.56 3.68
N ASP E 365 31.10 -9.06 4.36
CA ASP E 365 30.31 -9.87 5.29
C ASP E 365 28.85 -9.51 5.12
N VAL E 366 28.00 -10.53 5.03
CA VAL E 366 26.56 -10.36 4.90
C VAL E 366 25.90 -11.02 6.10
N ASN E 367 25.08 -10.26 6.82
CA ASN E 367 24.35 -10.74 7.98
C ASN E 367 22.92 -11.09 7.58
N MET E 368 22.18 -11.69 8.51
CA MET E 368 20.79 -12.02 8.25
C MET E 368 19.95 -10.78 8.01
N SER E 369 20.31 -9.66 8.65
CA SER E 369 19.58 -8.41 8.43
C SER E 369 19.70 -7.92 7.00
N ASP E 370 20.70 -8.37 6.26
CA ASP E 370 20.84 -8.00 4.85
C ASP E 370 19.98 -8.89 3.99
N ILE E 371 18.69 -8.98 4.30
CA ILE E 371 17.73 -9.77 3.55
C ILE E 371 16.83 -8.82 2.78
N ALA E 372 16.43 -9.22 1.58
CA ALA E 372 15.70 -8.36 0.68
C ALA E 372 14.21 -8.69 0.70
N GLU E 373 13.40 -7.64 0.77
CA GLU E 373 11.97 -7.66 0.50
C GLU E 373 11.13 -8.31 1.61
N SER E 374 11.77 -8.89 2.63
CA SER E 374 11.01 -9.45 3.74
C SER E 374 11.96 -9.85 4.86
N ALA E 375 11.49 -9.67 6.10
CA ALA E 375 12.12 -10.27 7.26
C ALA E 375 11.52 -11.61 7.61
N GLY E 376 10.44 -12.01 6.95
CA GLY E 376 9.81 -13.30 7.19
C GLY E 376 10.44 -14.47 6.47
N LEU E 377 11.25 -14.19 5.44
CA LEU E 377 12.00 -15.28 4.82
C LEU E 377 13.06 -15.86 5.75
N PRO E 378 13.94 -15.07 6.39
CA PRO E 378 14.94 -15.69 7.27
C PRO E 378 14.37 -16.24 8.57
N ALA E 379 13.05 -16.22 8.75
CA ALA E 379 12.39 -16.86 9.87
C ALA E 379 11.64 -18.12 9.45
N THR E 380 10.95 -18.08 8.30
CA THR E 380 10.29 -19.25 7.77
C THR E 380 11.27 -20.29 7.24
N ALA E 381 12.52 -19.93 7.03
CA ALA E 381 13.51 -20.86 6.51
C ALA E 381 13.89 -21.88 7.58
N ASP E 382 14.74 -22.83 7.19
CA ASP E 382 15.23 -23.86 8.10
C ASP E 382 16.74 -23.87 8.09
N PHE E 383 17.32 -23.36 7.01
CA PHE E 383 18.77 -23.32 6.82
C PHE E 383 19.06 -22.17 5.88
N MET E 384 20.16 -21.44 6.12
CA MET E 384 20.55 -20.39 5.20
C MET E 384 22.06 -20.39 5.08
N LEU E 385 22.54 -20.31 3.85
CA LEU E 385 23.95 -20.15 3.57
C LEU E 385 24.15 -18.85 2.81
N ALA E 386 25.03 -17.99 3.33
CA ALA E 386 25.39 -16.74 2.67
C ALA E 386 26.65 -16.97 1.86
N VAL E 387 26.58 -16.64 0.58
CA VAL E 387 27.68 -16.83 -0.36
C VAL E 387 28.47 -15.53 -0.43
N ILE E 388 29.71 -15.57 0.02
CA ILE E 388 30.55 -14.39 0.12
C ILE E 388 31.67 -14.53 -0.91
N GLU E 389 31.65 -13.64 -1.90
CA GLU E 389 32.69 -13.61 -2.93
C GLU E 389 33.33 -12.23 -2.93
N THR E 390 34.66 -12.20 -2.79
CA THR E 390 35.43 -10.97 -2.86
C THR E 390 36.46 -11.10 -3.99
N GLU E 391 37.13 -9.99 -4.28
CA GLU E 391 38.15 -10.00 -5.32
C GLU E 391 39.28 -10.96 -4.98
N GLU E 392 39.73 -10.95 -3.72
CA GLU E 392 40.74 -11.92 -3.30
C GLU E 392 40.22 -13.34 -3.40
N LEU E 393 38.98 -13.57 -2.96
CA LEU E 393 38.39 -14.91 -3.07
C LEU E 393 38.24 -15.32 -4.53
N ALA E 394 37.79 -14.40 -5.39
CA ALA E 394 37.66 -14.71 -6.80
C ALA E 394 39.01 -15.06 -7.42
N ALA E 395 40.06 -14.33 -7.05
CA ALA E 395 41.40 -14.65 -7.53
C ALA E 395 41.84 -16.02 -7.04
N ALA E 396 41.53 -16.35 -5.78
CA ALA E 396 41.83 -17.66 -5.24
C ALA E 396 40.87 -18.73 -5.73
N GLU E 397 39.81 -18.35 -6.44
CA GLU E 397 38.82 -19.28 -6.98
C GLU E 397 38.17 -20.09 -5.86
N GLN E 398 37.57 -19.37 -4.92
CA GLN E 398 36.96 -19.98 -3.74
C GLN E 398 35.79 -19.11 -3.30
N GLN E 399 35.19 -19.49 -2.17
CA GLN E 399 34.10 -18.75 -1.55
C GLN E 399 34.12 -19.03 -0.05
N LEU E 400 33.40 -18.21 0.70
CA LEU E 400 33.51 -18.17 2.15
C LEU E 400 32.13 -18.39 2.78
N ILE E 401 31.50 -19.52 2.43
CA ILE E 401 30.10 -19.75 2.80
C ILE E 401 29.93 -19.60 4.31
N LYS E 402 28.95 -18.78 4.69
CA LYS E 402 28.66 -18.49 6.09
C LYS E 402 27.27 -19.02 6.44
N GLN E 403 27.19 -19.85 7.47
CA GLN E 403 25.92 -20.50 7.79
C GLN E 403 25.15 -19.69 8.82
N ILE E 404 23.86 -19.49 8.56
CA ILE E 404 22.95 -18.82 9.48
C ILE E 404 21.61 -19.54 9.42
N LYS E 405 20.75 -19.23 10.39
CA LYS E 405 19.42 -19.81 10.47
C LYS E 405 19.51 -21.35 10.45
N SER E 406 20.49 -21.85 11.20
CA SER E 406 20.77 -23.29 11.21
C SER E 406 19.83 -23.97 12.19
N ARG E 407 18.70 -24.45 11.68
CA ARG E 407 17.75 -25.18 12.48
C ARG E 407 18.11 -26.66 12.61
N TYR E 408 19.22 -27.08 12.00
CA TYR E 408 19.68 -28.46 12.07
C TYR E 408 20.73 -28.67 13.15
N GLY E 409 21.71 -27.77 13.23
CA GLY E 409 22.78 -27.90 14.19
C GLY E 409 23.14 -26.58 14.84
N ASP E 410 24.29 -26.54 15.52
CA ASP E 410 24.74 -25.32 16.17
C ASP E 410 25.32 -24.37 15.14
N LYS E 411 24.75 -23.17 15.05
CA LYS E 411 25.13 -22.22 14.01
C LYS E 411 26.57 -21.75 14.17
N ASN E 412 27.12 -21.77 15.37
CA ASN E 412 28.38 -21.10 15.67
C ASN E 412 29.58 -22.03 15.71
N LYS E 413 29.38 -23.33 15.51
CA LYS E 413 30.51 -24.26 15.62
C LYS E 413 31.42 -24.18 14.40
N TRP E 414 30.84 -24.06 13.21
CA TRP E 414 31.58 -23.98 11.94
C TRP E 414 31.02 -22.85 11.10
N ASN E 415 30.95 -21.66 11.70
CA ASN E 415 30.14 -20.57 11.14
C ASN E 415 30.51 -20.26 9.69
N LYS E 416 31.81 -20.25 9.37
CA LYS E 416 32.26 -19.93 8.03
C LYS E 416 33.23 -21.00 7.53
N PHE E 417 33.09 -21.36 6.25
CA PHE E 417 33.96 -22.37 5.67
C PHE E 417 34.20 -22.05 4.20
N LEU E 418 35.40 -22.42 3.73
CA LEU E 418 35.81 -22.15 2.37
C LEU E 418 35.39 -23.28 1.43
N MET E 419 34.90 -22.91 0.26
CA MET E 419 34.52 -23.86 -0.78
C MET E 419 35.28 -23.53 -2.06
N GLY E 420 35.78 -24.55 -2.73
CA GLY E 420 36.41 -24.31 -4.02
C GLY E 420 35.37 -24.32 -5.12
N VAL E 421 34.96 -23.14 -5.57
CA VAL E 421 33.92 -23.02 -6.57
C VAL E 421 34.55 -22.98 -7.95
N GLN E 422 34.23 -23.97 -8.77
CA GLN E 422 34.70 -24.01 -10.16
C GLN E 422 33.61 -23.35 -11.01
N LYS E 423 33.87 -22.09 -11.38
CA LYS E 423 32.92 -21.34 -12.19
C LYS E 423 32.91 -21.83 -13.63
N GLY E 424 34.04 -22.36 -14.10
CA GLY E 424 34.06 -22.93 -15.43
C GLY E 424 33.11 -24.12 -15.57
N ASN E 425 33.10 -24.98 -14.57
CA ASN E 425 32.21 -26.13 -14.54
C ASN E 425 30.93 -25.89 -13.75
N GLN E 426 30.83 -24.76 -13.04
CA GLN E 426 29.67 -24.43 -12.22
C GLN E 426 29.42 -25.51 -11.17
N LYS E 427 30.43 -25.73 -10.32
CA LYS E 427 30.30 -26.79 -9.32
C LYS E 427 31.06 -26.40 -8.06
N TRP E 428 30.80 -27.13 -6.99
CA TRP E 428 31.46 -26.95 -5.71
C TRP E 428 32.40 -28.10 -5.43
N VAL E 429 33.52 -27.77 -4.78
CA VAL E 429 34.49 -28.76 -4.32
C VAL E 429 34.77 -28.50 -2.86
N GLU E 430 34.73 -29.54 -2.04
CA GLU E 430 35.09 -29.41 -0.65
C GLU E 430 36.60 -29.23 -0.52
N ILE E 431 37.02 -28.23 0.25
CA ILE E 431 38.43 -27.97 0.42
C ILE E 431 39.04 -29.04 1.31
N GLU E 432 40.04 -29.74 0.78
CA GLU E 432 40.66 -30.83 1.51
C GLU E 432 42.17 -30.64 1.63
N MET F 1 -39.17 -33.74 29.34
CA MET F 1 -39.03 -32.55 30.17
C MET F 1 -39.31 -31.30 29.34
N VAL F 2 -40.59 -30.96 29.23
CA VAL F 2 -41.03 -29.80 28.45
C VAL F 2 -41.65 -28.73 29.34
N GLU F 3 -42.40 -29.12 30.37
CA GLU F 3 -43.04 -28.14 31.23
C GLU F 3 -42.02 -27.28 31.96
N ILE F 4 -40.93 -27.88 32.43
CA ILE F 4 -39.90 -27.12 33.13
C ILE F 4 -39.27 -26.10 32.19
N ILE F 5 -38.95 -26.52 30.96
CA ILE F 5 -38.32 -25.62 30.00
C ILE F 5 -39.22 -24.42 29.71
N LEU F 6 -40.49 -24.69 29.42
CA LEU F 6 -41.42 -23.59 29.10
C LEU F 6 -41.63 -22.69 30.30
N SER F 7 -41.74 -23.27 31.50
CA SER F 7 -41.90 -22.46 32.71
C SER F 7 -40.71 -21.55 32.93
N HIS F 8 -39.50 -22.07 32.76
CA HIS F 8 -38.31 -21.25 32.94
C HIS F 8 -38.17 -20.21 31.83
N LEU F 9 -38.66 -20.52 30.62
CA LEU F 9 -38.64 -19.53 29.55
C LEU F 9 -39.62 -18.39 29.82
N ILE F 10 -40.79 -18.71 30.39
CA ILE F 10 -41.83 -17.70 30.58
C ILE F 10 -41.55 -16.85 31.82
N PHE F 11 -41.35 -17.51 32.97
CA PHE F 11 -41.23 -16.77 34.22
C PHE F 11 -39.85 -16.21 34.48
N ASP F 12 -38.83 -16.66 33.76
CA ASP F 12 -37.45 -16.26 34.02
C ASP F 12 -36.82 -15.68 32.76
N GLN F 13 -35.88 -14.75 32.97
CA GLN F 13 -35.14 -14.12 31.88
C GLN F 13 -33.76 -14.74 31.68
N ALA F 14 -33.11 -15.12 32.79
CA ALA F 14 -31.75 -15.72 32.71
C ALA F 14 -31.81 -17.02 31.90
N TYR F 15 -32.66 -17.96 32.32
CA TYR F 15 -32.76 -19.27 31.63
C TYR F 15 -33.05 -19.04 30.14
N PHE F 16 -33.98 -18.13 29.84
CA PHE F 16 -34.34 -17.84 28.43
C PHE F 16 -33.08 -17.37 27.68
N SER F 17 -32.45 -16.31 28.17
CA SER F 17 -31.26 -15.77 27.51
C SER F 17 -30.10 -16.75 27.49
N LYS F 18 -30.13 -17.78 28.33
CA LYS F 18 -29.05 -18.76 28.35
C LYS F 18 -28.97 -19.53 27.04
N VAL F 19 -30.10 -20.06 26.58
CA VAL F 19 -30.17 -20.80 25.31
C VAL F 19 -31.30 -20.17 24.51
N TRP F 20 -30.98 -19.17 23.70
CA TRP F 20 -31.96 -18.52 22.85
C TRP F 20 -32.13 -19.23 21.50
N PRO F 21 -31.05 -19.54 20.77
CA PRO F 21 -31.22 -20.17 19.45
C PRO F 21 -31.32 -21.69 19.46
N TYR F 22 -31.08 -22.34 20.59
CA TYR F 22 -31.09 -23.80 20.67
C TYR F 22 -32.49 -24.37 20.86
N MET F 23 -33.53 -23.59 20.55
CA MET F 23 -34.91 -24.05 20.64
C MET F 23 -35.59 -23.82 19.30
N ASP F 24 -36.32 -24.82 18.82
CA ASP F 24 -36.98 -24.76 17.53
C ASP F 24 -38.40 -25.31 17.66
N SER F 25 -39.26 -24.85 16.74
CA SER F 25 -40.65 -25.28 16.74
C SER F 25 -40.79 -26.76 16.40
N GLU F 26 -39.89 -27.29 15.56
CA GLU F 26 -39.94 -28.70 15.17
C GLU F 26 -39.44 -29.62 16.27
N TYR F 27 -38.92 -29.07 17.37
CA TYR F 27 -38.43 -29.90 18.46
C TYR F 27 -39.58 -30.60 19.17
N PHE F 28 -40.53 -29.79 19.65
CA PHE F 28 -41.69 -30.34 20.39
C PHE F 28 -42.44 -31.34 19.50
N GLU F 29 -43.34 -32.14 20.09
CA GLU F 29 -44.05 -33.18 19.31
C GLU F 29 -45.08 -32.52 18.38
N SER F 30 -45.86 -33.34 17.67
CA SER F 30 -46.93 -32.81 16.77
C SER F 30 -48.07 -32.28 17.62
N GLY F 31 -48.01 -32.53 18.94
CA GLY F 31 -49.10 -32.11 19.85
C GLY F 31 -49.15 -30.61 20.06
N PRO F 32 -50.22 -30.09 20.71
CA PRO F 32 -50.40 -28.63 20.87
C PRO F 32 -49.24 -28.00 21.66
N ALA F 33 -48.49 -28.82 22.39
CA ALA F 33 -47.32 -28.28 23.13
C ALA F 33 -46.37 -27.62 22.13
N LYS F 34 -46.21 -28.21 20.94
CA LYS F 34 -45.38 -27.56 19.89
C LYS F 34 -46.01 -26.22 19.54
N ASN F 35 -47.34 -26.17 19.44
CA ASN F 35 -48.04 -24.90 19.14
C ASN F 35 -47.71 -23.92 20.27
N THR F 36 -47.72 -24.40 21.52
CA THR F 36 -47.32 -23.53 22.64
C THR F 36 -45.96 -22.91 22.28
N PHE F 37 -45.08 -23.71 21.69
CA PHE F 37 -43.79 -23.18 21.25
C PHE F 37 -43.97 -22.20 20.09
N LYS F 38 -44.88 -22.49 19.16
CA LYS F 38 -45.15 -21.57 18.07
C LYS F 38 -45.66 -20.24 18.59
N LEU F 39 -46.57 -20.28 19.57
CA LEU F 39 -47.06 -19.04 20.17
C LEU F 39 -45.95 -18.28 20.87
N ILE F 40 -45.08 -19.00 21.60
CA ILE F 40 -43.96 -18.34 22.28
C ILE F 40 -43.03 -17.68 21.27
N LYS F 41 -42.72 -18.39 20.18
CA LYS F 41 -41.83 -17.84 19.15
C LYS F 41 -42.46 -16.63 18.48
N SER F 42 -43.77 -16.70 18.19
CA SER F 42 -44.46 -15.55 17.60
C SER F 42 -44.43 -14.35 18.52
N HIS F 43 -44.66 -14.57 19.82
CA HIS F 43 -44.59 -13.47 20.77
C HIS F 43 -43.19 -12.88 20.84
N VAL F 44 -42.17 -13.73 20.84
CA VAL F 44 -40.79 -13.25 20.90
C VAL F 44 -40.47 -12.42 19.66
N ASN F 45 -40.86 -12.91 18.48
CA ASN F 45 -40.59 -12.17 17.26
C ASN F 45 -41.36 -10.86 17.19
N GLU F 46 -42.61 -10.85 17.66
CA GLU F 46 -43.44 -9.66 17.54
C GLU F 46 -43.08 -8.60 18.56
N TYR F 47 -42.73 -9.00 19.78
CA TYR F 47 -42.51 -8.06 20.88
C TYR F 47 -41.06 -7.94 21.32
N HIS F 48 -40.19 -8.87 20.89
CA HIS F 48 -38.77 -8.86 21.28
C HIS F 48 -38.62 -8.87 22.80
N SER F 49 -39.44 -9.68 23.47
CA SER F 49 -39.40 -9.78 24.92
C SER F 49 -39.88 -11.16 25.34
N VAL F 50 -39.56 -11.52 26.58
CA VAL F 50 -39.96 -12.80 27.15
C VAL F 50 -41.46 -12.85 27.29
N PRO F 51 -42.14 -13.85 26.71
CA PRO F 51 -43.60 -13.92 26.85
C PRO F 51 -44.02 -14.21 28.28
N SER F 52 -45.19 -13.68 28.64
CA SER F 52 -45.81 -13.93 29.93
C SER F 52 -46.99 -14.89 29.75
N ILE F 53 -47.54 -15.33 30.89
CA ILE F 53 -48.68 -16.25 30.85
C ILE F 53 -49.87 -15.58 30.17
N ASN F 54 -50.18 -14.34 30.56
CA ASN F 54 -51.32 -13.64 29.98
C ASN F 54 -51.09 -13.35 28.50
N ALA F 55 -49.88 -12.90 28.14
CA ALA F 55 -49.57 -12.63 26.74
C ALA F 55 -49.64 -13.91 25.91
N LEU F 56 -49.13 -15.02 26.45
CA LEU F 56 -49.19 -16.28 25.74
C LEU F 56 -50.64 -16.74 25.56
N ASN F 57 -51.48 -16.56 26.58
CA ASN F 57 -52.89 -16.90 26.44
C ASN F 57 -53.57 -16.04 25.39
N VAL F 58 -53.25 -14.73 25.36
CA VAL F 58 -53.83 -13.85 24.36
C VAL F 58 -53.42 -14.27 22.96
N ALA F 59 -52.14 -14.61 22.79
CA ALA F 59 -51.67 -15.10 21.49
C ALA F 59 -52.36 -16.40 21.12
N LEU F 60 -52.61 -17.26 22.11
CA LEU F 60 -53.35 -18.50 21.86
C LEU F 60 -54.76 -18.22 21.39
N GLU F 61 -55.42 -17.23 21.98
CA GLU F 61 -56.79 -16.90 21.60
C GLU F 61 -56.84 -16.43 20.14
N ASN F 62 -55.88 -15.61 19.73
CA ASN F 62 -55.83 -15.12 18.35
C ASN F 62 -55.46 -16.22 17.35
N SER F 63 -54.99 -17.37 17.82
CA SER F 63 -54.62 -18.47 16.95
C SER F 63 -55.82 -19.38 16.72
N SER F 64 -56.04 -19.77 15.46
CA SER F 64 -57.15 -20.64 15.09
C SER F 64 -56.73 -22.08 15.33
N PHE F 65 -56.96 -22.55 16.56
CA PHE F 65 -56.62 -23.90 16.96
C PHE F 65 -57.88 -24.67 17.29
N THR F 66 -57.82 -25.99 17.09
CA THR F 66 -58.96 -26.85 17.40
C THR F 66 -59.20 -26.89 18.90
N GLU F 67 -60.38 -27.38 19.27
CA GLU F 67 -60.80 -27.35 20.67
C GLU F 67 -59.85 -28.15 21.55
N THR F 68 -59.48 -29.36 21.10
CA THR F 68 -58.56 -30.18 21.88
C THR F 68 -57.19 -29.51 22.00
N GLU F 69 -56.67 -29.01 20.88
CA GLU F 69 -55.36 -28.34 20.91
C GLU F 69 -55.42 -27.05 21.73
N TYR F 70 -56.50 -26.28 21.57
CA TYR F 70 -56.64 -25.04 22.34
C TYR F 70 -56.68 -25.33 23.84
N SER F 71 -57.46 -26.33 24.25
CA SER F 71 -57.54 -26.68 25.65
C SER F 71 -56.21 -27.19 26.18
N GLY F 72 -55.51 -28.01 25.38
CA GLY F 72 -54.22 -28.50 25.80
C GLY F 72 -53.20 -27.39 25.98
N VAL F 73 -53.16 -26.44 25.04
CA VAL F 73 -52.23 -25.33 25.15
C VAL F 73 -52.59 -24.45 26.35
N LYS F 74 -53.89 -24.20 26.57
CA LYS F 74 -54.29 -23.39 27.72
C LYS F 74 -53.90 -24.06 29.03
N THR F 75 -54.11 -25.38 29.13
CA THR F 75 -53.69 -26.09 30.33
C THR F 75 -52.18 -26.05 30.51
N LEU F 76 -51.43 -26.23 29.41
CA LEU F 76 -49.98 -26.20 29.50
C LEU F 76 -49.47 -24.85 29.97
N ILE F 77 -50.05 -23.77 29.46
CA ILE F 77 -49.68 -22.43 29.91
C ILE F 77 -50.04 -22.25 31.39
N SER F 78 -51.24 -22.71 31.78
CA SER F 78 -51.64 -22.60 33.18
C SER F 78 -50.77 -23.48 34.07
N LYS F 79 -50.40 -24.67 33.62
CA LYS F 79 -49.58 -25.58 34.41
C LYS F 79 -48.13 -25.11 34.55
N LEU F 80 -47.73 -24.08 33.81
CA LEU F 80 -46.37 -23.57 33.94
C LEU F 80 -46.13 -23.05 35.36
N ALA F 81 -44.98 -23.43 35.92
CA ALA F 81 -44.63 -23.03 37.27
C ALA F 81 -43.12 -23.00 37.40
N ASP F 82 -42.58 -21.85 37.80
CA ASP F 82 -41.14 -21.68 37.99
C ASP F 82 -40.79 -22.10 39.41
N SER F 83 -40.49 -23.37 39.58
CA SER F 83 -40.10 -23.89 40.89
C SER F 83 -38.76 -23.28 41.31
N PRO F 84 -38.56 -23.00 42.61
CA PRO F 84 -37.29 -22.43 43.05
C PRO F 84 -36.14 -23.39 42.84
N GLU F 85 -35.25 -23.06 41.89
CA GLU F 85 -34.13 -23.91 41.54
C GLU F 85 -32.93 -23.01 41.26
N ASP F 86 -31.88 -23.61 40.69
CA ASP F 86 -30.66 -22.89 40.37
C ASP F 86 -30.37 -23.02 38.88
N HIS F 87 -29.70 -22.01 38.34
CA HIS F 87 -29.33 -22.02 36.92
C HIS F 87 -27.99 -22.72 36.71
N SER F 88 -27.89 -23.94 37.22
CA SER F 88 -26.73 -24.79 37.02
C SER F 88 -27.07 -26.25 36.80
N TRP F 89 -28.26 -26.71 37.22
CA TRP F 89 -28.71 -28.08 36.98
C TRP F 89 -29.78 -28.17 35.91
N LEU F 90 -30.52 -27.09 35.66
CA LEU F 90 -31.52 -27.11 34.61
C LEU F 90 -30.91 -27.00 33.22
N VAL F 91 -29.78 -26.31 33.09
CA VAL F 91 -29.14 -26.17 31.79
C VAL F 91 -28.66 -27.52 31.27
N LYS F 92 -28.02 -28.32 32.14
CA LYS F 92 -27.53 -29.63 31.71
C LYS F 92 -28.68 -30.57 31.39
N GLU F 93 -29.75 -30.50 32.20
CA GLU F 93 -30.93 -31.38 31.98
C GLU F 93 -31.51 -31.09 30.60
N THR F 94 -31.76 -29.81 30.29
CA THR F 94 -32.30 -29.43 28.96
C THR F 94 -31.33 -29.89 27.88
N GLU F 95 -30.03 -29.63 28.07
CA GLU F 95 -29.02 -30.13 27.11
C GLU F 95 -29.29 -31.61 26.83
N LYS F 96 -29.43 -32.41 27.89
CA LYS F 96 -29.67 -33.84 27.71
C LYS F 96 -30.98 -34.10 26.99
N TYR F 97 -32.04 -33.37 27.35
CA TYR F 97 -33.32 -33.53 26.66
C TYR F 97 -33.22 -33.15 25.20
N VAL F 98 -32.52 -32.05 24.91
CA VAL F 98 -32.36 -31.60 23.52
C VAL F 98 -31.58 -32.64 22.72
N GLN F 99 -30.50 -33.19 23.30
CA GLN F 99 -29.72 -34.19 22.59
C GLN F 99 -30.52 -35.46 22.34
N GLN F 100 -31.25 -35.92 23.35
CA GLN F 100 -32.06 -37.13 23.18
C GLN F 100 -33.16 -36.92 22.14
N ARG F 101 -33.83 -35.77 22.18
CA ARG F 101 -34.89 -35.49 21.22
C ARG F 101 -34.33 -35.36 19.81
N ALA F 102 -33.17 -34.71 19.67
CA ALA F 102 -32.54 -34.61 18.36
C ALA F 102 -32.13 -35.97 17.84
N MET F 103 -31.61 -36.84 18.72
CA MET F 103 -31.29 -38.20 18.32
C MET F 103 -32.54 -38.93 17.83
N PHE F 104 -33.65 -38.80 18.56
CA PHE F 104 -34.88 -39.48 18.17
C PHE F 104 -35.37 -38.97 16.82
N ASN F 105 -35.37 -37.64 16.63
CA ASN F 105 -35.85 -37.07 15.38
C ASN F 105 -34.96 -37.48 14.21
N ALA F 106 -33.64 -37.43 14.39
CA ALA F 106 -32.73 -37.81 13.32
C ALA F 106 -32.86 -39.29 12.99
N THR F 107 -33.00 -40.14 14.01
CA THR F 107 -33.20 -41.56 13.75
C THR F 107 -34.49 -41.80 13.00
N SER F 108 -35.57 -41.13 13.39
CA SER F 108 -36.84 -41.31 12.68
C SER F 108 -36.72 -40.87 11.23
N LYS F 109 -36.05 -39.74 10.98
CA LYS F 109 -35.89 -39.25 9.62
C LYS F 109 -35.05 -40.21 8.78
N ILE F 110 -33.93 -40.67 9.32
CA ILE F 110 -33.07 -41.56 8.53
C ILE F 110 -33.75 -42.91 8.32
N ILE F 111 -34.58 -43.35 9.27
CA ILE F 111 -35.31 -44.60 9.08
C ILE F 111 -36.35 -44.43 7.97
N GLU F 112 -37.12 -43.34 8.02
CA GLU F 112 -38.14 -43.13 6.99
C GLU F 112 -37.50 -42.89 5.63
N ILE F 113 -36.24 -42.47 5.60
CA ILE F 113 -35.53 -42.35 4.33
C ILE F 113 -35.05 -43.72 3.85
N GLN F 114 -34.34 -44.45 4.72
CA GLN F 114 -33.72 -45.71 4.32
C GLN F 114 -34.75 -46.76 3.95
N THR F 115 -35.86 -46.83 4.71
CA THR F 115 -36.85 -47.88 4.48
C THR F 115 -37.42 -47.79 3.06
N ASN F 116 -37.77 -46.58 2.63
CA ASN F 116 -38.23 -46.42 1.25
C ASN F 116 -37.08 -46.48 0.26
N ALA F 117 -35.91 -45.94 0.61
CA ALA F 117 -34.76 -46.00 -0.28
C ALA F 117 -34.38 -47.43 -0.62
N GLU F 118 -34.58 -48.34 0.35
CA GLU F 118 -34.36 -49.76 0.07
C GLU F 118 -35.28 -50.27 -1.03
N LEU F 119 -36.46 -49.67 -1.17
CA LEU F 119 -37.36 -50.07 -2.24
C LEU F 119 -36.77 -49.69 -3.60
N PRO F 120 -37.11 -50.41 -4.66
CA PRO F 120 -36.52 -50.11 -5.98
C PRO F 120 -36.92 -48.72 -6.47
N PRO F 121 -36.24 -48.22 -7.50
CA PRO F 121 -36.61 -46.91 -8.06
C PRO F 121 -38.05 -46.84 -8.52
N GLU F 122 -38.64 -45.64 -8.44
CA GLU F 122 -40.02 -45.33 -8.79
C GLU F 122 -41.00 -45.99 -7.82
N LYS F 123 -40.50 -46.89 -6.98
CA LYS F 123 -41.29 -47.36 -5.83
C LYS F 123 -40.84 -46.64 -4.57
N ARG F 124 -39.56 -46.28 -4.50
CA ARG F 124 -39.05 -45.49 -3.39
C ARG F 124 -39.59 -44.07 -3.44
N ASN F 125 -39.69 -43.45 -2.27
CA ASN F 125 -40.11 -42.05 -2.21
C ASN F 125 -39.01 -41.14 -2.73
N LYS F 126 -39.31 -40.38 -3.78
CA LYS F 126 -38.34 -39.48 -4.38
C LYS F 126 -38.27 -38.20 -3.53
N LYS F 127 -37.45 -37.24 -3.98
CA LYS F 127 -37.18 -36.02 -3.21
C LYS F 127 -36.68 -36.37 -1.80
N MET F 128 -35.86 -37.41 -1.72
CA MET F 128 -35.39 -37.96 -0.45
C MET F 128 -33.87 -38.06 -0.49
N PRO F 129 -33.17 -37.80 0.61
CA PRO F 129 -31.71 -37.92 0.62
C PRO F 129 -31.27 -39.34 0.33
N ASP F 130 -30.13 -39.47 -0.35
CA ASP F 130 -29.62 -40.78 -0.72
C ASP F 130 -29.16 -41.55 0.52
N VAL F 131 -28.95 -42.86 0.34
CA VAL F 131 -28.52 -43.71 1.44
C VAL F 131 -27.15 -43.26 1.95
N GLY F 132 -26.24 -42.95 1.03
CA GLY F 132 -24.93 -42.47 1.44
C GLY F 132 -24.95 -41.14 2.17
N ALA F 133 -26.04 -40.39 2.05
CA ALA F 133 -26.23 -39.16 2.81
C ALA F 133 -26.73 -39.41 4.23
N ILE F 134 -27.10 -40.66 4.56
CA ILE F 134 -27.58 -40.95 5.91
C ILE F 134 -26.54 -40.65 6.97
N PRO F 135 -25.28 -41.09 6.85
CA PRO F 135 -24.30 -40.72 7.90
C PRO F 135 -24.14 -39.22 8.06
N ASP F 136 -24.18 -38.47 6.96
CA ASP F 136 -24.06 -37.02 7.05
C ASP F 136 -25.15 -36.44 7.95
N ILE F 137 -26.39 -36.89 7.77
CA ILE F 137 -27.47 -36.49 8.66
C ILE F 137 -27.12 -36.86 10.10
N MET F 138 -26.59 -38.07 10.31
CA MET F 138 -26.15 -38.47 11.64
C MET F 138 -25.11 -37.48 12.17
N ARG F 139 -24.21 -37.04 11.31
CA ARG F 139 -23.25 -36.01 11.71
C ARG F 139 -23.98 -34.77 12.21
N GLN F 140 -24.99 -34.32 11.45
CA GLN F 140 -25.81 -33.20 11.89
C GLN F 140 -26.48 -33.53 13.22
N ALA F 141 -26.91 -34.78 13.39
CA ALA F 141 -27.47 -35.20 14.67
C ALA F 141 -26.46 -35.03 15.79
N LEU F 142 -25.20 -35.36 15.54
CA LEU F 142 -24.16 -35.17 16.53
C LEU F 142 -23.67 -33.73 16.60
N SER F 143 -24.14 -32.85 15.71
CA SER F 143 -23.72 -31.46 15.70
C SER F 143 -24.43 -30.61 16.75
N ILE F 144 -25.44 -31.16 17.43
CA ILE F 144 -26.20 -30.41 18.42
C ILE F 144 -25.56 -30.68 19.78
N SER F 145 -24.69 -29.77 20.22
CA SER F 145 -24.05 -29.90 21.52
C SER F 145 -23.98 -28.57 22.26
N PHE F 146 -24.79 -27.58 21.89
CA PHE F 146 -24.85 -26.28 22.54
C PHE F 146 -23.52 -25.54 22.46
N ASP F 147 -22.72 -25.85 21.45
CA ASP F 147 -21.47 -25.15 21.16
C ASP F 147 -21.53 -24.65 19.73
N SER F 148 -22.11 -23.46 19.54
CA SER F 148 -22.29 -22.89 18.21
C SER F 148 -20.99 -22.20 17.78
N TYR F 149 -20.05 -23.02 17.31
CA TYR F 149 -18.79 -22.47 16.82
C TYR F 149 -19.00 -21.70 15.51
N VAL F 150 -20.07 -22.04 14.78
CA VAL F 150 -20.38 -21.23 13.57
C VAL F 150 -20.76 -19.83 14.05
N GLY F 151 -21.29 -19.72 15.27
CA GLY F 151 -21.68 -18.41 15.84
C GLY F 151 -20.50 -17.48 16.03
N HIS F 152 -19.37 -18.00 16.53
CA HIS F 152 -18.14 -17.18 16.69
C HIS F 152 -18.41 -15.92 17.51
N ASP F 153 -19.17 -16.04 18.60
CA ASP F 153 -19.53 -14.84 19.42
C ASP F 153 -18.94 -14.98 20.83
N TRP F 154 -18.47 -16.18 21.18
CA TRP F 154 -17.92 -16.42 22.52
C TRP F 154 -16.73 -15.52 22.79
N MET F 155 -15.89 -15.30 21.78
CA MET F 155 -14.77 -14.38 21.92
C MET F 155 -15.16 -12.94 21.67
N ASP F 156 -16.34 -12.70 21.10
CA ASP F 156 -16.82 -11.33 20.94
C ASP F 156 -17.16 -10.69 22.27
N ASP F 157 -17.26 -11.48 23.34
CA ASP F 157 -17.42 -10.97 24.69
C ASP F 157 -16.10 -10.86 25.44
N TYR F 158 -14.97 -11.06 24.77
CA TYR F 158 -13.68 -11.12 25.44
C TYR F 158 -13.40 -9.85 26.24
N GLU F 159 -13.91 -8.71 25.78
CA GLU F 159 -13.69 -7.46 26.51
C GLU F 159 -14.31 -7.50 27.89
N ALA F 160 -15.34 -8.33 28.11
CA ALA F 160 -16.03 -8.40 29.39
C ALA F 160 -15.78 -9.71 30.12
N ARG F 161 -15.86 -10.85 29.42
CA ARG F 161 -15.71 -12.12 30.10
C ARG F 161 -14.28 -12.34 30.59
N TRP F 162 -13.30 -11.79 29.88
CA TRP F 162 -11.92 -11.84 30.40
C TRP F 162 -11.81 -11.08 31.71
N LEU F 163 -12.42 -9.90 31.79
CA LEU F 163 -12.44 -9.16 33.05
C LEU F 163 -13.17 -9.95 34.14
N SER F 164 -14.27 -10.60 33.78
CA SER F 164 -15.00 -11.41 34.75
C SER F 164 -14.14 -12.55 35.28
N TYR F 165 -13.39 -13.20 34.38
CA TYR F 165 -12.55 -14.32 34.80
C TYR F 165 -11.26 -13.86 35.49
N MET F 166 -10.89 -12.59 35.37
CA MET F 166 -9.67 -12.12 36.02
C MET F 166 -9.71 -12.35 37.52
N ASN F 167 -10.87 -12.16 38.14
CA ASN F 167 -10.98 -12.40 39.58
C ASN F 167 -10.96 -13.89 39.89
N LYS F 168 -11.71 -14.68 39.14
CA LYS F 168 -11.82 -16.13 39.37
C LYS F 168 -10.82 -16.91 38.54
N ALA F 169 -9.54 -16.57 38.67
CA ALA F 169 -8.47 -17.23 37.95
C ALA F 169 -7.49 -17.85 38.93
N ARG F 170 -7.16 -19.12 38.71
CA ARG F 170 -6.19 -19.82 39.53
C ARG F 170 -4.78 -19.34 39.18
N LYS F 171 -3.78 -19.96 39.81
CA LYS F 171 -2.38 -19.61 39.57
C LYS F 171 -1.56 -20.89 39.59
N VAL F 172 -1.12 -21.33 38.42
CA VAL F 172 -0.25 -22.50 38.32
C VAL F 172 1.20 -22.01 38.32
N PRO F 173 2.12 -22.74 38.96
CA PRO F 173 3.49 -22.26 39.05
C PRO F 173 4.38 -22.80 37.93
N PHE F 174 5.60 -22.29 37.89
CA PHE F 174 6.61 -22.77 36.97
C PHE F 174 7.47 -23.84 37.65
N LYS F 175 8.55 -24.25 37.00
CA LYS F 175 9.51 -25.15 37.60
C LYS F 175 10.79 -24.45 38.02
N LEU F 176 11.02 -23.23 37.55
CA LEU F 176 12.18 -22.44 37.93
C LEU F 176 11.78 -21.46 39.02
N ARG F 177 12.64 -21.32 40.02
CA ARG F 177 12.37 -20.39 41.11
C ARG F 177 12.33 -18.96 40.62
N ILE F 178 13.21 -18.60 39.67
CA ILE F 178 13.26 -17.23 39.17
C ILE F 178 11.95 -16.87 38.48
N LEU F 179 11.43 -17.77 37.64
CA LEU F 179 10.17 -17.50 36.96
C LEU F 179 9.01 -17.45 37.94
N ASN F 180 9.04 -18.28 38.98
CA ASN F 180 7.97 -18.26 39.98
C ASN F 180 7.98 -16.95 40.75
N LYS F 181 9.17 -16.44 41.11
CA LYS F 181 9.23 -15.20 41.86
C LYS F 181 8.95 -13.98 40.99
N ILE F 182 9.30 -14.04 39.70
CA ILE F 182 9.01 -12.93 38.80
C ILE F 182 7.52 -12.71 38.67
N THR F 183 6.77 -13.80 38.51
CA THR F 183 5.32 -13.74 38.40
C THR F 183 4.62 -13.92 39.75
N LYS F 184 5.39 -13.98 40.84
CA LYS F 184 4.83 -14.09 42.19
C LYS F 184 3.97 -15.34 42.34
N GLY F 185 4.42 -16.45 41.77
CA GLY F 185 3.73 -17.72 41.94
C GLY F 185 3.18 -18.32 40.66
N GLY F 186 3.80 -17.99 39.53
CA GLY F 186 3.36 -18.54 38.26
C GLY F 186 2.38 -17.66 37.53
N ALA F 187 1.75 -18.25 36.52
CA ALA F 187 0.84 -17.54 35.64
C ALA F 187 -0.60 -17.96 35.90
N GLU F 188 -1.51 -16.99 35.76
CA GLU F 188 -2.93 -17.28 35.91
C GLU F 188 -3.42 -18.14 34.76
N THR F 189 -4.56 -18.78 34.96
CA THR F 189 -5.05 -19.76 33.99
C THR F 189 -5.49 -19.09 32.70
N GLY F 190 -6.50 -18.22 32.77
CA GLY F 190 -7.00 -17.60 31.56
C GLY F 190 -6.14 -16.47 31.05
N THR F 191 -4.87 -16.76 30.80
CA THR F 191 -3.91 -15.74 30.39
C THR F 191 -3.18 -16.19 29.13
N LEU F 192 -2.52 -15.22 28.49
CA LEU F 192 -1.74 -15.45 27.28
C LEU F 192 -0.35 -14.87 27.50
N ASN F 193 0.66 -15.74 27.55
CA ASN F 193 2.04 -15.32 27.73
C ASN F 193 2.78 -15.43 26.41
N VAL F 194 3.76 -14.55 26.23
CA VAL F 194 4.50 -14.45 24.97
C VAL F 194 5.99 -14.45 25.27
N LEU F 195 6.75 -15.20 24.48
CA LEU F 195 8.20 -15.24 24.57
C LEU F 195 8.75 -14.74 23.24
N MET F 196 9.27 -13.51 23.23
CA MET F 196 9.83 -12.90 22.04
C MET F 196 11.33 -13.12 21.95
N ALA F 197 11.85 -13.07 20.74
CA ALA F 197 13.28 -13.11 20.48
C ALA F 197 13.49 -12.72 19.02
N GLY F 198 14.73 -12.85 18.56
CA GLY F 198 15.05 -12.54 17.18
C GLY F 198 14.83 -13.75 16.30
N VAL F 199 15.86 -14.17 15.58
CA VAL F 199 15.82 -15.37 14.75
C VAL F 199 16.97 -16.27 15.16
N ASN F 200 16.69 -17.55 15.37
CA ASN F 200 17.66 -18.52 15.89
C ASN F 200 18.22 -18.07 17.24
N VAL F 201 17.32 -17.63 18.11
CA VAL F 201 17.72 -17.19 19.45
C VAL F 201 17.22 -18.11 20.55
N GLY F 202 16.17 -18.91 20.30
CA GLY F 202 15.70 -19.83 21.32
C GLY F 202 14.25 -19.67 21.71
N LYS F 203 13.41 -19.15 20.82
CA LYS F 203 11.98 -19.12 21.08
C LYS F 203 11.43 -20.54 21.23
N SER F 204 11.71 -21.39 20.24
CA SER F 204 11.29 -22.78 20.34
C SER F 204 12.01 -23.49 21.48
N LEU F 205 13.27 -23.16 21.73
CA LEU F 205 13.99 -23.73 22.86
C LEU F 205 13.31 -23.37 24.17
N GLY F 206 12.94 -22.10 24.34
CA GLY F 206 12.27 -21.69 25.57
C GLY F 206 10.92 -22.34 25.73
N LEU F 207 10.15 -22.43 24.64
CA LEU F 207 8.84 -23.07 24.72
C LEU F 207 8.96 -24.55 25.04
N CYS F 208 9.98 -25.23 24.48
CA CYS F 208 10.19 -26.63 24.80
C CYS F 208 10.61 -26.80 26.25
N SER F 209 11.46 -25.92 26.76
CA SER F 209 11.84 -25.99 28.17
C SER F 209 10.61 -25.82 29.06
N LEU F 210 9.76 -24.85 28.74
CA LEU F 210 8.54 -24.64 29.53
C LEU F 210 7.62 -25.86 29.43
N ALA F 211 7.48 -26.43 28.24
CA ALA F 211 6.61 -27.59 28.08
C ALA F 211 7.12 -28.78 28.89
N ALA F 212 8.42 -29.03 28.87
CA ALA F 212 8.99 -30.10 29.68
C ALA F 212 8.79 -29.82 31.17
N ASP F 213 9.00 -28.57 31.59
CA ASP F 213 8.82 -28.23 33.00
C ASP F 213 7.38 -28.46 33.45
N TYR F 214 6.41 -28.06 32.63
CA TYR F 214 5.02 -28.29 32.98
C TYR F 214 4.66 -29.77 32.91
N LEU F 215 5.29 -30.52 32.01
CA LEU F 215 5.04 -31.95 31.94
C LEU F 215 5.53 -32.65 33.20
N GLN F 216 6.67 -32.22 33.74
CA GLN F 216 7.18 -32.80 34.98
C GLN F 216 6.30 -32.49 36.18
N LEU F 217 5.36 -31.55 36.07
CA LEU F 217 4.50 -31.15 37.18
C LEU F 217 3.10 -31.75 37.07
N GLY F 218 2.92 -32.78 36.25
CA GLY F 218 1.65 -33.45 36.14
C GLY F 218 0.62 -32.75 35.29
N HIS F 219 0.95 -31.63 34.67
CA HIS F 219 0.01 -30.92 33.82
C HIS F 219 -0.07 -31.58 32.45
N ASN F 220 -1.30 -31.75 31.96
CA ASN F 220 -1.49 -32.17 30.58
C ASN F 220 -1.09 -31.01 29.66
N VAL F 221 0.00 -31.18 28.93
CA VAL F 221 0.58 -30.12 28.12
C VAL F 221 0.30 -30.43 26.65
N LEU F 222 -0.23 -29.44 25.94
CA LEU F 222 -0.47 -29.53 24.51
C LEU F 222 0.50 -28.59 23.79
N TYR F 223 1.21 -29.12 22.81
CA TYR F 223 2.21 -28.35 22.07
C TYR F 223 1.80 -28.35 20.61
N ILE F 224 1.43 -27.17 20.10
CA ILE F 224 1.07 -27.00 18.71
C ILE F 224 2.29 -26.44 17.98
N SER F 225 2.74 -27.15 16.95
CA SER F 225 3.91 -26.76 16.19
C SER F 225 3.46 -26.26 14.81
N MET F 226 3.56 -24.95 14.61
CA MET F 226 3.27 -24.36 13.31
C MET F 226 4.48 -24.29 12.40
N GLU F 227 5.69 -24.52 12.93
CA GLU F 227 6.91 -24.34 12.17
C GLU F 227 7.81 -25.57 12.12
N MET F 228 7.52 -26.61 12.89
CA MET F 228 8.42 -27.75 12.95
C MET F 228 7.61 -29.04 12.87
N ALA F 229 8.32 -30.14 12.70
CA ALA F 229 7.71 -31.46 12.68
C ALA F 229 7.55 -31.98 14.09
N GLU F 230 6.52 -32.80 14.28
CA GLU F 230 6.27 -33.39 15.59
C GLU F 230 7.48 -34.17 16.08
N GLU F 231 8.21 -34.80 15.16
CA GLU F 231 9.41 -35.55 15.55
C GLU F 231 10.49 -34.61 16.06
N VAL F 232 10.64 -33.42 15.47
CA VAL F 232 11.66 -32.50 15.92
C VAL F 232 11.33 -31.95 17.30
N CYS F 233 10.08 -31.56 17.52
CA CYS F 233 9.67 -31.10 18.85
C CYS F 233 9.82 -32.20 19.88
N ALA F 234 9.44 -33.43 19.52
CA ALA F 234 9.62 -34.55 20.42
C ALA F 234 11.10 -34.80 20.70
N LYS F 235 11.95 -34.57 19.70
CA LYS F 235 13.39 -34.72 19.92
C LYS F 235 13.91 -33.69 20.90
N ARG F 236 13.45 -32.44 20.78
CA ARG F 236 13.83 -31.43 21.76
C ARG F 236 13.34 -31.80 23.15
N ILE F 237 12.11 -32.30 23.25
CA ILE F 237 11.58 -32.72 24.54
C ILE F 237 12.41 -33.86 25.13
N ASP F 238 12.79 -34.82 24.27
CA ASP F 238 13.61 -35.93 24.73
C ASP F 238 14.98 -35.45 25.21
N ALA F 239 15.56 -34.48 24.51
CA ALA F 239 16.82 -33.91 24.97
C ALA F 239 16.65 -33.24 26.32
N ASN F 240 15.53 -32.55 26.52
CA ASN F 240 15.27 -31.91 27.81
C ASN F 240 15.12 -32.94 28.92
N MET F 241 14.38 -34.02 28.66
CA MET F 241 13.99 -34.95 29.70
C MET F 241 15.02 -36.03 29.99
N LEU F 242 15.88 -36.36 29.02
CA LEU F 242 16.78 -37.50 29.14
C LEU F 242 18.24 -37.10 29.32
N ASP F 243 18.51 -35.81 29.48
CA ASP F 243 19.87 -35.32 29.75
C ASP F 243 20.85 -35.75 28.66
N VAL F 244 20.39 -35.79 27.41
CA VAL F 244 21.23 -36.16 26.29
C VAL F 244 21.23 -35.02 25.29
N SER F 245 22.40 -34.79 24.68
CA SER F 245 22.53 -33.73 23.70
C SER F 245 21.83 -34.13 22.40
N LEU F 246 21.39 -33.12 21.64
CA LEU F 246 20.84 -33.38 20.32
C LEU F 246 21.89 -33.98 19.40
N ASP F 247 23.16 -33.62 19.60
CA ASP F 247 24.23 -34.24 18.84
C ASP F 247 24.31 -35.74 19.11
N ASP F 248 24.11 -36.13 20.37
CA ASP F 248 24.18 -37.55 20.72
C ASP F 248 23.11 -38.34 19.99
N ILE F 249 21.89 -37.80 19.91
CA ILE F 249 20.82 -38.49 19.19
C ILE F 249 21.11 -38.48 17.69
N ASP F 250 21.62 -37.36 17.17
CA ASP F 250 21.85 -37.25 15.73
C ASP F 250 22.90 -38.24 15.25
N ASP F 251 24.00 -38.39 15.97
CA ASP F 251 25.07 -39.30 15.56
C ASP F 251 24.91 -40.69 16.18
N GLY F 252 23.83 -40.93 16.89
CA GLY F 252 23.59 -42.23 17.49
C GLY F 252 24.58 -42.60 18.58
N HIS F 253 24.92 -41.65 19.44
CA HIS F 253 25.78 -41.90 20.59
C HIS F 253 25.01 -42.40 21.80
N ILE F 254 23.77 -42.84 21.62
CA ILE F 254 22.96 -43.39 22.69
C ILE F 254 22.45 -44.75 22.25
N SER F 255 22.23 -45.63 23.22
CA SER F 255 21.81 -47.00 22.96
C SER F 255 20.30 -47.12 23.19
N TYR F 256 19.68 -47.97 22.37
CA TYR F 256 18.24 -48.18 22.49
C TYR F 256 17.86 -48.70 23.87
N ALA F 257 18.74 -49.48 24.50
CA ALA F 257 18.48 -49.92 25.86
C ALA F 257 18.41 -48.74 26.81
N GLU F 258 19.33 -47.79 26.67
CA GLU F 258 19.33 -46.61 27.53
C GLU F 258 18.07 -45.78 27.31
N TYR F 259 17.70 -45.56 26.05
CA TYR F 259 16.50 -44.78 25.74
C TYR F 259 15.26 -45.46 26.29
N LYS F 260 15.16 -46.77 26.12
CA LYS F 260 14.01 -47.51 26.65
C LYS F 260 13.96 -47.43 28.16
N GLY F 261 15.11 -47.58 28.82
CA GLY F 261 15.14 -47.51 30.27
C GLY F 261 14.73 -46.16 30.79
N LYS F 262 15.23 -45.08 30.17
CA LYS F 262 14.85 -43.74 30.60
C LYS F 262 13.37 -43.48 30.35
N MET F 263 12.86 -43.93 29.20
CA MET F 263 11.43 -43.75 28.91
C MET F 263 10.58 -44.46 29.94
N GLU F 264 10.91 -45.71 30.29
CA GLU F 264 10.11 -46.44 31.26
C GLU F 264 10.27 -45.86 32.67
N LYS F 265 11.47 -45.36 33.00
CA LYS F 265 11.68 -44.71 34.28
C LYS F 265 10.81 -43.47 34.42
N TRP F 266 10.68 -42.69 33.34
CA TRP F 266 9.76 -41.57 33.39
C TRP F 266 8.31 -42.02 33.40
N ARG F 267 8.00 -43.12 32.71
CA ARG F 267 6.62 -43.61 32.69
C ARG F 267 6.14 -44.03 34.06
N GLU F 268 6.98 -44.75 34.81
CA GLU F 268 6.53 -45.30 36.08
C GLU F 268 6.22 -44.22 37.12
N LYS F 269 6.78 -43.02 36.97
CA LYS F 269 6.49 -41.95 37.90
C LYS F 269 5.04 -41.49 37.78
N SER F 270 4.42 -41.20 38.92
CA SER F 270 3.07 -40.65 38.93
C SER F 270 3.05 -39.14 38.81
N THR F 271 4.14 -38.47 39.17
CA THR F 271 4.23 -37.01 39.03
C THR F 271 4.65 -36.63 37.62
N LEU F 272 3.92 -37.13 36.62
CA LEU F 272 4.22 -36.83 35.23
C LEU F 272 2.91 -36.83 34.45
N GLY F 273 2.58 -35.70 33.86
CA GLY F 273 1.36 -35.59 33.08
C GLY F 273 1.50 -36.19 31.70
N ARG F 274 0.82 -35.60 30.73
CA ARG F 274 0.88 -36.08 29.36
C ARG F 274 1.21 -34.92 28.43
N LEU F 275 2.08 -35.18 27.46
CA LEU F 275 2.46 -34.20 26.47
C LEU F 275 2.04 -34.69 25.10
N ILE F 276 1.34 -33.83 24.36
CA ILE F 276 0.90 -34.14 23.00
C ILE F 276 1.44 -33.05 22.08
N VAL F 277 2.16 -33.46 21.04
CA VAL F 277 2.74 -32.54 20.08
C VAL F 277 1.98 -32.66 18.78
N LYS F 278 1.35 -31.57 18.35
CA LYS F 278 0.59 -31.54 17.12
C LYS F 278 1.24 -30.58 16.14
N GLN F 279 1.21 -30.93 14.86
CA GLN F 279 1.82 -30.12 13.82
C GLN F 279 0.76 -29.63 12.84
N TYR F 280 0.88 -28.37 12.44
CA TYR F 280 0.05 -27.79 11.41
C TYR F 280 0.94 -27.09 10.39
N PRO F 281 0.51 -27.02 9.13
CA PRO F 281 1.29 -26.29 8.12
C PRO F 281 1.37 -24.82 8.46
N THR F 282 2.48 -24.20 8.06
CA THR F 282 2.71 -22.78 8.33
C THR F 282 1.54 -21.95 7.86
N GLY F 283 0.87 -21.29 8.81
CA GLY F 283 -0.33 -20.54 8.52
C GLY F 283 -1.50 -21.41 8.10
N GLY F 284 -1.67 -22.57 8.73
CA GLY F 284 -2.69 -23.51 8.32
C GLY F 284 -3.86 -23.68 9.28
N ALA F 285 -3.75 -23.14 10.49
CA ALA F 285 -4.78 -23.34 11.50
C ALA F 285 -5.03 -22.06 12.27
N ASP F 286 -6.23 -21.97 12.85
CA ASP F 286 -6.64 -20.82 13.64
C ASP F 286 -7.02 -21.24 15.05
N ALA F 287 -7.59 -20.32 15.82
CA ALA F 287 -8.04 -20.66 17.17
C ALA F 287 -9.21 -21.63 17.13
N ASN F 288 -10.09 -21.51 16.13
CA ASN F 288 -11.21 -22.43 16.02
C ASN F 288 -10.74 -23.85 15.74
N THR F 289 -9.71 -24.00 14.91
CA THR F 289 -9.10 -25.31 14.72
C THR F 289 -8.51 -25.83 16.02
N PHE F 290 -7.96 -24.93 16.84
CA PHE F 290 -7.47 -25.34 18.15
C PHE F 290 -8.60 -25.85 19.02
N ARG F 291 -9.76 -25.19 18.97
CA ARG F 291 -10.92 -25.67 19.73
C ARG F 291 -11.38 -27.04 19.23
N SER F 292 -11.40 -27.22 17.91
CA SER F 292 -11.79 -28.50 17.35
C SER F 292 -10.82 -29.60 17.79
N LEU F 293 -9.52 -29.31 17.79
CA LEU F 293 -8.54 -30.28 18.25
C LEU F 293 -8.71 -30.56 19.74
N LEU F 294 -9.04 -29.54 20.52
CA LEU F 294 -9.32 -29.73 21.93
C LEU F 294 -10.47 -30.70 22.14
N ASN F 295 -11.56 -30.49 21.41
CA ASN F 295 -12.72 -31.38 21.52
C ASN F 295 -12.37 -32.79 21.07
N GLU F 296 -11.60 -32.92 19.99
CA GLU F 296 -11.20 -34.24 19.51
C GLU F 296 -10.34 -34.96 20.54
N LEU F 297 -9.39 -34.25 21.15
CA LEU F 297 -8.54 -34.87 22.16
C LEU F 297 -9.34 -35.26 23.39
N LYS F 298 -10.33 -34.44 23.78
CA LYS F 298 -11.21 -34.81 24.88
C LYS F 298 -11.99 -36.07 24.55
N LEU F 299 -12.50 -36.16 23.32
CA LEU F 299 -13.34 -37.29 22.95
C LEU F 299 -12.54 -38.58 22.85
N LYS F 300 -11.42 -38.56 22.13
CA LYS F 300 -10.73 -39.80 21.77
C LYS F 300 -9.67 -40.19 22.79
N LYS F 301 -8.69 -39.33 23.01
CA LYS F 301 -7.59 -39.64 23.93
C LYS F 301 -7.90 -39.25 25.36
N ASN F 302 -9.09 -38.69 25.62
CA ASN F 302 -9.48 -38.24 26.95
C ASN F 302 -8.43 -37.29 27.52
N PHE F 303 -8.13 -36.26 26.73
CA PHE F 303 -7.07 -35.31 27.05
C PHE F 303 -7.71 -33.96 27.37
N VAL F 304 -7.51 -33.49 28.60
CA VAL F 304 -7.93 -32.15 28.99
C VAL F 304 -6.67 -31.38 29.38
N PRO F 305 -6.10 -30.61 28.48
CA PRO F 305 -4.83 -29.95 28.76
C PRO F 305 -5.01 -28.75 29.69
N THR F 306 -3.88 -28.25 30.16
CA THR F 306 -3.87 -27.13 31.08
C THR F 306 -2.90 -26.04 30.61
N ILE F 307 -1.85 -26.44 29.90
CA ILE F 307 -0.76 -25.54 29.56
C ILE F 307 -0.55 -25.48 28.05
N ILE F 308 -1.63 -25.52 27.29
CA ILE F 308 -1.53 -25.55 25.82
C ILE F 308 -0.55 -24.50 25.35
N ILE F 309 0.37 -24.91 24.48
CA ILE F 309 1.44 -24.05 23.98
C ILE F 309 1.35 -24.02 22.47
N VAL F 310 1.28 -22.81 21.90
CA VAL F 310 1.29 -22.60 20.46
C VAL F 310 2.64 -22.03 20.08
N ASP F 311 3.28 -22.63 19.08
CA ASP F 311 4.58 -22.18 18.63
C ASP F 311 4.43 -21.15 17.53
N TYR F 312 5.07 -20.00 17.72
CA TYR F 312 5.11 -18.92 16.73
C TYR F 312 3.70 -18.43 16.38
N LEU F 313 3.07 -17.82 17.39
CA LEU F 313 1.78 -17.16 17.25
C LEU F 313 1.70 -16.31 15.99
N GLY F 314 2.81 -15.66 15.62
CA GLY F 314 2.81 -14.83 14.42
C GLY F 314 2.43 -15.60 13.17
N ILE F 315 2.62 -16.91 13.18
CA ILE F 315 2.18 -17.77 12.09
C ILE F 315 0.87 -18.40 12.57
N CYS F 316 -0.24 -17.91 12.04
CA CYS F 316 -1.57 -18.37 12.44
C CYS F 316 -2.61 -17.73 11.54
N LYS F 317 -3.80 -18.31 11.54
CA LYS F 317 -4.96 -17.69 10.92
C LYS F 317 -5.73 -16.86 11.94
N SER F 318 -6.77 -16.17 11.47
CA SER F 318 -7.47 -15.20 12.32
C SER F 318 -8.75 -15.75 12.92
N CYS F 319 -9.54 -16.50 12.13
CA CYS F 319 -10.82 -17.06 12.54
C CYS F 319 -11.90 -15.97 12.64
N ARG F 320 -11.50 -14.71 12.48
CA ARG F 320 -12.44 -13.59 12.47
C ARG F 320 -12.43 -12.83 11.16
N ILE F 321 -11.27 -12.42 10.69
CA ILE F 321 -11.14 -11.71 9.43
C ILE F 321 -10.54 -12.65 8.39
N ARG F 322 -10.82 -12.38 7.13
CA ARG F 322 -10.34 -13.23 6.06
C ARG F 322 -8.82 -13.11 5.93
N VAL F 323 -8.22 -14.13 5.32
CA VAL F 323 -6.77 -14.18 5.21
C VAL F 323 -6.27 -13.03 4.34
N TYR F 324 -5.39 -12.22 4.90
CA TYR F 324 -4.79 -11.08 4.21
C TYR F 324 -5.86 -10.15 3.64
N SER F 325 -6.90 -9.90 4.44
CA SER F 325 -7.92 -8.92 4.11
C SER F 325 -7.82 -7.66 4.96
N GLU F 326 -6.89 -7.62 5.92
CA GLU F 326 -6.64 -6.45 6.74
C GLU F 326 -5.13 -6.25 6.85
N ASN F 327 -4.74 -5.13 7.44
CA ASN F 327 -3.32 -4.89 7.63
C ASN F 327 -2.77 -5.79 8.74
N SER F 328 -1.44 -5.82 8.84
CA SER F 328 -0.79 -6.76 9.77
C SER F 328 -1.18 -6.47 11.21
N TYR F 329 -1.28 -5.20 11.57
CA TYR F 329 -1.65 -4.83 12.93
C TYR F 329 -2.98 -5.44 13.34
N THR F 330 -4.00 -5.24 12.51
CA THR F 330 -5.33 -5.76 12.83
C THR F 330 -5.33 -7.28 12.90
N THR F 331 -4.66 -7.93 11.95
CA THR F 331 -4.65 -9.39 11.91
C THR F 331 -4.00 -9.96 13.16
N VAL F 332 -2.82 -9.44 13.53
CA VAL F 332 -2.11 -10.00 14.68
C VAL F 332 -2.83 -9.68 15.97
N LYS F 333 -3.41 -8.48 16.08
CA LYS F 333 -4.20 -8.18 17.27
C LYS F 333 -5.40 -9.12 17.37
N ALA F 334 -6.05 -9.41 16.24
CA ALA F 334 -7.19 -10.31 16.26
C ALA F 334 -6.79 -11.72 16.67
N ILE F 335 -5.66 -12.22 16.15
CA ILE F 335 -5.26 -13.58 16.51
C ILE F 335 -4.85 -13.64 17.97
N ALA F 336 -4.20 -12.58 18.48
CA ALA F 336 -3.84 -12.56 19.89
C ALA F 336 -5.09 -12.55 20.77
N GLU F 337 -6.10 -11.76 20.39
CA GLU F 337 -7.34 -11.74 21.15
C GLU F 337 -8.03 -13.10 21.10
N GLU F 338 -8.02 -13.75 19.94
CA GLU F 338 -8.64 -15.07 19.81
C GLU F 338 -7.93 -16.08 20.70
N LEU F 339 -6.60 -16.06 20.72
CA LEU F 339 -5.87 -17.00 21.56
C LEU F 339 -6.11 -16.72 23.04
N ARG F 340 -6.18 -15.46 23.43
CA ARG F 340 -6.45 -15.15 24.83
C ARG F 340 -7.86 -15.58 25.22
N ALA F 341 -8.82 -15.40 24.32
CA ALA F 341 -10.18 -15.87 24.59
C ALA F 341 -10.22 -17.39 24.70
N LEU F 342 -9.46 -18.08 23.85
CA LEU F 342 -9.36 -19.53 23.95
C LEU F 342 -8.77 -19.96 25.29
N ALA F 343 -7.74 -19.25 25.74
CA ALA F 343 -7.14 -19.55 27.04
C ALA F 343 -8.15 -19.32 28.17
N VAL F 344 -8.94 -18.26 28.08
CA VAL F 344 -9.92 -17.96 29.11
C VAL F 344 -11.02 -19.02 29.14
N GLU F 345 -11.58 -19.35 27.97
CA GLU F 345 -12.71 -20.27 27.95
C GLU F 345 -12.32 -21.67 28.39
N THR F 346 -11.13 -22.12 28.02
CA THR F 346 -10.63 -23.42 28.46
C THR F 346 -9.95 -23.34 29.82
N GLU F 347 -9.75 -22.14 30.36
CA GLU F 347 -9.13 -21.95 31.67
C GLU F 347 -7.73 -22.57 31.71
N THR F 348 -7.02 -22.48 30.57
CA THR F 348 -5.73 -23.10 30.41
C THR F 348 -4.67 -22.03 30.19
N VAL F 349 -3.54 -22.15 30.90
CA VAL F 349 -2.42 -21.24 30.67
C VAL F 349 -1.91 -21.44 29.25
N LEU F 350 -1.76 -20.34 28.52
CA LEU F 350 -1.40 -20.39 27.11
C LEU F 350 -0.08 -19.67 26.90
N TRP F 351 0.83 -20.29 26.15
CA TRP F 351 2.17 -19.76 25.91
C TRP F 351 2.40 -19.73 24.40
N THR F 352 2.86 -18.59 23.90
CA THR F 352 3.22 -18.46 22.49
C THR F 352 4.59 -17.80 22.36
N ALA F 353 5.04 -17.67 21.12
CA ALA F 353 6.28 -16.99 20.80
C ALA F 353 5.99 -15.91 19.79
N ALA F 354 6.81 -14.85 19.82
CA ALA F 354 6.68 -13.76 18.88
C ALA F 354 8.06 -13.36 18.40
N GLN F 355 8.11 -12.76 17.22
CA GLN F 355 9.36 -12.38 16.59
C GLN F 355 9.54 -10.87 16.63
N VAL F 356 10.76 -10.43 16.92
CA VAL F 356 11.07 -9.01 16.87
C VAL F 356 11.26 -8.58 15.42
N GLY F 357 11.19 -7.29 15.19
CA GLY F 357 11.41 -6.76 13.86
C GLY F 357 12.86 -6.90 13.43
N LYS F 358 13.08 -6.67 12.13
CA LYS F 358 14.43 -6.78 11.57
C LYS F 358 15.37 -5.77 12.21
N GLN F 359 14.85 -4.63 12.65
CA GLN F 359 15.68 -3.63 13.30
C GLN F 359 16.26 -4.11 14.61
N ALA F 360 15.65 -5.12 15.24
CA ALA F 360 16.11 -5.61 16.53
C ALA F 360 17.04 -6.82 16.42
N TRP F 361 17.20 -7.39 15.24
CA TRP F 361 18.13 -8.51 15.08
C TRP F 361 19.56 -8.04 15.28
N ASP F 362 20.34 -8.86 15.99
CA ASP F 362 21.74 -8.54 16.32
C ASP F 362 21.83 -7.20 17.04
N SER F 363 20.88 -6.93 17.93
CA SER F 363 20.85 -5.71 18.72
C SER F 363 20.89 -6.09 20.20
N SER F 364 21.74 -5.39 20.96
CA SER F 364 21.98 -5.75 22.34
C SER F 364 20.76 -5.57 23.25
N ASP F 365 19.72 -4.89 22.78
CA ASP F 365 18.52 -4.70 23.58
C ASP F 365 17.29 -4.80 22.68
N VAL F 366 16.20 -5.26 23.28
CA VAL F 366 14.90 -5.35 22.60
C VAL F 366 13.89 -4.59 23.43
N ASN F 367 13.14 -3.71 22.80
CA ASN F 367 12.18 -2.84 23.48
C ASN F 367 10.76 -3.29 23.16
N MET F 368 9.80 -2.57 23.75
CA MET F 368 8.39 -2.89 23.54
C MET F 368 8.00 -2.70 22.08
N SER F 369 8.47 -1.63 21.45
CA SER F 369 8.10 -1.30 20.07
C SER F 369 9.05 -1.97 19.08
N ASP F 370 9.20 -3.27 19.24
CA ASP F 370 9.98 -4.08 18.31
C ASP F 370 9.19 -5.26 17.77
N ILE F 371 7.87 -5.29 17.97
CA ILE F 371 7.07 -6.42 17.51
C ILE F 371 7.08 -6.47 15.98
N ALA F 372 7.03 -7.68 15.45
CA ALA F 372 7.18 -7.86 14.00
C ALA F 372 6.00 -7.28 13.24
N GLU F 373 4.78 -7.47 13.74
CA GLU F 373 3.61 -7.18 12.94
C GLU F 373 2.55 -6.31 13.60
N SER F 374 2.58 -6.12 14.91
CA SER F 374 1.51 -5.37 15.55
C SER F 374 1.93 -4.96 16.96
N ALA F 375 1.61 -3.72 17.32
CA ALA F 375 1.77 -3.26 18.69
C ALA F 375 0.59 -3.63 19.58
N GLY F 376 -0.50 -4.15 18.99
CA GLY F 376 -1.64 -4.58 19.77
C GLY F 376 -1.43 -5.90 20.49
N LEU F 377 -0.47 -6.71 20.03
CA LEU F 377 -0.17 -7.96 20.72
C LEU F 377 0.27 -7.74 22.16
N PRO F 378 1.25 -6.89 22.47
CA PRO F 378 1.56 -6.65 23.88
C PRO F 378 0.40 -6.06 24.65
N ALA F 379 -0.45 -5.27 23.99
CA ALA F 379 -1.64 -4.74 24.66
C ALA F 379 -2.57 -5.85 25.09
N THR F 380 -2.72 -6.88 24.25
CA THR F 380 -3.61 -8.00 24.54
C THR F 380 -2.89 -9.17 25.20
N ALA F 381 -1.60 -9.07 25.42
CA ALA F 381 -0.82 -10.16 26.01
C ALA F 381 -0.59 -9.90 27.49
N ASP F 382 -0.21 -10.96 28.20
CA ASP F 382 0.07 -10.90 29.62
C ASP F 382 1.42 -11.53 29.89
N PHE F 383 2.30 -10.81 30.57
CA PHE F 383 3.62 -11.30 30.98
C PHE F 383 4.43 -11.75 29.76
N MET F 384 4.79 -10.77 28.94
CA MET F 384 5.70 -11.02 27.85
C MET F 384 7.14 -11.03 28.35
N LEU F 385 7.96 -11.86 27.71
CA LEU F 385 9.39 -11.92 27.97
C LEU F 385 10.13 -11.75 26.65
N ALA F 386 11.41 -11.40 26.73
CA ALA F 386 12.24 -11.25 25.54
C ALA F 386 13.57 -11.95 25.77
N VAL F 387 14.15 -12.46 24.69
CA VAL F 387 15.45 -13.11 24.72
C VAL F 387 16.39 -12.34 23.80
N ILE F 388 17.48 -11.80 24.36
CA ILE F 388 18.35 -10.89 23.65
C ILE F 388 19.79 -11.42 23.64
N GLU F 389 19.95 -12.74 23.62
CA GLU F 389 21.28 -13.32 23.48
C GLU F 389 21.79 -13.11 22.07
N THR F 390 22.60 -12.06 21.87
CA THR F 390 23.06 -11.77 20.52
C THR F 390 24.44 -12.33 20.21
N GLU F 391 25.49 -11.83 20.88
CA GLU F 391 26.85 -12.25 20.56
C GLU F 391 27.63 -12.75 21.76
N GLU F 392 27.66 -11.99 22.85
CA GLU F 392 28.56 -12.30 23.96
C GLU F 392 27.93 -13.25 24.97
N LEU F 393 26.60 -13.24 25.09
CA LEU F 393 25.95 -14.20 25.96
C LEU F 393 26.15 -15.64 25.49
N ALA F 394 26.41 -15.83 24.19
CA ALA F 394 26.71 -17.14 23.65
C ALA F 394 28.18 -17.52 23.80
N ALA F 395 28.92 -16.83 24.67
CA ALA F 395 30.33 -17.16 24.88
C ALA F 395 30.47 -18.56 25.43
N ALA F 396 30.02 -18.78 26.67
CA ALA F 396 29.88 -20.15 27.13
C ALA F 396 28.43 -20.60 26.99
N GLU F 397 27.53 -19.98 27.75
CA GLU F 397 26.09 -20.08 27.54
C GLU F 397 25.36 -19.06 28.41
N GLN F 398 24.57 -18.18 27.79
CA GLN F 398 23.76 -17.22 28.53
C GLN F 398 22.56 -16.82 27.65
N GLN F 399 21.53 -16.30 28.32
CA GLN F 399 20.40 -15.68 27.62
C GLN F 399 19.80 -14.63 28.54
N LEU F 400 19.66 -13.41 28.04
CA LEU F 400 19.16 -12.29 28.82
C LEU F 400 17.68 -12.08 28.54
N ILE F 401 16.93 -11.78 29.61
CA ILE F 401 15.49 -11.61 29.52
C ILE F 401 15.14 -10.17 29.87
N LYS F 402 13.95 -9.75 29.46
CA LYS F 402 13.52 -8.36 29.56
C LYS F 402 12.32 -8.16 30.47
N GLN F 403 11.33 -9.06 30.41
CA GLN F 403 10.12 -8.96 31.24
C GLN F 403 9.37 -7.65 30.98
N ILE F 404 8.88 -7.53 29.76
CA ILE F 404 8.06 -6.39 29.35
C ILE F 404 6.60 -6.80 29.40
N LYS F 405 5.74 -5.85 29.80
CA LYS F 405 4.30 -6.06 29.88
C LYS F 405 3.98 -7.22 30.82
N SER F 406 4.45 -7.09 32.06
CA SER F 406 4.27 -8.12 33.08
C SER F 406 3.07 -7.74 33.95
N ARG F 407 1.93 -8.34 33.66
CA ARG F 407 0.73 -8.08 34.44
C ARG F 407 0.86 -8.61 35.87
N TYR F 408 1.47 -9.79 36.03
CA TYR F 408 1.47 -10.45 37.32
C TYR F 408 2.20 -9.64 38.38
N GLY F 409 3.36 -9.08 38.03
CA GLY F 409 4.14 -8.33 38.99
C GLY F 409 4.66 -7.00 38.47
N ASP F 410 5.73 -6.51 39.07
CA ASP F 410 6.35 -5.26 38.64
C ASP F 410 7.33 -5.57 37.52
N LYS F 411 7.03 -5.12 36.31
CA LYS F 411 7.90 -5.38 35.18
C LYS F 411 9.25 -4.69 35.31
N ASN F 412 9.37 -3.72 36.20
CA ASN F 412 10.63 -3.04 36.44
C ASN F 412 11.40 -3.61 37.63
N LYS F 413 10.88 -4.65 38.28
CA LYS F 413 11.52 -5.19 39.46
C LYS F 413 12.84 -5.87 39.12
N TRP F 414 12.77 -6.92 38.31
CA TRP F 414 13.96 -7.63 37.80
C TRP F 414 13.84 -7.67 36.29
N ASN F 415 14.31 -6.60 35.63
CA ASN F 415 14.21 -6.54 34.17
C ASN F 415 15.02 -7.64 33.52
N LYS F 416 16.25 -7.85 33.97
CA LYS F 416 17.15 -8.84 33.41
C LYS F 416 17.57 -9.83 34.49
N PHE F 417 17.62 -11.12 34.15
CA PHE F 417 18.13 -12.11 35.09
C PHE F 417 19.05 -13.14 34.45
N LEU F 418 19.40 -13.00 33.17
CA LEU F 418 20.49 -13.75 32.55
C LEU F 418 20.25 -15.26 32.65
N MET F 419 19.20 -15.70 31.97
CA MET F 419 18.79 -17.10 32.04
C MET F 419 19.88 -18.03 31.52
N GLY F 420 19.92 -19.24 32.09
CA GLY F 420 20.92 -20.22 31.73
C GLY F 420 20.52 -21.11 30.55
N VAL F 421 20.61 -20.59 29.33
CA VAL F 421 20.28 -21.41 28.16
C VAL F 421 21.29 -22.54 28.04
N GLN F 422 20.83 -23.68 27.54
CA GLN F 422 21.71 -24.82 27.27
C GLN F 422 21.24 -25.44 25.96
N LYS F 423 21.84 -25.02 24.85
CA LYS F 423 21.41 -25.48 23.54
C LYS F 423 21.76 -26.94 23.27
N GLY F 424 22.67 -27.51 24.05
CA GLY F 424 22.96 -28.93 23.89
C GLY F 424 21.76 -29.79 24.21
N ASN F 425 21.10 -29.51 25.34
CA ASN F 425 19.91 -30.25 25.75
C ASN F 425 18.62 -29.48 25.53
N GLN F 426 18.69 -28.30 24.89
CA GLN F 426 17.53 -27.43 24.71
C GLN F 426 16.85 -27.16 26.05
N LYS F 427 17.66 -26.83 27.06
CA LYS F 427 17.21 -26.77 28.43
C LYS F 427 17.42 -25.38 29.01
N TRP F 428 16.62 -25.05 30.01
CA TRP F 428 16.74 -23.80 30.76
C TRP F 428 17.20 -24.13 32.17
N VAL F 429 18.45 -23.81 32.49
CA VAL F 429 18.99 -23.96 33.83
C VAL F 429 19.10 -22.58 34.47
N GLU F 430 18.75 -22.51 35.75
CA GLU F 430 18.86 -21.25 36.49
C GLU F 430 20.30 -20.84 36.62
N ILE F 431 20.56 -19.54 36.46
CA ILE F 431 21.92 -19.02 36.59
C ILE F 431 22.41 -19.05 38.03
N GLU F 432 21.50 -19.17 39.00
CA GLU F 432 21.87 -19.25 40.40
C GLU F 432 22.64 -20.52 40.71
PG AGS H . 14.77 34.09 19.44
S1G AGS H . 16.68 33.87 19.70
O2G AGS H . 14.00 33.57 20.69
O3G AGS H . 14.32 33.27 18.19
PB AGS H . 15.30 36.70 19.93
O1B AGS H . 15.53 36.34 21.35
O2B AGS H . 16.58 36.81 19.11
O3B AGS H . 14.42 35.60 19.22
PA AGS H . 14.63 39.07 21.09
O1A AGS H . 13.84 38.51 22.21
O2A AGS H . 14.15 40.44 20.58
O3A AGS H . 14.59 38.11 19.84
O5' AGS H . 16.14 39.11 21.53
C5' AGS H . 17.08 40.00 20.91
C4' AGS H . 17.82 40.74 21.99
O4' AGS H . 16.96 41.72 22.59
C3' AGS H . 18.30 39.87 23.14
O3' AGS H . 19.58 39.31 22.84
C2' AGS H . 18.37 40.86 24.29
O2' AGS H . 19.59 41.59 24.30
C1' AGS H . 17.18 41.78 23.99
N9 AGS H . 15.95 41.43 24.68
C8 AGS H . 14.92 40.68 24.18
N7 AGS H . 13.92 40.51 25.01
C5 AGS H . 14.34 41.20 26.15
C6 AGS H . 13.73 41.40 27.41
N6 AGS H . 12.53 40.92 27.73
N1 AGS H . 14.40 42.14 28.32
C2 AGS H . 15.60 42.62 27.98
N3 AGS H . 16.28 42.50 26.83
C4 AGS H . 15.57 41.76 25.95
MG MG I . 12.57 36.23 19.27
PG AGS J . 13.95 33.28 -7.30
S1G AGS J . 14.49 31.87 -6.07
O2G AGS J . 13.73 34.61 -6.52
O3G AGS J . 12.64 32.87 -8.01
PB AGS J . 14.75 34.35 -9.65
O1B AGS J . 13.35 34.11 -10.08
O2B AGS J . 15.78 33.95 -10.70
O3B AGS J . 15.07 33.49 -8.37
PA AGS J . 14.56 36.95 -10.46
O1A AGS J . 13.26 37.55 -10.15
O2A AGS J . 14.60 36.21 -11.80
O3A AGS J . 14.99 35.89 -9.37
O5' AGS J . 15.66 38.08 -10.38
C5' AGS J . 17.00 37.79 -9.93
C4' AGS J . 17.87 38.99 -10.23
O4' AGS J . 17.05 40.05 -10.75
C3' AGS J . 18.62 39.57 -9.05
O3' AGS J . 19.87 40.13 -9.46
C2' AGS J . 17.66 40.64 -8.54
O2' AGS J . 18.35 41.70 -7.88
C1' AGS J . 17.02 41.14 -9.84
N9 AGS J . 15.64 41.58 -9.69
C8 AGS J . 14.52 40.79 -9.64
N7 AGS J . 13.40 41.45 -9.50
C5 AGS J . 13.82 42.78 -9.48
C6 AGS J . 13.10 43.99 -9.35
N6 AGS J . 11.78 44.06 -9.23
N1 AGS J . 13.82 45.14 -9.35
C2 AGS J . 15.14 45.07 -9.46
N3 AGS J . 15.93 43.99 -9.59
C4 AGS J . 15.19 42.87 -9.58
MG MG K . 13.01 35.85 -9.12
PG AGS L . 19.98 11.09 -21.88
S1G AGS L . 19.08 9.36 -21.82
O2G AGS L . 20.66 11.41 -20.53
O3G AGS L . 18.91 12.19 -22.20
PB AGS L . 21.80 9.72 -23.32
O1B AGS L . 22.61 9.31 -22.16
O2B AGS L . 20.69 8.72 -23.68
O3B AGS L . 21.05 11.07 -23.01
PA AGS L . 22.18 10.68 -25.85
O1A AGS L . 21.91 9.81 -27.02
O2A AGS L . 20.95 11.44 -25.35
O3A AGS L . 22.70 9.86 -24.62
O5' AGS L . 23.37 11.65 -26.22
C5' AGS L . 24.70 11.41 -25.71
C4' AGS L . 25.67 12.36 -26.38
O4' AGS L . 25.43 12.36 -27.81
C3' AGS L . 25.55 13.81 -25.96
O3' AGS L . 26.33 14.07 -24.80
C2' AGS L . 26.10 14.55 -27.18
O2' AGS L . 27.52 14.61 -27.17
C1' AGS L . 25.62 13.66 -28.33
N9 AGS L . 24.37 14.09 -28.94
C8 AGS L . 23.10 13.85 -28.49
N7 AGS L . 22.16 14.36 -29.24
C5 AGS L . 22.85 14.97 -30.27
C6 AGS L . 22.43 15.69 -31.40
N6 AGS L . 21.14 15.92 -31.70
N1 AGS L . 23.38 16.17 -32.23
C2 AGS L . 24.67 15.94 -31.94
N3 AGS L . 25.19 15.28 -30.91
C4 AGS L . 24.21 14.81 -30.10
MG MG M . 19.74 10.28 -24.25
PG AGS N . 22.21 -13.75 -10.53
S1G AGS N . 22.30 -13.47 -12.46
O2G AGS N . 21.72 -12.44 -9.85
O3G AGS N . 21.22 -14.90 -10.20
PB AGS N . 23.93 -15.60 -9.54
O1B AGS N . 24.06 -15.66 -8.06
O2B AGS N . 22.79 -16.46 -10.09
O3B AGS N . 23.62 -14.12 -10.00
PA AGS N . 25.19 -17.11 -11.46
O1A AGS N . 25.83 -18.39 -11.14
O2A AGS N . 23.74 -17.17 -11.91
O3A AGS N . 25.26 -16.13 -10.22
O5' AGS N . 26.09 -16.41 -12.55
C5' AGS N . 26.97 -15.34 -12.18
C4' AGS N . 28.36 -15.89 -11.98
O4' AGS N . 28.37 -17.29 -12.34
C3' AGS N . 29.44 -15.23 -12.83
O3' AGS N . 30.05 -14.16 -12.12
C2' AGS N . 30.42 -16.38 -13.06
O2' AGS N . 31.27 -16.57 -11.93
C1' AGS N . 29.46 -17.57 -13.19
N9 AGS N . 28.95 -17.77 -14.54
C8 AGS N . 27.67 -17.57 -14.98
N7 AGS N . 27.49 -17.84 -16.25
C5 AGS N . 28.75 -18.24 -16.68
C6 AGS N . 29.23 -18.66 -17.94
N6 AGS N . 28.47 -18.75 -19.03
N1 AGS N . 30.54 -18.99 -18.03
C2 AGS N . 31.30 -18.90 -16.93
N3 AGS N . 30.96 -18.52 -15.70
C4 AGS N . 29.66 -18.20 -15.64
MG MG O . 20.31 -16.58 -10.78
PG AGS P . 13.81 -19.80 14.71
S1G AGS P . 14.30 -21.24 13.50
O2G AGS P . 12.29 -19.88 15.04
O3G AGS P . 14.11 -18.42 14.04
PB AGS P . 13.91 -20.07 17.41
O1B AGS P . 14.56 -19.23 18.42
O2B AGS P . 12.46 -19.68 17.15
O3B AGS P . 14.64 -19.92 16.02
PA AGS P . 15.11 -22.53 17.55
O1A AGS P . 14.76 -23.94 17.75
O2A AGS P . 15.60 -22.18 16.14
O3A AGS P . 13.88 -21.59 17.83
O5' AGS P . 16.18 -22.14 18.62
C5' AGS P . 17.30 -21.30 18.29
C4' AGS P . 18.58 -22.08 18.49
O4' AGS P . 18.28 -23.47 18.60
C3' AGS P . 19.56 -22.01 17.32
O3' AGS P . 20.39 -20.86 17.44
C2' AGS P . 20.36 -23.31 17.47
O2' AGS P . 21.61 -23.09 18.14
C1' AGS P . 19.45 -24.21 18.32
N9 AGS P . 19.08 -25.46 17.68
C8 AGS P . 17.91 -25.73 17.01
N7 AGS P . 17.85 -26.95 16.53
C5 AGS P . 19.05 -27.52 16.91
C6 AGS P . 19.60 -28.80 16.70
N6 AGS P . 18.98 -29.77 16.04
N1 AGS P . 20.83 -29.04 17.21
C2 AGS P . 21.45 -28.06 17.88
N3 AGS P . 21.04 -26.82 18.13
C4 AGS P . 19.82 -26.62 17.62
MG MG Q . 12.33 -21.57 16.49
#